data_5NCC
#
_entry.id   5NCC
#
_cell.length_a   94.234
_cell.length_b   192.109
_cell.length_c   116.127
_cell.angle_alpha   90.00
_cell.angle_beta   113.28
_cell.angle_gamma   90.00
#
_symmetry.space_group_name_H-M   'P 1 21 1'
#
loop_
_entity.id
_entity.type
_entity.pdbx_description
1 polymer 'Fatty acid Photodecarboxylase'
2 non-polymer 'FLAVIN-ADENINE DINUCLEOTIDE'
3 non-polymer 'PALMITIC ACID'
#
_entity_poly.entity_id   1
_entity_poly.type   'polypeptide(L)'
_entity_poly.pdbx_seq_one_letter_code
;SASAVEDIRKVLSDSSSPVAGQKYDYILVGGGTAACVLANRLSADGSKRVLVLEAGPDNTSRDVKIPAAITRLFRSPLDW
NLFSELQEQLAERQIYMARGRLLGGSSATNATLYHRGAAGDYDAWGVEGWSSEDVLSWFVQAETNADFGPGAYHGSGGPM
RVENPRYTNKQLHTAFFKAAEEVGLTPNSDFNDWSHDHAGYGTFQVMQDKGTRADMYRQYLKPVLGRRNLQVLTGAAVTK
VNIDQAAGKAQALGVEFSTDGPTGERLSAELAPGGEVIMCAGAVHTPFLLKHSGVGPSAELKEFGIPVVSNLAGVGQNLQ
DQPACLTAAPVKEKYDGIAISDHIYNEKGQIRKRAIASYLLGGRGGLTSTGCDRGAFVRTAGQALPDLQVRFVPGMALDP
DGVSTYVRFAKFQSQGLKWPSGITMQLIACRPQSTGSVGLKSADPFAPPKLSPGYLTDKDGADLATLRKGIHWARDVARS
SALSEYLDGELFPGSGVVSDDQIDEYIRRSIHSSNAITGTCKMGNAGDSSSVVDNQLRVHGVEGLRVVDASVVPKIPGGQ
TGAPVVMIAERAAALLTGKATIGASAAAPATVAA
;
_entity_poly.pdbx_strand_id   A,B,C,D,E,F
#
loop_
_chem_comp.id
_chem_comp.type
_chem_comp.name
_chem_comp.formula
FAD non-polymer 'FLAVIN-ADENINE DINUCLEOTIDE' 'C27 H33 N9 O15 P2'
PLM non-polymer 'PALMITIC ACID' 'C16 H32 O2'
#
# COMPACT_ATOMS: atom_id res chain seq x y z
N SER A 1 -17.56 -6.45 -43.90
CA SER A 1 -17.68 -7.00 -42.52
C SER A 1 -17.94 -8.52 -42.51
N ALA A 2 -17.17 -9.25 -43.34
CA ALA A 2 -17.25 -10.70 -43.45
C ALA A 2 -16.18 -11.31 -42.53
N SER A 3 -15.58 -12.41 -42.96
CA SER A 3 -14.42 -12.99 -42.28
C SER A 3 -13.29 -13.19 -43.26
N ALA A 4 -13.65 -13.50 -44.51
CA ALA A 4 -12.71 -13.55 -45.61
C ALA A 4 -12.38 -12.14 -46.09
N VAL A 5 -13.30 -11.19 -45.99
CA VAL A 5 -13.01 -9.79 -46.38
C VAL A 5 -12.20 -9.10 -45.26
N GLU A 6 -12.55 -9.46 -44.02
CA GLU A 6 -11.92 -8.99 -42.79
C GLU A 6 -10.46 -9.43 -42.69
N ASP A 7 -10.04 -10.24 -43.65
CA ASP A 7 -8.76 -10.91 -43.66
C ASP A 7 -8.06 -10.58 -44.99
N ILE A 8 -8.46 -11.30 -46.04
CA ILE A 8 -7.94 -11.19 -47.43
C ILE A 8 -8.32 -9.81 -47.98
N ARG A 9 -7.63 -8.79 -47.45
CA ARG A 9 -7.77 -7.35 -47.75
C ARG A 9 -7.39 -6.50 -46.53
N LYS A 10 -7.84 -6.89 -45.34
CA LYS A 10 -7.49 -6.10 -44.17
C LYS A 10 -6.10 -6.49 -43.70
N VAL A 11 -6.01 -7.38 -42.70
CA VAL A 11 -4.74 -7.75 -42.08
C VAL A 11 -3.64 -8.02 -43.10
N LEU A 12 -4.02 -8.68 -44.20
CA LEU A 12 -3.09 -9.02 -45.28
C LEU A 12 -2.63 -7.83 -46.11
N SER A 13 -3.55 -7.15 -46.80
CA SER A 13 -3.21 -6.05 -47.71
C SER A 13 -2.64 -4.80 -47.02
N ASP A 14 -3.14 -4.46 -45.82
CA ASP A 14 -2.54 -3.40 -45.00
C ASP A 14 -1.09 -3.73 -44.72
N SER A 15 -0.83 -4.96 -44.30
CA SER A 15 0.52 -5.47 -44.01
C SER A 15 1.42 -5.69 -45.26
N SER A 16 0.85 -5.54 -46.46
CA SER A 16 1.56 -5.80 -47.73
C SER A 16 2.69 -4.82 -48.01
N SER A 17 2.40 -3.52 -47.89
CA SER A 17 3.40 -2.48 -48.01
C SER A 17 3.53 -1.68 -46.72
N PRO A 18 4.76 -1.60 -46.16
CA PRO A 18 4.94 -0.72 -44.99
C PRO A 18 5.12 0.75 -45.35
N VAL A 19 5.06 1.08 -46.64
CA VAL A 19 5.30 2.46 -47.12
C VAL A 19 4.09 3.09 -47.83
N ALA A 20 3.02 2.33 -47.97
CA ALA A 20 1.78 2.79 -48.62
C ALA A 20 1.14 3.93 -47.85
N GLY A 21 0.83 5.01 -48.57
CA GLY A 21 0.09 6.14 -47.98
C GLY A 21 0.94 7.32 -47.60
N GLN A 22 2.24 7.09 -47.38
CA GLN A 22 3.23 8.12 -47.02
C GLN A 22 4.28 8.24 -48.14
N LYS A 23 5.01 9.36 -48.38
CA LYS A 23 5.13 10.69 -47.72
C LYS A 23 6.31 10.79 -46.73
N TYR A 24 7.52 10.94 -47.27
CA TYR A 24 8.75 11.06 -46.49
C TYR A 24 9.60 12.22 -47.04
N ASP A 25 10.21 13.00 -46.14
CA ASP A 25 11.14 14.06 -46.57
C ASP A 25 12.61 13.62 -46.66
N TYR A 26 12.94 12.48 -46.03
CA TYR A 26 14.23 11.81 -46.27
C TYR A 26 14.06 10.30 -46.44
N ILE A 27 14.61 9.77 -47.54
CA ILE A 27 14.70 8.33 -47.76
C ILE A 27 16.17 7.94 -47.91
N LEU A 28 16.66 7.15 -46.95
CA LEU A 28 18.05 6.68 -46.93
C LEU A 28 18.14 5.28 -47.53
N VAL A 29 18.96 5.16 -48.59
CA VAL A 29 19.17 3.90 -49.27
C VAL A 29 20.32 3.21 -48.56
N GLY A 30 20.00 2.15 -47.81
CA GLY A 30 21.01 1.44 -47.04
C GLY A 30 20.95 1.86 -45.59
N GLY A 31 21.21 0.91 -44.70
CA GLY A 31 21.25 1.18 -43.26
C GLY A 31 22.62 0.87 -42.70
N GLY A 32 23.64 1.21 -43.49
CA GLY A 32 25.03 1.06 -43.12
C GLY A 32 25.52 2.16 -42.20
N THR A 33 26.82 2.43 -42.30
CA THR A 33 27.54 3.31 -41.39
C THR A 33 27.01 4.77 -41.36
N ALA A 34 27.17 5.45 -42.50
CA ALA A 34 26.73 6.81 -42.65
C ALA A 34 25.21 6.94 -42.48
N ALA A 35 24.47 5.94 -43.00
CA ALA A 35 23.04 5.89 -42.88
C ALA A 35 22.63 5.93 -41.40
N CYS A 36 23.30 5.16 -40.55
CA CYS A 36 23.00 5.16 -39.16
C CYS A 36 23.12 6.55 -38.53
N VAL A 37 24.17 7.26 -38.90
CA VAL A 37 24.40 8.61 -38.45
C VAL A 37 23.25 9.55 -38.91
N LEU A 38 22.96 9.46 -40.21
CA LEU A 38 22.00 10.31 -40.80
C LEU A 38 20.61 10.10 -40.16
N ALA A 39 20.24 8.86 -39.93
CA ALA A 39 18.97 8.58 -39.30
C ALA A 39 18.87 9.20 -37.93
N ASN A 40 19.94 9.14 -37.15
CA ASN A 40 19.98 9.83 -35.87
C ASN A 40 19.81 11.34 -36.01
N ARG A 41 20.59 11.93 -36.92
CA ARG A 41 20.57 13.36 -37.04
C ARG A 41 19.29 13.96 -37.59
N LEU A 42 18.85 13.47 -38.76
CA LEU A 42 17.69 14.04 -39.48
C LEU A 42 16.35 13.76 -38.79
N SER A 43 16.33 12.77 -37.89
CA SER A 43 15.14 12.46 -37.10
C SER A 43 15.04 13.18 -35.75
N ALA A 44 16.16 13.77 -35.32
CA ALA A 44 16.28 14.42 -33.98
C ALA A 44 15.21 15.47 -33.77
N ASP A 45 15.25 16.51 -34.62
CA ASP A 45 14.15 17.45 -34.75
C ASP A 45 12.90 16.65 -35.15
N GLY A 46 11.82 16.82 -34.42
CA GLY A 46 10.63 15.97 -34.58
C GLY A 46 9.91 16.02 -35.93
N SER A 47 10.18 17.08 -36.72
CA SER A 47 9.38 17.43 -37.89
C SER A 47 9.60 16.63 -39.17
N LYS A 48 10.79 16.04 -39.33
CA LYS A 48 11.15 15.46 -40.61
C LYS A 48 11.07 13.93 -40.59
N ARG A 49 10.10 13.38 -41.33
CA ARG A 49 9.93 11.93 -41.45
C ARG A 49 11.03 11.27 -42.29
N VAL A 50 11.82 10.43 -41.63
CA VAL A 50 13.01 9.79 -42.21
C VAL A 50 12.79 8.26 -42.33
N LEU A 51 13.10 7.72 -43.52
CA LEU A 51 12.98 6.28 -43.79
C LEU A 51 14.31 5.69 -44.23
N VAL A 52 14.71 4.58 -43.61
CA VAL A 52 15.96 3.89 -43.95
C VAL A 52 15.65 2.47 -44.43
N LEU A 53 16.19 2.12 -45.61
CA LEU A 53 15.93 0.84 -46.27
C LEU A 53 17.20 0.01 -46.35
N GLU A 54 17.30 -0.98 -45.47
CA GLU A 54 18.47 -1.81 -45.36
C GLU A 54 18.09 -3.20 -45.83
N ALA A 55 18.95 -3.79 -46.64
CA ALA A 55 18.72 -5.12 -47.23
C ALA A 55 18.99 -6.26 -46.22
N GLY A 56 19.98 -6.05 -45.34
CA GLY A 56 20.34 -7.07 -44.35
C GLY A 56 19.34 -7.15 -43.21
N PRO A 57 19.55 -8.09 -42.26
CA PRO A 57 18.78 -8.10 -41.01
C PRO A 57 19.20 -6.94 -40.10
N ASP A 58 18.59 -6.82 -38.93
CA ASP A 58 19.16 -5.88 -37.97
C ASP A 58 20.23 -6.65 -37.20
N ASN A 59 21.18 -5.96 -36.57
CA ASN A 59 22.22 -6.70 -35.84
C ASN A 59 21.86 -6.99 -34.43
N THR A 60 21.67 -8.27 -34.20
CA THR A 60 21.34 -8.80 -32.90
C THR A 60 22.39 -9.83 -32.53
N SER A 61 23.06 -10.35 -33.55
CA SER A 61 24.07 -11.40 -33.41
C SER A 61 25.13 -11.11 -32.35
N ARG A 62 25.51 -12.14 -31.61
CA ARG A 62 26.61 -12.05 -30.64
C ARG A 62 27.95 -11.91 -31.39
N ASP A 63 28.03 -12.48 -32.57
CA ASP A 63 29.20 -12.36 -33.45
C ASP A 63 29.57 -10.94 -33.87
N VAL A 64 28.59 -10.05 -33.90
CA VAL A 64 28.86 -8.63 -34.09
C VAL A 64 29.40 -7.99 -32.80
N LYS A 65 28.82 -8.34 -31.66
CA LYS A 65 29.18 -7.66 -30.40
C LYS A 65 30.60 -7.98 -29.96
N ILE A 66 30.95 -9.27 -29.95
CA ILE A 66 32.29 -9.70 -29.56
C ILE A 66 33.24 -9.52 -30.76
N PRO A 67 34.31 -8.72 -30.59
CA PRO A 67 35.07 -8.32 -31.76
C PRO A 67 35.95 -9.42 -32.34
N ALA A 68 36.35 -10.38 -31.52
CA ALA A 68 37.14 -11.52 -32.03
C ALA A 68 36.33 -12.37 -33.00
N ALA A 69 35.00 -12.30 -32.89
CA ALA A 69 34.11 -13.03 -33.79
C ALA A 69 34.12 -12.50 -35.22
N ILE A 70 34.80 -11.37 -35.45
CA ILE A 70 35.04 -10.89 -36.83
C ILE A 70 35.34 -12.04 -37.79
N THR A 71 36.13 -13.01 -37.33
CA THR A 71 36.51 -14.23 -38.07
C THR A 71 35.30 -15.03 -38.58
N ARG A 72 34.30 -15.18 -37.72
CA ARG A 72 33.05 -15.91 -38.03
C ARG A 72 32.18 -15.11 -39.00
N LEU A 73 32.32 -13.79 -38.96
CA LEU A 73 31.52 -12.88 -39.82
C LEU A 73 31.90 -12.95 -41.30
N PHE A 74 33.12 -13.40 -41.61
CA PHE A 74 33.72 -13.15 -42.92
C PHE A 74 32.98 -13.71 -44.13
N ARG A 75 32.97 -15.02 -44.35
CA ARG A 75 32.26 -15.55 -45.51
C ARG A 75 30.90 -16.10 -45.08
N SER A 76 30.12 -15.23 -44.45
CA SER A 76 28.91 -15.61 -43.70
C SER A 76 27.67 -15.01 -44.31
N PRO A 77 26.48 -15.48 -43.91
CA PRO A 77 25.23 -14.78 -44.31
C PRO A 77 25.15 -13.27 -43.95
N LEU A 78 26.05 -12.79 -43.07
CA LEU A 78 26.11 -11.35 -42.72
C LEU A 78 26.99 -10.50 -43.63
N ASP A 79 27.70 -11.15 -44.55
CA ASP A 79 28.52 -10.50 -45.56
C ASP A 79 27.80 -10.55 -46.91
N TRP A 80 28.08 -9.59 -47.78
CA TRP A 80 27.54 -9.58 -49.13
C TRP A 80 28.14 -10.66 -50.03
N ASN A 81 29.20 -11.30 -49.55
CA ASN A 81 29.92 -12.35 -50.28
C ASN A 81 30.28 -11.93 -51.72
N LEU A 82 30.91 -10.77 -51.80
CA LEU A 82 31.30 -10.23 -53.09
C LEU A 82 32.64 -10.80 -53.54
N PHE A 83 32.70 -11.28 -54.78
CA PHE A 83 33.95 -11.64 -55.43
C PHE A 83 34.15 -10.82 -56.68
N SER A 84 35.38 -10.34 -56.88
CA SER A 84 35.75 -9.49 -58.02
C SER A 84 35.75 -10.25 -59.33
N GLU A 85 36.34 -9.64 -60.36
CA GLU A 85 36.51 -10.26 -61.67
C GLU A 85 37.92 -10.79 -61.78
N LEU A 86 38.12 -11.78 -62.64
CA LEU A 86 39.47 -12.34 -62.90
C LEU A 86 40.46 -11.22 -63.22
N GLN A 87 41.39 -11.02 -62.31
CA GLN A 87 42.44 -10.01 -62.43
C GLN A 87 43.64 -10.62 -63.16
N GLU A 88 43.75 -10.27 -64.45
CA GLU A 88 44.84 -10.77 -65.30
C GLU A 88 46.21 -10.46 -64.67
N GLN A 89 46.44 -9.20 -64.29
CA GLN A 89 47.62 -8.71 -63.58
C GLN A 89 47.82 -9.21 -62.14
N LEU A 90 47.17 -10.31 -61.77
CA LEU A 90 47.21 -10.84 -60.41
C LEU A 90 47.16 -12.35 -60.43
N ALA A 91 47.74 -12.93 -61.50
CA ALA A 91 47.79 -14.38 -61.80
C ALA A 91 46.44 -15.06 -61.61
N GLU A 92 45.57 -14.99 -62.64
CA GLU A 92 44.12 -15.35 -62.54
C GLU A 92 43.51 -14.65 -61.30
N ARG A 93 42.44 -15.20 -60.70
CA ARG A 93 41.80 -14.67 -59.44
C ARG A 93 41.12 -13.31 -59.71
N GLN A 94 39.92 -12.97 -59.22
CA GLN A 94 39.10 -13.58 -58.18
C GLN A 94 39.52 -13.20 -56.76
N ILE A 95 39.20 -11.95 -56.40
CA ILE A 95 39.50 -11.38 -55.10
C ILE A 95 38.22 -11.15 -54.27
N TYR A 96 38.25 -11.67 -53.05
CA TYR A 96 37.17 -11.47 -52.09
C TYR A 96 37.22 -10.08 -51.46
N MET A 97 36.06 -9.43 -51.47
CA MET A 97 35.92 -8.07 -50.99
C MET A 97 34.80 -8.08 -49.98
N ALA A 98 35.16 -8.35 -48.72
CA ALA A 98 34.22 -8.33 -47.61
C ALA A 98 33.47 -6.98 -47.58
N ARG A 99 32.15 -7.06 -47.30
CA ARG A 99 31.26 -5.90 -47.09
C ARG A 99 30.10 -6.34 -46.19
N GLY A 100 29.73 -5.49 -45.23
CA GLY A 100 28.64 -5.79 -44.30
C GLY A 100 27.28 -5.74 -44.95
N ARG A 101 26.41 -6.70 -44.58
CA ARG A 101 24.99 -6.76 -45.02
C ARG A 101 24.12 -6.85 -43.75
N LEU A 102 23.74 -5.69 -43.23
CA LEU A 102 23.35 -5.60 -41.84
C LEU A 102 22.93 -4.17 -41.51
N LEU A 103 22.09 -4.00 -40.49
CA LEU A 103 21.96 -2.67 -39.92
C LEU A 103 23.27 -2.31 -39.20
N GLY A 104 23.75 -1.09 -39.44
CA GLY A 104 25.12 -0.70 -39.08
C GLY A 104 26.12 -0.92 -40.22
N GLY A 105 25.78 -1.84 -41.12
CA GLY A 105 26.55 -2.08 -42.33
C GLY A 105 27.90 -2.66 -42.04
N SER A 106 28.92 -2.09 -42.66
CA SER A 106 30.30 -2.56 -42.54
C SER A 106 30.90 -2.22 -41.20
N SER A 107 30.40 -1.17 -40.54
CA SER A 107 30.85 -0.84 -39.17
C SER A 107 30.60 -1.98 -38.18
N ALA A 108 29.69 -2.89 -38.57
CA ALA A 108 29.38 -4.12 -37.84
C ALA A 108 30.25 -5.32 -38.28
N THR A 109 30.80 -5.25 -39.50
CA THR A 109 31.75 -6.27 -39.98
C THR A 109 33.19 -5.86 -39.67
N ASN A 110 33.34 -4.61 -39.22
CA ASN A 110 34.64 -3.90 -38.94
C ASN A 110 35.72 -4.72 -38.29
N ALA A 111 36.96 -4.36 -38.60
CA ALA A 111 38.07 -4.69 -37.71
C ALA A 111 38.30 -3.51 -36.73
N THR A 112 37.22 -2.79 -36.41
CA THR A 112 37.21 -1.65 -35.48
C THR A 112 38.19 -0.51 -35.84
N LEU A 113 39.36 -0.40 -35.20
CA LEU A 113 40.44 0.53 -35.66
C LEU A 113 40.01 1.96 -36.07
N TYR A 114 40.42 2.95 -35.26
CA TYR A 114 40.00 4.34 -35.47
C TYR A 114 41.07 5.15 -36.20
N HIS A 115 40.89 5.39 -37.50
CA HIS A 115 41.83 6.22 -38.25
C HIS A 115 41.27 7.39 -39.05
N ARG A 116 41.80 8.58 -38.76
CA ARG A 116 41.49 9.77 -39.54
C ARG A 116 42.48 9.96 -40.70
N GLY A 117 43.68 9.42 -40.55
CA GLY A 117 44.73 9.68 -41.51
C GLY A 117 45.46 10.98 -41.20
N ALA A 118 45.93 11.63 -42.27
CA ALA A 118 46.74 12.83 -42.14
C ALA A 118 46.00 14.06 -42.64
N ALA A 119 46.35 15.23 -42.08
CA ALA A 119 45.79 16.51 -42.54
C ALA A 119 45.93 16.70 -44.05
N GLY A 120 47.06 16.27 -44.58
CA GLY A 120 47.40 16.41 -45.99
C GLY A 120 46.46 15.63 -46.89
N ASP A 121 46.04 14.45 -46.43
CA ASP A 121 45.13 13.60 -47.14
C ASP A 121 43.89 14.36 -47.59
N TYR A 122 43.40 15.22 -46.71
CA TYR A 122 42.19 15.97 -46.94
C TYR A 122 42.39 17.22 -47.75
N ASP A 123 43.56 17.84 -47.61
CA ASP A 123 43.97 18.98 -48.40
C ASP A 123 44.18 18.61 -49.86
N ALA A 124 44.56 17.34 -50.09
CA ALA A 124 44.85 16.85 -51.45
C ALA A 124 43.61 16.69 -52.28
N TRP A 125 42.42 16.85 -51.68
CA TRP A 125 41.12 16.77 -52.39
C TRP A 125 40.88 18.01 -53.25
N GLY A 126 39.84 17.94 -54.11
CA GLY A 126 39.24 19.14 -54.70
C GLY A 126 38.47 19.90 -53.63
N VAL A 127 39.22 20.74 -52.92
CA VAL A 127 38.71 21.40 -51.73
C VAL A 127 38.02 22.72 -52.08
N GLU A 128 36.69 22.68 -52.14
CA GLU A 128 35.92 23.92 -52.32
C GLU A 128 35.32 24.35 -50.99
N GLY A 129 35.27 23.40 -50.05
CA GLY A 129 34.83 23.65 -48.70
C GLY A 129 35.26 22.55 -47.74
N TRP A 130 36.15 21.69 -48.22
CA TRP A 130 36.48 20.42 -47.56
C TRP A 130 37.99 20.27 -47.34
N SER A 131 38.63 21.29 -46.76
CA SER A 131 40.06 21.23 -46.43
C SER A 131 40.22 20.57 -45.08
N SER A 132 41.47 20.27 -44.70
CA SER A 132 41.79 19.66 -43.41
C SER A 132 41.27 20.53 -42.27
N GLU A 133 41.34 21.86 -42.47
CA GLU A 133 40.86 22.85 -41.50
C GLU A 133 39.36 22.71 -41.30
N ASP A 134 38.62 22.56 -42.40
CA ASP A 134 37.17 22.44 -42.35
C ASP A 134 36.64 21.17 -41.66
N VAL A 135 37.34 20.05 -41.87
CA VAL A 135 36.86 18.72 -41.50
C VAL A 135 37.25 18.27 -40.10
N LEU A 136 38.24 18.95 -39.54
CA LEU A 136 38.77 18.52 -38.25
C LEU A 136 37.70 18.60 -37.15
N SER A 137 36.99 19.72 -37.16
CA SER A 137 35.99 20.02 -36.18
C SER A 137 34.97 18.88 -36.13
N TRP A 138 34.53 18.41 -37.31
CA TRP A 138 33.51 17.39 -37.38
C TRP A 138 34.00 16.03 -36.92
N PHE A 139 35.28 15.75 -37.13
CA PHE A 139 35.92 14.57 -36.55
C PHE A 139 35.69 14.54 -35.02
N VAL A 140 35.96 15.69 -34.41
CA VAL A 140 35.84 15.87 -32.99
C VAL A 140 34.36 15.71 -32.50
N GLN A 141 33.40 16.37 -33.16
CA GLN A 141 31.97 16.10 -32.89
C GLN A 141 31.73 14.58 -33.07
N ALA A 142 31.46 13.90 -31.95
CA ALA A 142 31.46 12.42 -31.80
C ALA A 142 32.57 12.01 -30.84
N GLU A 143 33.72 11.59 -31.39
CA GLU A 143 34.86 11.14 -30.60
C GLU A 143 34.52 10.36 -29.33
N THR A 144 34.55 11.03 -28.17
CA THR A 144 34.46 10.36 -26.85
C THR A 144 35.54 9.23 -26.65
N ASN A 145 36.66 9.59 -26.02
CA ASN A 145 37.83 8.70 -25.86
C ASN A 145 38.15 8.33 -24.41
N ALA A 146 39.00 7.31 -24.24
CA ALA A 146 39.89 7.25 -23.06
C ALA A 146 41.35 7.48 -23.54
N ASP A 147 41.57 8.74 -24.00
CA ASP A 147 42.81 9.33 -24.54
C ASP A 147 42.42 10.80 -24.65
N PHE A 148 42.72 11.57 -23.60
CA PHE A 148 42.41 13.01 -23.50
C PHE A 148 40.95 13.36 -23.77
N GLY A 149 40.63 14.62 -23.51
CA GLY A 149 39.25 15.09 -23.44
C GLY A 149 39.16 16.54 -23.86
N PRO A 150 40.20 17.35 -23.54
CA PRO A 150 40.23 18.63 -24.27
C PRO A 150 40.54 18.33 -25.73
N GLY A 151 41.81 18.00 -26.02
CA GLY A 151 42.29 17.71 -27.36
C GLY A 151 42.04 18.81 -28.37
N ALA A 152 42.57 18.62 -29.56
CA ALA A 152 42.40 19.61 -30.59
C ALA A 152 41.67 19.24 -31.92
N TYR A 153 41.69 18.01 -32.48
CA TYR A 153 42.35 16.70 -32.14
C TYR A 153 41.82 15.96 -30.91
N HIS A 154 40.70 15.25 -31.06
CA HIS A 154 40.01 14.52 -29.96
C HIS A 154 39.02 15.37 -29.18
N GLY A 155 37.75 14.99 -29.25
CA GLY A 155 36.71 15.53 -28.37
C GLY A 155 36.13 14.52 -27.41
N SER A 156 35.07 14.93 -26.72
CA SER A 156 34.27 14.02 -25.91
C SER A 156 32.87 14.58 -25.82
N GLY A 157 31.87 13.70 -25.78
CA GLY A 157 30.48 14.12 -25.72
C GLY A 157 29.63 13.45 -26.77
N GLY A 158 30.13 13.40 -28.00
CA GLY A 158 29.40 12.78 -29.11
C GLY A 158 29.35 11.25 -29.02
N PRO A 159 28.53 10.60 -29.88
CA PRO A 159 28.11 9.21 -29.64
C PRO A 159 29.08 8.12 -30.03
N MET A 160 30.10 8.45 -30.82
CA MET A 160 31.12 7.47 -31.21
C MET A 160 31.87 7.02 -29.97
N ARG A 161 32.44 5.81 -29.98
CA ARG A 161 33.17 5.35 -28.77
C ARG A 161 34.52 4.73 -29.15
N VAL A 162 35.58 5.50 -28.88
CA VAL A 162 36.96 5.13 -29.18
C VAL A 162 37.71 4.91 -27.87
N GLU A 163 38.62 3.93 -27.88
CA GLU A 163 39.45 3.57 -26.72
C GLU A 163 40.67 2.80 -27.19
N ASN A 164 41.75 2.86 -26.40
CA ASN A 164 42.86 1.93 -26.54
C ASN A 164 42.34 0.50 -26.32
N PRO A 165 42.88 -0.50 -27.07
CA PRO A 165 42.31 -1.86 -27.01
C PRO A 165 42.51 -2.54 -25.65
N ARG A 166 41.41 -3.08 -25.12
CA ARG A 166 41.35 -3.62 -23.76
C ARG A 166 42.23 -4.87 -23.59
N TYR A 167 42.47 -5.60 -24.67
CA TYR A 167 43.49 -6.67 -24.69
C TYR A 167 44.82 -6.09 -25.07
N THR A 168 45.86 -6.51 -24.36
CA THR A 168 47.23 -6.15 -24.68
C THR A 168 48.12 -7.29 -24.28
N ASN A 169 47.64 -8.03 -23.27
CA ASN A 169 48.42 -8.83 -22.30
C ASN A 169 49.55 -9.71 -22.89
N LYS A 170 50.44 -9.04 -23.63
CA LYS A 170 51.53 -9.66 -24.38
C LYS A 170 52.93 -9.16 -24.04
N GLN A 171 53.90 -10.01 -24.35
CA GLN A 171 55.25 -9.66 -24.54
C GLN A 171 55.62 -9.65 -26.01
N LEU A 172 54.73 -10.02 -26.94
CA LEU A 172 54.94 -9.90 -28.39
C LEU A 172 54.62 -8.50 -28.81
N HIS A 173 53.75 -7.77 -28.11
CA HIS A 173 53.48 -6.35 -28.45
C HIS A 173 54.70 -5.49 -28.12
N THR A 174 55.25 -5.69 -26.93
CA THR A 174 56.48 -5.01 -26.58
C THR A 174 57.63 -5.38 -27.51
N ALA A 175 57.70 -6.67 -27.83
CA ALA A 175 58.71 -7.18 -28.75
C ALA A 175 58.63 -6.47 -30.09
N PHE A 176 57.42 -6.13 -30.52
CA PHE A 176 57.26 -5.48 -31.80
C PHE A 176 57.78 -4.03 -31.73
N PHE A 177 57.39 -3.30 -30.68
CA PHE A 177 57.79 -1.95 -30.53
C PHE A 177 59.31 -1.82 -30.40
N LYS A 178 59.94 -2.69 -29.65
CA LYS A 178 61.39 -2.68 -29.58
C LYS A 178 62.01 -3.01 -30.92
N ALA A 179 61.48 -4.01 -31.58
CA ALA A 179 61.96 -4.35 -32.91
C ALA A 179 61.81 -3.18 -33.85
N ALA A 180 60.75 -2.40 -33.76
CA ALA A 180 60.57 -1.23 -34.56
C ALA A 180 61.52 -0.10 -34.18
N GLU A 181 61.75 0.04 -32.87
CA GLU A 181 62.71 1.03 -32.38
C GLU A 181 64.10 0.81 -32.96
N GLU A 182 64.55 -0.44 -33.03
CA GLU A 182 65.77 -0.82 -33.76
C GLU A 182 65.53 -0.56 -35.25
N VAL A 183 65.96 -1.48 -36.11
CA VAL A 183 65.49 -1.56 -37.53
C VAL A 183 65.44 -0.23 -38.32
N GLY A 184 66.18 0.77 -37.85
CA GLY A 184 66.12 2.08 -38.45
C GLY A 184 65.15 2.98 -37.72
N LEU A 185 65.52 4.26 -37.71
CA LEU A 185 64.78 5.37 -37.11
C LEU A 185 63.28 5.29 -37.42
N THR A 186 62.54 4.51 -36.62
CA THR A 186 61.08 4.65 -36.56
C THR A 186 60.76 5.19 -35.16
N PRO A 187 60.25 6.45 -35.06
CA PRO A 187 59.92 7.01 -33.75
C PRO A 187 58.51 6.61 -33.33
N ASN A 188 58.17 6.75 -32.04
CA ASN A 188 56.79 6.49 -31.63
C ASN A 188 55.83 7.57 -32.14
N SER A 189 54.58 7.19 -32.43
CA SER A 189 53.48 8.12 -32.76
C SER A 189 52.26 7.79 -31.90
N ASP A 190 51.32 8.75 -31.80
CA ASP A 190 49.96 8.54 -31.22
C ASP A 190 48.90 9.20 -32.14
N PHE A 191 48.62 8.49 -33.24
CA PHE A 191 47.93 8.91 -34.49
C PHE A 191 46.67 9.76 -34.31
N ASN A 192 46.06 10.12 -35.45
CA ASN A 192 44.92 11.06 -35.47
C ASN A 192 45.28 12.49 -34.98
N ASP A 193 46.38 12.61 -34.25
CA ASP A 193 46.92 13.89 -33.83
C ASP A 193 47.75 14.47 -34.99
N TRP A 194 47.16 15.44 -35.69
CA TRP A 194 47.78 16.03 -36.87
C TRP A 194 48.96 16.97 -36.55
N SER A 195 49.22 17.24 -35.26
CA SER A 195 50.50 17.83 -34.82
C SER A 195 51.65 16.88 -35.11
N HIS A 196 51.39 15.57 -34.93
CA HIS A 196 52.37 14.51 -35.18
C HIS A 196 52.53 14.30 -36.66
N ASP A 197 53.57 13.56 -37.03
CA ASP A 197 53.90 13.33 -38.42
C ASP A 197 52.87 12.44 -39.11
N HIS A 198 52.52 11.33 -38.46
CA HIS A 198 51.71 10.20 -39.01
C HIS A 198 52.57 8.98 -39.16
N ALA A 199 53.79 9.15 -39.66
CA ALA A 199 54.71 8.01 -39.78
C ALA A 199 55.18 7.61 -38.40
N GLY A 200 55.32 6.31 -38.18
CA GLY A 200 55.80 5.80 -36.89
C GLY A 200 55.06 4.60 -36.31
N TYR A 201 55.74 3.89 -35.40
CA TYR A 201 55.16 2.74 -34.71
C TYR A 201 54.28 3.17 -33.54
N GLY A 202 53.33 2.33 -33.17
CA GLY A 202 52.43 2.59 -32.06
C GLY A 202 51.24 1.64 -32.01
N THR A 203 50.27 1.99 -31.18
CA THR A 203 48.99 1.28 -31.05
C THR A 203 47.89 2.03 -31.80
N PHE A 204 47.02 1.29 -32.49
CA PHE A 204 45.83 1.89 -33.08
C PHE A 204 44.69 1.88 -32.07
N GLN A 205 43.95 2.98 -32.01
CA GLN A 205 42.78 3.03 -31.15
C GLN A 205 41.61 2.35 -31.77
N VAL A 206 40.77 1.73 -30.94
CA VAL A 206 39.80 0.78 -31.45
C VAL A 206 38.38 1.34 -31.30
N MET A 207 37.51 1.04 -32.26
CA MET A 207 36.13 1.54 -32.21
C MET A 207 35.25 0.60 -31.36
N GLN A 208 35.61 0.54 -30.09
CA GLN A 208 34.98 -0.37 -29.13
C GLN A 208 34.60 0.40 -27.86
N ASP A 209 33.61 -0.14 -27.14
CA ASP A 209 33.17 0.38 -25.86
C ASP A 209 33.48 -0.69 -24.84
N LYS A 210 34.50 -0.44 -24.02
CA LYS A 210 34.99 -1.39 -23.03
C LYS A 210 34.98 -2.83 -23.55
N GLY A 211 35.60 -3.02 -24.72
CA GLY A 211 35.72 -4.34 -25.33
C GLY A 211 34.58 -4.83 -26.20
N THR A 212 33.41 -4.19 -26.13
CA THR A 212 32.29 -4.52 -27.02
C THR A 212 32.36 -3.65 -28.26
N ARG A 213 32.01 -4.21 -29.42
CA ARG A 213 32.01 -3.46 -30.66
C ARG A 213 31.07 -2.28 -30.56
N ALA A 214 31.61 -1.11 -30.87
CA ALA A 214 30.84 0.13 -30.88
C ALA A 214 30.53 0.53 -32.31
N ASP A 215 29.79 -0.33 -33.00
CA ASP A 215 29.37 -0.03 -34.39
C ASP A 215 28.36 1.13 -34.42
N MET A 216 28.07 1.62 -35.64
CA MET A 216 27.21 2.78 -35.80
C MET A 216 25.71 2.53 -35.55
N TYR A 217 25.29 1.27 -35.61
CA TYR A 217 23.97 0.88 -35.15
C TYR A 217 23.89 1.13 -33.63
N ARG A 218 24.79 0.48 -32.89
CA ARG A 218 24.84 0.61 -31.44
C ARG A 218 24.94 2.07 -30.94
N GLN A 219 25.71 2.90 -31.64
CA GLN A 219 26.06 4.22 -31.16
C GLN A 219 25.14 5.36 -31.65
N TYR A 220 24.50 5.18 -32.80
CA TYR A 220 23.70 6.23 -33.44
C TYR A 220 22.22 5.88 -33.59
N LEU A 221 21.94 4.67 -34.08
CA LEU A 221 20.59 4.28 -34.45
C LEU A 221 19.82 3.59 -33.31
N LYS A 222 20.42 2.57 -32.69
CA LYS A 222 19.75 1.84 -31.60
C LYS A 222 19.07 2.74 -30.53
N PRO A 223 19.79 3.72 -29.95
CA PRO A 223 19.04 4.54 -28.97
C PRO A 223 17.89 5.37 -29.57
N VAL A 224 18.04 5.76 -30.82
CA VAL A 224 17.13 6.71 -31.46
C VAL A 224 15.95 6.00 -32.16
N LEU A 225 16.07 4.68 -32.29
CA LEU A 225 15.00 3.78 -32.74
C LEU A 225 13.76 3.93 -31.86
N GLY A 226 12.59 3.78 -32.45
CA GLY A 226 11.36 4.03 -31.71
C GLY A 226 11.09 5.51 -31.46
N ARG A 227 11.40 6.31 -32.47
CA ARG A 227 10.92 7.68 -32.60
C ARG A 227 9.85 7.63 -33.65
N ARG A 228 8.67 8.19 -33.34
CA ARG A 228 7.54 8.24 -34.27
C ARG A 228 7.99 8.81 -35.63
N ASN A 229 9.08 9.58 -35.61
CA ASN A 229 9.68 10.20 -36.78
C ASN A 229 10.32 9.21 -37.76
N LEU A 230 10.80 8.07 -37.23
CA LEU A 230 11.77 7.24 -37.91
C LEU A 230 11.34 5.80 -38.17
N GLN A 231 11.18 5.50 -39.46
CA GLN A 231 10.84 4.17 -39.94
C GLN A 231 12.07 3.47 -40.50
N VAL A 232 12.49 2.42 -39.82
CA VAL A 232 13.64 1.63 -40.20
C VAL A 232 13.17 0.29 -40.78
N LEU A 233 13.36 0.14 -42.07
CA LEU A 233 12.91 -1.07 -42.79
C LEU A 233 14.09 -1.99 -43.03
N THR A 234 14.02 -3.15 -42.38
CA THR A 234 15.10 -4.13 -42.41
C THR A 234 14.70 -5.28 -43.33
N GLY A 235 15.63 -5.75 -44.14
CA GLY A 235 15.32 -6.76 -45.16
C GLY A 235 14.70 -6.16 -46.40
N ALA A 236 14.96 -4.88 -46.64
CA ALA A 236 14.40 -4.16 -47.78
C ALA A 236 15.52 -3.81 -48.78
N ALA A 237 15.47 -4.47 -49.95
CA ALA A 237 16.51 -4.39 -50.95
C ALA A 237 16.12 -3.41 -52.04
N VAL A 238 16.85 -2.29 -52.11
CA VAL A 238 16.56 -1.19 -53.05
C VAL A 238 16.93 -1.61 -54.47
N THR A 239 16.03 -1.27 -55.42
CA THR A 239 16.22 -1.57 -56.83
C THR A 239 16.70 -0.36 -57.66
N LYS A 240 16.11 0.81 -57.42
CA LYS A 240 16.47 2.06 -58.10
C LYS A 240 15.87 3.28 -57.40
N VAL A 241 16.44 4.44 -57.70
CA VAL A 241 15.85 5.73 -57.40
C VAL A 241 14.87 6.03 -58.54
N ASN A 242 13.65 6.43 -58.20
CA ASN A 242 12.63 6.87 -59.18
C ASN A 242 12.88 8.34 -59.52
N ILE A 243 13.06 8.63 -60.83
CA ILE A 243 13.48 9.98 -61.31
C ILE A 243 12.43 10.66 -62.28
N ASP A 244 12.51 12.01 -62.36
CA ASP A 244 11.52 12.97 -62.90
C ASP A 244 10.05 12.56 -63.15
N GLY A 248 12.57 18.38 -68.80
CA GLY A 248 13.98 18.72 -68.74
C GLY A 248 14.68 18.46 -67.40
N LYS A 249 14.02 18.80 -66.28
CA LYS A 249 14.67 18.83 -64.98
C LYS A 249 14.46 17.53 -64.20
N ALA A 250 15.42 16.58 -64.33
CA ALA A 250 15.45 15.31 -63.58
C ALA A 250 15.31 15.47 -62.04
N GLN A 251 14.27 14.83 -61.49
CA GLN A 251 13.88 14.99 -60.10
C GLN A 251 13.62 13.64 -59.42
N ALA A 252 14.34 13.36 -58.34
CA ALA A 252 14.11 12.17 -57.54
C ALA A 252 12.74 12.24 -56.88
N LEU A 253 11.99 11.15 -56.97
CA LEU A 253 10.61 11.05 -56.48
C LEU A 253 10.52 10.12 -55.29
N GLY A 254 11.47 9.20 -55.22
CA GLY A 254 11.54 8.17 -54.19
C GLY A 254 12.36 6.99 -54.64
N VAL A 255 12.07 5.83 -54.07
CA VAL A 255 12.91 4.65 -54.23
C VAL A 255 12.06 3.40 -54.43
N GLU A 256 12.41 2.64 -55.46
CA GLU A 256 11.88 1.31 -55.66
C GLU A 256 12.63 0.29 -54.79
N PHE A 257 11.87 -0.53 -54.08
CA PHE A 257 12.47 -1.62 -53.30
C PHE A 257 11.60 -2.90 -53.27
N SER A 258 12.13 -3.92 -52.61
CA SER A 258 11.49 -5.23 -52.52
C SER A 258 11.87 -5.94 -51.22
N THR A 259 10.89 -6.19 -50.36
CA THR A 259 11.03 -7.26 -49.34
C THR A 259 10.88 -8.58 -50.09
N ASP A 260 11.53 -9.64 -49.60
CA ASP A 260 11.48 -10.99 -50.22
C ASP A 260 12.03 -11.02 -51.70
N GLY A 261 12.93 -10.08 -52.01
CA GLY A 261 13.82 -10.15 -53.17
C GLY A 261 13.20 -10.26 -54.56
N PRO A 262 13.84 -11.07 -55.45
CA PRO A 262 13.51 -11.21 -56.88
C PRO A 262 12.06 -11.56 -57.19
N THR A 263 11.39 -12.29 -56.32
CA THR A 263 9.93 -12.45 -56.37
C THR A 263 9.37 -11.17 -55.82
N GLY A 264 9.56 -10.12 -56.60
CA GLY A 264 9.55 -8.71 -56.17
C GLY A 264 8.34 -8.25 -55.41
N GLU A 265 7.34 -7.74 -56.14
CA GLU A 265 6.33 -6.85 -55.60
C GLU A 265 7.13 -5.59 -55.31
N ARG A 266 7.25 -4.77 -56.36
CA ARG A 266 8.13 -3.59 -56.37
C ARG A 266 7.48 -2.35 -55.78
N LEU A 267 7.77 -2.11 -54.51
CA LEU A 267 7.16 -1.04 -53.75
C LEU A 267 7.89 0.28 -54.05
N SER A 268 7.17 1.41 -53.88
CA SER A 268 7.77 2.74 -54.03
C SER A 268 7.59 3.62 -52.80
N ALA A 269 8.72 4.02 -52.21
CA ALA A 269 8.71 4.99 -51.12
C ALA A 269 8.55 6.37 -51.73
N GLU A 270 7.64 7.17 -51.18
CA GLU A 270 7.29 8.47 -51.77
C GLU A 270 7.83 9.68 -51.00
N LEU A 271 8.35 10.63 -51.76
CA LEU A 271 8.91 11.85 -51.18
C LEU A 271 7.87 12.94 -50.98
N ALA A 272 7.81 13.49 -49.77
CA ALA A 272 7.04 14.68 -49.45
C ALA A 272 7.57 15.89 -50.26
N PRO A 273 6.72 16.94 -50.47
CA PRO A 273 7.12 18.17 -51.14
C PRO A 273 8.53 18.75 -50.84
N GLY A 274 9.17 18.33 -49.75
CA GLY A 274 10.53 18.78 -49.42
C GLY A 274 11.59 18.27 -50.38
N GLY A 275 12.64 17.66 -49.83
CA GLY A 275 13.51 16.78 -50.63
C GLY A 275 13.02 15.39 -50.34
N GLU A 276 13.87 14.35 -50.30
CA GLU A 276 15.24 14.24 -50.81
C GLU A 276 15.68 12.80 -50.53
N VAL A 277 16.10 12.10 -51.59
CA VAL A 277 16.67 10.74 -51.48
C VAL A 277 18.19 10.84 -51.32
N ILE A 278 18.72 10.28 -50.23
CA ILE A 278 20.19 10.30 -50.00
C ILE A 278 20.83 8.89 -49.88
N MET A 279 21.77 8.63 -50.79
CA MET A 279 22.36 7.30 -50.97
C MET A 279 23.38 6.98 -49.87
N CYS A 280 23.30 5.77 -49.32
CA CYS A 280 24.20 5.31 -48.28
C CYS A 280 24.53 3.84 -48.42
N ALA A 281 24.54 3.34 -49.66
CA ALA A 281 24.73 1.93 -49.92
C ALA A 281 26.21 1.51 -50.02
N GLY A 282 27.10 2.45 -49.76
CA GLY A 282 28.53 2.15 -49.79
C GLY A 282 29.19 2.40 -51.13
N ALA A 283 30.52 2.42 -51.10
CA ALA A 283 31.35 2.59 -52.30
C ALA A 283 31.19 1.46 -53.31
N VAL A 284 30.60 0.35 -52.89
CA VAL A 284 30.32 -0.75 -53.80
C VAL A 284 28.91 -0.62 -54.41
N HIS A 285 27.90 -0.45 -53.56
CA HIS A 285 26.54 -0.62 -53.97
C HIS A 285 25.91 0.70 -54.35
N THR A 286 26.34 1.84 -53.79
CA THR A 286 25.84 3.13 -54.23
C THR A 286 26.04 3.40 -55.74
N PRO A 287 27.28 3.21 -56.29
CA PRO A 287 27.39 3.44 -57.71
C PRO A 287 26.58 2.41 -58.50
N PHE A 288 26.45 1.18 -58.00
CA PHE A 288 25.67 0.17 -58.65
C PHE A 288 24.19 0.57 -58.79
N LEU A 289 23.61 0.96 -57.67
CA LEU A 289 22.23 1.37 -57.65
C LEU A 289 22.03 2.61 -58.52
N LEU A 290 22.97 3.56 -58.43
CA LEU A 290 22.81 4.76 -59.27
C LEU A 290 22.83 4.43 -60.72
N LYS A 291 23.69 3.50 -61.14
CA LYS A 291 23.71 3.13 -62.52
C LYS A 291 22.37 2.55 -63.00
N HIS A 292 21.72 1.74 -62.15
CA HIS A 292 20.43 1.21 -62.42
C HIS A 292 19.34 2.25 -62.37
N SER A 293 19.58 3.39 -61.67
CA SER A 293 18.61 4.48 -61.56
C SER A 293 18.72 5.39 -62.75
N GLY A 294 19.75 5.14 -63.56
CA GLY A 294 19.96 5.83 -64.83
C GLY A 294 21.04 6.87 -64.78
N VAL A 295 21.72 6.96 -63.64
CA VAL A 295 22.78 7.96 -63.36
C VAL A 295 24.11 7.25 -63.47
N GLY A 296 24.83 7.50 -64.56
CA GLY A 296 26.12 6.87 -64.81
C GLY A 296 26.66 7.03 -66.21
N PRO A 297 27.82 6.39 -66.51
CA PRO A 297 28.37 6.39 -67.86
C PRO A 297 27.39 5.87 -68.89
N SER A 298 27.02 6.72 -69.85
CA SER A 298 26.25 6.30 -71.01
C SER A 298 27.10 5.31 -71.81
N ALA A 299 26.43 4.36 -72.46
CA ALA A 299 27.06 3.20 -73.16
C ALA A 299 27.20 2.02 -72.20
N GLU A 300 27.67 2.29 -70.99
CA GLU A 300 27.61 1.32 -69.90
C GLU A 300 26.15 1.06 -69.55
N LEU A 301 25.38 2.14 -69.46
CA LEU A 301 23.94 2.07 -69.18
C LEU A 301 23.18 1.60 -70.40
N LYS A 302 23.61 2.06 -71.58
CA LYS A 302 23.02 1.58 -72.84
C LYS A 302 23.19 0.08 -73.06
N GLU A 303 24.31 -0.46 -72.60
CA GLU A 303 24.65 -1.89 -72.74
C GLU A 303 23.58 -2.84 -72.19
N PHE A 304 22.84 -2.38 -71.19
CA PHE A 304 21.80 -3.19 -70.57
C PHE A 304 20.47 -2.47 -70.64
N GLY A 305 20.38 -1.55 -71.59
CA GLY A 305 19.13 -0.88 -71.95
C GLY A 305 18.42 -0.21 -70.81
N ILE A 306 19.08 0.76 -70.18
CA ILE A 306 18.41 1.61 -69.22
C ILE A 306 18.49 3.08 -69.62
N PRO A 307 17.33 3.78 -69.52
CA PRO A 307 17.28 5.22 -69.79
C PRO A 307 18.37 5.98 -69.07
N VAL A 308 19.15 6.76 -69.83
CA VAL A 308 20.18 7.64 -69.26
C VAL A 308 19.55 8.93 -68.70
N VAL A 309 19.67 9.14 -67.40
CA VAL A 309 19.50 10.48 -66.79
C VAL A 309 20.85 10.97 -66.27
N SER A 310 21.07 12.28 -66.28
CA SER A 310 22.40 12.89 -66.01
C SER A 310 23.49 12.54 -67.04
N ASN A 311 23.89 11.27 -67.10
CA ASN A 311 25.14 10.84 -67.76
C ASN A 311 26.38 11.45 -67.06
N LEU A 312 26.93 10.69 -66.12
CA LEU A 312 28.09 11.07 -65.33
C LEU A 312 29.12 9.95 -65.39
N ALA A 313 30.21 10.17 -66.12
CA ALA A 313 31.21 9.12 -66.34
C ALA A 313 31.91 8.67 -65.05
N GLY A 314 31.84 9.53 -64.01
CA GLY A 314 32.49 9.26 -62.75
C GLY A 314 31.97 8.09 -61.95
N VAL A 315 30.68 7.78 -62.07
CA VAL A 315 30.05 6.77 -61.19
C VAL A 315 30.60 5.38 -61.49
N GLY A 316 30.97 4.66 -60.42
CA GLY A 316 31.65 3.37 -60.53
C GLY A 316 33.15 3.49 -60.71
N GLN A 317 33.60 4.66 -61.16
CA GLN A 317 35.03 4.91 -61.41
C GLN A 317 35.70 5.47 -60.16
N ASN A 318 37.03 5.41 -60.15
CA ASN A 318 37.87 5.88 -59.05
C ASN A 318 37.68 5.09 -57.75
N LEU A 319 37.72 3.76 -57.87
CA LEU A 319 37.61 2.87 -56.72
C LEU A 319 38.97 2.71 -56.09
N GLN A 320 39.10 3.14 -54.84
CA GLN A 320 40.38 3.01 -54.12
C GLN A 320 40.25 2.07 -52.93
N ASP A 321 41.04 0.99 -52.92
CA ASP A 321 40.91 -0.05 -51.87
C ASP A 321 42.12 -0.33 -50.96
N GLN A 322 43.32 0.10 -51.32
CA GLN A 322 44.50 -0.15 -50.44
C GLN A 322 44.76 -1.67 -50.12
N PRO A 323 45.53 -2.35 -50.99
CA PRO A 323 45.73 -3.80 -50.92
C PRO A 323 46.74 -4.20 -49.86
N ALA A 324 46.78 -5.49 -49.56
CA ALA A 324 47.59 -6.02 -48.45
C ALA A 324 48.33 -7.29 -48.82
N CYS A 325 49.44 -7.52 -48.11
CA CYS A 325 50.14 -8.80 -48.11
C CYS A 325 50.71 -9.10 -46.73
N LEU A 326 51.49 -10.16 -46.63
CA LEU A 326 51.69 -10.83 -45.35
C LEU A 326 53.06 -11.46 -45.19
N THR A 327 53.65 -11.27 -44.01
CA THR A 327 54.72 -12.12 -43.51
C THR A 327 54.27 -12.65 -42.16
N ALA A 328 54.48 -13.93 -41.92
CA ALA A 328 54.17 -14.53 -40.62
C ALA A 328 55.32 -15.46 -40.24
N ALA A 329 55.44 -15.85 -38.97
CA ALA A 329 56.51 -16.74 -38.47
C ALA A 329 56.16 -17.35 -37.10
N PRO A 330 56.53 -18.64 -36.87
CA PRO A 330 56.22 -19.24 -35.57
C PRO A 330 57.27 -18.87 -34.53
N VAL A 331 57.00 -19.14 -33.25
CA VAL A 331 57.97 -18.87 -32.19
C VAL A 331 58.70 -20.13 -31.71
N LYS A 332 59.99 -20.00 -31.36
CA LYS A 332 60.79 -21.07 -30.78
C LYS A 332 60.28 -21.41 -29.39
N GLU A 333 59.93 -22.69 -29.16
CA GLU A 333 59.44 -23.19 -27.82
C GLU A 333 58.96 -22.11 -26.80
N LYS A 334 57.98 -21.34 -27.19
CA LYS A 334 57.35 -20.29 -26.38
C LYS A 334 55.83 -20.36 -26.48
N TYR A 335 55.29 -21.52 -26.87
CA TYR A 335 53.86 -21.67 -27.14
C TYR A 335 52.99 -20.94 -26.14
N ASP A 336 52.53 -19.74 -26.56
CA ASP A 336 51.64 -18.86 -25.80
C ASP A 336 51.36 -17.47 -26.40
N GLY A 337 50.11 -17.37 -26.90
CA GLY A 337 49.43 -16.17 -27.43
C GLY A 337 49.60 -15.97 -28.92
N ILE A 338 48.67 -15.26 -29.58
CA ILE A 338 47.35 -14.87 -29.05
C ILE A 338 46.36 -15.99 -29.34
N ALA A 339 46.46 -16.58 -30.54
CA ALA A 339 45.86 -17.85 -30.91
C ALA A 339 45.69 -18.70 -29.65
N ILE A 340 46.78 -18.78 -28.91
CA ILE A 340 46.93 -19.57 -27.69
C ILE A 340 46.23 -18.93 -26.48
N SER A 341 46.24 -17.61 -26.37
CA SER A 341 45.54 -16.88 -25.27
C SER A 341 43.99 -17.00 -25.35
N ASP A 342 43.49 -17.87 -26.25
CA ASP A 342 42.04 -18.17 -26.41
C ASP A 342 41.67 -19.39 -27.30
N HIS A 343 42.58 -20.36 -27.45
CA HIS A 343 42.28 -21.64 -28.10
C HIS A 343 42.93 -22.84 -27.38
N ILE A 344 42.55 -24.08 -27.79
CA ILE A 344 42.88 -25.43 -27.23
C ILE A 344 42.11 -25.78 -25.95
N GLY A 349 42.54 -28.28 -29.12
CA GLY A 349 42.07 -27.30 -30.09
C GLY A 349 40.58 -27.04 -30.00
N GLN A 350 40.22 -26.12 -29.10
CA GLN A 350 38.83 -25.72 -28.80
C GLN A 350 38.80 -24.50 -27.88
N ILE A 351 37.94 -23.53 -28.23
CA ILE A 351 37.74 -22.26 -27.48
C ILE A 351 37.78 -22.34 -25.94
N ARG A 352 38.62 -21.50 -25.33
CA ARG A 352 38.69 -21.27 -23.89
C ARG A 352 37.38 -20.53 -23.45
N LYS A 353 36.87 -20.61 -22.20
CA LYS A 353 37.50 -20.93 -20.90
C LYS A 353 38.37 -19.75 -20.53
N ARG A 354 38.20 -19.20 -19.32
CA ARG A 354 38.96 -18.04 -18.85
C ARG A 354 38.77 -16.78 -19.71
N ALA A 355 38.94 -16.90 -21.03
CA ALA A 355 38.77 -15.85 -22.01
C ALA A 355 37.30 -15.47 -22.18
N ILE A 356 36.40 -16.46 -22.11
CA ILE A 356 34.95 -16.23 -22.05
C ILE A 356 34.60 -15.54 -20.75
N ALA A 357 35.35 -15.78 -19.70
CA ALA A 357 35.09 -15.16 -18.38
C ALA A 357 35.77 -13.80 -18.35
N SER A 358 36.91 -13.63 -19.02
CA SER A 358 37.61 -12.33 -19.11
C SER A 358 36.79 -11.32 -19.95
N TYR A 359 36.46 -11.68 -21.19
CA TYR A 359 35.41 -10.97 -21.94
C TYR A 359 34.11 -11.24 -21.21
N LEU A 360 33.23 -10.24 -21.18
CA LEU A 360 31.92 -10.31 -20.51
C LEU A 360 32.16 -10.51 -19.03
N LEU A 361 31.55 -9.66 -18.21
CA LEU A 361 31.81 -9.62 -16.78
C LEU A 361 33.13 -8.95 -16.41
N GLY A 362 34.25 -9.57 -16.81
CA GLY A 362 35.58 -9.20 -16.32
C GLY A 362 36.17 -7.89 -16.79
N GLY A 363 35.31 -6.99 -17.30
CA GLY A 363 35.75 -5.72 -17.85
C GLY A 363 36.47 -5.92 -19.19
N ARG A 364 36.36 -7.14 -19.70
CA ARG A 364 36.85 -7.53 -21.04
C ARG A 364 38.36 -7.79 -21.09
N GLY A 365 38.74 -9.02 -21.42
CA GLY A 365 40.15 -9.43 -21.61
C GLY A 365 40.43 -9.79 -23.06
N GLY A 366 41.44 -10.62 -23.32
CA GLY A 366 41.71 -11.16 -24.67
C GLY A 366 40.49 -11.82 -25.26
N LEU A 367 40.29 -11.67 -26.58
CA LEU A 367 38.99 -11.92 -27.27
C LEU A 367 38.21 -10.61 -27.35
N THR A 368 38.73 -9.59 -26.65
CA THR A 368 38.36 -8.19 -26.86
C THR A 368 38.80 -7.80 -28.24
N SER A 369 39.99 -8.27 -28.63
CA SER A 369 40.43 -8.29 -30.01
C SER A 369 40.54 -6.87 -30.61
N THR A 370 40.53 -6.74 -31.95
CA THR A 370 40.64 -7.82 -32.94
C THR A 370 42.09 -8.39 -32.93
N GLY A 371 42.62 -8.83 -34.06
CA GLY A 371 44.09 -8.97 -34.16
C GLY A 371 44.51 -7.62 -34.69
N CYS A 372 45.72 -7.48 -35.18
CA CYS A 372 46.12 -6.29 -35.98
C CYS A 372 45.77 -4.92 -35.38
N ASP A 373 45.73 -4.87 -34.05
CA ASP A 373 45.45 -3.67 -33.27
C ASP A 373 46.55 -2.64 -33.39
N ARG A 374 47.76 -3.08 -33.64
CA ARG A 374 48.97 -2.28 -33.44
C ARG A 374 49.89 -2.43 -34.63
N GLY A 375 50.76 -1.46 -34.84
CA GLY A 375 51.58 -1.44 -36.04
C GLY A 375 52.28 -0.13 -36.31
N ALA A 376 52.33 0.24 -37.59
CA ALA A 376 53.08 1.43 -38.01
C ALA A 376 52.60 2.07 -39.31
N PHE A 377 52.91 3.36 -39.44
CA PHE A 377 52.91 4.02 -40.72
C PHE A 377 54.34 4.32 -41.10
N VAL A 378 54.69 3.96 -42.33
CA VAL A 378 56.08 3.99 -42.82
C VAL A 378 56.13 4.59 -44.23
N ARG A 379 57.15 5.45 -44.43
CA ARG A 379 57.55 5.91 -45.78
C ARG A 379 58.61 4.97 -46.42
N THR A 380 58.21 4.19 -47.42
CA THR A 380 59.12 3.24 -48.08
C THR A 380 60.15 3.86 -49.00
N ALA A 381 59.87 5.07 -49.50
CA ALA A 381 60.80 5.80 -50.38
C ALA A 381 60.72 7.31 -50.20
N GLY A 382 60.65 7.76 -48.94
CA GLY A 382 60.54 9.18 -48.61
C GLY A 382 59.47 9.98 -49.36
N GLN A 383 58.32 9.35 -49.60
CA GLN A 383 57.12 10.00 -50.10
C GLN A 383 56.66 11.18 -49.18
N ALA A 384 55.80 12.04 -49.71
CA ALA A 384 55.19 13.14 -48.95
C ALA A 384 54.45 12.63 -47.71
N LEU A 385 53.84 11.46 -47.83
CA LEU A 385 53.09 10.84 -46.75
C LEU A 385 53.32 9.32 -46.75
N PRO A 386 53.27 8.68 -45.55
CA PRO A 386 53.50 7.24 -45.46
C PRO A 386 52.64 6.47 -46.48
N ASP A 387 53.31 5.71 -47.33
CA ASP A 387 52.65 4.86 -48.31
C ASP A 387 52.37 3.47 -47.79
N LEU A 388 52.98 3.12 -46.65
CA LEU A 388 52.92 1.77 -46.08
C LEU A 388 52.25 1.74 -44.70
N GLN A 389 51.27 0.84 -44.56
CA GLN A 389 50.74 0.53 -43.25
C GLN A 389 51.16 -0.85 -42.84
N VAL A 390 51.62 -0.98 -41.61
CA VAL A 390 51.97 -2.27 -41.06
C VAL A 390 50.96 -2.60 -39.95
N ARG A 391 50.35 -3.78 -40.08
CA ARG A 391 49.49 -4.29 -39.03
C ARG A 391 50.11 -5.51 -38.37
N PHE A 392 50.43 -5.38 -37.10
CA PHE A 392 51.09 -6.44 -36.35
C PHE A 392 50.07 -7.26 -35.57
N VAL A 393 50.02 -8.56 -35.86
CA VAL A 393 49.16 -9.50 -35.13
C VAL A 393 50.02 -10.41 -34.26
N PRO A 394 49.68 -10.54 -32.96
CA PRO A 394 50.45 -11.47 -32.13
C PRO A 394 50.02 -12.95 -32.30
N GLY A 395 49.58 -13.32 -33.51
CA GLY A 395 49.17 -14.68 -33.86
C GLY A 395 49.76 -15.04 -35.22
N MET A 396 49.96 -16.32 -35.48
CA MET A 396 50.58 -16.75 -36.76
C MET A 396 49.55 -17.07 -37.84
N ALA A 397 49.65 -16.36 -38.96
CA ALA A 397 48.76 -16.58 -40.11
C ALA A 397 49.10 -17.90 -40.77
N LEU A 398 48.06 -18.65 -41.16
CA LEU A 398 48.25 -19.96 -41.80
C LEU A 398 48.00 -19.98 -43.32
N ASP A 399 47.62 -18.81 -43.84
CA ASP A 399 47.48 -18.56 -45.28
C ASP A 399 48.09 -17.19 -45.61
N PRO A 400 48.67 -17.03 -46.82
CA PRO A 400 49.24 -15.71 -47.15
C PRO A 400 48.18 -14.63 -47.49
N ASP A 401 46.91 -15.02 -47.52
CA ASP A 401 45.75 -14.12 -47.57
C ASP A 401 45.20 -13.97 -46.13
N GLY A 402 45.38 -12.79 -45.53
CA GLY A 402 45.07 -12.54 -44.11
C GLY A 402 43.59 -12.79 -43.85
N VAL A 403 42.74 -12.43 -44.81
CA VAL A 403 41.30 -12.57 -44.63
C VAL A 403 40.96 -14.06 -44.51
N SER A 404 41.48 -14.89 -45.41
CA SER A 404 41.15 -16.27 -45.35
C SER A 404 41.86 -17.06 -44.25
N THR A 405 42.86 -16.43 -43.64
CA THR A 405 43.41 -16.97 -42.36
C THR A 405 42.37 -16.84 -41.23
N TYR A 406 41.77 -15.66 -41.12
CA TYR A 406 40.69 -15.42 -40.20
C TYR A 406 39.55 -16.39 -40.42
N VAL A 407 39.25 -16.67 -41.66
CA VAL A 407 38.16 -17.58 -41.98
C VAL A 407 38.45 -18.99 -41.48
N ARG A 408 39.69 -19.44 -41.64
CA ARG A 408 40.10 -20.73 -41.11
C ARG A 408 40.20 -20.80 -39.58
N PHE A 409 40.49 -19.68 -39.00
CA PHE A 409 40.52 -19.53 -37.53
C PHE A 409 39.13 -19.71 -36.94
N ALA A 410 38.13 -19.17 -37.61
CA ALA A 410 36.73 -19.39 -37.21
C ALA A 410 36.36 -20.86 -37.41
N LYS A 411 36.77 -21.45 -38.53
CA LYS A 411 36.56 -22.88 -38.83
C LYS A 411 37.49 -23.81 -38.01
N PHE A 412 37.92 -23.34 -36.83
CA PHE A 412 38.87 -24.04 -35.99
C PHE A 412 38.23 -24.26 -34.63
N GLN A 413 37.55 -25.37 -34.49
CA GLN A 413 36.95 -25.78 -33.20
C GLN A 413 36.68 -27.26 -33.26
N SER A 414 36.87 -27.94 -32.13
CA SER A 414 36.69 -29.40 -32.00
C SER A 414 37.52 -30.28 -32.97
N GLN A 415 37.84 -29.75 -34.15
CA GLN A 415 38.78 -30.41 -35.07
C GLN A 415 40.21 -30.12 -34.67
N GLY A 416 40.41 -28.98 -33.99
CA GLY A 416 41.73 -28.44 -33.68
C GLY A 416 42.78 -29.41 -33.16
N LEU A 417 43.98 -29.32 -33.73
CA LEU A 417 45.18 -29.79 -33.06
C LEU A 417 45.56 -28.62 -32.15
N LYS A 418 46.34 -27.70 -32.73
CA LYS A 418 46.84 -26.52 -32.07
C LYS A 418 47.24 -25.55 -33.18
N TRP A 419 46.82 -24.30 -33.05
CA TRP A 419 47.28 -23.23 -33.94
C TRP A 419 48.77 -22.93 -33.63
N PRO A 420 49.66 -23.15 -34.62
CA PRO A 420 51.13 -23.21 -34.49
C PRO A 420 51.81 -22.20 -33.56
N SER A 421 51.20 -21.03 -33.36
CA SER A 421 51.67 -20.03 -32.38
C SER A 421 52.88 -19.19 -32.84
N GLY A 422 52.61 -17.92 -33.14
CA GLY A 422 53.64 -17.01 -33.65
C GLY A 422 53.15 -15.59 -33.89
N ILE A 423 53.72 -14.96 -34.91
CA ILE A 423 53.44 -13.54 -35.23
C ILE A 423 53.14 -13.36 -36.72
N THR A 424 52.43 -12.29 -37.03
CA THR A 424 52.13 -11.90 -38.40
C THR A 424 52.29 -10.39 -38.53
N MET A 425 52.81 -9.96 -39.67
CA MET A 425 52.88 -8.57 -40.05
C MET A 425 52.21 -8.39 -41.41
N GLN A 426 51.09 -7.67 -41.40
CA GLN A 426 50.34 -7.38 -42.61
C GLN A 426 50.79 -6.04 -43.17
N LEU A 427 50.94 -5.98 -44.48
CA LEU A 427 51.52 -4.83 -45.14
C LEU A 427 50.50 -4.28 -46.12
N ILE A 428 50.08 -3.04 -45.88
CA ILE A 428 49.02 -2.38 -46.65
C ILE A 428 49.64 -1.17 -47.35
N ALA A 429 49.22 -0.95 -48.60
CA ALA A 429 49.52 0.29 -49.27
C ALA A 429 48.44 1.33 -48.95
N CYS A 430 48.68 2.16 -47.92
CA CYS A 430 47.74 3.20 -47.41
C CYS A 430 47.15 4.08 -48.48
N ARG A 431 48.03 4.69 -49.27
CA ARG A 431 47.61 5.73 -50.19
C ARG A 431 47.97 5.25 -51.57
N PRO A 432 47.26 4.21 -52.07
CA PRO A 432 47.71 3.55 -53.29
C PRO A 432 47.50 4.42 -54.51
N GLN A 433 48.18 4.08 -55.60
CA GLN A 433 48.08 4.87 -56.83
C GLN A 433 47.15 4.23 -57.83
N SER A 434 47.15 2.89 -57.86
CA SER A 434 46.21 2.10 -58.68
C SER A 434 44.75 2.31 -58.23
N THR A 435 43.85 2.25 -59.20
CA THR A 435 42.41 2.35 -58.94
C THR A 435 41.67 1.23 -59.69
N GLY A 436 40.46 0.93 -59.21
CA GLY A 436 39.59 -0.04 -59.85
C GLY A 436 38.27 0.58 -60.25
N SER A 437 37.27 -0.28 -60.51
CA SER A 437 35.93 0.19 -60.87
C SER A 437 34.82 -0.79 -60.49
N VAL A 438 33.62 -0.23 -60.28
CA VAL A 438 32.39 -0.99 -60.00
C VAL A 438 31.40 -0.74 -61.14
N GLY A 439 31.00 -1.80 -61.83
CA GLY A 439 30.13 -1.69 -63.01
C GLY A 439 28.84 -2.49 -62.97
N LEU A 440 28.28 -2.80 -64.13
CA LEU A 440 27.11 -3.65 -64.21
C LEU A 440 27.43 -4.95 -64.96
N LYS A 441 26.78 -6.01 -64.55
CA LYS A 441 27.07 -7.34 -65.05
C LYS A 441 25.89 -7.84 -65.85
N SER A 442 24.72 -7.28 -65.58
CA SER A 442 23.47 -7.57 -66.27
C SER A 442 22.46 -6.47 -65.99
N ALA A 443 21.26 -6.59 -66.56
CA ALA A 443 20.19 -5.67 -66.27
C ALA A 443 19.53 -5.97 -64.91
N ASP A 444 19.83 -7.14 -64.33
CA ASP A 444 19.28 -7.56 -63.03
C ASP A 444 19.86 -6.79 -61.81
N PRO A 445 19.01 -5.98 -61.13
CA PRO A 445 19.42 -5.26 -59.91
C PRO A 445 19.59 -6.18 -58.70
N PHE A 446 19.34 -7.47 -58.89
CA PHE A 446 19.53 -8.48 -57.85
C PHE A 446 20.79 -9.29 -58.10
N ALA A 447 21.37 -9.15 -59.30
CA ALA A 447 22.71 -9.67 -59.57
C ALA A 447 23.79 -8.92 -58.75
N PRO A 448 24.95 -9.57 -58.49
CA PRO A 448 26.08 -8.86 -57.89
C PRO A 448 26.69 -7.83 -58.87
N PRO A 449 27.31 -6.76 -58.32
CA PRO A 449 27.62 -5.60 -59.12
C PRO A 449 28.92 -5.56 -59.96
N LYS A 450 29.60 -6.67 -60.21
CA LYS A 450 30.84 -6.64 -61.09
C LYS A 450 31.99 -5.70 -60.60
N LEU A 451 32.82 -6.23 -59.72
CA LEU A 451 33.92 -5.49 -59.13
C LEU A 451 35.23 -5.85 -59.79
N SER A 452 36.09 -4.86 -59.97
CA SER A 452 37.50 -5.12 -60.16
C SER A 452 38.23 -4.09 -59.33
N PRO A 453 39.02 -4.57 -58.33
CA PRO A 453 39.73 -3.67 -57.43
C PRO A 453 40.91 -2.93 -58.09
N GLY A 454 41.42 -3.50 -59.18
CA GLY A 454 42.53 -2.93 -59.92
C GLY A 454 43.83 -2.80 -59.14
N TYR A 455 44.09 -3.74 -58.23
CA TYR A 455 45.32 -3.73 -57.41
C TYR A 455 46.54 -3.78 -58.29
N LEU A 456 47.61 -3.09 -57.86
CA LEU A 456 48.90 -3.08 -58.59
C LEU A 456 48.72 -2.76 -60.07
N THR A 457 47.95 -1.72 -60.36
CA THR A 457 47.55 -1.41 -61.72
C THR A 457 48.20 -0.13 -62.26
N ASP A 458 48.60 0.76 -61.34
CA ASP A 458 49.13 2.09 -61.69
C ASP A 458 50.26 2.02 -62.72
N LYS A 459 50.44 3.10 -63.48
CA LYS A 459 51.44 3.13 -64.55
C LYS A 459 52.85 2.79 -64.07
N ASP A 460 53.29 3.47 -63.00
CA ASP A 460 54.67 3.40 -62.52
C ASP A 460 55.02 2.17 -61.69
N GLY A 461 54.04 1.32 -61.41
CA GLY A 461 54.25 0.14 -60.54
C GLY A 461 54.54 0.53 -59.09
N ALA A 462 53.93 1.64 -58.63
CA ALA A 462 54.23 2.21 -57.32
C ALA A 462 53.64 1.34 -56.19
N ASP A 463 52.45 0.81 -56.44
CA ASP A 463 51.79 -0.02 -55.44
C ASP A 463 52.54 -1.34 -55.17
N LEU A 464 52.98 -1.96 -56.26
CA LEU A 464 53.77 -3.14 -56.17
C LEU A 464 55.09 -2.87 -55.44
N ALA A 465 55.70 -1.71 -55.73
CA ALA A 465 56.92 -1.30 -55.03
C ALA A 465 56.74 -1.12 -53.53
N THR A 466 55.85 -0.22 -53.15
CA THR A 466 55.52 0.03 -51.77
C THR A 466 55.24 -1.31 -51.05
N LEU A 467 54.63 -2.26 -51.76
CA LEU A 467 54.33 -3.54 -51.09
C LEU A 467 55.54 -4.44 -51.04
N ARG A 468 56.41 -4.38 -52.04
CA ARG A 468 57.62 -5.18 -52.05
C ARG A 468 58.60 -4.68 -50.93
N LYS A 469 58.81 -3.37 -50.90
CA LYS A 469 59.59 -2.78 -49.84
C LYS A 469 58.99 -3.14 -48.48
N GLY A 470 57.66 -3.25 -48.38
CA GLY A 470 57.03 -3.63 -47.13
C GLY A 470 57.49 -4.97 -46.61
N ILE A 471 57.60 -5.93 -47.52
CA ILE A 471 58.10 -7.24 -47.17
C ILE A 471 59.53 -7.16 -46.59
N HIS A 472 60.35 -6.39 -47.28
CA HIS A 472 61.72 -6.15 -46.85
C HIS A 472 61.75 -5.50 -45.48
N TRP A 473 60.90 -4.54 -45.25
CA TRP A 473 60.79 -3.91 -43.94
C TRP A 473 60.44 -4.93 -42.82
N ALA A 474 59.49 -5.76 -43.16
CA ALA A 474 59.00 -6.78 -42.26
C ALA A 474 60.08 -7.76 -41.84
N ARG A 475 60.82 -8.20 -42.84
CA ARG A 475 61.93 -9.13 -42.59
C ARG A 475 63.04 -8.45 -41.74
N ASP A 476 63.29 -7.18 -42.02
CA ASP A 476 64.23 -6.41 -41.23
C ASP A 476 63.82 -6.42 -39.75
N VAL A 477 62.54 -6.23 -39.51
CA VAL A 477 61.96 -6.18 -38.18
C VAL A 477 62.07 -7.54 -37.48
N ALA A 478 61.79 -8.60 -38.25
CA ALA A 478 61.85 -9.95 -37.76
C ALA A 478 63.25 -10.36 -37.34
N ARG A 479 64.25 -9.80 -38.08
CA ARG A 479 65.68 -10.08 -37.82
C ARG A 479 66.22 -9.14 -36.73
N SER A 480 65.44 -8.16 -36.26
CA SER A 480 65.82 -7.31 -35.11
C SER A 480 66.22 -8.13 -33.89
N SER A 481 67.12 -7.58 -33.08
CA SER A 481 67.59 -8.21 -31.85
C SER A 481 66.44 -8.69 -30.98
N ALA A 482 65.44 -7.82 -30.82
CA ALA A 482 64.28 -8.06 -29.95
C ALA A 482 63.36 -9.19 -30.44
N LEU A 483 62.99 -9.15 -31.72
CA LEU A 483 62.06 -10.13 -32.27
C LEU A 483 62.69 -11.50 -32.51
N SER A 484 63.87 -11.51 -33.14
CA SER A 484 64.62 -12.74 -33.46
C SER A 484 64.80 -13.64 -32.23
N GLU A 485 64.83 -13.03 -31.05
CA GLU A 485 64.80 -13.74 -29.77
C GLU A 485 63.64 -14.72 -29.70
N TYR A 486 62.44 -14.25 -30.05
CA TYR A 486 61.20 -15.05 -30.02
C TYR A 486 61.01 -15.97 -31.22
N LEU A 487 61.37 -15.48 -32.41
CA LEU A 487 61.00 -16.12 -33.68
C LEU A 487 61.78 -17.37 -34.06
N ASP A 488 61.05 -18.41 -34.48
CA ASP A 488 61.65 -19.63 -35.05
C ASP A 488 61.87 -19.47 -36.56
N GLY A 489 62.32 -18.27 -36.93
CA GLY A 489 62.77 -17.88 -38.26
C GLY A 489 61.89 -18.27 -39.43
N GLU A 490 62.56 -18.47 -40.57
CA GLU A 490 62.06 -19.05 -41.84
C GLU A 490 60.70 -18.54 -42.39
N LEU A 491 60.10 -17.63 -41.63
CA LEU A 491 58.82 -17.00 -41.95
C LEU A 491 57.66 -17.85 -42.56
N PHE A 492 56.70 -17.14 -43.16
CA PHE A 492 55.66 -17.69 -43.99
C PHE A 492 56.03 -17.52 -45.47
N PRO A 493 56.26 -16.24 -45.98
CA PRO A 493 56.55 -16.06 -47.43
C PRO A 493 57.53 -17.09 -47.95
N GLY A 494 58.46 -17.47 -47.08
CA GLY A 494 59.43 -18.50 -47.34
C GLY A 494 60.79 -17.88 -47.38
N SER A 495 61.76 -18.62 -46.87
CA SER A 495 63.16 -18.33 -47.16
C SER A 495 63.41 -18.62 -48.65
N GLY A 496 62.47 -19.35 -49.27
CA GLY A 496 62.45 -19.60 -50.71
C GLY A 496 62.22 -18.39 -51.61
N VAL A 497 61.52 -17.37 -51.11
CA VAL A 497 61.33 -16.15 -51.91
C VAL A 497 62.33 -15.04 -51.53
N VAL A 498 63.31 -14.81 -52.41
CA VAL A 498 64.46 -13.95 -52.10
C VAL A 498 64.65 -12.77 -53.04
N SER A 499 64.53 -13.00 -54.35
CA SER A 499 64.68 -11.94 -55.35
C SER A 499 63.48 -10.98 -55.34
N ASP A 500 63.63 -9.82 -55.98
CA ASP A 500 62.52 -8.87 -56.14
C ASP A 500 61.40 -9.44 -57.02
N ASP A 501 61.80 -10.15 -58.08
CA ASP A 501 60.81 -10.80 -58.92
C ASP A 501 60.01 -11.86 -58.13
N GLN A 502 60.70 -12.61 -57.25
CA GLN A 502 60.09 -13.59 -56.44
C GLN A 502 59.23 -13.02 -55.32
N ILE A 503 59.57 -11.82 -54.86
CA ILE A 503 58.66 -11.15 -53.91
C ILE A 503 57.36 -10.77 -54.67
N ASP A 504 57.52 -10.27 -55.90
CA ASP A 504 56.44 -9.78 -56.71
C ASP A 504 55.51 -10.85 -57.17
N GLU A 505 56.03 -12.11 -57.31
CA GLU A 505 55.11 -13.23 -57.59
C GLU A 505 54.34 -13.62 -56.34
N TYR A 506 55.02 -13.63 -55.20
CA TYR A 506 54.35 -13.90 -53.92
C TYR A 506 53.16 -12.96 -53.63
N ILE A 507 53.45 -11.67 -53.49
CA ILE A 507 52.41 -10.62 -53.48
C ILE A 507 51.92 -10.64 -54.91
N ARG A 508 50.61 -10.64 -55.13
CA ARG A 508 50.04 -10.91 -56.47
C ARG A 508 49.46 -12.31 -56.53
N ARG A 509 50.16 -13.29 -55.95
CA ARG A 509 49.53 -14.58 -55.66
C ARG A 509 48.80 -14.47 -54.32
N SER A 510 49.28 -13.60 -53.43
CA SER A 510 48.75 -13.54 -52.08
C SER A 510 48.01 -12.25 -51.73
N ILE A 511 48.08 -11.26 -52.62
CA ILE A 511 47.43 -9.96 -52.40
C ILE A 511 45.94 -10.10 -52.03
N HIS A 512 45.52 -9.29 -51.06
CA HIS A 512 44.17 -9.30 -50.53
C HIS A 512 43.77 -7.89 -50.07
N SER A 513 42.52 -7.73 -49.63
CA SER A 513 41.98 -6.44 -49.27
C SER A 513 42.15 -6.14 -47.81
N SER A 514 42.57 -4.92 -47.51
CA SER A 514 42.58 -4.39 -46.14
C SER A 514 41.26 -3.68 -45.84
N ASN A 515 40.32 -3.88 -46.77
CA ASN A 515 38.89 -3.59 -46.62
C ASN A 515 38.52 -2.15 -46.39
N ALA A 516 38.92 -1.31 -47.32
CA ALA A 516 38.70 0.11 -47.18
C ALA A 516 38.48 0.64 -48.57
N ILE A 517 37.25 0.50 -49.03
CA ILE A 517 36.93 0.82 -50.42
C ILE A 517 36.25 2.22 -50.49
N THR A 518 36.77 3.11 -51.35
CA THR A 518 36.22 4.48 -51.46
C THR A 518 36.30 5.09 -52.85
N GLY A 519 35.49 6.14 -53.07
CA GLY A 519 35.72 7.06 -54.21
C GLY A 519 34.91 6.91 -55.49
N THR A 520 33.98 5.94 -55.49
CA THR A 520 33.21 5.60 -56.69
C THR A 520 32.18 6.62 -57.12
N CYS A 521 31.74 7.48 -56.20
CA CYS A 521 30.94 8.66 -56.55
C CYS A 521 31.59 9.90 -55.96
N LYS A 522 32.76 10.27 -56.46
CA LYS A 522 33.63 11.25 -55.81
C LYS A 522 33.06 12.65 -55.82
N MET A 523 33.29 13.40 -54.75
CA MET A 523 32.92 14.80 -54.68
C MET A 523 34.00 15.66 -55.30
N GLY A 524 33.56 16.53 -56.20
CA GLY A 524 34.42 17.51 -56.83
C GLY A 524 33.79 18.87 -56.74
N ASN A 525 34.43 19.84 -57.38
CA ASN A 525 33.89 21.19 -57.35
C ASN A 525 33.73 21.71 -58.77
N ALA A 526 33.13 22.89 -58.86
CA ALA A 526 32.90 23.63 -60.12
C ALA A 526 32.78 22.73 -61.35
N GLY A 527 33.83 22.65 -62.17
CA GLY A 527 33.76 21.92 -63.42
C GLY A 527 34.47 20.59 -63.41
N ASP A 528 34.40 19.88 -62.29
CA ASP A 528 35.08 18.57 -62.16
C ASP A 528 34.38 17.54 -63.02
N SER A 529 35.00 17.30 -64.17
CA SER A 529 34.49 16.40 -65.21
C SER A 529 34.40 14.93 -64.79
N SER A 530 35.18 14.52 -63.80
CA SER A 530 35.19 13.13 -63.33
C SER A 530 34.39 12.94 -62.02
N SER A 531 33.90 14.03 -61.46
CA SER A 531 33.12 13.99 -60.22
C SER A 531 31.67 13.58 -60.45
N VAL A 532 31.01 13.19 -59.36
CA VAL A 532 29.64 12.69 -59.38
C VAL A 532 28.76 13.57 -58.52
N VAL A 533 29.28 14.03 -57.39
CA VAL A 533 28.58 15.05 -56.57
C VAL A 533 29.39 16.34 -56.47
N ASP A 534 28.69 17.42 -56.12
CA ASP A 534 29.29 18.73 -55.93
C ASP A 534 29.79 18.92 -54.49
N ASN A 535 30.19 20.15 -54.21
CA ASN A 535 30.47 20.68 -52.87
C ASN A 535 29.52 20.24 -51.73
N GLN A 536 28.22 20.20 -52.03
CA GLN A 536 27.13 19.97 -51.07
C GLN A 536 26.72 18.51 -51.06
N LEU A 537 27.52 17.68 -51.72
CA LEU A 537 27.27 16.24 -51.91
C LEU A 537 26.00 15.97 -52.70
N ARG A 538 25.72 16.82 -53.71
CA ARG A 538 24.46 16.75 -54.46
C ARG A 538 24.42 15.55 -55.40
N VAL A 539 24.63 15.71 -56.70
CA VAL A 539 24.64 14.55 -57.65
C VAL A 539 24.52 15.00 -59.12
N HIS A 540 24.83 16.27 -59.34
CA HIS A 540 24.92 16.82 -60.68
C HIS A 540 23.55 16.75 -61.42
N GLY A 541 23.32 15.70 -62.19
CA GLY A 541 22.17 15.63 -63.09
C GLY A 541 20.75 15.59 -62.53
N VAL A 542 20.61 15.44 -61.21
CA VAL A 542 19.32 15.14 -60.60
C VAL A 542 19.10 15.96 -59.33
N GLU A 543 17.92 16.56 -59.21
CA GLU A 543 17.53 17.26 -57.98
C GLU A 543 16.86 16.33 -56.98
N GLY A 544 17.06 16.61 -55.70
CA GLY A 544 16.48 15.82 -54.62
C GLY A 544 17.24 14.53 -54.32
N LEU A 545 18.43 14.39 -54.88
CA LEU A 545 19.26 13.19 -54.72
C LEU A 545 20.69 13.55 -54.28
N ARG A 546 21.16 12.89 -53.21
CA ARG A 546 22.52 13.06 -52.72
C ARG A 546 23.21 11.72 -52.38
N VAL A 547 24.53 11.74 -52.17
CA VAL A 547 25.22 10.59 -51.57
C VAL A 547 25.94 11.03 -50.29
N VAL A 548 25.74 10.29 -49.21
CA VAL A 548 26.42 10.54 -47.95
C VAL A 548 26.98 9.21 -47.51
N ASP A 549 28.25 9.00 -47.80
CA ASP A 549 28.78 7.68 -48.13
C ASP A 549 30.29 7.64 -48.30
N ALA A 550 30.89 6.47 -48.07
CA ALA A 550 32.31 6.23 -48.38
C ALA A 550 32.65 6.49 -49.84
N SER A 551 31.64 6.38 -50.72
CA SER A 551 31.83 6.54 -52.16
C SER A 551 32.24 7.97 -52.55
N VAL A 552 32.02 8.91 -51.64
CA VAL A 552 32.15 10.31 -51.96
C VAL A 552 33.59 10.84 -51.84
N VAL A 553 34.47 10.02 -51.26
CA VAL A 553 35.85 10.38 -50.89
C VAL A 553 36.79 10.56 -52.11
N PRO A 554 37.20 11.82 -52.41
CA PRO A 554 38.04 12.14 -53.59
C PRO A 554 39.38 11.41 -53.63
N LYS A 555 40.15 11.45 -52.54
CA LYS A 555 41.37 10.64 -52.39
C LYS A 555 41.34 9.88 -51.07
N ILE A 556 41.49 8.56 -51.16
CA ILE A 556 41.55 7.69 -49.97
C ILE A 556 42.57 8.20 -48.96
N PRO A 557 42.16 8.38 -47.68
CA PRO A 557 43.12 8.84 -46.66
C PRO A 557 44.04 7.70 -46.18
N GLY A 558 44.84 8.00 -45.15
CA GLY A 558 45.92 7.14 -44.70
C GLY A 558 45.53 5.82 -44.08
N GLY A 559 44.79 5.87 -42.97
CA GLY A 559 44.45 4.64 -42.27
C GLY A 559 43.32 3.84 -42.86
N GLN A 560 42.35 3.53 -42.00
CA GLN A 560 41.11 2.85 -42.38
C GLN A 560 40.00 3.90 -42.46
N THR A 561 38.84 3.47 -42.96
CA THR A 561 37.91 4.38 -43.60
C THR A 561 36.69 4.72 -42.76
N GLY A 562 36.31 3.89 -41.78
CA GLY A 562 35.16 4.13 -40.95
C GLY A 562 35.06 5.55 -40.41
N ALA A 563 36.14 5.96 -39.75
CA ALA A 563 36.20 7.26 -39.08
C ALA A 563 35.89 8.45 -40.01
N PRO A 564 36.47 8.47 -41.24
CA PRO A 564 36.17 9.57 -42.16
C PRO A 564 34.72 9.51 -42.65
N VAL A 565 34.18 8.30 -42.82
CA VAL A 565 32.79 8.13 -43.21
C VAL A 565 31.83 8.70 -42.17
N VAL A 566 32.07 8.36 -40.90
CA VAL A 566 31.32 8.94 -39.78
C VAL A 566 31.96 10.28 -39.46
N MET A 567 31.73 11.25 -40.34
CA MET A 567 32.34 12.58 -40.29
C MET A 567 31.76 13.29 -41.48
N ILE A 568 31.90 12.67 -42.67
CA ILE A 568 31.12 13.08 -43.81
C ILE A 568 29.62 12.95 -43.48
N ALA A 569 29.25 11.91 -42.73
CA ALA A 569 27.84 11.76 -42.36
C ALA A 569 27.43 12.84 -41.37
N GLU A 570 28.29 13.15 -40.40
CA GLU A 570 28.00 14.15 -39.42
C GLU A 570 27.85 15.55 -40.04
N ARG A 571 28.85 15.89 -40.83
CA ARG A 571 28.91 17.16 -41.47
C ARG A 571 27.72 17.36 -42.45
N ALA A 572 27.39 16.30 -43.17
CA ALA A 572 26.28 16.36 -44.10
C ALA A 572 24.96 16.52 -43.35
N ALA A 573 24.75 15.72 -42.30
CA ALA A 573 23.56 15.87 -41.52
C ALA A 573 23.45 17.27 -40.96
N ALA A 574 24.56 17.88 -40.55
CA ALA A 574 24.54 19.26 -40.07
C ALA A 574 24.15 20.19 -41.19
N LEU A 575 24.75 20.00 -42.38
CA LEU A 575 24.41 20.83 -43.52
C LEU A 575 22.91 20.74 -43.82
N LEU A 576 22.37 19.53 -43.87
CA LEU A 576 20.99 19.34 -44.24
C LEU A 576 20.04 20.01 -43.28
N THR A 577 20.36 20.09 -41.99
CA THR A 577 19.36 20.57 -41.03
C THR A 577 19.63 22.01 -40.60
N GLY A 578 19.96 22.89 -41.56
CA GLY A 578 20.45 24.24 -41.24
C GLY A 578 21.83 24.09 -40.65
N LYS A 579 22.00 24.47 -39.39
CA LYS A 579 23.19 24.10 -38.55
C LYS A 579 24.64 24.36 -39.02
N ALA A 580 24.87 24.37 -40.34
CA ALA A 580 26.20 24.43 -40.91
C ALA A 580 26.14 24.59 -42.41
N THR A 581 27.12 25.31 -42.96
CA THR A 581 27.27 25.51 -44.39
C THR A 581 28.54 24.82 -44.86
N ILE A 582 28.69 24.71 -46.18
CA ILE A 582 29.91 24.23 -46.82
C ILE A 582 30.19 25.16 -48.01
N GLY A 583 31.36 25.78 -48.02
CA GLY A 583 31.78 26.71 -49.10
C GLY A 583 31.26 28.13 -48.93
N ALA A 584 31.28 28.90 -50.03
CA ALA A 584 30.81 30.30 -50.06
C ALA A 584 29.42 30.45 -50.68
N SER A 585 28.55 31.22 -50.03
CA SER A 585 27.18 31.52 -50.55
C SER A 585 27.19 32.33 -51.85
N SER B 1 62.12 -31.70 -41.61
CA SER B 1 61.97 -31.69 -40.14
C SER B 1 62.61 -30.43 -39.51
N ALA B 2 62.17 -29.27 -40.01
CA ALA B 2 62.37 -27.96 -39.36
C ALA B 2 61.15 -27.68 -38.46
N SER B 3 60.64 -26.45 -38.47
CA SER B 3 59.34 -26.13 -37.87
C SER B 3 58.49 -25.40 -38.88
N ALA B 4 59.14 -24.58 -39.71
CA ALA B 4 58.47 -23.93 -40.82
C ALA B 4 58.27 -24.90 -41.98
N VAL B 5 59.19 -25.87 -42.16
CA VAL B 5 59.02 -26.88 -43.23
C VAL B 5 57.99 -27.94 -42.78
N GLU B 6 58.03 -28.25 -41.48
CA GLU B 6 57.15 -29.18 -40.78
C GLU B 6 55.67 -28.72 -40.81
N ASP B 7 55.48 -27.51 -41.34
CA ASP B 7 54.22 -26.82 -41.30
C ASP B 7 53.86 -26.41 -42.73
N ILE B 8 54.48 -25.32 -43.19
CA ILE B 8 54.31 -24.71 -44.54
C ILE B 8 54.85 -25.69 -45.58
N ARG B 9 54.08 -26.76 -45.78
CA ARG B 9 54.35 -27.91 -46.69
C ARG B 9 53.71 -29.19 -46.16
N LYS B 10 53.83 -29.46 -44.86
CA LYS B 10 53.22 -30.67 -44.32
C LYS B 10 51.74 -30.41 -44.07
N VAL B 11 51.39 -30.09 -42.82
CA VAL B 11 49.98 -29.94 -42.43
C VAL B 11 49.19 -29.10 -43.42
N LEU B 12 49.81 -28.04 -43.92
CA LEU B 12 49.18 -27.16 -44.91
C LEU B 12 48.96 -27.78 -46.31
N SER B 13 50.05 -28.13 -46.99
CA SER B 13 49.98 -28.64 -48.36
C SER B 13 49.29 -30.01 -48.52
N ASP B 14 49.48 -30.90 -47.55
CA ASP B 14 48.73 -32.17 -47.51
C ASP B 14 47.23 -31.87 -47.46
N SER B 15 46.86 -30.95 -46.57
CA SER B 15 45.46 -30.51 -46.39
C SER B 15 44.89 -29.64 -47.55
N SER B 16 45.75 -29.26 -48.50
CA SER B 16 45.37 -28.38 -49.61
C SER B 16 44.36 -29.00 -50.58
N SER B 17 44.66 -30.20 -51.05
CA SER B 17 43.77 -30.95 -51.94
C SER B 17 43.41 -32.28 -51.30
N PRO B 18 42.11 -32.58 -51.15
CA PRO B 18 41.73 -33.91 -50.68
C PRO B 18 41.73 -34.98 -51.78
N VAL B 19 42.09 -34.60 -52.99
CA VAL B 19 42.05 -35.51 -54.15
C VAL B 19 43.42 -35.78 -54.80
N ALA B 20 44.45 -35.12 -54.29
CA ALA B 20 45.83 -35.25 -54.76
C ALA B 20 46.34 -36.67 -54.57
N GLY B 21 46.88 -37.24 -55.65
CA GLY B 21 47.54 -38.55 -55.60
C GLY B 21 46.71 -39.68 -56.14
N GLN B 22 45.38 -39.52 -56.12
CA GLN B 22 44.40 -40.50 -56.61
C GLN B 22 43.63 -39.93 -57.83
N LYS B 23 43.05 -40.68 -58.78
CA LYS B 23 42.87 -42.15 -58.99
C LYS B 23 41.51 -42.70 -58.49
N TYR B 24 40.47 -42.45 -59.28
CA TYR B 24 39.09 -42.89 -58.98
C TYR B 24 38.45 -43.50 -60.22
N ASP B 25 37.72 -44.62 -60.05
CA ASP B 25 36.98 -45.22 -61.16
C ASP B 25 35.54 -44.71 -61.32
N TYR B 26 35.00 -44.08 -60.26
CA TYR B 26 33.75 -43.30 -60.38
C TYR B 26 33.85 -41.96 -59.68
N ILE B 27 33.53 -40.88 -60.41
CA ILE B 27 33.43 -39.54 -59.83
C ILE B 27 31.99 -39.03 -60.05
N LEU B 28 31.26 -38.85 -58.95
CA LEU B 28 29.88 -38.35 -58.97
C LEU B 28 29.84 -36.85 -58.73
N VAL B 29 29.25 -36.13 -59.69
CA VAL B 29 29.13 -34.68 -59.62
C VAL B 29 27.82 -34.41 -58.91
N GLY B 30 27.91 -33.93 -57.67
CA GLY B 30 26.70 -33.70 -56.85
C GLY B 30 26.50 -34.84 -55.89
N GLY B 31 25.99 -34.52 -54.70
CA GLY B 31 25.67 -35.50 -53.67
C GLY B 31 24.21 -35.46 -53.33
N GLY B 32 23.40 -35.26 -54.37
CA GLY B 32 21.95 -35.27 -54.27
C GLY B 32 21.35 -36.65 -54.22
N THR B 33 20.12 -36.73 -54.71
CA THR B 33 19.28 -37.94 -54.57
C THR B 33 19.88 -39.21 -55.24
N ALA B 34 20.00 -39.15 -56.55
CA ALA B 34 20.54 -40.23 -57.36
C ALA B 34 21.99 -40.51 -56.98
N ALA B 35 22.76 -39.44 -56.72
CA ALA B 35 24.13 -39.56 -56.28
C ALA B 35 24.22 -40.44 -55.02
N CYS B 36 23.34 -40.19 -54.06
CA CYS B 36 23.34 -40.97 -52.87
C CYS B 36 23.17 -42.47 -53.12
N VAL B 37 22.26 -42.79 -54.03
CA VAL B 37 22.02 -44.15 -54.45
C VAL B 37 23.30 -44.76 -55.09
N LEU B 38 23.85 -44.00 -56.06
CA LEU B 38 24.95 -44.48 -56.81
C LEU B 38 26.17 -44.74 -55.90
N ALA B 39 26.43 -43.85 -54.96
CA ALA B 39 27.52 -44.04 -54.04
C ALA B 39 27.38 -45.33 -53.23
N ASN B 40 26.16 -45.63 -52.78
CA ASN B 40 25.87 -46.85 -52.11
C ASN B 40 26.16 -48.08 -53.00
N ARG B 41 25.61 -48.02 -54.22
CA ARG B 41 25.73 -49.17 -55.07
C ARG B 41 27.14 -49.45 -55.59
N LEU B 42 27.78 -48.45 -56.19
CA LEU B 42 29.10 -48.63 -56.84
C LEU B 42 30.25 -48.84 -55.86
N SER B 43 30.03 -48.52 -54.58
CA SER B 43 31.02 -48.74 -53.52
C SER B 43 30.85 -50.08 -52.80
N ALA B 44 29.71 -50.75 -53.00
CA ALA B 44 29.35 -51.99 -52.28
C ALA B 44 30.41 -53.07 -52.44
N ASP B 45 30.63 -53.48 -53.68
CA ASP B 45 31.78 -54.27 -54.08
C ASP B 45 33.03 -53.47 -53.70
N GLY B 46 33.94 -54.10 -52.96
CA GLY B 46 35.07 -53.36 -52.38
C GLY B 46 36.07 -52.73 -53.36
N SER B 47 36.04 -53.15 -54.62
CA SER B 47 37.09 -52.86 -55.60
C SER B 47 37.09 -51.46 -56.23
N LYS B 48 35.93 -50.82 -56.29
CA LYS B 48 35.81 -49.61 -57.09
C LYS B 48 35.78 -48.34 -56.23
N ARG B 49 36.85 -47.54 -56.31
CA ARG B 49 36.94 -46.26 -55.60
C ARG B 49 35.99 -45.20 -56.17
N VAL B 50 35.02 -44.80 -55.35
CA VAL B 50 33.95 -43.86 -55.71
C VAL B 50 34.09 -42.53 -54.96
N LEU B 51 34.02 -41.41 -55.70
CA LEU B 51 34.11 -40.05 -55.13
C LEU B 51 32.87 -39.24 -55.45
N VAL B 52 32.28 -38.63 -54.42
CA VAL B 52 31.10 -37.77 -54.59
C VAL B 52 31.43 -36.34 -54.15
N LEU B 53 31.14 -35.37 -55.04
CA LEU B 53 31.47 -33.97 -54.83
C LEU B 53 30.19 -33.13 -54.71
N GLU B 54 29.86 -32.77 -53.49
CA GLU B 54 28.65 -32.06 -53.18
C GLU B 54 29.04 -30.67 -52.73
N ALA B 55 28.33 -29.66 -53.26
CA ALA B 55 28.61 -28.25 -52.95
C ALA B 55 28.06 -27.82 -51.59
N GLY B 56 26.94 -28.41 -51.18
CA GLY B 56 26.32 -28.07 -49.91
C GLY B 56 27.06 -28.66 -48.72
N PRO B 57 26.59 -28.37 -47.49
CA PRO B 57 27.07 -29.10 -46.29
C PRO B 57 26.56 -30.53 -46.27
N ASP B 58 26.93 -31.31 -45.25
CA ASP B 58 26.24 -32.59 -45.10
C ASP B 58 24.98 -32.28 -44.28
N ASN B 59 23.97 -33.15 -44.33
CA ASN B 59 22.76 -32.87 -43.55
C ASN B 59 22.83 -33.44 -42.17
N THR B 60 22.87 -32.50 -41.24
CA THR B 60 22.89 -32.76 -39.83
C THR B 60 21.73 -32.01 -39.21
N SER B 61 21.26 -30.98 -39.92
CA SER B 61 20.19 -30.10 -39.47
C SER B 61 18.94 -30.84 -38.98
N ARG B 62 18.36 -30.32 -37.90
CA ARG B 62 17.11 -30.83 -37.35
C ARG B 62 15.96 -30.52 -38.32
N ASP B 63 16.08 -29.40 -39.03
CA ASP B 63 15.10 -28.96 -40.02
C ASP B 63 14.90 -29.91 -41.19
N VAL B 64 15.91 -30.70 -41.49
CA VAL B 64 15.78 -31.77 -42.49
C VAL B 64 15.03 -32.97 -41.88
N LYS B 65 15.35 -33.33 -40.64
CA LYS B 65 14.79 -34.55 -40.05
C LYS B 65 13.30 -34.43 -39.79
N ILE B 66 12.88 -33.33 -39.15
CA ILE B 66 11.46 -33.10 -38.85
C ILE B 66 10.78 -32.53 -40.12
N PRO B 67 9.75 -33.25 -40.63
CA PRO B 67 9.28 -32.90 -41.96
C PRO B 67 8.46 -31.64 -42.03
N ALA B 68 7.84 -31.23 -40.92
CA ALA B 68 7.11 -29.95 -40.89
C ALA B 68 8.04 -28.76 -41.07
N ALA B 69 9.32 -28.96 -40.74
CA ALA B 69 10.31 -27.91 -40.91
C ALA B 69 10.63 -27.60 -42.38
N ILE B 70 10.09 -28.39 -43.31
CA ILE B 70 10.18 -28.06 -44.74
C ILE B 70 9.99 -26.55 -44.98
N THR B 71 9.06 -25.94 -44.24
CA THR B 71 8.75 -24.51 -44.29
C THR B 71 9.98 -23.61 -44.03
N ARG B 72 10.78 -24.00 -43.04
CA ARG B 72 12.00 -23.28 -42.64
C ARG B 72 13.11 -23.47 -43.68
N LEU B 73 13.07 -24.61 -44.38
CA LEU B 73 14.07 -24.96 -45.40
C LEU B 73 14.00 -24.08 -46.65
N PHE B 74 12.85 -23.47 -46.92
CA PHE B 74 12.57 -22.94 -48.26
C PHE B 74 13.49 -21.88 -48.79
N ARG B 75 13.45 -20.65 -48.26
CA ARG B 75 14.37 -19.62 -48.78
C ARG B 75 15.57 -19.47 -47.86
N SER B 76 16.26 -20.60 -47.65
CA SER B 76 17.26 -20.76 -46.59
C SER B 76 18.64 -21.00 -47.17
N PRO B 77 19.69 -20.90 -46.32
CA PRO B 77 21.03 -21.37 -46.74
C PRO B 77 21.13 -22.82 -47.26
N LEU B 78 20.10 -23.65 -47.01
CA LEU B 78 20.06 -25.03 -47.50
C LEU B 78 19.43 -25.20 -48.90
N ASP B 79 18.89 -24.12 -49.43
CA ASP B 79 18.36 -24.07 -50.79
C ASP B 79 19.33 -23.34 -51.70
N TRP B 80 19.30 -23.66 -52.98
CA TRP B 80 20.11 -22.97 -53.98
C TRP B 80 19.64 -21.55 -54.26
N ASN B 81 18.47 -21.20 -53.74
CA ASN B 81 17.85 -19.89 -53.93
C ASN B 81 17.83 -19.43 -55.39
N LEU B 82 17.30 -20.31 -56.23
CA LEU B 82 17.22 -20.03 -57.65
C LEU B 82 15.98 -19.21 -57.98
N PHE B 83 16.16 -18.15 -58.74
CA PHE B 83 15.02 -17.41 -59.32
C PHE B 83 15.14 -17.43 -60.84
N SER B 84 14.00 -17.64 -61.51
CA SER B 84 13.95 -17.75 -62.96
C SER B 84 14.16 -16.42 -63.65
N GLU B 85 13.84 -16.36 -64.94
CA GLU B 85 13.92 -15.12 -65.72
C GLU B 85 12.53 -14.53 -65.82
N LEU B 86 12.46 -13.22 -66.03
CA LEU B 86 11.18 -12.52 -66.22
C LEU B 86 10.34 -13.21 -67.30
N GLN B 87 9.24 -13.81 -66.86
CA GLN B 87 8.30 -14.52 -67.72
C GLN B 87 7.26 -13.53 -68.25
N GLU B 88 7.44 -13.12 -69.51
CA GLU B 88 6.53 -12.18 -70.15
C GLU B 88 5.08 -12.68 -70.09
N GLN B 89 4.86 -13.91 -70.52
CA GLN B 89 3.57 -14.64 -70.43
C GLN B 89 3.06 -15.00 -69.03
N LEU B 90 3.54 -14.31 -68.01
CA LEU B 90 3.17 -14.59 -66.61
C LEU B 90 3.12 -13.28 -65.82
N ALA B 91 2.76 -12.20 -66.51
CA ALA B 91 2.71 -10.82 -65.99
C ALA B 91 3.95 -10.42 -65.17
N GLU B 92 5.01 -9.99 -65.87
CA GLU B 92 6.39 -9.85 -65.29
C GLU B 92 6.76 -11.14 -64.53
N ARG B 93 7.64 -11.09 -63.51
CA ARG B 93 8.03 -12.25 -62.64
C ARG B 93 8.82 -13.30 -63.45
N GLN B 94 9.90 -13.94 -62.97
CA GLN B 94 10.43 -14.03 -61.61
C GLN B 94 9.74 -15.09 -60.76
N ILE B 95 10.06 -16.35 -61.06
CA ILE B 95 9.54 -17.51 -60.36
C ILE B 95 10.63 -18.21 -59.55
N TYR B 96 10.32 -18.44 -58.27
CA TYR B 96 11.21 -19.17 -57.37
C TYR B 96 11.13 -20.68 -57.61
N MET B 97 12.30 -21.29 -57.75
CA MET B 97 12.44 -22.69 -58.07
C MET B 97 13.31 -23.30 -56.98
N ALA B 98 12.67 -23.73 -55.90
CA ALA B 98 13.34 -24.43 -54.82
C ALA B 98 14.16 -25.61 -55.37
N ARG B 99 15.37 -25.80 -54.81
CA ARG B 99 16.29 -26.93 -55.09
C ARG B 99 17.20 -27.12 -53.88
N GLY B 100 17.42 -28.37 -53.46
CA GLY B 100 18.27 -28.68 -52.32
C GLY B 100 19.75 -28.46 -52.59
N ARG B 101 20.44 -27.92 -51.59
CA ARG B 101 21.91 -27.72 -51.61
C ARG B 101 22.50 -28.35 -50.33
N LEU B 102 22.84 -29.62 -50.44
CA LEU B 102 22.95 -30.48 -49.28
C LEU B 102 23.37 -31.87 -49.69
N LEU B 103 24.00 -32.61 -48.78
CA LEU B 103 24.09 -34.06 -49.01
C LEU B 103 22.68 -34.67 -48.88
N GLY B 104 22.34 -35.53 -49.83
CA GLY B 104 20.94 -35.95 -50.04
C GLY B 104 20.20 -35.10 -51.05
N GLY B 105 20.66 -33.86 -51.22
CA GLY B 105 20.13 -32.96 -52.25
C GLY B 105 18.72 -32.55 -51.99
N SER B 106 17.88 -32.66 -53.02
CA SER B 106 16.48 -32.24 -52.96
C SER B 106 15.63 -33.20 -52.15
N SER B 107 16.04 -34.46 -52.08
CA SER B 107 15.36 -35.45 -51.22
C SER B 107 15.34 -35.03 -49.76
N ALA B 108 16.24 -34.12 -49.39
CA ALA B 108 16.31 -33.48 -48.08
C ALA B 108 15.49 -32.20 -47.98
N THR B 109 15.21 -31.56 -49.11
CA THR B 109 14.32 -30.38 -49.15
C THR B 109 12.87 -30.81 -49.41
N ASN B 110 12.70 -32.10 -49.75
CA ASN B 110 11.43 -32.76 -50.17
C ASN B 110 10.20 -32.37 -49.41
N ALA B 111 9.08 -32.43 -50.11
CA ALA B 111 7.78 -32.56 -49.46
C ALA B 111 7.43 -34.06 -49.31
N THR B 112 8.46 -34.90 -49.22
CA THR B 112 8.36 -36.37 -49.07
C THR B 112 7.55 -37.06 -50.19
N LEU B 113 6.28 -37.44 -49.98
CA LEU B 113 5.37 -37.89 -51.09
C LEU B 113 5.97 -38.90 -52.09
N TYR B 114 5.47 -40.14 -52.06
CA TYR B 114 6.03 -41.23 -52.87
C TYR B 114 5.18 -41.47 -54.11
N HIS B 115 5.63 -40.99 -55.28
CA HIS B 115 4.83 -41.19 -56.52
C HIS B 115 5.59 -41.72 -57.72
N ARG B 116 5.13 -42.87 -58.23
CA ARG B 116 5.68 -43.45 -59.45
C ARG B 116 4.96 -42.93 -60.70
N GLY B 117 3.71 -42.50 -60.53
CA GLY B 117 2.88 -42.14 -61.66
C GLY B 117 2.22 -43.37 -62.29
N ALA B 118 2.02 -43.32 -63.59
CA ALA B 118 1.30 -44.34 -64.31
C ALA B 118 2.21 -45.15 -65.24
N ALA B 119 1.85 -46.41 -65.48
CA ALA B 119 2.57 -47.26 -66.43
C ALA B 119 2.74 -46.62 -67.80
N GLY B 120 1.70 -45.89 -68.24
CA GLY B 120 1.66 -45.22 -69.53
C GLY B 120 2.73 -44.14 -69.65
N ASP B 121 2.96 -43.43 -68.54
CA ASP B 121 3.94 -42.37 -68.48
C ASP B 121 5.29 -42.85 -69.01
N TYR B 122 5.65 -44.08 -68.66
CA TYR B 122 6.93 -44.64 -69.00
C TYR B 122 6.97 -45.24 -70.38
N ASP B 123 5.85 -45.78 -70.84
CA ASP B 123 5.66 -46.27 -72.19
C ASP B 123 5.74 -45.15 -73.23
N ALA B 124 5.33 -43.95 -72.80
CA ALA B 124 5.30 -42.78 -73.69
C ALA B 124 6.67 -42.28 -74.04
N TRP B 125 7.72 -42.81 -73.40
CA TRP B 125 9.12 -42.43 -73.68
C TRP B 125 9.62 -43.03 -75.00
N GLY B 126 10.79 -42.57 -75.43
CA GLY B 126 11.59 -43.28 -76.46
C GLY B 126 12.17 -44.56 -75.84
N VAL B 127 11.34 -45.59 -75.87
CA VAL B 127 11.63 -46.83 -75.13
C VAL B 127 12.48 -47.79 -75.97
N GLU B 128 13.79 -47.80 -75.72
CA GLU B 128 14.65 -48.79 -76.37
C GLU B 128 15.01 -49.88 -75.36
N GLY B 129 14.80 -49.58 -74.09
CA GLY B 129 15.02 -50.52 -72.99
C GLY B 129 14.32 -50.08 -71.72
N TRP B 130 13.49 -49.05 -71.84
CA TRP B 130 12.91 -48.33 -70.71
C TRP B 130 11.39 -48.25 -70.80
N SER B 131 10.74 -49.39 -71.00
CA SER B 131 9.27 -49.45 -71.01
C SER B 131 8.78 -49.63 -69.58
N SER B 132 7.47 -49.50 -69.38
CA SER B 132 6.86 -49.68 -68.06
C SER B 132 7.18 -51.05 -67.50
N GLU B 133 7.24 -52.05 -68.38
CA GLU B 133 7.58 -53.44 -68.03
C GLU B 133 8.99 -53.52 -67.46
N ASP B 134 9.93 -52.85 -68.13
CA ASP B 134 11.34 -52.84 -67.72
C ASP B 134 11.62 -52.18 -66.36
N VAL B 135 10.91 -51.08 -66.07
CA VAL B 135 11.22 -50.18 -64.95
C VAL B 135 10.50 -50.54 -63.66
N LEU B 136 9.46 -51.36 -63.76
CA LEU B 136 8.65 -51.69 -62.60
C LEU B 136 9.49 -52.40 -61.54
N SER B 137 10.28 -53.36 -61.99
CA SER B 137 11.06 -54.18 -61.12
C SER B 137 11.95 -53.31 -60.25
N TRP B 138 12.59 -52.30 -60.86
CA TRP B 138 13.53 -51.46 -60.17
C TRP B 138 12.87 -50.57 -59.14
N PHE B 139 11.64 -50.14 -59.40
CA PHE B 139 10.82 -49.44 -58.41
C PHE B 139 10.73 -50.27 -57.15
N VAL B 140 10.42 -51.54 -57.32
CA VAL B 140 10.27 -52.49 -56.23
C VAL B 140 11.59 -52.69 -55.46
N GLN B 141 12.71 -52.94 -56.14
CA GLN B 141 14.02 -52.92 -55.48
C GLN B 141 14.19 -51.57 -54.75
N ALA B 142 14.18 -51.60 -53.43
CA ALA B 142 14.04 -50.45 -52.50
C ALA B 142 12.74 -50.58 -51.72
N GLU B 143 11.71 -49.86 -52.16
CA GLU B 143 10.39 -49.85 -51.52
C GLU B 143 10.42 -49.90 -49.98
N THR B 144 10.20 -51.07 -49.41
CA THR B 144 10.00 -51.25 -47.95
C THR B 144 8.87 -50.38 -47.36
N ASN B 145 7.63 -50.94 -47.29
CA ASN B 145 6.42 -50.20 -46.89
C ASN B 145 5.80 -50.64 -45.54
N ALA B 146 4.89 -49.83 -45.02
CA ALA B 146 3.78 -50.33 -44.19
C ALA B 146 2.46 -50.15 -44.99
N ASP B 147 2.39 -50.95 -46.07
CA ASP B 147 1.31 -51.10 -47.07
C ASP B 147 1.80 -52.33 -47.84
N PHE B 148 1.36 -53.48 -47.37
CA PHE B 148 1.71 -54.80 -47.92
C PHE B 148 3.18 -55.07 -48.18
N GLY B 149 3.49 -56.28 -48.65
CA GLY B 149 4.86 -56.76 -48.67
C GLY B 149 5.11 -57.72 -49.79
N PRO B 150 4.08 -58.50 -50.19
CA PRO B 150 4.27 -59.18 -51.46
C PRO B 150 4.25 -58.13 -52.56
N GLY B 151 3.08 -57.60 -52.88
CA GLY B 151 2.88 -56.63 -53.94
C GLY B 151 3.40 -57.05 -55.31
N ALA B 152 3.12 -56.22 -56.30
CA ALA B 152 3.57 -56.53 -57.64
C ALA B 152 4.53 -55.56 -58.38
N TYR B 153 4.57 -54.23 -58.19
CA TYR B 153 3.78 -53.25 -57.35
C TYR B 153 3.99 -53.31 -55.84
N HIS B 154 5.07 -52.71 -55.34
CA HIS B 154 5.43 -52.73 -53.88
C HIS B 154 6.33 -53.90 -53.50
N GLY B 155 7.55 -53.61 -53.08
CA GLY B 155 8.41 -54.61 -52.46
C GLY B 155 8.73 -54.33 -51.00
N SER B 156 9.66 -55.09 -50.44
CA SER B 156 10.24 -54.81 -49.12
C SER B 156 11.62 -55.45 -49.08
N GLY B 157 12.53 -54.79 -48.37
CA GLY B 157 13.91 -55.29 -48.31
C GLY B 157 14.92 -54.22 -48.66
N GLY B 158 14.65 -53.44 -49.71
CA GLY B 158 15.55 -52.37 -50.12
C GLY B 158 15.47 -51.16 -49.19
N PRO B 159 16.41 -50.20 -49.37
CA PRO B 159 16.69 -49.20 -48.34
C PRO B 159 15.75 -48.00 -48.25
N MET B 160 14.94 -47.79 -49.28
CA MET B 160 13.96 -46.69 -49.26
C MET B 160 12.95 -46.95 -48.14
N ARG B 161 12.33 -45.91 -47.60
CA ARG B 161 11.33 -46.11 -46.52
C ARG B 161 10.05 -45.30 -46.78
N VAL B 162 9.02 -46.02 -47.18
CA VAL B 162 7.69 -45.49 -47.53
C VAL B 162 6.69 -45.93 -46.48
N GLU B 163 5.76 -45.05 -46.15
CA GLU B 163 4.68 -45.31 -45.20
C GLU B 163 3.54 -44.32 -45.41
N ASN B 164 2.33 -44.72 -45.03
CA ASN B 164 1.20 -43.79 -44.89
C ASN B 164 1.59 -42.74 -43.83
N PRO B 165 1.15 -41.47 -44.01
CA PRO B 165 1.61 -40.39 -43.12
C PRO B 165 1.11 -40.53 -41.68
N ARG B 166 2.04 -40.44 -40.73
CA ARG B 166 1.78 -40.73 -39.33
C ARG B 166 0.84 -39.69 -38.68
N TYR B 167 0.80 -38.47 -39.22
CA TYR B 167 -0.24 -37.48 -38.86
C TYR B 167 -1.43 -37.68 -39.75
N THR B 168 -2.61 -37.62 -39.14
CA THR B 168 -3.87 -37.67 -39.87
C THR B 168 -4.88 -36.86 -39.09
N ASN B 169 -4.65 -36.82 -37.78
CA ASN B 169 -5.68 -36.62 -36.73
C ASN B 169 -6.72 -35.50 -36.97
N LYS B 170 -7.40 -35.62 -38.13
CA LYS B 170 -8.34 -34.63 -38.63
C LYS B 170 -9.74 -35.18 -38.91
N GLN B 171 -10.69 -34.24 -38.89
CA GLN B 171 -11.96 -34.37 -39.51
C GLN B 171 -12.03 -33.58 -40.80
N LEU B 172 -11.00 -32.81 -41.17
CA LEU B 172 -10.90 -32.15 -42.48
C LEU B 172 -10.39 -33.13 -43.50
N HIS B 173 -9.63 -34.17 -43.11
CA HIS B 173 -9.20 -35.20 -44.07
C HIS B 173 -10.40 -36.05 -44.52
N THR B 174 -11.20 -36.48 -43.56
CA THR B 174 -12.43 -37.19 -43.88
C THR B 174 -13.37 -36.32 -44.73
N ALA B 175 -13.47 -35.05 -44.31
CA ALA B 175 -14.30 -34.07 -45.00
C ALA B 175 -13.90 -33.96 -46.45
N PHE B 176 -12.62 -34.07 -46.74
CA PHE B 176 -12.16 -33.93 -48.12
C PHE B 176 -12.60 -35.14 -48.98
N PHE B 177 -12.38 -36.33 -48.42
CA PHE B 177 -12.75 -37.53 -49.11
C PHE B 177 -14.26 -37.63 -49.33
N LYS B 178 -15.06 -37.24 -48.35
CA LYS B 178 -16.47 -37.19 -48.57
C LYS B 178 -16.83 -36.16 -49.66
N ALA B 179 -16.21 -35.00 -49.58
CA ALA B 179 -16.45 -33.98 -50.56
C ALA B 179 -16.07 -34.48 -51.95
N ALA B 180 -15.01 -35.26 -52.08
CA ALA B 180 -14.61 -35.79 -53.37
C ALA B 180 -15.56 -36.89 -53.86
N GLU B 181 -16.02 -37.71 -52.93
CA GLU B 181 -17.02 -38.73 -53.19
C GLU B 181 -18.27 -38.16 -53.80
N GLU B 182 -18.76 -37.05 -53.26
CA GLU B 182 -19.86 -36.27 -53.89
C GLU B 182 -19.32 -35.70 -55.21
N VAL B 183 -19.64 -34.44 -55.51
CA VAL B 183 -18.92 -33.63 -56.53
C VAL B 183 -18.63 -34.32 -57.90
N GLY B 184 -19.38 -35.37 -58.19
CA GLY B 184 -19.12 -36.16 -59.38
C GLY B 184 -18.25 -37.36 -59.08
N LEU B 185 -18.56 -38.44 -59.78
CA LEU B 185 -17.88 -39.73 -59.72
C LEU B 185 -16.33 -39.57 -59.69
N THR B 186 -15.79 -39.38 -58.48
CA THR B 186 -14.37 -39.60 -58.23
C THR B 186 -14.29 -40.83 -57.31
N PRO B 187 -13.74 -41.97 -57.82
CA PRO B 187 -13.62 -43.17 -56.99
C PRO B 187 -12.35 -43.14 -56.14
N ASN B 188 -12.27 -43.98 -55.11
CA ASN B 188 -11.03 -44.05 -54.34
C ASN B 188 -9.92 -44.74 -55.16
N SER B 189 -8.66 -44.34 -54.94
CA SER B 189 -7.47 -45.03 -55.46
C SER B 189 -6.47 -45.28 -54.34
N ASP B 190 -5.50 -46.18 -54.58
CA ASP B 190 -4.32 -46.44 -53.70
C ASP B 190 -3.06 -46.55 -54.58
N PHE B 191 -2.60 -45.36 -55.03
CA PHE B 191 -1.65 -45.09 -56.14
C PHE B 191 -0.43 -45.99 -56.23
N ASN B 192 0.41 -45.70 -57.24
CA ASN B 192 1.58 -46.54 -57.57
C ASN B 192 1.22 -47.97 -58.01
N ASP B 193 0.00 -48.42 -57.71
CA ASP B 193 -0.52 -49.68 -58.18
C ASP B 193 -1.04 -49.50 -59.60
N TRP B 194 -0.26 -49.96 -60.58
CA TRP B 194 -0.59 -49.78 -62.00
C TRP B 194 -1.74 -50.67 -62.49
N SER B 195 -2.25 -51.57 -61.64
CA SER B 195 -3.54 -52.23 -61.89
C SER B 195 -4.66 -51.21 -61.83
N HIS B 196 -4.54 -50.24 -60.91
CA HIS B 196 -5.52 -49.17 -60.73
C HIS B 196 -5.40 -48.17 -61.85
N ASP B 197 -6.39 -47.29 -61.97
CA ASP B 197 -6.45 -46.32 -63.05
C ASP B 197 -5.35 -45.26 -62.91
N HIS B 198 -5.20 -44.71 -61.72
CA HIS B 198 -4.35 -43.54 -61.39
C HIS B 198 -5.22 -42.36 -61.01
N ALA B 199 -6.31 -42.15 -61.76
CA ALA B 199 -7.25 -41.08 -61.41
C ALA B 199 -8.00 -41.46 -60.15
N GLY B 200 -8.25 -40.48 -59.29
CA GLY B 200 -9.03 -40.70 -58.08
C GLY B 200 -8.50 -40.06 -56.80
N TYR B 201 -9.40 -39.90 -55.81
CA TYR B 201 -9.04 -39.36 -54.50
C TYR B 201 -8.39 -40.40 -53.60
N GLY B 202 -7.59 -39.93 -52.65
CA GLY B 202 -6.92 -40.81 -51.70
C GLY B 202 -5.83 -40.14 -50.90
N THR B 203 -5.03 -40.96 -50.23
CA THR B 203 -3.85 -40.52 -49.46
C THR B 203 -2.58 -40.78 -50.26
N PHE B 204 -1.65 -39.84 -50.23
CA PHE B 204 -0.32 -40.10 -50.80
C PHE B 204 0.59 -40.69 -49.74
N GLN B 205 1.36 -41.70 -50.12
CA GLN B 205 2.31 -42.29 -49.20
C GLN B 205 3.57 -41.43 -49.10
N VAL B 206 4.16 -41.43 -47.93
CA VAL B 206 5.17 -40.42 -47.64
C VAL B 206 6.56 -41.07 -47.53
N MET B 207 7.59 -40.35 -47.98
CA MET B 207 8.97 -40.89 -47.89
C MET B 207 9.56 -40.59 -46.51
N GLN B 208 8.94 -41.21 -45.50
CA GLN B 208 9.30 -41.00 -44.11
C GLN B 208 9.47 -42.34 -43.40
N ASP B 209 10.25 -42.34 -42.32
CA ASP B 209 10.44 -43.49 -41.45
C ASP B 209 9.85 -43.11 -40.11
N LYS B 210 8.71 -43.70 -39.79
CA LYS B 210 7.95 -43.40 -38.57
C LYS B 210 7.97 -41.92 -38.21
N GLY B 211 7.61 -41.09 -39.19
CA GLY B 211 7.54 -39.63 -38.99
C GLY B 211 8.82 -38.83 -39.20
N THR B 212 9.97 -39.48 -39.25
CA THR B 212 11.23 -38.80 -39.57
C THR B 212 11.48 -38.87 -41.08
N ARG B 213 12.02 -37.80 -41.66
CA ARG B 213 12.32 -37.76 -43.08
C ARG B 213 13.30 -38.87 -43.44
N ALA B 214 12.90 -39.66 -44.42
CA ALA B 214 13.73 -40.74 -44.95
C ALA B 214 14.35 -40.30 -46.29
N ASP B 215 15.14 -39.24 -46.24
CA ASP B 215 15.86 -38.78 -47.44
C ASP B 215 16.92 -39.80 -47.90
N MET B 216 17.48 -39.57 -49.09
CA MET B 216 18.42 -40.51 -49.69
C MET B 216 19.80 -40.53 -49.05
N TYR B 217 20.16 -39.46 -48.32
CA TYR B 217 21.34 -39.48 -47.46
C TYR B 217 21.11 -40.51 -46.35
N ARG B 218 20.05 -40.31 -45.58
CA ARG B 218 19.70 -41.20 -44.47
C ARG B 218 19.59 -42.68 -44.88
N GLN B 219 19.03 -42.94 -46.05
CA GLN B 219 18.67 -44.30 -46.46
C GLN B 219 19.72 -45.04 -47.28
N TYR B 220 20.57 -44.31 -48.00
CA TYR B 220 21.54 -44.89 -48.93
C TYR B 220 23.00 -44.61 -48.59
N LEU B 221 23.30 -43.36 -48.27
CA LEU B 221 24.67 -42.92 -48.07
C LEU B 221 25.15 -43.00 -46.62
N LYS B 222 24.39 -42.46 -45.67
CA LYS B 222 24.78 -42.46 -44.24
C LYS B 222 25.27 -43.84 -43.75
N PRO B 223 24.50 -44.94 -43.96
CA PRO B 223 25.06 -46.20 -43.45
C PRO B 223 26.35 -46.65 -44.15
N VAL B 224 26.50 -46.29 -45.41
CA VAL B 224 27.58 -46.79 -46.27
C VAL B 224 28.83 -45.90 -46.20
N LEU B 225 28.66 -44.71 -45.62
CA LEU B 225 29.75 -43.78 -45.28
C LEU B 225 30.75 -44.47 -44.36
N GLY B 226 32.02 -44.11 -44.49
CA GLY B 226 33.07 -44.81 -43.73
C GLY B 226 33.34 -46.21 -44.27
N ARG B 227 33.33 -46.33 -45.58
CA ARG B 227 33.90 -47.44 -46.31
C ARG B 227 35.18 -46.87 -46.91
N ARG B 228 36.29 -47.58 -46.71
CA ARG B 228 37.58 -47.18 -47.29
C ARG B 228 37.45 -46.92 -48.80
N ASN B 229 36.43 -47.51 -49.41
CA ASN B 229 36.10 -47.36 -50.81
C ASN B 229 35.62 -45.96 -51.21
N LEU B 230 35.00 -45.25 -50.27
CA LEU B 230 34.12 -44.14 -50.58
C LEU B 230 34.50 -42.81 -49.93
N GLN B 231 34.90 -41.87 -50.80
CA GLN B 231 35.26 -40.52 -50.40
C GLN B 231 34.13 -39.55 -50.74
N VAL B 232 33.53 -39.01 -49.68
CA VAL B 232 32.45 -38.05 -49.82
C VAL B 232 32.97 -36.64 -49.48
N LEU B 233 33.08 -35.80 -50.51
CA LEU B 233 33.53 -34.45 -50.34
C LEU B 233 32.37 -33.48 -50.27
N THR B 234 32.25 -32.85 -49.11
CA THR B 234 31.18 -31.91 -48.82
C THR B 234 31.73 -30.49 -48.88
N GLY B 235 30.96 -29.59 -49.48
CA GLY B 235 31.42 -28.22 -49.70
C GLY B 235 32.33 -28.10 -50.92
N ALA B 236 32.17 -29.02 -51.86
CA ALA B 236 32.98 -29.05 -53.08
C ALA B 236 32.12 -28.73 -54.29
N ALA B 237 32.37 -27.56 -54.88
CA ALA B 237 31.56 -27.03 -55.99
C ALA B 237 32.24 -27.33 -57.32
N VAL B 238 31.63 -28.19 -58.12
CA VAL B 238 32.17 -28.62 -59.42
C VAL B 238 32.07 -27.48 -60.45
N THR B 239 33.16 -27.32 -61.21
CA THR B 239 33.24 -26.29 -62.25
C THR B 239 33.04 -26.84 -63.67
N LYS B 240 33.65 -27.98 -63.98
CA LYS B 240 33.53 -28.64 -65.29
C LYS B 240 34.04 -30.08 -65.24
N VAL B 241 33.61 -30.86 -66.24
CA VAL B 241 34.20 -32.15 -66.55
C VAL B 241 35.41 -31.85 -67.46
N ASN B 242 36.57 -32.45 -67.12
CA ASN B 242 37.78 -32.36 -67.94
C ASN B 242 37.70 -33.41 -69.06
N ILE B 243 37.82 -32.96 -70.32
CA ILE B 243 37.61 -33.83 -71.53
C ILE B 243 38.87 -33.95 -72.46
N ASP B 244 38.90 -35.04 -73.25
CA ASP B 244 40.07 -35.64 -73.97
C ASP B 244 41.52 -35.24 -73.63
N GLY B 248 40.82 -36.77 -81.65
CA GLY B 248 39.46 -36.92 -82.15
C GLY B 248 38.44 -37.49 -81.17
N LYS B 249 38.82 -38.46 -80.35
CA LYS B 249 37.87 -39.21 -79.51
C LYS B 249 37.77 -38.61 -78.10
N ALA B 250 36.79 -37.71 -77.90
CA ALA B 250 36.53 -37.04 -76.61
C ALA B 250 36.36 -37.99 -75.40
N GLN B 251 37.22 -37.80 -74.40
CA GLN B 251 37.34 -38.71 -73.26
C GLN B 251 37.34 -37.92 -71.93
N ALA B 252 36.40 -38.26 -71.05
CA ALA B 252 36.36 -37.65 -69.72
C ALA B 252 37.57 -38.12 -68.92
N LEU B 253 38.24 -37.19 -68.27
CA LEU B 253 39.48 -37.43 -67.50
C LEU B 253 39.24 -37.27 -66.01
N GLY B 254 38.23 -36.48 -65.69
CA GLY B 254 37.87 -36.17 -64.32
C GLY B 254 37.10 -34.88 -64.22
N VAL B 255 37.20 -34.22 -63.07
CA VAL B 255 36.33 -33.10 -62.75
C VAL B 255 37.13 -31.99 -62.07
N GLU B 256 36.96 -30.77 -62.58
CA GLU B 256 37.44 -29.57 -61.93
C GLU B 256 36.46 -29.14 -60.84
N PHE B 257 37.01 -28.88 -59.65
CA PHE B 257 36.20 -28.34 -58.57
C PHE B 257 36.95 -27.32 -57.69
N SER B 258 36.22 -26.77 -56.73
CA SER B 258 36.74 -25.76 -55.82
C SER B 258 36.07 -25.88 -54.44
N THR B 259 36.83 -26.22 -53.41
CA THR B 259 36.46 -25.90 -52.04
C THR B 259 36.67 -24.39 -51.86
N ASP B 260 35.88 -23.73 -51.00
CA ASP B 260 35.93 -22.27 -50.80
C ASP B 260 35.73 -21.39 -52.06
N GLY B 261 34.97 -21.93 -53.01
CA GLY B 261 34.35 -21.19 -54.11
C GLY B 261 35.23 -20.36 -55.03
N PRO B 262 34.75 -19.17 -55.45
CA PRO B 262 35.36 -18.30 -56.48
C PRO B 262 36.83 -17.93 -56.24
N THR B 263 37.24 -17.82 -54.98
CA THR B 263 38.66 -17.75 -54.63
C THR B 263 39.19 -19.16 -54.76
N GLY B 264 39.22 -19.60 -56.01
CA GLY B 264 39.24 -21.01 -56.42
C GLY B 264 40.28 -21.91 -55.80
N GLU B 265 41.43 -22.01 -56.46
CA GLU B 265 42.36 -23.12 -56.28
C GLU B 265 41.59 -24.27 -56.89
N ARG B 266 41.76 -24.40 -58.21
CA ARG B 266 40.95 -25.30 -59.06
C ARG B 266 41.56 -26.70 -59.10
N LEU B 267 41.00 -27.57 -58.26
CA LEU B 267 41.46 -28.93 -58.14
C LEU B 267 40.93 -29.82 -59.23
N SER B 268 41.66 -30.89 -59.55
CA SER B 268 41.19 -31.90 -60.52
C SER B 268 41.17 -33.31 -59.95
N ALA B 269 39.98 -33.90 -59.89
CA ALA B 269 39.83 -35.29 -59.50
C ALA B 269 40.18 -36.14 -60.71
N GLU B 270 41.00 -37.17 -60.49
CA GLU B 270 41.51 -37.99 -61.58
C GLU B 270 40.89 -39.38 -61.70
N LEU B 271 40.59 -39.74 -62.94
CA LEU B 271 39.99 -41.04 -63.25
C LEU B 271 41.01 -42.13 -63.47
N ALA B 272 40.84 -43.24 -62.78
CA ALA B 272 41.61 -44.46 -63.00
C ALA B 272 41.36 -45.00 -64.42
N PRO B 273 42.30 -45.82 -64.97
CA PRO B 273 42.10 -46.52 -66.25
C PRO B 273 40.72 -47.09 -66.57
N GLY B 274 39.84 -47.25 -65.57
CA GLY B 274 38.46 -47.72 -65.81
C GLY B 274 37.60 -46.73 -66.58
N GLY B 275 36.43 -46.42 -66.04
CA GLY B 275 35.70 -45.20 -66.45
C GLY B 275 36.03 -44.18 -65.38
N GLU B 276 35.14 -43.29 -64.95
CA GLU B 276 33.90 -42.84 -65.62
C GLU B 276 33.31 -41.74 -64.71
N VAL B 277 33.09 -40.56 -65.29
CA VAL B 277 32.44 -39.44 -64.58
C VAL B 277 30.92 -39.50 -64.83
N ILE B 278 30.13 -39.57 -63.76
CA ILE B 278 28.66 -39.60 -63.88
C ILE B 278 27.93 -38.45 -63.17
N MET B 279 27.18 -37.70 -63.96
CA MET B 279 26.55 -36.44 -63.53
C MET B 279 25.32 -36.70 -62.65
N CYS B 280 25.22 -35.98 -61.53
CA CYS B 280 24.09 -36.09 -60.61
C CYS B 280 23.70 -34.76 -60.00
N ALA B 281 23.92 -33.69 -60.75
CA ALA B 281 23.72 -32.33 -60.24
C ALA B 281 22.28 -31.83 -60.40
N GLY B 282 21.39 -32.70 -60.87
CA GLY B 282 20.00 -32.33 -61.03
C GLY B 282 19.65 -31.78 -62.40
N ALA B 283 18.35 -31.74 -62.68
CA ALA B 283 17.83 -31.20 -63.94
C ALA B 283 18.11 -29.71 -64.12
N VAL B 284 18.53 -29.04 -63.05
CA VAL B 284 18.92 -27.64 -63.16
C VAL B 284 20.42 -27.52 -63.43
N HIS B 285 21.24 -28.17 -62.60
CA HIS B 285 22.65 -27.89 -62.58
C HIS B 285 23.42 -28.85 -63.46
N THR B 286 22.95 -30.07 -63.69
CA THR B 286 23.60 -30.97 -64.63
C THR B 286 23.73 -30.39 -66.06
N PRO B 287 22.63 -29.85 -66.66
CA PRO B 287 22.86 -29.29 -67.98
C PRO B 287 23.76 -28.07 -67.92
N PHE B 288 23.71 -27.29 -66.83
CA PHE B 288 24.54 -26.13 -66.68
C PHE B 288 26.04 -26.49 -66.68
N LEU B 289 26.38 -27.45 -65.84
CA LEU B 289 27.73 -27.91 -65.75
C LEU B 289 28.20 -28.51 -67.07
N LEU B 290 27.28 -29.29 -67.72
CA LEU B 290 27.72 -29.87 -68.99
C LEU B 290 28.00 -28.80 -70.01
N LYS B 291 27.21 -27.74 -70.04
CA LYS B 291 27.46 -26.69 -70.99
C LYS B 291 28.83 -26.03 -70.77
N HIS B 292 29.22 -25.85 -69.50
CA HIS B 292 30.52 -25.34 -69.16
C HIS B 292 31.62 -26.32 -69.45
N SER B 293 31.32 -27.64 -69.53
CA SER B 293 32.29 -28.67 -69.84
C SER B 293 32.50 -28.78 -71.33
N GLY B 294 31.65 -28.08 -72.07
CA GLY B 294 31.75 -27.95 -73.51
C GLY B 294 30.76 -28.79 -74.26
N VAL B 295 29.86 -29.44 -73.53
CA VAL B 295 28.84 -30.36 -74.06
C VAL B 295 27.50 -29.62 -74.05
N GLY B 296 27.06 -29.19 -75.22
CA GLY B 296 25.81 -28.45 -75.35
C GLY B 296 25.59 -27.79 -76.70
N PRO B 297 24.49 -27.02 -76.83
CA PRO B 297 24.22 -26.25 -78.05
C PRO B 297 25.38 -25.32 -78.41
N SER B 298 25.98 -25.54 -79.57
CA SER B 298 26.95 -24.60 -80.13
C SER B 298 26.21 -23.29 -80.44
N ALA B 299 26.92 -22.17 -80.32
CA ALA B 299 26.37 -20.79 -80.39
C ALA B 299 25.99 -20.30 -79.00
N GLU B 300 25.30 -21.15 -78.24
CA GLU B 300 25.08 -20.94 -76.83
C GLU B 300 26.42 -20.99 -76.10
N LEU B 301 27.23 -22.00 -76.45
CA LEU B 301 28.56 -22.18 -75.89
C LEU B 301 29.54 -21.18 -76.49
N LYS B 302 29.39 -20.90 -77.79
CA LYS B 302 30.19 -19.87 -78.46
C LYS B 302 29.98 -18.47 -77.86
N GLU B 303 28.75 -18.18 -77.40
CA GLU B 303 28.38 -16.89 -76.83
C GLU B 303 29.25 -16.46 -75.65
N PHE B 304 29.80 -17.43 -74.94
CA PHE B 304 30.64 -17.14 -73.77
C PHE B 304 32.00 -17.79 -73.95
N GLY B 305 32.34 -18.06 -75.21
CA GLY B 305 33.67 -18.52 -75.61
C GLY B 305 34.17 -19.73 -74.88
N ILE B 306 33.44 -20.83 -75.02
CA ILE B 306 33.95 -22.11 -74.53
C ILE B 306 34.03 -23.14 -75.62
N PRO B 307 35.18 -23.85 -75.69
CA PRO B 307 35.38 -24.91 -76.68
C PRO B 307 34.20 -25.87 -76.71
N VAL B 308 33.65 -26.09 -77.91
CA VAL B 308 32.60 -27.07 -78.15
C VAL B 308 33.17 -28.50 -78.25
N VAL B 309 32.79 -29.36 -77.32
CA VAL B 309 32.91 -30.83 -77.51
C VAL B 309 31.51 -31.44 -77.65
N SER B 310 31.39 -32.51 -78.41
CA SER B 310 30.07 -33.08 -78.79
C SER B 310 29.21 -32.15 -79.69
N ASN B 311 28.74 -31.03 -79.13
CA ASN B 311 27.62 -30.24 -79.70
C ASN B 311 26.31 -31.04 -79.71
N LEU B 312 25.52 -30.88 -78.65
CA LEU B 312 24.24 -31.55 -78.48
C LEU B 312 23.19 -30.50 -78.14
N ALA B 313 22.30 -30.20 -79.07
CA ALA B 313 21.33 -29.12 -78.88
C ALA B 313 20.33 -29.40 -77.75
N GLY B 314 20.21 -30.66 -77.38
CA GLY B 314 19.27 -31.10 -76.35
C GLY B 314 19.54 -30.61 -74.94
N VAL B 315 20.81 -30.39 -74.60
CA VAL B 315 21.18 -30.05 -73.20
C VAL B 315 20.62 -28.68 -72.81
N GLY B 316 19.99 -28.64 -71.63
CA GLY B 316 19.28 -27.46 -71.16
C GLY B 316 17.86 -27.33 -71.70
N GLN B 317 17.58 -28.04 -72.80
CA GLN B 317 16.26 -28.05 -73.42
C GLN B 317 15.37 -29.13 -72.85
N ASN B 318 14.06 -28.98 -73.06
CA ASN B 318 13.05 -29.91 -72.57
C ASN B 318 12.94 -29.93 -71.04
N LEU B 319 12.85 -28.74 -70.44
CA LEU B 319 12.68 -28.60 -69.00
C LEU B 319 11.21 -28.73 -68.66
N GLN B 320 10.87 -29.76 -67.89
CA GLN B 320 9.50 -30.01 -67.50
C GLN B 320 9.29 -29.84 -65.99
N ASP B 321 8.38 -28.93 -65.59
CA ASP B 321 8.20 -28.62 -64.17
C ASP B 321 6.85 -28.92 -63.50
N GLN B 322 5.76 -29.03 -64.26
CA GLN B 322 4.42 -29.18 -63.63
C GLN B 322 4.05 -28.04 -62.59
N PRO B 323 3.45 -26.93 -63.10
CA PRO B 323 3.18 -25.74 -62.31
C PRO B 323 1.98 -25.88 -61.40
N ALA B 324 1.84 -24.94 -60.48
CA ALA B 324 0.82 -25.03 -59.42
C ALA B 324 0.09 -23.73 -59.18
N CYS B 325 -1.17 -23.87 -58.73
CA CYS B 325 -1.94 -22.74 -58.22
C CYS B 325 -2.77 -23.17 -57.02
N LEU B 326 -3.64 -22.26 -56.56
CA LEU B 326 -4.18 -22.38 -55.23
C LEU B 326 -5.61 -21.88 -55.07
N THR B 327 -6.41 -22.68 -54.36
CA THR B 327 -7.62 -22.17 -53.71
C THR B 327 -7.46 -22.51 -52.23
N ALA B 328 -7.78 -21.54 -51.37
CA ALA B 328 -7.76 -21.75 -49.92
C ALA B 328 -9.02 -21.12 -49.33
N ALA B 329 -9.39 -21.50 -48.11
CA ALA B 329 -10.62 -21.02 -47.44
C ALA B 329 -10.57 -21.17 -45.92
N PRO B 330 -11.10 -20.18 -45.17
CA PRO B 330 -11.12 -20.34 -43.70
C PRO B 330 -12.32 -21.19 -43.28
N VAL B 331 -12.35 -21.62 -42.02
CA VAL B 331 -13.50 -22.37 -41.49
C VAL B 331 -14.45 -21.51 -40.63
N LYS B 332 -15.75 -21.76 -40.72
CA LYS B 332 -16.75 -21.00 -39.94
C LYS B 332 -16.65 -21.35 -38.46
N GLU B 333 -16.33 -20.37 -37.62
CA GLU B 333 -16.00 -20.52 -36.17
C GLU B 333 -15.76 -22.01 -35.72
N LYS B 334 -14.70 -22.63 -36.28
CA LYS B 334 -14.32 -24.02 -35.93
C LYS B 334 -12.80 -24.11 -35.63
N TYR B 335 -12.25 -23.01 -35.15
CA TYR B 335 -10.80 -22.85 -34.97
C TYR B 335 -10.15 -24.09 -34.39
N ASP B 336 -9.55 -24.90 -35.29
CA ASP B 336 -8.81 -26.10 -34.97
C ASP B 336 -8.29 -26.96 -36.14
N GLY B 337 -6.95 -26.86 -36.33
CA GLY B 337 -6.11 -27.61 -37.26
C GLY B 337 -5.95 -26.95 -38.62
N ILE B 338 -4.86 -27.25 -39.35
CA ILE B 338 -3.66 -27.97 -38.85
C ILE B 338 -2.70 -26.93 -38.26
N ALA B 339 -2.58 -25.78 -38.95
CA ALA B 339 -1.99 -24.57 -38.43
C ALA B 339 -2.14 -24.54 -36.91
N ILE B 340 -3.38 -24.81 -36.50
CA ILE B 340 -3.82 -24.79 -35.10
C ILE B 340 -3.35 -26.01 -34.31
N SER B 341 -3.31 -27.19 -34.94
CA SER B 341 -2.80 -28.43 -34.29
C SER B 341 -1.29 -28.38 -33.95
N ASP B 342 -0.65 -27.20 -34.13
CA ASP B 342 0.78 -26.96 -33.81
C ASP B 342 1.26 -25.48 -33.81
N HIS B 343 0.35 -24.54 -33.60
CA HIS B 343 0.71 -23.12 -33.37
C HIS B 343 -0.17 -22.44 -32.30
N ILE B 344 0.14 -21.18 -32.00
CA ILE B 344 -0.36 -20.33 -30.87
C ILE B 344 0.13 -20.78 -29.50
N GLY B 349 0.34 -17.05 -30.80
CA GLY B 349 1.04 -17.37 -32.07
C GLY B 349 2.50 -17.77 -31.83
N GLN B 350 2.71 -19.05 -31.54
CA GLN B 350 4.01 -19.63 -31.17
C GLN B 350 3.93 -21.16 -31.05
N ILE B 351 4.93 -21.85 -31.60
CA ILE B 351 5.05 -23.33 -31.60
C ILE B 351 4.59 -24.08 -30.32
N ARG B 352 3.71 -25.05 -30.50
CA ARG B 352 3.31 -26.03 -29.46
C ARG B 352 4.51 -26.97 -29.17
N LYS B 353 4.71 -27.60 -27.99
CA LYS B 353 3.76 -27.99 -26.92
C LYS B 353 2.90 -29.11 -27.46
N ARG B 354 2.81 -30.22 -26.73
CA ARG B 354 2.00 -31.39 -27.16
C ARG B 354 2.48 -32.01 -28.49
N ALA B 355 2.64 -31.19 -29.54
CA ALA B 355 3.11 -31.57 -30.85
C ALA B 355 4.59 -31.92 -30.83
N ILE B 356 5.38 -31.20 -30.02
CA ILE B 356 6.78 -31.55 -29.75
C ILE B 356 6.86 -32.86 -28.98
N ALA B 357 5.85 -33.16 -28.18
CA ALA B 357 5.80 -34.40 -27.39
C ALA B 357 5.22 -35.51 -28.25
N SER B 358 4.28 -35.20 -29.16
CA SER B 358 3.71 -36.19 -30.10
C SER B 358 4.78 -36.67 -31.11
N TYR B 359 5.38 -35.73 -31.85
CA TYR B 359 6.63 -36.01 -32.57
C TYR B 359 7.69 -36.31 -31.52
N LEU B 360 8.59 -37.24 -31.82
CA LEU B 360 9.67 -37.66 -30.91
C LEU B 360 9.07 -38.25 -29.66
N LEU B 361 9.51 -39.46 -29.32
CA LEU B 361 8.89 -40.25 -28.24
C LEU B 361 7.56 -40.88 -28.66
N GLY B 362 6.54 -40.05 -28.92
CA GLY B 362 5.16 -40.51 -29.04
C GLY B 362 4.79 -41.30 -30.27
N GLY B 363 5.79 -41.86 -30.95
CA GLY B 363 5.60 -42.60 -32.19
C GLY B 363 5.26 -41.66 -33.33
N ARG B 364 5.41 -40.36 -33.07
CA ARG B 364 5.23 -39.27 -34.04
C ARG B 364 3.76 -38.91 -34.30
N GLY B 365 3.40 -37.66 -34.00
CA GLY B 365 2.05 -37.12 -34.27
C GLY B 365 2.10 -36.02 -35.31
N GLY B 366 1.11 -35.12 -35.32
CA GLY B 366 1.13 -33.91 -36.18
C GLY B 366 2.41 -33.14 -36.01
N LEU B 367 2.93 -32.57 -37.10
CA LEU B 367 4.36 -32.09 -37.22
C LEU B 367 5.20 -33.20 -37.82
N THR B 368 4.62 -34.40 -37.91
CA THR B 368 5.11 -35.49 -38.76
C THR B 368 5.02 -35.04 -40.19
N SER B 369 3.90 -34.37 -40.50
CA SER B 369 3.75 -33.59 -41.71
C SER B 369 3.85 -34.44 -42.98
N THR B 370 4.15 -33.84 -44.14
CA THR B 370 4.17 -32.37 -44.41
C THR B 370 2.72 -31.83 -44.38
N GLY B 371 2.39 -30.82 -45.16
CA GLY B 371 0.99 -30.54 -45.48
C GLY B 371 0.77 -31.35 -46.72
N CYS B 372 -0.33 -31.13 -47.44
CA CYS B 372 -0.49 -31.68 -48.82
C CYS B 372 -0.20 -33.19 -48.99
N ASP B 373 -0.42 -33.95 -47.91
CA ASP B 373 -0.22 -35.39 -47.84
C ASP B 373 -1.21 -36.13 -48.71
N ARG B 374 -2.40 -35.53 -48.93
CA ARG B 374 -3.55 -36.25 -49.46
C ARG B 374 -4.20 -35.42 -50.54
N GLY B 375 -4.95 -36.09 -51.42
CA GLY B 375 -5.52 -35.40 -52.57
C GLY B 375 -6.04 -36.34 -53.64
N ALA B 376 -5.89 -35.90 -54.89
CA ALA B 376 -6.46 -36.62 -56.03
C ALA B 376 -5.69 -36.48 -57.34
N PHE B 377 -5.89 -37.47 -58.21
CA PHE B 377 -5.58 -37.34 -59.61
C PHE B 377 -6.88 -37.31 -60.37
N VAL B 378 -7.00 -36.31 -61.26
CA VAL B 378 -8.24 -35.99 -61.95
C VAL B 378 -7.97 -35.73 -63.43
N ARG B 379 -8.88 -36.27 -64.27
CA ARG B 379 -8.98 -35.91 -65.69
C ARG B 379 -9.93 -34.71 -65.93
N THR B 380 -9.37 -33.53 -66.24
CA THR B 380 -10.18 -32.31 -66.44
C THR B 380 -10.98 -32.27 -67.75
N ALA B 381 -10.53 -33.03 -68.75
CA ALA B 381 -11.23 -33.12 -70.04
C ALA B 381 -11.10 -34.51 -70.71
N GLY B 382 -11.25 -35.56 -69.90
CA GLY B 382 -11.13 -36.94 -70.38
C GLY B 382 -9.88 -37.27 -71.21
N GLN B 383 -8.76 -36.70 -70.81
CA GLN B 383 -7.43 -37.06 -71.32
C GLN B 383 -7.11 -38.56 -71.12
N ALA B 384 -6.10 -39.05 -71.83
CA ALA B 384 -5.58 -40.41 -71.69
C ALA B 384 -5.16 -40.72 -70.24
N LEU B 385 -4.61 -39.71 -69.58
CA LEU B 385 -4.12 -39.81 -68.22
C LEU B 385 -4.43 -38.51 -67.47
N PRO B 386 -4.66 -38.61 -66.13
CA PRO B 386 -4.98 -37.45 -65.33
C PRO B 386 -3.97 -36.31 -65.56
N ASP B 387 -4.50 -35.16 -65.99
CA ASP B 387 -3.71 -33.97 -66.22
C ASP B 387 -3.63 -33.10 -64.97
N LEU B 388 -4.49 -33.38 -63.99
CA LEU B 388 -4.61 -32.56 -62.78
C LEU B 388 -4.26 -33.31 -61.50
N GLN B 389 -3.38 -32.71 -60.70
CA GLN B 389 -3.15 -33.20 -59.35
C GLN B 389 -3.71 -32.21 -58.36
N VAL B 390 -4.45 -32.74 -57.39
CA VAL B 390 -4.97 -31.92 -56.31
C VAL B 390 -4.24 -32.32 -55.03
N ARG B 391 -3.68 -31.31 -54.36
CA ARG B 391 -3.02 -31.50 -53.08
C ARG B 391 -3.83 -30.79 -51.99
N PHE B 392 -4.39 -31.58 -51.07
CA PHE B 392 -5.25 -31.03 -50.05
C PHE B 392 -4.49 -30.83 -48.75
N VAL B 393 -4.46 -29.57 -48.29
CA VAL B 393 -3.80 -29.22 -47.03
C VAL B 393 -4.88 -28.87 -45.99
N PRO B 394 -4.81 -29.48 -44.80
CA PRO B 394 -5.77 -29.07 -43.78
C PRO B 394 -5.40 -27.75 -43.04
N GLY B 395 -4.76 -26.83 -43.76
CA GLY B 395 -4.36 -25.52 -43.25
C GLY B 395 -4.70 -24.46 -44.29
N MET B 396 -4.92 -23.22 -43.86
CA MET B 396 -5.30 -22.16 -44.81
C MET B 396 -4.10 -21.35 -45.32
N ALA B 397 -3.93 -21.34 -46.64
CA ALA B 397 -2.87 -20.58 -47.27
C ALA B 397 -3.14 -19.09 -47.17
N LEU B 398 -2.10 -18.31 -46.88
CA LEU B 398 -2.22 -16.85 -46.72
C LEU B 398 -1.66 -16.03 -47.90
N ASP B 399 -1.11 -16.74 -48.88
CA ASP B 399 -0.65 -16.20 -50.15
C ASP B 399 -1.09 -17.14 -51.28
N PRO B 400 -1.39 -16.60 -52.49
CA PRO B 400 -1.80 -17.49 -53.57
C PRO B 400 -0.63 -18.30 -54.20
N ASP B 401 0.59 -18.03 -53.75
CA ASP B 401 1.78 -18.83 -54.04
C ASP B 401 2.03 -19.76 -52.83
N GLY B 402 1.82 -21.07 -53.02
CA GLY B 402 1.85 -22.05 -51.92
C GLY B 402 3.20 -22.06 -51.22
N VAL B 403 4.25 -21.92 -52.02
CA VAL B 403 5.62 -21.97 -51.51
C VAL B 403 5.85 -20.78 -50.54
N SER B 404 5.48 -19.58 -50.99
CA SER B 404 5.69 -18.45 -50.14
C SER B 404 4.71 -18.32 -48.96
N THR B 405 3.66 -19.12 -48.99
CA THR B 405 2.83 -19.34 -47.78
C THR B 405 3.61 -20.17 -46.75
N TYR B 406 4.21 -21.28 -47.18
CA TYR B 406 5.07 -22.03 -46.33
C TYR B 406 6.21 -21.19 -45.75
N VAL B 407 6.76 -20.31 -46.58
CA VAL B 407 7.83 -19.45 -46.14
C VAL B 407 7.35 -18.53 -45.01
N ARG B 408 6.13 -17.96 -45.13
CA ARG B 408 5.61 -17.13 -44.10
C ARG B 408 5.17 -17.87 -42.82
N PHE B 409 4.82 -19.11 -43.00
CA PHE B 409 4.50 -20.01 -41.89
C PHE B 409 5.70 -20.25 -40.99
N ALA B 410 6.86 -20.43 -41.62
CA ALA B 410 8.12 -20.57 -40.88
C ALA B 410 8.45 -19.25 -40.18
N LYS B 411 8.27 -18.12 -40.88
CA LYS B 411 8.46 -16.78 -40.34
C LYS B 411 7.33 -16.35 -39.37
N PHE B 412 6.69 -17.32 -38.74
CA PHE B 412 5.52 -17.09 -37.88
C PHE B 412 5.85 -17.67 -36.51
N GLN B 413 6.45 -16.84 -35.65
CA GLN B 413 6.80 -17.24 -34.29
C GLN B 413 7.00 -16.00 -33.46
N SER B 414 6.53 -16.03 -32.21
CA SER B 414 6.59 -14.89 -31.29
C SER B 414 5.94 -13.57 -31.77
N GLN B 415 5.92 -13.34 -33.09
CA GLN B 415 5.15 -12.24 -33.65
C GLN B 415 3.69 -12.61 -33.80
N GLY B 416 3.42 -13.91 -33.90
CA GLY B 416 2.10 -14.45 -34.22
C GLY B 416 0.91 -13.85 -33.48
N LEU B 417 -0.12 -13.54 -34.25
CA LEU B 417 -1.46 -13.40 -33.70
C LEU B 417 -1.98 -14.84 -33.66
N LYS B 418 -2.55 -15.27 -34.78
CA LYS B 418 -3.12 -16.57 -34.97
C LYS B 418 -3.27 -16.77 -36.46
N TRP B 419 -2.82 -17.93 -36.95
CA TRP B 419 -3.05 -18.33 -38.33
C TRP B 419 -4.56 -18.64 -38.53
N PRO B 420 -5.25 -17.88 -39.39
CA PRO B 420 -6.71 -17.83 -39.56
C PRO B 420 -7.48 -19.16 -39.51
N SER B 421 -6.82 -20.28 -39.84
CA SER B 421 -7.41 -21.62 -39.68
C SER B 421 -8.44 -22.04 -40.74
N GLY B 422 -8.06 -22.98 -41.60
CA GLY B 422 -8.91 -23.42 -42.71
C GLY B 422 -8.32 -24.51 -43.58
N ILE B 423 -8.64 -24.48 -44.87
CA ILE B 423 -8.21 -25.50 -45.83
C ILE B 423 -7.61 -24.87 -47.09
N THR B 424 -6.78 -25.65 -47.76
CA THR B 424 -6.20 -25.27 -49.04
C THR B 424 -6.25 -26.47 -49.97
N MET B 425 -6.52 -26.17 -51.24
CA MET B 425 -6.40 -27.15 -52.30
C MET B 425 -5.46 -26.59 -53.36
N GLN B 426 -4.32 -27.28 -53.50
CA GLN B 426 -3.32 -26.91 -54.50
C GLN B 426 -3.57 -27.71 -55.77
N LEU B 427 -3.44 -27.03 -56.90
CA LEU B 427 -3.79 -27.60 -58.18
C LEU B 427 -2.56 -27.61 -59.06
N ILE B 428 -2.13 -28.82 -59.43
CA ILE B 428 -0.90 -29.03 -60.21
C ILE B 428 -1.28 -29.62 -61.56
N ALA B 429 -0.62 -29.16 -62.62
CA ALA B 429 -0.72 -29.82 -63.89
C ALA B 429 0.34 -30.93 -63.99
N CYS B 430 -0.07 -32.16 -63.65
CA CYS B 430 0.79 -33.37 -63.59
C CYS B 430 1.64 -33.58 -64.82
N ARG B 431 0.98 -33.61 -65.97
CA ARG B 431 1.61 -34.01 -67.20
C ARG B 431 1.51 -32.84 -68.15
N PRO B 432 2.29 -31.76 -67.86
CA PRO B 432 2.09 -30.52 -68.59
C PRO B 432 2.57 -30.64 -70.02
N GLN B 433 2.13 -29.71 -70.86
CA GLN B 433 2.53 -29.73 -72.27
C GLN B 433 3.64 -28.73 -72.55
N SER B 434 3.57 -27.59 -71.87
CA SER B 434 4.60 -26.55 -71.94
C SER B 434 5.95 -27.04 -71.41
N THR B 435 7.03 -26.53 -72.01
CA THR B 435 8.39 -26.83 -71.58
C THR B 435 9.22 -25.54 -71.45
N GLY B 436 10.29 -25.61 -70.65
CA GLY B 436 11.21 -24.48 -70.48
C GLY B 436 12.63 -24.84 -70.87
N SER B 437 13.58 -24.04 -70.42
CA SER B 437 15.00 -24.27 -70.71
C SER B 437 15.95 -23.72 -69.66
N VAL B 438 17.13 -24.35 -69.54
CA VAL B 438 18.22 -23.93 -68.65
C VAL B 438 19.43 -23.58 -69.52
N GLY B 439 19.90 -22.33 -69.40
CA GLY B 439 21.01 -21.83 -70.23
C GLY B 439 22.24 -21.33 -69.47
N LEU B 440 23.03 -20.49 -70.13
CA LEU B 440 24.13 -19.81 -69.49
C LEU B 440 23.92 -18.30 -69.50
N LYS B 441 24.40 -17.66 -68.45
CA LYS B 441 24.14 -16.26 -68.22
C LYS B 441 25.44 -15.48 -68.33
N SER B 442 26.55 -16.19 -68.16
CA SER B 442 27.91 -15.66 -68.29
C SER B 442 28.89 -16.83 -68.42
N ALA B 443 30.17 -16.51 -68.57
CA ALA B 443 31.20 -17.53 -68.60
C ALA B 443 31.55 -18.01 -67.18
N ASP B 444 31.06 -17.30 -66.15
CA ASP B 444 31.27 -17.68 -64.73
C ASP B 444 30.48 -18.94 -64.27
N PRO B 445 31.21 -20.05 -63.96
CA PRO B 445 30.56 -21.28 -63.45
C PRO B 445 30.09 -21.14 -62.00
N PHE B 446 30.30 -19.96 -61.41
CA PHE B 446 29.81 -19.65 -60.07
C PHE B 446 28.60 -18.75 -60.13
N ALA B 447 28.32 -18.19 -61.31
CA ALA B 447 27.04 -17.52 -61.56
C ALA B 447 25.85 -18.51 -61.54
N PRO B 448 24.62 -18.00 -61.24
CA PRO B 448 23.42 -18.83 -61.37
C PRO B 448 23.11 -19.17 -62.83
N PRO B 449 22.43 -20.30 -63.06
CA PRO B 449 22.32 -20.88 -64.39
C PRO B 449 21.27 -20.35 -65.39
N LYS B 450 20.62 -19.21 -65.17
CA LYS B 450 19.59 -18.70 -66.15
C LYS B 450 18.43 -19.68 -66.49
N LEU B 451 17.39 -19.66 -65.66
CA LEU B 451 16.26 -20.56 -65.80
C LEU B 451 15.08 -19.85 -66.38
N SER B 452 14.34 -20.55 -67.22
CA SER B 452 12.99 -20.14 -67.56
C SER B 452 12.16 -21.41 -67.59
N PRO B 453 11.15 -21.49 -66.69
CA PRO B 453 10.34 -22.71 -66.57
C PRO B 453 9.38 -22.93 -67.77
N GLY B 454 9.05 -21.83 -68.46
CA GLY B 454 8.15 -21.85 -69.59
C GLY B 454 6.74 -22.29 -69.28
N TYR B 455 6.26 -21.98 -68.07
CA TYR B 455 4.89 -22.33 -67.66
C TYR B 455 3.86 -21.74 -68.61
N LEU B 456 2.78 -22.48 -68.84
CA LEU B 456 1.66 -22.04 -69.70
C LEU B 456 2.17 -21.52 -71.05
N THR B 457 3.03 -22.31 -71.69
CA THR B 457 3.71 -21.87 -72.90
C THR B 457 3.26 -22.64 -74.14
N ASP B 458 2.74 -23.85 -73.94
CA ASP B 458 2.34 -24.77 -75.02
C ASP B 458 1.46 -24.12 -76.07
N LYS B 459 1.50 -24.68 -77.28
CA LYS B 459 0.71 -24.19 -78.43
C LYS B 459 -0.77 -24.07 -78.10
N ASP B 460 -1.37 -25.14 -77.57
CA ASP B 460 -2.83 -25.22 -77.39
C ASP B 460 -3.40 -24.46 -76.19
N GLY B 461 -2.53 -23.92 -75.34
CA GLY B 461 -2.96 -23.35 -74.05
C GLY B 461 -3.52 -24.41 -73.09
N ALA B 462 -2.98 -25.62 -73.18
CA ALA B 462 -3.51 -26.79 -72.48
C ALA B 462 -3.20 -26.71 -70.98
N ASP B 463 -2.01 -26.21 -70.65
CA ASP B 463 -1.62 -26.09 -69.25
C ASP B 463 -2.50 -25.08 -68.47
N LEU B 464 -2.74 -23.95 -69.11
CA LEU B 464 -3.61 -22.96 -68.55
C LEU B 464 -5.03 -23.51 -68.40
N ALA B 465 -5.49 -24.27 -69.38
CA ALA B 465 -6.81 -24.91 -69.31
C ALA B 465 -6.95 -25.89 -68.13
N THR B 466 -6.11 -26.91 -68.12
CA THR B 466 -6.07 -27.88 -67.06
C THR B 466 -6.04 -27.17 -65.69
N LEU B 467 -5.35 -26.02 -65.63
CA LEU B 467 -5.24 -25.33 -64.35
C LEU B 467 -6.49 -24.51 -64.05
N ARG B 468 -7.13 -23.96 -65.08
CA ARG B 468 -8.35 -23.21 -64.90
C ARG B 468 -9.50 -24.18 -64.47
N LYS B 469 -9.64 -25.29 -65.21
CA LYS B 469 -10.58 -26.29 -64.82
C LYS B 469 -10.33 -26.75 -63.38
N GLY B 470 -9.05 -26.79 -62.97
CA GLY B 470 -8.73 -27.21 -61.59
C GLY B 470 -9.34 -26.31 -60.56
N ILE B 471 -9.31 -25.00 -60.81
CA ILE B 471 -9.95 -24.05 -59.93
C ILE B 471 -11.44 -24.33 -59.77
N HIS B 472 -12.08 -24.56 -60.92
CA HIS B 472 -13.49 -24.88 -60.94
C HIS B 472 -13.81 -26.13 -60.12
N TRP B 473 -12.97 -27.15 -60.32
CA TRP B 473 -13.09 -28.40 -59.60
C TRP B 473 -13.02 -28.18 -58.07
N ALA B 474 -12.04 -27.35 -57.69
CA ALA B 474 -11.82 -27.02 -56.30
C ALA B 474 -13.04 -26.32 -55.71
N ARG B 475 -13.61 -25.40 -56.47
CA ARG B 475 -14.80 -24.70 -56.00
C ARG B 475 -16.00 -25.65 -55.86
N ASP B 476 -16.13 -26.55 -56.81
CA ASP B 476 -17.17 -27.58 -56.76
C ASP B 476 -17.05 -28.38 -55.46
N VAL B 477 -15.80 -28.74 -55.13
CA VAL B 477 -15.52 -29.52 -53.94
C VAL B 477 -15.85 -28.74 -52.65
N ALA B 478 -15.50 -27.46 -52.66
CA ALA B 478 -15.73 -26.59 -51.54
C ALA B 478 -17.21 -26.37 -51.27
N ARG B 479 -18.01 -26.39 -52.38
CA ARG B 479 -19.47 -26.22 -52.31
C ARG B 479 -20.17 -27.56 -52.03
N SER B 480 -19.43 -28.67 -52.00
CA SER B 480 -19.98 -29.99 -51.58
C SER B 480 -20.69 -29.91 -50.24
N SER B 481 -21.70 -30.76 -50.07
CA SER B 481 -22.45 -30.86 -48.82
C SER B 481 -21.52 -31.00 -47.61
N ALA B 482 -20.53 -31.89 -47.74
CA ALA B 482 -19.61 -32.23 -46.66
C ALA B 482 -18.67 -31.08 -46.28
N LEU B 483 -18.04 -30.45 -47.27
CA LEU B 483 -17.07 -29.38 -47.00
C LEU B 483 -17.71 -28.07 -46.60
N SER B 484 -18.75 -27.64 -47.33
CA SER B 484 -19.48 -26.39 -47.08
C SER B 484 -19.95 -26.27 -45.64
N GLU B 485 -20.20 -27.42 -45.00
CA GLU B 485 -20.46 -27.52 -43.57
C GLU B 485 -19.38 -26.80 -42.75
N TYR B 486 -18.12 -27.09 -43.06
CA TYR B 486 -16.94 -26.53 -42.36
C TYR B 486 -16.56 -25.13 -42.81
N LEU B 487 -16.65 -24.87 -44.11
CA LEU B 487 -16.04 -23.69 -44.73
C LEU B 487 -16.78 -22.37 -44.53
N ASP B 488 -16.01 -21.33 -44.18
CA ASP B 488 -16.54 -19.95 -44.09
C ASP B 488 -16.46 -19.25 -45.46
N GLY B 489 -16.77 -20.05 -46.50
CA GLY B 489 -16.95 -19.60 -47.88
C GLY B 489 -15.87 -18.72 -48.46
N GLU B 490 -16.30 -17.89 -49.42
CA GLU B 490 -15.56 -16.75 -50.03
C GLU B 490 -14.11 -17.00 -50.50
N LEU B 491 -13.63 -18.21 -50.26
CA LEU B 491 -12.29 -18.68 -50.59
C LEU B 491 -11.05 -17.72 -50.39
N PHE B 492 -9.96 -18.05 -51.08
CA PHE B 492 -8.82 -17.19 -51.26
C PHE B 492 -8.88 -16.50 -52.63
N PRO B 493 -8.92 -17.27 -53.78
CA PRO B 493 -8.89 -16.61 -55.13
C PRO B 493 -9.82 -15.41 -55.19
N GLY B 494 -10.92 -15.51 -54.45
CA GLY B 494 -11.89 -14.46 -54.31
C GLY B 494 -13.17 -14.91 -54.96
N SER B 495 -14.28 -14.55 -54.35
CA SER B 495 -15.57 -14.59 -55.02
C SER B 495 -15.57 -13.50 -56.12
N GLY B 496 -14.61 -12.58 -56.02
CA GLY B 496 -14.33 -11.58 -57.06
C GLY B 496 -13.82 -12.09 -58.39
N VAL B 497 -13.14 -13.25 -58.40
CA VAL B 497 -12.70 -13.85 -59.68
C VAL B 497 -13.68 -14.93 -60.18
N VAL B 498 -14.43 -14.58 -61.23
CA VAL B 498 -15.55 -15.42 -61.68
C VAL B 498 -15.46 -15.87 -63.14
N SER B 499 -15.07 -14.97 -64.04
CA SER B 499 -14.94 -15.30 -65.47
C SER B 499 -13.72 -16.18 -65.72
N ASP B 500 -13.65 -16.79 -66.90
CA ASP B 500 -12.48 -17.58 -67.31
C ASP B 500 -11.25 -16.69 -67.47
N ASP B 501 -11.45 -15.48 -68.05
CA ASP B 501 -10.35 -14.56 -68.16
C ASP B 501 -9.82 -14.14 -66.80
N GLN B 502 -10.70 -13.93 -65.83
CA GLN B 502 -10.34 -13.59 -64.49
C GLN B 502 -9.70 -14.75 -63.73
N ILE B 503 -10.05 -15.96 -64.04
CA ILE B 503 -9.33 -17.12 -63.51
C ILE B 503 -7.89 -17.11 -64.05
N ASP B 504 -7.76 -16.86 -65.35
CA ASP B 504 -6.51 -16.89 -66.04
C ASP B 504 -5.57 -15.80 -65.66
N GLU B 505 -6.11 -14.66 -65.20
CA GLU B 505 -5.23 -13.61 -64.64
C GLU B 505 -4.75 -14.00 -63.25
N TYR B 506 -5.67 -14.58 -62.46
CA TYR B 506 -5.28 -15.06 -61.13
C TYR B 506 -4.11 -16.08 -61.14
N ILE B 507 -4.35 -17.23 -61.78
CA ILE B 507 -3.28 -18.17 -62.11
C ILE B 507 -2.50 -17.42 -63.19
N ARG B 508 -1.18 -17.37 -63.09
CA ARG B 508 -0.36 -16.46 -63.94
C ARG B 508 0.13 -15.28 -63.11
N ARG B 509 -0.73 -14.73 -62.27
CA ARG B 509 -0.27 -13.84 -61.19
C ARG B 509 0.19 -14.69 -60.01
N SER B 510 -0.40 -15.88 -59.85
CA SER B 510 -0.18 -16.69 -58.66
C SER B 510 0.57 -17.99 -58.92
N ILE B 511 0.75 -18.34 -60.19
CA ILE B 511 1.41 -19.60 -60.58
C ILE B 511 2.76 -19.78 -59.89
N HIS B 512 3.03 -21.01 -59.46
CA HIS B 512 4.25 -21.37 -58.73
C HIS B 512 4.63 -22.81 -59.06
N SER B 513 5.76 -23.25 -58.54
CA SER B 513 6.30 -24.57 -58.83
C SER B 513 5.85 -25.59 -57.80
N SER B 514 5.43 -26.75 -58.29
CA SER B 514 5.18 -27.92 -57.43
C SER B 514 6.45 -28.76 -57.29
N ASN B 515 7.55 -28.16 -57.76
CA ASN B 515 8.94 -28.56 -57.53
C ASN B 515 9.32 -29.93 -58.01
N ALA B 516 9.16 -30.13 -59.31
CA ALA B 516 9.43 -31.42 -59.91
C ALA B 516 9.96 -31.13 -61.29
N ILE B 517 11.25 -30.83 -61.34
CA ILE B 517 11.89 -30.37 -62.57
C ILE B 517 12.65 -31.56 -63.24
N THR B 518 12.37 -31.81 -64.52
CA THR B 518 13.00 -32.93 -65.26
C THR B 518 13.25 -32.68 -66.74
N GLY B 519 14.13 -33.49 -67.34
CA GLY B 519 14.21 -33.63 -68.80
C GLY B 519 15.26 -32.86 -69.60
N THR B 520 16.12 -32.12 -68.90
CA THR B 520 17.09 -31.24 -69.52
C THR B 520 18.26 -31.94 -70.22
N CYS B 521 18.53 -33.18 -69.84
CA CYS B 521 19.46 -34.03 -70.58
C CYS B 521 18.77 -35.36 -70.91
N LYS B 522 17.75 -35.31 -71.77
CA LYS B 522 16.84 -36.44 -71.94
C LYS B 522 17.47 -37.64 -72.60
N MET B 523 17.05 -38.84 -72.17
CA MET B 523 17.49 -40.09 -72.79
C MET B 523 16.63 -40.39 -74.00
N GLY B 524 17.30 -40.66 -75.12
CA GLY B 524 16.66 -41.09 -76.33
C GLY B 524 17.35 -42.33 -76.87
N ASN B 525 16.93 -42.76 -78.06
CA ASN B 525 17.55 -43.91 -78.66
C ASN B 525 18.05 -43.57 -80.06
N ALA B 526 18.73 -44.55 -80.67
CA ALA B 526 19.19 -44.51 -82.07
C ALA B 526 19.47 -43.08 -82.58
N GLY B 527 18.56 -42.52 -83.37
CA GLY B 527 18.82 -41.23 -84.01
C GLY B 527 18.08 -40.07 -83.40
N ASP B 528 17.90 -40.10 -82.07
CA ASP B 528 17.17 -39.03 -81.37
C ASP B 528 17.97 -37.74 -81.37
N SER B 529 17.60 -36.87 -82.30
CA SER B 529 18.26 -35.60 -82.55
C SER B 529 18.18 -34.60 -81.39
N SER B 530 17.17 -34.74 -80.53
CA SER B 530 16.98 -33.84 -79.39
C SER B 530 17.47 -34.44 -78.07
N SER B 531 17.90 -35.70 -78.10
CA SER B 531 18.39 -36.38 -76.91
C SER B 531 19.84 -36.00 -76.58
N VAL B 532 20.23 -36.31 -75.35
CA VAL B 532 21.55 -35.96 -74.81
C VAL B 532 22.28 -37.23 -74.41
N VAL B 533 21.56 -38.19 -73.83
CA VAL B 533 22.14 -39.52 -73.57
C VAL B 533 21.41 -40.61 -74.36
N ASP B 534 22.10 -41.74 -74.50
CA ASP B 534 21.57 -42.91 -75.18
C ASP B 534 20.80 -43.82 -74.21
N ASN B 535 20.43 -44.98 -74.73
CA ASN B 535 19.90 -46.13 -73.98
C ASN B 535 20.55 -46.43 -72.62
N GLN B 536 21.88 -46.30 -72.55
CA GLN B 536 22.72 -46.69 -71.42
C GLN B 536 23.02 -45.51 -70.53
N LEU B 537 22.32 -44.40 -70.79
CA LEU B 537 22.52 -43.11 -70.13
C LEU B 537 23.91 -42.53 -70.36
N ARG B 538 24.45 -42.72 -71.57
CA ARG B 538 25.83 -42.32 -71.87
C ARG B 538 25.99 -40.81 -72.00
N VAL B 539 26.06 -40.24 -73.20
CA VAL B 539 26.17 -38.76 -73.37
C VAL B 539 26.62 -38.37 -74.78
N HIS B 540 26.45 -39.29 -75.71
CA HIS B 540 26.68 -39.04 -77.12
C HIS B 540 28.16 -38.70 -77.39
N GLY B 541 28.50 -37.40 -77.40
CA GLY B 541 29.81 -36.96 -77.87
C GLY B 541 31.08 -37.34 -77.10
N VAL B 542 30.93 -37.92 -75.91
CA VAL B 542 32.05 -38.05 -74.97
C VAL B 542 32.05 -39.44 -74.32
N GLU B 543 33.22 -40.08 -74.27
CA GLU B 543 33.36 -41.35 -73.55
C GLU B 543 33.75 -41.10 -72.09
N GLY B 544 33.32 -42.00 -71.22
CA GLY B 544 33.59 -41.92 -69.79
C GLY B 544 32.69 -40.94 -69.04
N LEU B 545 31.64 -40.47 -69.71
CA LEU B 545 30.71 -39.50 -69.12
C LEU B 545 29.24 -39.94 -69.22
N ARG B 546 28.53 -39.92 -68.11
CA ARG B 546 27.10 -40.25 -68.07
C ARG B 546 26.27 -39.28 -67.22
N VAL B 547 24.94 -39.33 -67.34
CA VAL B 547 24.07 -38.65 -66.35
C VAL B 547 23.12 -39.66 -65.73
N VAL B 548 23.06 -39.67 -64.41
CA VAL B 548 22.15 -40.52 -63.65
C VAL B 548 21.44 -39.61 -62.67
N ASP B 549 20.24 -39.18 -63.06
CA ASP B 549 19.72 -37.88 -62.71
C ASP B 549 18.28 -37.67 -63.18
N ALA B 550 17.58 -36.76 -62.49
CA ALA B 550 16.24 -36.31 -62.89
C ALA B 550 16.23 -35.72 -64.30
N SER B 551 17.39 -35.21 -64.74
CA SER B 551 17.53 -34.56 -66.05
C SER B 551 17.30 -35.51 -67.22
N VAL B 552 17.38 -36.82 -66.95
CA VAL B 552 17.39 -37.81 -67.99
C VAL B 552 15.99 -38.23 -68.48
N VAL B 553 14.96 -37.78 -67.76
CA VAL B 553 13.57 -38.19 -67.94
C VAL B 553 12.92 -37.62 -69.22
N PRO B 554 12.65 -38.49 -70.23
CA PRO B 554 12.08 -38.06 -71.53
C PRO B 554 10.74 -37.34 -71.44
N LYS B 555 9.77 -37.92 -70.73
CA LYS B 555 8.49 -37.26 -70.42
C LYS B 555 8.22 -37.34 -68.92
N ILE B 556 8.00 -36.18 -68.30
CA ILE B 556 7.66 -36.08 -66.87
C ILE B 556 6.47 -36.99 -66.53
N PRO B 557 6.63 -37.87 -65.50
CA PRO B 557 5.52 -38.73 -65.10
C PRO B 557 4.46 -37.99 -64.25
N GLY B 558 3.48 -38.76 -63.77
CA GLY B 558 2.28 -38.21 -63.13
C GLY B 558 2.45 -37.48 -61.83
N GLY B 559 2.94 -38.16 -60.81
CA GLY B 559 3.04 -37.52 -59.49
C GLY B 559 4.23 -36.59 -59.30
N GLN B 560 4.99 -36.86 -58.24
CA GLN B 560 6.24 -36.16 -57.94
C GLN B 560 7.41 -37.04 -58.34
N THR B 561 8.63 -36.49 -58.27
CA THR B 561 9.71 -36.96 -59.08
C THR B 561 10.76 -37.79 -58.34
N GLY B 562 10.87 -37.66 -57.02
CA GLY B 562 11.86 -38.37 -56.25
C GLY B 562 11.92 -39.87 -56.55
N ALA B 563 10.75 -40.50 -56.45
CA ALA B 563 10.63 -41.94 -56.63
C ALA B 563 11.18 -42.46 -57.97
N PRO B 564 10.86 -41.77 -59.10
CA PRO B 564 11.40 -42.22 -60.38
C PRO B 564 12.91 -41.99 -60.47
N VAL B 565 13.41 -40.93 -59.84
CA VAL B 565 14.84 -40.65 -59.80
C VAL B 565 15.59 -41.77 -59.06
N VAL B 566 15.09 -42.15 -57.88
CA VAL B 566 15.64 -43.30 -57.16
C VAL B 566 15.00 -44.55 -57.74
N MET B 567 15.45 -44.89 -58.94
CA MET B 567 14.91 -46.00 -59.75
C MET B 567 15.77 -45.99 -60.98
N ILE B 568 15.83 -44.83 -61.65
CA ILE B 568 16.85 -44.59 -62.64
C ILE B 568 18.25 -44.76 -61.99
N ALA B 569 18.40 -44.33 -60.73
CA ALA B 569 19.70 -44.51 -60.07
C ALA B 569 19.97 -46.00 -59.78
N GLU B 570 18.93 -46.69 -59.31
CA GLU B 570 19.05 -48.09 -58.97
C GLU B 570 19.40 -48.97 -60.17
N ARG B 571 18.64 -48.71 -61.22
CA ARG B 571 18.82 -49.41 -62.47
C ARG B 571 20.19 -49.08 -63.08
N ALA B 572 20.62 -47.84 -62.98
CA ALA B 572 21.86 -47.45 -63.62
C ALA B 572 23.06 -48.05 -62.88
N ALA B 573 23.06 -47.95 -61.57
CA ALA B 573 24.07 -48.58 -60.75
C ALA B 573 24.11 -50.08 -61.04
N ALA B 574 22.94 -50.72 -61.22
CA ALA B 574 22.93 -52.13 -61.52
C ALA B 574 23.61 -52.42 -62.87
N LEU B 575 23.27 -51.63 -63.87
CA LEU B 575 23.85 -51.72 -65.18
C LEU B 575 25.39 -51.60 -65.09
N LEU B 576 25.89 -50.57 -64.38
CA LEU B 576 27.26 -50.30 -64.32
C LEU B 576 28.04 -51.46 -63.70
N THR B 577 27.46 -52.18 -62.74
CA THR B 577 28.25 -53.16 -62.01
C THR B 577 27.94 -54.59 -62.44
N GLY B 578 27.87 -54.80 -63.76
CA GLY B 578 27.38 -56.09 -64.31
C GLY B 578 25.89 -56.17 -64.03
N LYS B 579 25.47 -57.14 -63.22
CA LYS B 579 24.12 -57.20 -62.59
C LYS B 579 22.82 -57.05 -63.42
N ALA B 580 22.89 -56.35 -64.55
CA ALA B 580 21.71 -55.97 -65.32
C ALA B 580 22.08 -55.30 -66.62
N THR B 581 21.28 -55.54 -67.65
CA THR B 581 21.46 -54.96 -68.98
C THR B 581 20.28 -54.04 -69.26
N ILE B 582 20.42 -53.25 -70.31
CA ILE B 582 19.34 -52.41 -70.84
C ILE B 582 19.41 -52.51 -72.37
N GLY B 583 18.30 -52.96 -72.98
CA GLY B 583 18.22 -53.14 -74.45
C GLY B 583 18.78 -54.48 -74.93
N ALA B 584 19.09 -54.55 -76.23
CA ALA B 584 19.54 -55.78 -76.89
C ALA B 584 21.06 -55.77 -77.12
N SER B 585 21.74 -56.84 -76.68
CA SER B 585 23.21 -56.94 -76.70
C SER B 585 23.83 -56.99 -78.10
N SER C 1 5.10 20.95 -30.79
CA SER C 1 6.37 20.21 -31.13
C SER C 1 7.54 20.74 -30.29
N ALA C 2 7.37 20.63 -28.96
CA ALA C 2 8.46 20.82 -27.99
C ALA C 2 9.10 19.46 -27.71
N SER C 3 9.57 19.27 -26.48
CA SER C 3 10.06 17.95 -26.03
C SER C 3 9.40 17.62 -24.71
N ALA C 4 9.16 18.65 -23.89
CA ALA C 4 8.41 18.48 -22.66
C ALA C 4 6.92 18.42 -22.95
N VAL C 5 6.44 19.11 -24.01
CA VAL C 5 4.99 19.04 -24.37
C VAL C 5 4.74 17.72 -25.13
N GLU C 6 5.73 17.32 -25.93
CA GLU C 6 5.75 16.09 -26.72
C GLU C 6 5.73 14.83 -25.82
N ASP C 7 5.81 15.06 -24.53
CA ASP C 7 5.98 14.03 -23.52
C ASP C 7 4.87 14.19 -22.48
N ILE C 8 5.08 15.16 -21.57
CA ILE C 8 4.18 15.50 -20.43
C ILE C 8 2.89 16.08 -21.02
N ARG C 9 2.09 15.18 -21.61
CA ARG C 9 0.80 15.41 -22.28
C ARG C 9 0.56 14.38 -23.40
N LYS C 10 1.59 14.08 -24.20
CA LYS C 10 1.40 13.12 -25.26
C LYS C 10 1.53 11.71 -24.68
N VAL C 11 2.71 11.10 -24.79
CA VAL C 11 2.92 9.71 -24.38
C VAL C 11 2.34 9.41 -23.01
N LEU C 12 2.47 10.36 -22.08
CA LEU C 12 1.93 10.24 -20.73
C LEU C 12 0.41 10.27 -20.63
N SER C 13 -0.20 11.40 -21.01
CA SER C 13 -1.66 11.60 -20.88
C SER C 13 -2.52 10.70 -21.76
N ASP C 14 -2.06 10.43 -22.99
CA ASP C 14 -2.72 9.44 -23.87
C ASP C 14 -2.74 8.09 -23.17
N SER C 15 -1.59 7.68 -22.62
CA SER C 15 -1.45 6.42 -21.88
C SER C 15 -2.15 6.38 -20.50
N SER C 16 -2.69 7.52 -20.04
CA SER C 16 -3.31 7.65 -18.73
C SER C 16 -4.59 6.83 -18.56
N SER C 17 -5.51 6.95 -19.51
CA SER C 17 -6.76 6.19 -19.53
C SER C 17 -6.83 5.34 -20.79
N PRO C 18 -7.05 4.01 -20.64
CA PRO C 18 -7.26 3.19 -21.83
C PRO C 18 -8.67 3.25 -22.39
N VAL C 19 -9.54 4.04 -21.76
CA VAL C 19 -10.97 4.11 -22.14
C VAL C 19 -11.42 5.50 -22.61
N ALA C 20 -10.51 6.48 -22.57
CA ALA C 20 -10.76 7.86 -22.99
C ALA C 20 -11.11 7.92 -24.48
N GLY C 21 -12.22 8.61 -24.76
CA GLY C 21 -12.64 8.86 -26.14
C GLY C 21 -13.71 7.96 -26.68
N GLN C 22 -13.85 6.78 -26.09
CA GLN C 22 -14.83 5.73 -26.48
C GLN C 22 -15.82 5.50 -25.31
N LYS C 23 -17.07 5.03 -25.48
CA LYS C 23 -17.87 4.54 -26.64
C LYS C 23 -17.87 3.01 -26.81
N TYR C 24 -18.66 2.34 -25.97
CA TYR C 24 -18.79 0.87 -25.98
C TYR C 24 -20.27 0.47 -25.88
N ASP C 25 -20.69 -0.54 -26.64
CA ASP C 25 -22.06 -1.06 -26.54
C ASP C 25 -22.22 -2.22 -25.54
N TYR C 26 -21.11 -2.86 -25.15
CA TYR C 26 -21.09 -3.75 -23.99
C TYR C 26 -19.91 -3.50 -23.07
N ILE C 27 -20.18 -3.32 -21.78
CA ILE C 27 -19.13 -3.27 -20.75
C ILE C 27 -19.36 -4.37 -19.73
N LEU C 28 -18.41 -5.32 -19.69
CA LEU C 28 -18.47 -6.47 -18.77
C LEU C 28 -17.64 -6.18 -17.51
N VAL C 29 -18.29 -6.25 -16.35
CA VAL C 29 -17.66 -6.02 -15.07
C VAL C 29 -17.13 -7.37 -14.61
N GLY C 30 -15.80 -7.53 -14.65
CA GLY C 30 -15.18 -8.80 -14.29
C GLY C 30 -14.82 -9.56 -15.54
N GLY C 31 -13.71 -10.29 -15.47
CA GLY C 31 -13.25 -11.15 -16.57
C GLY C 31 -13.17 -12.59 -16.12
N GLY C 32 -14.17 -12.97 -15.32
CA GLY C 32 -14.31 -14.33 -14.83
C GLY C 32 -14.95 -15.26 -15.85
N THR C 33 -15.63 -16.26 -15.30
CA THR C 33 -16.16 -17.39 -16.10
C THR C 33 -17.18 -16.97 -17.18
N ALA C 34 -18.31 -16.45 -16.71
CA ALA C 34 -19.37 -16.01 -17.59
C ALA C 34 -18.91 -14.87 -18.50
N ALA C 35 -18.10 -13.96 -17.92
CA ALA C 35 -17.54 -12.85 -18.67
C ALA C 35 -16.76 -13.36 -19.86
N CYS C 36 -15.94 -14.39 -19.71
CA CYS C 36 -15.19 -14.92 -20.78
C CYS C 36 -16.09 -15.36 -21.97
N VAL C 37 -17.18 -16.05 -21.59
CA VAL C 37 -18.13 -16.52 -22.55
C VAL C 37 -18.78 -15.37 -23.30
N LEU C 38 -19.27 -14.38 -22.52
CA LEU C 38 -19.90 -13.25 -23.09
C LEU C 38 -18.91 -12.50 -24.03
N ALA C 39 -17.64 -12.37 -23.62
CA ALA C 39 -16.68 -11.73 -24.44
C ALA C 39 -16.52 -12.40 -25.79
N ASN C 40 -16.49 -13.74 -25.78
CA ASN C 40 -16.48 -14.46 -27.04
C ASN C 40 -17.72 -14.22 -27.90
N ARG C 41 -18.88 -14.34 -27.27
CA ARG C 41 -20.12 -14.26 -28.04
C ARG C 41 -20.44 -12.88 -28.59
N LEU C 42 -20.44 -11.86 -27.73
CA LEU C 42 -20.88 -10.49 -28.13
C LEU C 42 -19.89 -9.78 -29.04
N SER C 43 -18.63 -10.29 -29.09
CA SER C 43 -17.61 -9.74 -29.98
C SER C 43 -17.54 -10.43 -31.35
N ALA C 44 -18.19 -11.60 -31.47
CA ALA C 44 -18.12 -12.45 -32.67
C ALA C 44 -18.49 -11.70 -33.93
N ASP C 45 -19.73 -11.27 -33.97
CA ASP C 45 -20.22 -10.30 -34.94
C ASP C 45 -19.37 -9.03 -34.78
N GLY C 46 -18.81 -8.56 -35.89
CA GLY C 46 -17.88 -7.44 -35.85
C GLY C 46 -18.36 -6.11 -35.33
N SER C 47 -19.67 -5.92 -35.26
CA SER C 47 -20.28 -4.57 -35.05
C SER C 47 -20.31 -4.07 -33.62
N LYS C 48 -20.24 -4.95 -32.63
CA LYS C 48 -20.46 -4.50 -31.26
C LYS C 48 -19.15 -4.43 -30.46
N ARG C 49 -18.70 -3.22 -30.14
CA ARG C 49 -17.51 -3.00 -29.32
C ARG C 49 -17.73 -3.42 -27.85
N VAL C 50 -16.98 -4.44 -27.44
CA VAL C 50 -17.10 -5.06 -26.11
C VAL C 50 -15.86 -4.80 -25.24
N LEU C 51 -16.08 -4.36 -23.99
CA LEU C 51 -15.01 -4.12 -23.02
C LEU C 51 -15.17 -4.96 -21.77
N VAL C 52 -14.09 -5.64 -21.38
CA VAL C 52 -14.10 -6.46 -20.16
C VAL C 52 -13.06 -5.92 -19.16
N LEU C 53 -13.51 -5.69 -17.92
CA LEU C 53 -12.68 -5.09 -16.88
C LEU C 53 -12.45 -6.08 -15.74
N GLU C 54 -11.26 -6.65 -15.72
CA GLU C 54 -10.89 -7.67 -14.76
C GLU C 54 -9.85 -7.07 -13.84
N ALA C 55 -10.03 -7.31 -12.54
CA ALA C 55 -9.14 -6.79 -11.50
C ALA C 55 -7.83 -7.58 -11.39
N GLY C 56 -7.90 -8.88 -11.65
CA GLY C 56 -6.72 -9.74 -11.57
C GLY C 56 -5.80 -9.57 -12.75
N PRO C 57 -4.64 -10.27 -12.74
CA PRO C 57 -3.78 -10.35 -13.94
C PRO C 57 -4.43 -11.21 -15.02
N ASP C 58 -3.78 -11.37 -16.17
CA ASP C 58 -4.28 -12.38 -17.09
C ASP C 58 -3.62 -13.69 -16.66
N ASN C 59 -4.21 -14.84 -17.04
CA ASN C 59 -3.59 -16.11 -16.63
C ASN C 59 -2.57 -16.58 -17.63
N THR C 60 -1.35 -16.56 -17.15
CA THR C 60 -0.19 -17.02 -17.86
C THR C 60 0.49 -18.09 -17.00
N SER C 61 0.20 -18.05 -15.71
CA SER C 61 0.78 -18.95 -14.70
C SER C 61 0.70 -20.41 -15.08
N ARG C 62 1.78 -21.13 -14.77
CA ARG C 62 1.84 -22.57 -14.97
C ARG C 62 0.91 -23.28 -13.96
N ASP C 63 0.76 -22.66 -12.79
CA ASP C 63 -0.12 -23.15 -11.73
C ASP C 63 -1.59 -23.25 -12.09
N VAL C 64 -2.02 -22.42 -13.05
CA VAL C 64 -3.37 -22.54 -13.59
C VAL C 64 -3.45 -23.73 -14.57
N LYS C 65 -2.43 -23.88 -15.43
CA LYS C 65 -2.52 -24.88 -16.49
C LYS C 65 -2.49 -26.31 -15.95
N ILE C 66 -1.52 -26.60 -15.06
CA ILE C 66 -1.40 -27.93 -14.47
C ILE C 66 -2.40 -28.04 -13.30
N PRO C 67 -3.33 -29.01 -13.37
CA PRO C 67 -4.46 -28.96 -12.45
C PRO C 67 -4.12 -29.37 -11.02
N ALA C 68 -3.07 -30.16 -10.84
CA ALA C 68 -2.63 -30.51 -9.49
C ALA C 68 -2.12 -29.30 -8.72
N ALA C 69 -1.70 -28.26 -9.45
CA ALA C 69 -1.25 -27.02 -8.84
C ALA C 69 -2.37 -26.22 -8.17
N ILE C 70 -3.63 -26.65 -8.34
CA ILE C 70 -4.76 -26.09 -7.58
C ILE C 70 -4.37 -25.79 -6.12
N THR C 71 -3.60 -26.69 -5.51
CA THR C 71 -3.09 -26.57 -4.15
C THR C 71 -2.28 -25.28 -3.90
N ARG C 72 -1.42 -24.94 -4.87
CA ARG C 72 -0.58 -23.73 -4.82
C ARG C 72 -1.42 -22.48 -5.04
N LEU C 73 -2.52 -22.61 -5.76
CA LEU C 73 -3.43 -21.49 -6.06
C LEU C 73 -4.20 -20.95 -4.85
N PHE C 74 -4.36 -21.77 -3.82
CA PHE C 74 -5.36 -21.51 -2.79
C PHE C 74 -5.22 -20.22 -2.00
N ARG C 75 -4.25 -20.08 -1.12
CA ARG C 75 -4.13 -18.82 -0.38
C ARG C 75 -3.06 -17.94 -1.00
N SER C 76 -3.23 -17.66 -2.29
CA SER C 76 -2.18 -17.11 -3.15
C SER C 76 -2.54 -15.74 -3.66
N PRO C 77 -1.57 -15.00 -4.24
CA PRO C 77 -1.92 -13.76 -4.97
C PRO C 77 -2.99 -13.89 -6.09
N LEU C 78 -3.29 -15.13 -6.51
CA LEU C 78 -4.31 -15.37 -7.53
C LEU C 78 -5.73 -15.59 -6.98
N ASP C 79 -5.84 -15.63 -5.67
CA ASP C 79 -7.12 -15.73 -4.97
C ASP C 79 -7.47 -14.38 -4.38
N TRP C 80 -8.76 -14.12 -4.20
CA TRP C 80 -9.23 -12.89 -3.57
C TRP C 80 -8.95 -12.86 -2.05
N ASN C 81 -8.52 -13.99 -1.50
CA ASN C 81 -8.23 -14.14 -0.08
C ASN C 81 -9.37 -13.63 0.83
N LEU C 82 -10.57 -14.10 0.54
CA LEU C 82 -11.74 -13.71 1.28
C LEU C 82 -11.90 -14.54 2.54
N PHE C 83 -12.11 -13.87 3.67
CA PHE C 83 -12.50 -14.54 4.91
C PHE C 83 -13.82 -13.99 5.40
N SER C 84 -14.70 -14.89 5.86
CA SER C 84 -16.05 -14.54 6.30
C SER C 84 -16.04 -13.80 7.63
N GLU C 85 -17.22 -13.69 8.25
CA GLU C 85 -17.38 -13.06 9.56
C GLU C 85 -17.46 -14.17 10.60
N LEU C 86 -17.12 -13.84 11.84
CA LEU C 86 -17.20 -14.78 12.96
C LEU C 86 -18.60 -15.41 13.02
N GLN C 87 -18.64 -16.71 12.73
CA GLN C 87 -19.86 -17.51 12.74
C GLN C 87 -20.08 -18.07 14.14
N GLU C 88 -20.99 -17.44 14.88
CA GLU C 88 -21.33 -17.85 16.25
C GLU C 88 -21.72 -19.33 16.29
N GLN C 89 -22.69 -19.71 15.43
CA GLN C 89 -23.13 -21.10 15.21
C GLN C 89 -22.12 -22.08 14.58
N LEU C 90 -20.83 -21.76 14.65
CA LEU C 90 -19.79 -22.58 14.03
C LEU C 90 -18.52 -22.55 14.90
N ALA C 91 -18.74 -22.42 16.21
CA ALA C 91 -17.69 -22.30 17.25
C ALA C 91 -16.61 -21.29 16.89
N GLU C 92 -16.85 -20.00 17.15
CA GLU C 92 -16.06 -18.85 16.62
C GLU C 92 -15.86 -19.04 15.10
N ARG C 93 -14.77 -18.50 14.50
CA ARG C 93 -14.42 -18.68 13.05
C ARG C 93 -15.46 -17.98 12.15
N GLN C 94 -15.12 -17.28 11.05
CA GLN C 94 -13.85 -17.18 10.31
C GLN C 94 -13.64 -18.34 9.34
N ILE C 95 -14.38 -18.28 8.24
CA ILE C 95 -14.35 -19.28 7.18
C ILE C 95 -13.74 -18.72 5.89
N TYR C 96 -12.76 -19.44 5.36
CA TYR C 96 -12.13 -19.10 4.10
C TYR C 96 -12.98 -19.50 2.91
N MET C 97 -13.16 -18.56 2.00
CA MET C 97 -14.02 -18.73 0.84
C MET C 97 -13.18 -18.39 -0.37
N ALA C 98 -12.49 -19.42 -0.89
CA ALA C 98 -11.69 -19.28 -2.11
C ALA C 98 -12.53 -18.69 -3.24
N ARG C 99 -11.92 -17.78 -4.01
CA ARG C 99 -12.48 -17.14 -5.23
C ARG C 99 -11.33 -16.72 -6.14
N GLY C 100 -11.48 -16.96 -7.43
CA GLY C 100 -10.45 -16.58 -8.41
C GLY C 100 -10.35 -15.11 -8.66
N ARG C 101 -9.12 -14.61 -8.79
CA ARG C 101 -8.82 -13.19 -9.14
C ARG C 101 -7.85 -13.20 -10.31
N LEU C 102 -8.41 -13.19 -11.51
CA LEU C 102 -7.71 -13.64 -12.70
C LEU C 102 -8.57 -13.50 -13.91
N LEU C 103 -7.97 -13.39 -15.09
CA LEU C 103 -8.75 -13.62 -16.31
C LEU C 103 -9.14 -15.10 -16.37
N GLY C 104 -10.41 -15.35 -16.69
CA GLY C 104 -11.00 -16.69 -16.49
C GLY C 104 -11.67 -16.85 -15.13
N GLY C 105 -11.23 -16.05 -14.16
CA GLY C 105 -11.88 -16.00 -12.85
C GLY C 105 -11.70 -17.27 -12.07
N SER C 106 -12.80 -17.76 -11.50
CA SER C 106 -12.80 -18.96 -10.65
C SER C 106 -12.63 -20.23 -11.46
N SER C 107 -13.03 -20.20 -12.74
CA SER C 107 -12.79 -21.35 -13.64
C SER C 107 -11.30 -21.69 -13.76
N ALA C 108 -10.44 -20.72 -13.42
CA ALA C 108 -9.00 -20.87 -13.34
C ALA C 108 -8.50 -21.32 -11.96
N THR C 109 -9.30 -21.09 -10.91
CA THR C 109 -9.00 -21.59 -9.56
C THR C 109 -9.65 -22.95 -9.33
N ASN C 110 -10.52 -23.34 -10.27
CA ASN C 110 -11.37 -24.57 -10.26
C ASN C 110 -10.73 -25.82 -9.73
N ALA C 111 -11.58 -26.66 -9.14
CA ALA C 111 -11.26 -28.08 -9.01
C ALA C 111 -11.80 -28.84 -10.24
N THR C 112 -11.91 -28.14 -11.38
CA THR C 112 -12.42 -28.67 -12.66
C THR C 112 -13.84 -29.28 -12.59
N LEU C 113 -13.99 -30.61 -12.52
CA LEU C 113 -15.32 -31.24 -12.23
C LEU C 113 -16.55 -30.67 -12.99
N TYR C 114 -17.12 -31.47 -13.88
CA TYR C 114 -18.22 -31.02 -14.74
C TYR C 114 -19.59 -31.48 -14.21
N HIS C 115 -20.34 -30.59 -13.57
CA HIS C 115 -21.67 -30.95 -13.05
C HIS C 115 -22.84 -30.05 -13.40
N ARG C 116 -23.85 -30.65 -14.02
CA ARG C 116 -25.11 -29.96 -14.32
C ARG C 116 -26.12 -30.10 -13.18
N GLY C 117 -26.00 -31.17 -12.40
CA GLY C 117 -27.00 -31.49 -11.39
C GLY C 117 -28.17 -32.26 -11.99
N ALA C 118 -29.34 -32.03 -11.44
CA ALA C 118 -30.54 -32.78 -11.81
C ALA C 118 -31.55 -31.88 -12.53
N ALA C 119 -32.36 -32.48 -13.40
CA ALA C 119 -33.44 -31.77 -14.10
C ALA C 119 -34.36 -31.01 -13.12
N GLY C 120 -34.62 -31.63 -11.97
CA GLY C 120 -35.49 -31.09 -10.93
C GLY C 120 -34.97 -29.80 -10.35
N ASP C 121 -33.64 -29.73 -10.18
CA ASP C 121 -32.97 -28.56 -9.65
C ASP C 121 -33.41 -27.30 -10.38
N TYR C 122 -33.55 -27.40 -11.69
CA TYR C 122 -33.88 -26.28 -12.54
C TYR C 122 -35.35 -25.99 -12.60
N ASP C 123 -36.17 -27.02 -12.50
CA ASP C 123 -37.62 -26.90 -12.41
C ASP C 123 -38.06 -26.23 -11.12
N ALA C 124 -37.24 -26.41 -10.06
CA ALA C 124 -37.55 -25.85 -8.74
C ALA C 124 -37.40 -24.36 -8.69
N TRP C 125 -36.88 -23.74 -9.75
CA TRP C 125 -36.72 -22.27 -9.84
C TRP C 125 -38.06 -21.57 -10.10
N GLY C 126 -38.05 -20.24 -10.00
CA GLY C 126 -39.12 -19.40 -10.56
C GLY C 126 -39.05 -19.40 -12.08
N VAL C 127 -39.66 -20.44 -12.65
CA VAL C 127 -39.48 -20.73 -14.07
C VAL C 127 -40.51 -19.97 -14.91
N GLU C 128 -40.11 -18.84 -15.48
CA GLU C 128 -40.98 -18.17 -16.47
C GLU C 128 -40.47 -18.44 -17.88
N GLY C 129 -39.20 -18.86 -17.95
CA GLY C 129 -38.58 -19.26 -19.21
C GLY C 129 -37.37 -20.15 -19.00
N TRP C 130 -37.20 -20.61 -17.76
CA TRP C 130 -35.97 -21.26 -17.32
C TRP C 130 -36.22 -22.63 -16.68
N SER C 131 -37.01 -23.48 -17.37
CA SER C 131 -37.27 -24.83 -16.89
C SER C 131 -36.16 -25.75 -17.35
N SER C 132 -36.14 -26.99 -16.83
CA SER C 132 -35.14 -27.97 -17.21
C SER C 132 -35.17 -28.22 -18.73
N GLU C 133 -36.36 -28.16 -19.30
CA GLU C 133 -36.57 -28.33 -20.74
C GLU C 133 -35.87 -27.21 -21.52
N ASP C 134 -36.03 -25.98 -21.05
CA ASP C 134 -35.43 -24.80 -21.69
C ASP C 134 -33.89 -24.77 -21.69
N VAL C 135 -33.29 -25.22 -20.58
CA VAL C 135 -31.85 -25.03 -20.31
C VAL C 135 -30.97 -26.17 -20.81
N LEU C 136 -31.60 -27.30 -21.11
CA LEU C 136 -30.82 -28.48 -21.49
C LEU C 136 -30.04 -28.22 -22.77
N SER C 137 -30.72 -27.63 -23.74
CA SER C 137 -30.17 -27.39 -25.05
C SER C 137 -28.88 -26.58 -24.90
N TRP C 138 -28.93 -25.54 -24.07
CA TRP C 138 -27.78 -24.66 -23.91
C TRP C 138 -26.60 -25.33 -23.23
N PHE C 139 -26.87 -26.27 -22.32
CA PHE C 139 -25.84 -27.11 -21.75
C PHE C 139 -25.06 -27.80 -22.88
N VAL C 140 -25.79 -28.37 -23.81
CA VAL C 140 -25.23 -29.07 -24.94
C VAL C 140 -24.40 -28.15 -25.86
N GLN C 141 -24.93 -26.98 -26.24
CA GLN C 141 -24.13 -25.97 -26.94
C GLN C 141 -22.89 -25.66 -26.08
N ALA C 142 -21.72 -26.06 -26.59
CA ALA C 142 -20.43 -26.13 -25.85
C ALA C 142 -20.00 -27.60 -25.74
N GLU C 143 -20.26 -28.22 -24.59
CA GLU C 143 -19.90 -29.61 -24.31
C GLU C 143 -18.55 -30.05 -24.90
N THR C 144 -18.55 -30.74 -26.04
CA THR C 144 -17.36 -31.41 -26.61
C THR C 144 -16.67 -32.40 -25.59
N ASN C 145 -17.02 -33.68 -25.69
CA ASN C 145 -16.58 -34.73 -24.74
C ASN C 145 -15.66 -35.81 -25.35
N ALA C 146 -15.03 -36.60 -24.49
CA ALA C 146 -14.69 -37.99 -24.81
C ALA C 146 -15.59 -38.94 -23.95
N ASP C 147 -16.89 -38.87 -24.27
CA ASP C 147 -18.06 -39.58 -23.67
C ASP C 147 -19.18 -39.22 -24.63
N PHE C 148 -19.37 -40.08 -25.62
CA PHE C 148 -20.42 -39.89 -26.67
C PHE C 148 -20.39 -38.54 -27.38
N GLY C 149 -21.23 -38.42 -28.39
CA GLY C 149 -21.21 -37.30 -29.31
C GLY C 149 -22.57 -37.00 -29.86
N PRO C 150 -23.42 -38.05 -30.05
CA PRO C 150 -24.82 -37.67 -30.27
C PRO C 150 -25.36 -37.11 -28.96
N GLY C 151 -25.61 -37.97 -27.99
CA GLY C 151 -26.17 -37.59 -26.70
C GLY C 151 -27.48 -36.83 -26.76
N ALA C 152 -28.07 -36.60 -25.60
CA ALA C 152 -29.32 -35.89 -25.54
C ALA C 152 -29.43 -34.53 -24.80
N TYR C 153 -28.67 -34.19 -23.72
CA TYR C 153 -27.64 -34.90 -22.88
C TYR C 153 -26.29 -35.15 -23.53
N HIS C 154 -25.41 -34.15 -23.56
CA HIS C 154 -24.06 -34.24 -24.19
C HIS C 154 -24.05 -33.86 -25.67
N GLY C 155 -23.35 -32.77 -25.99
CA GLY C 155 -23.07 -32.45 -27.39
C GLY C 155 -21.59 -32.50 -27.76
N SER C 156 -21.28 -32.01 -28.95
CA SER C 156 -19.89 -31.79 -29.37
C SER C 156 -19.89 -30.68 -30.41
N GLY C 157 -18.82 -29.90 -30.42
CA GLY C 157 -18.69 -28.80 -31.36
C GLY C 157 -18.35 -27.48 -30.69
N GLY C 158 -19.04 -27.19 -29.59
CA GLY C 158 -18.81 -25.96 -28.83
C GLY C 158 -17.50 -25.97 -28.06
N PRO C 159 -17.09 -24.81 -27.50
CA PRO C 159 -15.68 -24.59 -27.11
C PRO C 159 -15.27 -25.16 -25.75
N MET C 160 -16.22 -25.54 -24.91
CA MET C 160 -15.92 -26.17 -23.64
C MET C 160 -15.22 -27.50 -23.88
N ARG C 161 -14.41 -27.95 -22.91
CA ARG C 161 -13.71 -29.25 -23.09
C ARG C 161 -13.83 -30.10 -21.83
N VAL C 162 -14.68 -31.14 -21.94
CA VAL C 162 -14.97 -32.10 -20.88
C VAL C 162 -14.39 -33.46 -21.28
N GLU C 163 -13.88 -34.19 -20.29
CA GLU C 163 -13.30 -35.53 -20.46
C GLU C 163 -13.27 -36.26 -19.13
N ASN C 164 -13.29 -37.60 -19.19
CA ASN C 164 -12.94 -38.43 -18.03
C ASN C 164 -11.50 -38.10 -17.62
N PRO C 165 -11.19 -38.12 -16.30
CA PRO C 165 -9.87 -37.65 -15.84
C PRO C 165 -8.73 -38.57 -16.27
N ARG C 166 -7.69 -37.97 -16.85
CA ARG C 166 -6.61 -38.72 -17.50
C ARG C 166 -5.76 -39.52 -16.48
N TYR C 167 -5.73 -39.06 -15.21
CA TYR C 167 -5.17 -39.85 -14.11
C TYR C 167 -6.25 -40.73 -13.53
N THR C 168 -5.89 -41.98 -13.28
CA THR C 168 -6.76 -42.95 -12.64
C THR C 168 -5.90 -43.90 -11.85
N ASN C 169 -4.65 -44.04 -12.33
CA ASN C 169 -3.76 -45.19 -12.14
C ASN C 169 -3.74 -45.88 -10.76
N LYS C 170 -4.93 -46.21 -10.26
CA LYS C 170 -5.14 -46.71 -8.92
C LYS C 170 -5.86 -48.06 -8.81
N GLN C 171 -5.60 -48.71 -7.68
CA GLN C 171 -6.38 -49.73 -7.12
C GLN C 171 -7.18 -49.22 -5.94
N LEU C 172 -7.01 -47.95 -5.48
CA LEU C 172 -7.88 -47.34 -4.47
C LEU C 172 -9.13 -46.83 -5.12
N HIS C 173 -9.13 -46.50 -6.41
CA HIS C 173 -10.38 -46.08 -7.09
C HIS C 173 -11.35 -47.25 -7.22
N THR C 174 -10.81 -48.38 -7.69
CA THR C 174 -11.59 -49.60 -7.77
C THR C 174 -12.06 -50.04 -6.38
N ALA C 175 -11.16 -49.93 -5.40
CA ALA C 175 -11.48 -50.23 -4.01
C ALA C 175 -12.66 -49.42 -3.53
N PHE C 176 -12.74 -48.17 -3.98
CA PHE C 176 -13.84 -47.31 -3.54
C PHE C 176 -15.15 -47.75 -4.20
N PHE C 177 -15.09 -48.01 -5.51
CA PHE C 177 -16.30 -48.44 -6.19
C PHE C 177 -16.82 -49.77 -5.62
N LYS C 178 -15.95 -50.72 -5.34
CA LYS C 178 -16.38 -51.92 -4.69
C LYS C 178 -16.95 -51.66 -3.31
N ALA C 179 -16.28 -50.84 -2.55
CA ALA C 179 -16.74 -50.49 -1.23
C ALA C 179 -18.11 -49.84 -1.28
N ALA C 180 -18.37 -49.02 -2.32
CA ALA C 180 -19.68 -48.41 -2.48
C ALA C 180 -20.70 -49.46 -2.93
N GLU C 181 -20.28 -50.40 -3.79
CA GLU C 181 -21.17 -51.46 -4.24
C GLU C 181 -21.72 -52.27 -3.07
N GLU C 182 -20.85 -52.60 -2.11
CA GLU C 182 -21.26 -53.20 -0.82
C GLU C 182 -22.08 -52.16 -0.07
N VAL C 183 -21.86 -52.02 1.25
CA VAL C 183 -22.31 -50.85 2.02
C VAL C 183 -23.78 -50.37 1.80
N GLY C 184 -24.60 -51.25 1.25
CA GLY C 184 -25.96 -50.87 0.89
C GLY C 184 -26.05 -50.47 -0.56
N LEU C 185 -27.20 -50.83 -1.14
CA LEU C 185 -27.58 -50.57 -2.52
C LEU C 185 -27.23 -49.13 -2.97
N THR C 186 -25.98 -48.95 -3.42
CA THR C 186 -25.61 -47.77 -4.21
C THR C 186 -25.30 -48.31 -5.63
N PRO C 187 -26.14 -47.96 -6.63
CA PRO C 187 -25.89 -48.41 -8.01
C PRO C 187 -24.92 -47.48 -8.73
N ASN C 188 -24.33 -47.92 -9.84
CA ASN C 188 -23.47 -47.02 -10.62
C ASN C 188 -24.32 -45.95 -11.34
N SER C 189 -23.75 -44.74 -11.52
CA SER C 189 -24.32 -43.69 -12.37
C SER C 189 -23.26 -43.15 -13.33
N ASP C 190 -23.70 -42.42 -14.36
CA ASP C 190 -22.84 -41.63 -15.28
C ASP C 190 -23.48 -40.24 -15.53
N PHE C 191 -23.31 -39.39 -14.51
CA PHE C 191 -24.04 -38.11 -14.22
C PHE C 191 -24.31 -37.19 -15.39
N ASN C 192 -24.94 -36.06 -15.09
CA ASN C 192 -25.39 -35.09 -16.12
C ASN C 192 -26.45 -35.66 -17.09
N ASP C 193 -26.56 -36.99 -17.16
CA ASP C 193 -27.59 -37.65 -17.91
C ASP C 193 -28.87 -37.69 -17.09
N TRP C 194 -29.81 -36.81 -17.43
CA TRP C 194 -31.07 -36.66 -16.67
C TRP C 194 -32.06 -37.81 -16.87
N SER C 195 -31.76 -38.75 -17.77
CA SER C 195 -32.46 -40.06 -17.80
C SER C 195 -32.15 -40.84 -16.54
N HIS C 196 -30.91 -40.74 -16.06
CA HIS C 196 -30.45 -41.41 -14.84
C HIS C 196 -31.01 -40.71 -13.63
N ASP C 197 -30.91 -41.37 -12.47
CA ASP C 197 -31.47 -40.85 -11.24
C ASP C 197 -30.72 -39.61 -10.75
N HIS C 198 -29.38 -39.71 -10.74
CA HIS C 198 -28.43 -38.73 -10.15
C HIS C 198 -27.76 -39.35 -8.96
N ALA C 199 -28.52 -40.06 -8.12
CA ALA C 199 -27.92 -40.73 -6.95
C ALA C 199 -27.09 -41.90 -7.44
N GLY C 200 -25.95 -42.12 -6.78
CA GLY C 200 -25.08 -43.24 -7.13
C GLY C 200 -23.59 -42.95 -7.20
N TYR C 201 -22.78 -44.00 -7.09
CA TYR C 201 -21.31 -43.91 -7.18
C TYR C 201 -20.86 -43.85 -8.64
N GLY C 202 -19.67 -43.26 -8.85
CA GLY C 202 -19.09 -43.16 -10.19
C GLY C 202 -17.92 -42.22 -10.26
N THR C 203 -17.52 -41.91 -11.50
CA THR C 203 -16.48 -40.91 -11.79
C THR C 203 -17.10 -39.57 -12.18
N PHE C 204 -16.53 -38.47 -11.72
CA PHE C 204 -16.91 -37.15 -12.22
C PHE C 204 -16.08 -36.78 -13.43
N GLN C 205 -16.73 -36.22 -14.44
CA GLN C 205 -15.99 -35.76 -15.61
C GLN C 205 -15.34 -34.42 -15.34
N VAL C 206 -14.18 -34.20 -15.95
CA VAL C 206 -13.34 -33.11 -15.52
C VAL C 206 -13.28 -32.03 -16.62
N MET C 207 -13.20 -30.77 -16.21
CA MET C 207 -13.14 -29.65 -17.18
C MET C 207 -11.72 -29.42 -17.62
N GLN C 208 -11.17 -30.44 -18.30
CA GLN C 208 -9.78 -30.46 -18.73
C GLN C 208 -9.68 -30.86 -20.19
N ASP C 209 -8.60 -30.45 -20.83
CA ASP C 209 -8.28 -30.82 -22.21
C ASP C 209 -7.02 -31.66 -22.15
N LYS C 210 -7.18 -32.95 -22.36
CA LYS C 210 -6.08 -33.92 -22.27
C LYS C 210 -5.13 -33.61 -21.12
N GLY C 211 -5.70 -33.47 -19.93
CA GLY C 211 -4.93 -33.20 -18.71
C GLY C 211 -4.58 -31.77 -18.38
N THR C 212 -4.70 -30.86 -19.34
CA THR C 212 -4.49 -29.43 -19.08
C THR C 212 -5.81 -28.78 -18.71
N ARG C 213 -5.78 -27.83 -17.77
CA ARG C 213 -6.99 -27.14 -17.33
C ARG C 213 -7.62 -26.42 -18.51
N ALA C 214 -8.91 -26.71 -18.73
CA ALA C 214 -9.69 -26.07 -19.77
C ALA C 214 -10.59 -24.99 -19.15
N ASP C 215 -9.96 -23.99 -18.54
CA ASP C 215 -10.71 -22.85 -18.00
C ASP C 215 -11.36 -22.01 -19.11
N MET C 216 -12.23 -21.07 -18.71
CA MET C 216 -13.00 -20.30 -19.67
C MET C 216 -12.19 -19.22 -20.40
N TYR C 217 -11.03 -18.83 -19.86
CA TYR C 217 -10.07 -18.00 -20.57
C TYR C 217 -9.55 -18.83 -21.76
N ARG C 218 -8.96 -19.98 -21.46
CA ARG C 218 -8.40 -20.86 -22.48
C ARG C 218 -9.39 -21.24 -23.59
N GLN C 219 -10.65 -21.47 -23.22
CA GLN C 219 -11.64 -22.03 -24.14
C GLN C 219 -12.50 -21.01 -24.90
N TYR C 220 -12.68 -19.83 -24.32
CA TYR C 220 -13.58 -18.80 -24.87
C TYR C 220 -12.90 -17.50 -25.29
N LEU C 221 -12.04 -17.00 -24.40
CA LEU C 221 -11.43 -15.69 -24.57
C LEU C 221 -10.09 -15.71 -25.29
N LYS C 222 -9.16 -16.55 -24.87
CA LYS C 222 -7.81 -16.64 -25.49
C LYS C 222 -7.85 -16.70 -27.03
N PRO C 223 -8.63 -17.63 -27.64
CA PRO C 223 -8.61 -17.60 -29.11
C PRO C 223 -9.20 -16.31 -29.74
N VAL C 224 -10.14 -15.69 -29.04
CA VAL C 224 -10.92 -14.58 -29.57
C VAL C 224 -10.27 -13.21 -29.25
N LEU C 225 -9.28 -13.25 -28.36
CA LEU C 225 -8.39 -12.12 -28.05
C LEU C 225 -7.68 -11.65 -29.32
N GLY C 226 -7.42 -10.35 -29.41
CA GLY C 226 -6.88 -9.76 -30.64
C GLY C 226 -7.93 -9.68 -31.75
N ARG C 227 -9.14 -9.32 -31.36
CA ARG C 227 -10.17 -8.85 -32.27
C ARG C 227 -10.24 -7.36 -32.06
N ARG C 228 -10.17 -6.60 -33.15
CA ARG C 228 -10.26 -5.13 -33.08
C ARG C 228 -11.51 -4.70 -32.29
N ASN C 229 -12.49 -5.60 -32.25
CA ASN C 229 -13.76 -5.43 -31.54
C ASN C 229 -13.64 -5.40 -30.02
N LEU C 230 -12.63 -6.07 -29.49
CA LEU C 230 -12.61 -6.50 -28.09
C LEU C 230 -11.42 -5.98 -27.29
N GLN C 231 -11.73 -5.11 -26.33
CA GLN C 231 -10.76 -4.54 -25.41
C GLN C 231 -10.87 -5.24 -24.05
N VAL C 232 -9.81 -5.97 -23.72
CA VAL C 232 -9.71 -6.68 -22.46
C VAL C 232 -8.74 -5.94 -21.53
N LEU C 233 -9.29 -5.33 -20.48
CA LEU C 233 -8.51 -4.62 -19.52
C LEU C 233 -8.24 -5.44 -18.29
N THR C 234 -6.96 -5.71 -18.08
CA THR C 234 -6.51 -6.56 -16.99
C THR C 234 -5.88 -5.68 -15.90
N GLY C 235 -6.18 -5.99 -14.65
CA GLY C 235 -5.73 -5.15 -13.53
C GLY C 235 -6.62 -3.93 -13.34
N ALA C 236 -7.86 -4.03 -13.77
CA ALA C 236 -8.81 -2.92 -13.68
C ALA C 236 -9.92 -3.27 -12.69
N ALA C 237 -9.93 -2.57 -11.56
CA ALA C 237 -10.82 -2.86 -10.44
C ALA C 237 -12.02 -1.91 -10.48
N VAL C 238 -13.20 -2.47 -10.75
CA VAL C 238 -14.46 -1.70 -10.87
C VAL C 238 -14.91 -1.17 -9.51
N THR C 239 -15.35 0.09 -9.49
CA THR C 239 -15.84 0.75 -8.30
C THR C 239 -17.37 0.82 -8.21
N LYS C 240 -18.02 1.17 -9.33
CA LYS C 240 -19.48 1.26 -9.41
C LYS C 240 -19.97 1.34 -10.84
N VAL C 241 -21.25 1.02 -11.02
CA VAL C 241 -21.98 1.29 -12.25
C VAL C 241 -22.48 2.75 -12.14
N ASN C 242 -22.24 3.54 -13.20
CA ASN C 242 -22.74 4.92 -13.28
C ASN C 242 -24.19 4.89 -13.79
N ILE C 243 -25.11 5.49 -13.03
CA ILE C 243 -26.58 5.41 -13.32
C ILE C 243 -27.29 6.79 -13.60
N ASP C 244 -28.43 6.75 -14.30
CA ASP C 244 -29.10 7.87 -15.07
C ASP C 244 -28.35 9.16 -15.41
N GLY C 248 -33.77 10.85 -14.12
CA GLY C 248 -34.94 10.39 -13.35
C GLY C 248 -35.38 8.95 -13.59
N LYS C 249 -35.44 8.56 -14.86
CA LYS C 249 -35.66 7.16 -15.29
C LYS C 249 -34.33 6.35 -15.39
N ALA C 250 -33.99 5.64 -14.29
CA ALA C 250 -32.64 5.11 -14.06
C ALA C 250 -31.99 4.30 -15.18
N GLN C 251 -30.87 4.77 -15.67
CA GLN C 251 -30.19 4.25 -16.86
C GLN C 251 -28.67 4.09 -16.63
N ALA C 252 -28.16 2.89 -16.84
CA ALA C 252 -26.71 2.64 -16.77
C ALA C 252 -26.01 3.40 -17.89
N LEU C 253 -24.94 4.10 -17.54
CA LEU C 253 -24.20 4.96 -18.45
C LEU C 253 -22.81 4.40 -18.74
N GLY C 254 -22.34 3.58 -17.80
CA GLY C 254 -21.03 2.95 -17.88
C GLY C 254 -20.56 2.55 -16.50
N VAL C 255 -19.23 2.48 -16.34
CA VAL C 255 -18.63 1.90 -15.16
C VAL C 255 -17.43 2.72 -14.71
N GLU C 256 -17.41 3.04 -13.42
CA GLU C 256 -16.24 3.62 -12.77
C GLU C 256 -15.25 2.52 -12.40
N PHE C 257 -13.98 2.73 -12.77
CA PHE C 257 -12.91 1.82 -12.37
C PHE C 257 -11.59 2.53 -12.05
N SER C 258 -10.61 1.72 -11.64
CA SER C 258 -9.29 2.21 -11.26
C SER C 258 -8.23 1.16 -11.56
N THR C 259 -7.32 1.46 -12.49
CA THR C 259 -6.00 0.78 -12.52
C THR C 259 -5.19 1.38 -11.36
N ASP C 260 -4.28 0.60 -10.79
CA ASP C 260 -3.44 1.05 -9.63
C ASP C 260 -4.25 1.44 -8.36
N GLY C 261 -5.45 0.85 -8.23
CA GLY C 261 -6.21 0.79 -6.99
C GLY C 261 -6.58 2.07 -6.28
N PRO C 262 -6.56 2.07 -4.93
CA PRO C 262 -7.03 3.16 -4.05
C PRO C 262 -6.42 4.54 -4.32
N THR C 263 -5.18 4.58 -4.79
CA THR C 263 -4.61 5.83 -5.35
C THR C 263 -5.22 5.95 -6.73
N GLY C 264 -6.52 6.22 -6.73
CA GLY C 264 -7.45 5.97 -7.82
C GLY C 264 -7.11 6.51 -9.17
N GLU C 265 -7.58 7.73 -9.44
CA GLU C 265 -7.73 8.25 -10.80
C GLU C 265 -8.89 7.39 -11.30
N ARG C 266 -10.09 7.89 -11.01
CA ARG C 266 -11.34 7.16 -11.26
C ARG C 266 -11.86 7.34 -12.67
N LEU C 267 -11.57 6.36 -13.50
CA LEU C 267 -11.90 6.40 -14.92
C LEU C 267 -13.34 5.97 -15.14
N SER C 268 -13.97 6.46 -16.21
CA SER C 268 -15.32 6.03 -16.60
C SER C 268 -15.40 5.48 -18.01
N ALA C 269 -15.77 4.21 -18.13
CA ALA C 269 -16.03 3.59 -19.42
C ALA C 269 -17.42 4.05 -19.87
N GLU C 270 -17.52 4.49 -21.11
CA GLU C 270 -18.74 5.10 -21.65
C GLU C 270 -19.52 4.20 -22.61
N LEU C 271 -20.84 4.18 -22.42
CA LEU C 271 -21.72 3.39 -23.25
C LEU C 271 -22.19 4.13 -24.50
N ALA C 272 -22.04 3.49 -25.64
CA ALA C 272 -22.63 3.94 -26.91
C ALA C 272 -24.17 3.96 -26.82
N PRO C 273 -24.84 4.76 -27.67
CA PRO C 273 -26.30 4.83 -27.73
C PRO C 273 -27.11 3.52 -27.58
N GLY C 274 -26.47 2.36 -27.77
CA GLY C 274 -27.15 1.06 -27.61
C GLY C 274 -27.51 0.76 -26.15
N GLY C 275 -27.12 -0.42 -25.69
CA GLY C 275 -27.03 -0.68 -24.25
C GLY C 275 -25.58 -0.48 -23.90
N GLU C 276 -24.98 -1.21 -22.95
CA GLU C 276 -25.58 -2.05 -21.91
C GLU C 276 -24.43 -2.56 -21.03
N VAL C 277 -24.49 -2.28 -19.73
CA VAL C 277 -23.53 -2.79 -18.75
C VAL C 277 -24.02 -4.12 -18.18
N ILE C 278 -23.21 -5.17 -18.31
CA ILE C 278 -23.56 -6.49 -17.74
C ILE C 278 -22.58 -7.04 -16.71
N MET C 279 -23.10 -7.30 -15.52
CA MET C 279 -22.31 -7.71 -14.35
C MET C 279 -21.84 -9.15 -14.44
N CYS C 280 -20.55 -9.38 -14.14
CA CYS C 280 -19.98 -10.73 -14.14
C CYS C 280 -18.95 -10.90 -13.05
N ALA C 281 -19.13 -10.19 -11.94
CA ALA C 281 -18.14 -10.17 -10.86
C ALA C 281 -18.29 -11.32 -9.86
N GLY C 282 -19.21 -12.22 -10.13
CA GLY C 282 -19.42 -13.37 -9.27
C GLY C 282 -20.48 -13.15 -8.19
N ALA C 283 -20.91 -14.26 -7.60
CA ALA C 283 -21.88 -14.27 -6.51
C ALA C 283 -21.39 -13.54 -5.26
N VAL C 284 -20.08 -13.28 -5.18
CA VAL C 284 -19.52 -12.52 -4.08
C VAL C 284 -19.49 -11.02 -4.41
N HIS C 285 -18.89 -10.68 -5.55
CA HIS C 285 -18.54 -9.32 -5.82
C HIS C 285 -19.59 -8.60 -6.61
N THR C 286 -20.39 -9.29 -7.44
CA THR C 286 -21.50 -8.66 -8.12
C THR C 286 -22.51 -7.96 -7.17
N PRO C 287 -23.00 -8.67 -6.10
CA PRO C 287 -23.90 -7.94 -5.24
C PRO C 287 -23.19 -6.82 -4.50
N PHE C 288 -21.90 -6.98 -4.19
CA PHE C 288 -21.14 -5.97 -3.53
C PHE C 288 -21.04 -4.69 -4.38
N LEU C 289 -20.64 -4.86 -5.62
CA LEU C 289 -20.53 -3.75 -6.52
C LEU C 289 -21.88 -3.08 -6.76
N LEU C 290 -22.92 -3.91 -6.90
CA LEU C 290 -24.25 -3.31 -7.12
C LEU C 290 -24.68 -2.49 -5.95
N LYS C 291 -24.38 -2.94 -4.72
CA LYS C 291 -24.74 -2.16 -3.57
C LYS C 291 -24.06 -0.78 -3.55
N HIS C 292 -22.79 -0.74 -3.98
CA HIS C 292 -22.06 0.48 -4.11
C HIS C 292 -22.56 1.33 -5.26
N SER C 293 -23.22 0.72 -6.27
CA SER C 293 -23.76 1.43 -7.41
C SER C 293 -25.11 2.02 -7.08
N GLY C 294 -25.61 1.66 -5.90
CA GLY C 294 -26.83 2.21 -5.33
C GLY C 294 -28.01 1.28 -5.46
N VAL C 295 -27.78 0.06 -5.95
CA VAL C 295 -28.80 -0.95 -6.19
C VAL C 295 -28.70 -1.99 -5.09
N GLY C 296 -29.65 -1.96 -4.16
CA GLY C 296 -29.66 -2.89 -3.03
C GLY C 296 -30.64 -2.53 -1.92
N PRO C 297 -30.62 -3.30 -0.81
CA PRO C 297 -31.44 -3.00 0.36
C PRO C 297 -31.19 -1.60 0.90
N SER C 298 -32.22 -0.76 0.88
CA SER C 298 -32.16 0.53 1.58
C SER C 298 -32.02 0.27 3.07
N ALA C 299 -31.33 1.18 3.76
CA ALA C 299 -30.89 1.04 5.18
C ALA C 299 -29.52 0.41 5.26
N GLU C 300 -29.32 -0.66 4.49
CA GLU C 300 -27.98 -1.21 4.26
C GLU C 300 -27.14 -0.20 3.50
N LEU C 301 -27.74 0.39 2.47
CA LEU C 301 -27.12 1.41 1.66
C LEU C 301 -27.07 2.75 2.40
N LYS C 302 -28.14 3.04 3.14
CA LYS C 302 -28.17 4.24 3.99
C LYS C 302 -27.08 4.22 5.08
N GLU C 303 -26.75 3.03 5.60
CA GLU C 303 -25.75 2.85 6.65
C GLU C 303 -24.38 3.44 6.31
N PHE C 304 -24.05 3.50 5.02
CA PHE C 304 -22.78 4.04 4.57
C PHE C 304 -22.99 5.19 3.61
N GLY C 305 -24.18 5.78 3.69
CA GLY C 305 -24.54 7.00 2.98
C GLY C 305 -24.31 6.94 1.49
N ILE C 306 -24.98 6.01 0.82
CA ILE C 306 -24.97 6.00 -0.63
C ILE C 306 -26.38 6.12 -1.21
N PRO C 307 -26.53 7.02 -2.20
CA PRO C 307 -27.83 7.24 -2.84
C PRO C 307 -28.45 5.92 -3.29
N VAL C 308 -29.70 5.71 -2.88
CA VAL C 308 -30.50 4.54 -3.29
C VAL C 308 -31.08 4.73 -4.70
N VAL C 309 -30.67 3.89 -5.63
CA VAL C 309 -31.44 3.65 -6.89
C VAL C 309 -32.03 2.24 -6.87
N SER C 310 -33.18 2.07 -7.51
CA SER C 310 -33.96 0.80 -7.42
C SER C 310 -34.52 0.50 -6.01
N ASN C 311 -33.65 0.22 -5.04
CA ASN C 311 -34.00 -0.43 -3.77
C ASN C 311 -34.57 -1.84 -3.99
N LEU C 312 -33.68 -2.83 -3.92
CA LEU C 312 -34.02 -4.24 -4.12
C LEU C 312 -33.45 -5.03 -2.94
N ALA C 313 -34.32 -5.52 -2.07
CA ALA C 313 -33.89 -6.21 -0.85
C ALA C 313 -33.12 -7.51 -1.11
N GLY C 314 -33.30 -8.05 -2.32
CA GLY C 314 -32.70 -9.32 -2.70
C GLY C 314 -31.19 -9.33 -2.83
N VAL C 315 -30.58 -8.19 -3.19
CA VAL C 315 -29.14 -8.16 -3.50
C VAL C 315 -28.30 -8.44 -2.24
N GLY C 316 -27.33 -9.34 -2.39
CA GLY C 316 -26.52 -9.81 -1.25
C GLY C 316 -27.18 -10.97 -0.51
N GLN C 317 -28.49 -11.10 -0.67
CA GLN C 317 -29.27 -12.11 0.06
C GLN C 317 -29.38 -13.38 -0.75
N ASN C 318 -29.75 -14.48 -0.09
CA ASN C 318 -29.88 -15.81 -0.69
C ASN C 318 -28.54 -16.37 -1.18
N LEU C 319 -27.53 -16.32 -0.31
CA LEU C 319 -26.19 -16.86 -0.63
C LEU C 319 -26.17 -18.34 -0.34
N GLN C 320 -25.97 -19.14 -1.36
CA GLN C 320 -25.97 -20.61 -1.22
C GLN C 320 -24.60 -21.20 -1.55
N ASP C 321 -24.01 -21.90 -0.58
CA ASP C 321 -22.62 -22.40 -0.74
C ASP C 321 -22.37 -23.91 -0.72
N GLN C 322 -23.27 -24.72 -0.19
CA GLN C 322 -22.99 -26.18 -0.07
C GLN C 322 -21.67 -26.54 0.71
N PRO C 323 -21.78 -26.66 2.06
CA PRO C 323 -20.61 -26.84 2.93
C PRO C 323 -20.08 -28.26 2.93
N ALA C 324 -18.89 -28.44 3.48
CA ALA C 324 -18.17 -29.72 3.44
C ALA C 324 -17.57 -30.14 4.76
N CYS C 325 -17.42 -31.46 4.93
CA CYS C 325 -16.60 -32.02 6.01
C CYS C 325 -15.85 -33.26 5.51
N LEU C 326 -15.18 -33.95 6.42
CA LEU C 326 -14.08 -34.82 6.05
C LEU C 326 -13.88 -36.04 6.92
N THR C 327 -13.66 -37.19 6.28
CA THR C 327 -13.02 -38.34 6.92
C THR C 327 -11.82 -38.69 6.07
N ALA C 328 -10.70 -39.00 6.71
CA ALA C 328 -9.51 -39.49 6.03
C ALA C 328 -8.93 -40.66 6.84
N ALA C 329 -8.06 -41.49 6.22
CA ALA C 329 -7.48 -42.67 6.89
C ALA C 329 -6.22 -43.18 6.18
N PRO C 330 -5.19 -43.63 6.94
CA PRO C 330 -3.96 -44.11 6.29
C PRO C 330 -4.13 -45.55 5.84
N VAL C 331 -3.19 -46.05 5.03
CA VAL C 331 -3.22 -47.47 4.61
C VAL C 331 -2.22 -48.35 5.39
N LYS C 332 -2.60 -49.60 5.65
CA LYS C 332 -1.71 -50.58 6.31
C LYS C 332 -0.56 -50.95 5.36
N GLU C 333 0.69 -50.69 5.76
CA GLU C 333 1.89 -50.86 4.90
C GLU C 333 1.67 -51.19 3.41
N LYS C 334 1.09 -50.18 2.73
CA LYS C 334 0.88 -50.22 1.28
C LYS C 334 1.34 -48.92 0.63
N TYR C 335 2.30 -48.25 1.28
CA TYR C 335 2.76 -46.91 0.87
C TYR C 335 2.88 -46.77 -0.64
N ASP C 336 1.84 -46.17 -1.23
CA ASP C 336 1.74 -45.87 -2.66
C ASP C 336 0.41 -45.27 -3.16
N GLY C 337 0.51 -43.96 -3.48
CA GLY C 337 -0.51 -43.11 -4.13
C GLY C 337 -1.42 -42.38 -3.13
N ILE C 338 -2.01 -41.23 -3.51
CA ILE C 338 -1.64 -40.47 -4.73
C ILE C 338 -0.53 -39.50 -4.37
N ALA C 339 -0.64 -38.89 -3.18
CA ALA C 339 0.45 -38.18 -2.51
C ALA C 339 1.77 -38.76 -2.94
N ILE C 340 1.83 -40.09 -2.88
CA ILE C 340 3.00 -40.90 -3.17
C ILE C 340 3.28 -41.03 -4.68
N SER C 341 2.22 -41.11 -5.50
CA SER C 341 2.39 -41.16 -6.99
C SER C 341 2.97 -39.86 -7.60
N ASP C 342 3.41 -38.92 -6.73
CA ASP C 342 4.04 -37.62 -7.13
C ASP C 342 4.72 -36.79 -6.00
N HIS C 343 5.15 -37.45 -4.93
CA HIS C 343 6.00 -36.80 -3.90
C HIS C 343 7.09 -37.75 -3.37
N ILE C 344 8.00 -37.19 -2.55
CA ILE C 344 9.29 -37.79 -2.06
C ILE C 344 10.35 -37.99 -3.15
N GLY C 349 10.84 -36.36 0.61
CA GLY C 349 9.68 -35.42 0.48
C GLY C 349 9.98 -34.27 -0.44
N GLN C 350 9.78 -34.50 -1.75
CA GLN C 350 10.12 -33.56 -2.83
C GLN C 350 9.59 -34.04 -4.19
N ILE C 351 8.97 -33.13 -4.93
CA ILE C 351 8.34 -33.39 -6.25
C ILE C 351 9.08 -34.36 -7.20
N ARG C 352 8.35 -35.37 -7.68
CA ARG C 352 8.79 -36.30 -8.75
C ARG C 352 8.82 -35.47 -10.10
N LYS C 353 9.62 -35.77 -11.14
CA LYS C 353 10.28 -37.04 -11.52
C LYS C 353 9.19 -37.97 -12.03
N ARG C 354 9.35 -38.50 -13.24
CA ARG C 354 8.36 -39.44 -13.82
C ARG C 354 6.98 -38.79 -14.04
N ALA C 355 6.41 -38.16 -13.01
CA ALA C 355 5.15 -37.46 -13.03
C ALA C 355 5.23 -36.17 -13.83
N ILE C 356 6.37 -35.47 -13.76
CA ILE C 356 6.67 -34.33 -14.63
C ILE C 356 6.82 -34.79 -16.06
N ALA C 357 7.28 -36.02 -16.27
CA ALA C 357 7.46 -36.58 -17.62
C ALA C 357 6.13 -37.17 -18.09
N SER C 358 5.32 -37.72 -17.19
CA SER C 358 3.97 -38.24 -17.53
C SER C 358 3.02 -37.09 -17.94
N TYR C 359 2.84 -36.10 -17.07
CA TYR C 359 2.26 -34.81 -17.48
C TYR C 359 3.24 -34.18 -18.45
N LEU C 360 2.71 -33.49 -19.46
CA LEU C 360 3.51 -32.82 -20.52
C LEU C 360 4.26 -33.90 -21.28
N LEU C 361 4.12 -33.90 -22.59
CA LEU C 361 4.70 -34.95 -23.44
C LEU C 361 3.90 -36.25 -23.41
N GLY C 362 3.87 -36.91 -22.27
CA GLY C 362 3.34 -38.27 -22.14
C GLY C 362 1.84 -38.46 -22.29
N GLY C 363 1.17 -37.47 -22.88
CA GLY C 363 -0.29 -37.48 -23.03
C GLY C 363 -0.98 -37.27 -21.68
N ARG C 364 -0.17 -36.88 -20.70
CA ARG C 364 -0.62 -36.50 -19.34
C ARG C 364 -0.94 -37.71 -18.44
N GLY C 365 -0.18 -37.83 -17.34
CA GLY C 365 -0.39 -38.86 -16.32
C GLY C 365 -0.81 -38.22 -15.00
N GLY C 366 -0.58 -38.91 -13.87
CA GLY C 366 -0.87 -38.36 -12.53
C GLY C 366 -0.21 -37.02 -12.34
N LEU C 367 -0.89 -36.09 -11.63
CA LEU C 367 -0.61 -34.62 -11.64
C LEU C 367 -1.51 -33.96 -12.70
N THR C 368 -2.16 -34.80 -13.50
CA THR C 368 -3.31 -34.41 -14.33
C THR C 368 -4.43 -34.01 -13.40
N SER C 369 -4.57 -34.79 -12.33
CA SER C 369 -5.37 -34.42 -11.17
C SER C 369 -6.85 -34.20 -11.51
N THR C 370 -7.60 -33.43 -10.70
CA THR C 370 -7.23 -32.94 -9.36
C THR C 370 -7.23 -34.13 -8.37
N GLY C 371 -7.56 -33.91 -7.09
CA GLY C 371 -7.96 -35.02 -6.23
C GLY C 371 -9.46 -35.08 -6.44
N CYS C 372 -10.19 -35.81 -5.61
CA CYS C 372 -11.66 -35.69 -5.57
C CYS C 372 -12.40 -35.79 -6.94
N ASP C 373 -11.77 -36.52 -7.87
CA ASP C 373 -12.29 -36.75 -9.21
C ASP C 373 -13.55 -37.59 -9.19
N ARG C 374 -13.70 -38.45 -8.18
CA ARG C 374 -14.69 -39.52 -8.21
C ARG C 374 -15.43 -39.57 -6.90
N GLY C 375 -16.65 -40.09 -6.92
CA GLY C 375 -17.44 -40.17 -5.71
C GLY C 375 -18.87 -40.62 -5.91
N ALA C 376 -19.78 -39.99 -5.19
CA ALA C 376 -21.19 -40.35 -5.23
C ALA C 376 -22.17 -39.22 -4.95
N PHE C 377 -23.40 -39.40 -5.45
CA PHE C 377 -24.54 -38.67 -4.94
C PHE C 377 -25.42 -39.63 -4.16
N VAL C 378 -25.81 -39.21 -2.95
CA VAL C 378 -26.48 -40.07 -1.98
C VAL C 378 -27.66 -39.32 -1.34
N ARG C 379 -28.78 -40.03 -1.20
CA ARG C 379 -29.92 -39.61 -0.36
C ARG C 379 -29.78 -40.10 1.10
N THR C 380 -29.46 -39.18 2.03
CA THR C 380 -29.27 -39.55 3.44
C THR C 380 -30.54 -39.89 4.21
N ALA C 381 -31.69 -39.37 3.74
CA ALA C 381 -32.99 -39.64 4.37
C ALA C 381 -34.14 -39.69 3.35
N GLY C 382 -33.90 -40.36 2.22
CA GLY C 382 -34.89 -40.47 1.14
C GLY C 382 -35.56 -39.17 0.71
N GLN C 383 -34.77 -38.10 0.65
CA GLN C 383 -35.17 -36.83 0.04
C GLN C 383 -35.57 -36.99 -1.44
N ALA C 384 -36.26 -35.98 -1.98
CA ALA C 384 -36.63 -35.91 -3.39
C ALA C 384 -35.40 -36.02 -4.31
N LEU C 385 -34.29 -35.43 -3.86
CA LEU C 385 -33.03 -35.42 -4.60
C LEU C 385 -31.86 -35.61 -3.64
N PRO C 386 -30.76 -36.24 -4.11
CA PRO C 386 -29.59 -36.45 -3.25
C PRO C 386 -29.16 -35.17 -2.55
N ASP C 387 -29.14 -35.23 -1.23
CA ASP C 387 -28.70 -34.11 -0.39
C ASP C 387 -27.21 -34.18 -0.09
N LEU C 388 -26.59 -35.33 -0.38
CA LEU C 388 -25.19 -35.58 -0.04
C LEU C 388 -24.30 -35.83 -1.27
N GLN C 389 -23.19 -35.11 -1.32
CA GLN C 389 -22.16 -35.42 -2.29
C GLN C 389 -20.96 -35.98 -1.58
N VAL C 390 -20.43 -37.08 -2.12
CA VAL C 390 -19.21 -37.67 -1.60
C VAL C 390 -18.11 -37.48 -2.64
N ARG C 391 -17.00 -36.91 -2.19
CA ARG C 391 -15.81 -36.75 -3.03
C ARG C 391 -14.70 -37.64 -2.49
N PHE C 392 -14.31 -38.64 -3.28
CA PHE C 392 -13.28 -39.57 -2.86
C PHE C 392 -11.91 -39.17 -3.41
N VAL C 393 -10.97 -38.94 -2.50
CA VAL C 393 -9.60 -38.61 -2.85
C VAL C 393 -8.67 -39.78 -2.55
N PRO C 394 -7.85 -40.20 -3.52
CA PRO C 394 -6.92 -41.28 -3.21
C PRO C 394 -5.64 -40.83 -2.45
N GLY C 395 -5.79 -39.79 -1.62
CA GLY C 395 -4.71 -39.24 -0.79
C GLY C 395 -5.24 -38.99 0.61
N MET C 396 -4.35 -39.00 1.61
CA MET C 396 -4.80 -38.81 3.00
C MET C 396 -4.72 -37.34 3.44
N ALA C 397 -5.86 -36.80 3.86
CA ALA C 397 -5.93 -35.43 4.33
C ALA C 397 -5.24 -35.31 5.69
N LEU C 398 -4.50 -34.21 5.88
CA LEU C 398 -3.77 -33.99 7.14
C LEU C 398 -4.39 -32.93 8.05
N ASP C 399 -5.47 -32.32 7.57
CA ASP C 399 -6.29 -31.38 8.33
C ASP C 399 -7.78 -31.69 8.09
N PRO C 400 -8.66 -31.47 9.09
CA PRO C 400 -10.08 -31.76 8.84
C PRO C 400 -10.81 -30.72 7.96
N ASP C 401 -10.10 -29.67 7.58
CA ASP C 401 -10.51 -28.70 6.56
C ASP C 401 -9.80 -29.08 5.23
N GLY C 402 -10.57 -29.57 4.25
CA GLY C 402 -10.01 -30.12 3.00
C GLY C 402 -9.19 -29.07 2.26
N VAL C 403 -9.66 -27.83 2.29
CA VAL C 403 -9.00 -26.75 1.59
C VAL C 403 -7.58 -26.53 2.18
N SER C 404 -7.50 -26.42 3.50
CA SER C 404 -6.23 -26.18 4.11
C SER C 404 -5.28 -27.39 4.15
N THR C 405 -5.85 -28.56 3.82
CA THR C 405 -4.98 -29.74 3.53
C THR C 405 -4.23 -29.54 2.21
N TYR C 406 -4.96 -29.11 1.18
CA TYR C 406 -4.38 -28.75 -0.08
C TYR C 406 -3.33 -27.66 0.08
N VAL C 407 -3.59 -26.70 0.92
CA VAL C 407 -2.65 -25.62 1.16
C VAL C 407 -1.35 -26.13 1.75
N ARG C 408 -1.44 -27.07 2.70
CA ARG C 408 -0.23 -27.66 3.27
C ARG C 408 0.50 -28.62 2.32
N PHE C 409 -0.24 -29.21 1.44
CA PHE C 409 0.31 -30.07 0.38
C PHE C 409 1.16 -29.27 -0.57
N ALA C 410 0.68 -28.06 -0.91
CA ALA C 410 1.51 -27.16 -1.74
C ALA C 410 2.76 -26.72 -0.98
N LYS C 411 2.59 -26.40 0.31
CA LYS C 411 3.72 -26.03 1.19
C LYS C 411 4.58 -27.24 1.62
N PHE C 412 4.61 -28.27 0.78
CA PHE C 412 5.28 -29.53 1.09
C PHE C 412 6.30 -29.79 -0.01
N GLN C 413 7.51 -29.29 0.20
CA GLN C 413 8.62 -29.49 -0.75
C GLN C 413 9.92 -29.20 -0.01
N SER C 414 10.94 -29.99 -0.30
CA SER C 414 12.26 -29.91 0.36
C SER C 414 12.27 -30.02 1.90
N GLN C 415 11.19 -29.60 2.55
CA GLN C 415 11.02 -29.83 3.98
C GLN C 415 10.49 -31.21 4.25
N GLY C 416 9.80 -31.77 3.26
CA GLY C 416 9.09 -33.05 3.38
C GLY C 416 9.80 -34.19 4.09
N LEU C 417 9.08 -34.84 4.98
CA LEU C 417 9.40 -36.20 5.39
C LEU C 417 8.74 -37.06 4.29
N LYS C 418 7.46 -37.36 4.53
CA LYS C 418 6.66 -38.19 3.66
C LYS C 418 5.22 -37.94 4.04
N TRP C 419 4.38 -37.71 3.04
CA TRP C 419 2.94 -37.61 3.25
C TRP C 419 2.39 -39.03 3.56
N PRO C 420 1.81 -39.21 4.78
CA PRO C 420 1.43 -40.50 5.39
C PRO C 420 0.82 -41.57 4.49
N SER C 421 0.16 -41.16 3.38
CA SER C 421 -0.34 -42.11 2.37
C SER C 421 -1.64 -42.87 2.74
N GLY C 422 -2.74 -42.49 2.08
CA GLY C 422 -4.05 -43.09 2.39
C GLY C 422 -5.20 -42.55 1.56
N ILE C 423 -6.39 -42.46 2.17
CA ILE C 423 -7.61 -42.06 1.47
C ILE C 423 -8.37 -40.99 2.26
N THR C 424 -9.19 -40.22 1.53
CA THR C 424 -10.05 -39.22 2.10
C THR C 424 -11.41 -39.28 1.42
N MET C 425 -12.46 -39.06 2.21
CA MET C 425 -13.80 -38.92 1.70
C MET C 425 -14.40 -37.61 2.18
N GLN C 426 -14.63 -36.70 1.23
CA GLN C 426 -15.18 -35.39 1.53
C GLN C 426 -16.71 -35.45 1.37
N LEU C 427 -17.40 -34.81 2.29
CA LEU C 427 -18.84 -34.89 2.37
C LEU C 427 -19.43 -33.51 2.23
N ILE C 428 -20.21 -33.31 1.16
CA ILE C 428 -20.79 -32.02 0.81
C ILE C 428 -22.31 -32.13 0.90
N ALA C 429 -22.93 -31.08 1.42
CA ALA C 429 -24.36 -30.97 1.34
C ALA C 429 -24.77 -30.25 0.03
N CYS C 430 -25.05 -31.05 -1.01
CA CYS C 430 -25.38 -30.58 -2.37
C CYS C 430 -26.42 -29.49 -2.42
N ARG C 431 -27.58 -29.77 -1.82
CA ARG C 431 -28.73 -28.91 -2.00
C ARG C 431 -29.11 -28.39 -0.64
N PRO C 432 -28.27 -27.52 -0.06
CA PRO C 432 -28.44 -27.15 1.34
C PRO C 432 -29.67 -26.30 1.56
N GLN C 433 -30.11 -26.22 2.81
CA GLN C 433 -31.29 -25.43 3.15
C GLN C 433 -30.94 -24.08 3.73
N SER C 434 -29.86 -24.06 4.52
CA SER C 434 -29.31 -22.83 5.08
C SER C 434 -28.80 -21.88 3.99
N THR C 435 -28.93 -20.57 4.24
CA THR C 435 -28.44 -19.54 3.34
C THR C 435 -27.64 -18.48 4.14
N GLY C 436 -26.80 -17.74 3.44
CA GLY C 436 -26.01 -16.65 4.04
C GLY C 436 -26.28 -15.34 3.33
N SER C 437 -25.34 -14.39 3.47
CA SER C 437 -25.45 -13.10 2.81
C SER C 437 -24.10 -12.42 2.54
N VAL C 438 -24.07 -11.56 1.52
CA VAL C 438 -22.93 -10.70 1.19
C VAL C 438 -23.35 -9.25 1.36
N GLY C 439 -22.66 -8.52 2.25
CA GLY C 439 -23.04 -7.14 2.58
C GLY C 439 -21.96 -6.08 2.37
N LEU C 440 -22.11 -4.96 3.05
CA LEU C 440 -21.10 -3.92 3.05
C LEU C 440 -20.52 -3.72 4.45
N LYS C 441 -19.24 -3.41 4.47
CA LYS C 441 -18.48 -3.37 5.71
C LYS C 441 -18.07 -1.92 5.97
N SER C 442 -18.04 -1.12 4.90
CA SER C 442 -17.70 0.29 4.92
C SER C 442 -18.16 0.94 3.63
N ALA C 443 -17.95 2.24 3.50
CA ALA C 443 -18.23 2.95 2.25
C ALA C 443 -17.13 2.71 1.21
N ASP C 444 -15.99 2.16 1.64
CA ASP C 444 -14.86 1.87 0.74
C ASP C 444 -15.08 0.67 -0.23
N PRO C 445 -15.15 0.96 -1.56
CA PRO C 445 -15.29 -0.11 -2.57
C PRO C 445 -14.01 -0.91 -2.77
N PHE C 446 -12.96 -0.56 -2.04
CA PHE C 446 -11.70 -1.29 -2.06
C PHE C 446 -11.54 -2.15 -0.82
N ALA C 447 -12.40 -1.93 0.18
CA ALA C 447 -12.54 -2.87 1.30
C ALA C 447 -13.11 -4.24 0.86
N PRO C 448 -12.81 -5.32 1.62
CA PRO C 448 -13.45 -6.60 1.37
C PRO C 448 -14.96 -6.58 1.69
N PRO C 449 -15.75 -7.43 1.02
CA PRO C 449 -17.19 -7.28 1.00
C PRO C 449 -18.04 -7.86 2.15
N LYS C 450 -17.48 -8.25 3.29
CA LYS C 450 -18.32 -8.79 4.43
C LYS C 450 -19.20 -10.01 4.09
N LEU C 451 -18.61 -11.20 4.22
CA LEU C 451 -19.30 -12.45 3.89
C LEU C 451 -19.74 -13.14 5.16
N SER C 452 -20.90 -13.76 5.11
CA SER C 452 -21.24 -14.81 6.05
C SER C 452 -21.93 -15.89 5.26
N PRO C 453 -21.35 -17.11 5.21
CA PRO C 453 -21.93 -18.21 4.44
C PRO C 453 -23.23 -18.78 5.03
N GLY C 454 -23.41 -18.58 6.33
CA GLY C 454 -24.60 -19.06 7.06
C GLY C 454 -24.75 -20.56 7.09
N TYR C 455 -23.64 -21.30 7.10
CA TYR C 455 -23.66 -22.76 7.14
C TYR C 455 -24.43 -23.27 8.35
N LEU C 456 -25.13 -24.39 8.18
CA LEU C 456 -25.88 -25.05 9.27
C LEU C 456 -26.79 -24.05 10.00
N THR C 457 -27.53 -23.25 9.24
CA THR C 457 -28.32 -22.16 9.79
C THR C 457 -29.83 -22.41 9.71
N ASP C 458 -30.25 -23.26 8.77
CA ASP C 458 -31.66 -23.54 8.49
C ASP C 458 -32.47 -23.89 9.74
N LYS C 459 -33.77 -23.63 9.67
CA LYS C 459 -34.70 -23.88 10.78
C LYS C 459 -34.62 -25.31 11.30
N ASP C 460 -34.71 -26.28 10.39
CA ASP C 460 -34.86 -27.70 10.77
C ASP C 460 -33.57 -28.40 11.18
N GLY C 461 -32.43 -27.73 11.05
CA GLY C 461 -31.12 -28.36 11.24
C GLY C 461 -30.82 -29.43 10.17
N ALA C 462 -31.33 -29.21 8.96
CA ALA C 462 -31.27 -30.20 7.89
C ALA C 462 -29.84 -30.36 7.33
N ASP C 463 -29.15 -29.23 7.24
CA ASP C 463 -27.79 -29.23 6.73
C ASP C 463 -26.82 -29.99 7.65
N LEU C 464 -26.95 -29.73 8.94
CA LEU C 464 -26.17 -30.43 9.92
C LEU C 464 -26.48 -31.93 9.89
N ALA C 465 -27.76 -32.28 9.73
CA ALA C 465 -28.16 -33.67 9.63
C ALA C 465 -27.56 -34.41 8.43
N THR C 466 -27.84 -33.91 7.24
CA THR C 466 -27.27 -34.44 6.03
C THR C 466 -25.74 -34.60 6.18
N LEU C 467 -25.10 -33.66 6.91
CA LEU C 467 -23.66 -33.76 7.04
C LEU C 467 -23.24 -34.79 8.07
N ARG C 468 -24.02 -34.93 9.12
CA ARG C 468 -23.73 -35.92 10.15
C ARG C 468 -23.94 -37.36 9.57
N LYS C 469 -25.07 -37.57 8.92
CA LYS C 469 -25.31 -38.81 8.25
C LYS C 469 -24.18 -39.13 7.28
N GLY C 470 -23.63 -38.08 6.62
CA GLY C 470 -22.54 -38.30 5.68
C GLY C 470 -21.33 -38.95 6.31
N ILE C 471 -20.98 -38.51 7.52
CA ILE C 471 -19.91 -39.09 8.27
C ILE C 471 -20.12 -40.59 8.53
N HIS C 472 -21.34 -40.90 8.95
CA HIS C 472 -21.74 -42.26 9.20
C HIS C 472 -21.60 -43.13 7.94
N TRP C 473 -22.07 -42.56 6.82
CA TRP C 473 -21.98 -43.22 5.54
C TRP C 473 -20.51 -43.55 5.17
N ALA C 474 -19.67 -42.55 5.40
CA ALA C 474 -18.25 -42.67 5.15
C ALA C 474 -17.63 -43.79 5.97
N ARG C 475 -18.00 -43.82 7.25
CA ARG C 475 -17.50 -44.87 8.12
C ARG C 475 -17.95 -46.27 7.67
N ASP C 476 -19.19 -46.34 7.26
CA ASP C 476 -19.75 -47.58 6.72
C ASP C 476 -18.90 -48.07 5.55
N VAL C 477 -18.56 -47.14 4.65
CA VAL C 477 -17.78 -47.42 3.48
C VAL C 477 -16.35 -47.90 3.82
N ALA C 478 -15.77 -47.22 4.82
CA ALA C 478 -14.45 -47.54 5.28
C ALA C 478 -14.37 -48.90 5.93
N ARG C 479 -15.51 -49.32 6.55
CA ARG C 479 -15.59 -50.63 7.22
C ARG C 479 -16.01 -51.72 6.20
N SER C 480 -16.33 -51.35 4.95
CA SER C 480 -16.61 -52.33 3.88
C SER C 480 -15.47 -53.34 3.71
N SER C 481 -15.85 -54.54 3.27
CA SER C 481 -14.89 -55.61 3.02
C SER C 481 -13.74 -55.15 2.15
N ALA C 482 -14.07 -54.42 1.07
CA ALA C 482 -13.10 -53.96 0.07
C ALA C 482 -12.11 -52.93 0.61
N LEU C 483 -12.62 -51.88 1.29
CA LEU C 483 -11.77 -50.80 1.77
C LEU C 483 -10.94 -51.18 2.99
N SER C 484 -11.61 -51.79 3.99
CA SER C 484 -10.97 -52.22 5.24
C SER C 484 -9.71 -53.05 5.01
N GLU C 485 -9.68 -53.76 3.88
CA GLU C 485 -8.50 -54.47 3.39
C GLU C 485 -7.27 -53.54 3.34
N TYR C 486 -7.46 -52.36 2.74
CA TYR C 486 -6.38 -51.38 2.54
C TYR C 486 -6.10 -50.52 3.78
N LEU C 487 -7.17 -50.13 4.49
CA LEU C 487 -7.10 -49.09 5.51
C LEU C 487 -6.46 -49.48 6.84
N ASP C 488 -5.56 -48.62 7.34
CA ASP C 488 -4.98 -48.74 8.68
C ASP C 488 -5.87 -48.01 9.70
N GLY C 489 -7.18 -48.24 9.53
CA GLY C 489 -8.25 -47.90 10.46
C GLY C 489 -8.23 -46.50 11.04
N GLU C 490 -8.75 -46.40 12.27
CA GLU C 490 -8.71 -45.24 13.18
C GLU C 490 -9.14 -43.87 12.61
N LEU C 491 -9.36 -43.82 11.31
CA LEU C 491 -9.65 -42.60 10.55
C LEU C 491 -8.85 -41.29 10.88
N PHE C 492 -9.42 -40.17 10.44
CA PHE C 492 -9.03 -38.84 10.83
C PHE C 492 -9.96 -38.30 11.91
N PRO C 493 -11.33 -38.21 11.66
CA PRO C 493 -12.24 -37.59 12.67
C PRO C 493 -11.94 -38.10 14.08
N GLY C 494 -11.51 -39.36 14.14
CA GLY C 494 -11.10 -40.00 15.35
C GLY C 494 -12.08 -41.11 15.67
N SER C 495 -11.56 -42.21 16.19
CA SER C 495 -12.40 -43.16 16.90
C SER C 495 -12.92 -42.50 18.20
N GLY C 496 -12.28 -41.38 18.57
CA GLY C 496 -12.72 -40.50 19.66
C GLY C 496 -14.05 -39.80 19.48
N VAL C 497 -14.44 -39.53 18.24
CA VAL C 497 -15.79 -38.92 17.99
C VAL C 497 -16.82 -39.99 17.60
N VAL C 498 -17.73 -40.28 18.53
CA VAL C 498 -18.65 -41.41 18.39
C VAL C 498 -20.13 -41.06 18.45
N SER C 499 -20.52 -40.20 19.40
CA SER C 499 -21.91 -39.76 19.55
C SER C 499 -22.32 -38.81 18.43
N ASP C 500 -23.63 -38.58 18.25
CA ASP C 500 -24.13 -37.60 17.29
C ASP C 500 -23.73 -36.18 17.68
N ASP C 501 -23.79 -35.88 18.99
CA ASP C 501 -23.34 -34.59 19.45
C ASP C 501 -21.85 -34.37 19.18
N GLN C 502 -21.04 -35.40 19.34
CA GLN C 502 -19.64 -35.36 19.05
C GLN C 502 -19.33 -35.31 17.56
N ILE C 503 -20.16 -35.86 16.73
CA ILE C 503 -20.06 -35.65 15.29
C ILE C 503 -20.30 -34.17 14.98
N ASP C 504 -21.34 -33.61 15.58
CA ASP C 504 -21.77 -32.26 15.34
C ASP C 504 -20.80 -31.23 15.82
N GLU C 505 -20.02 -31.57 16.86
CA GLU C 505 -18.93 -30.65 17.26
C GLU C 505 -17.76 -30.71 16.28
N TYR C 506 -17.45 -31.94 15.83
CA TYR C 506 -16.40 -32.11 14.82
C TYR C 506 -16.65 -31.30 13.52
N ILE C 507 -17.74 -31.62 12.83
CA ILE C 507 -18.26 -30.77 11.75
C ILE C 507 -18.77 -29.56 12.49
N ARG C 508 -18.45 -28.36 12.04
CA ARG C 508 -18.68 -27.13 12.83
C ARG C 508 -17.37 -26.61 13.38
N ARG C 509 -16.52 -27.50 13.88
CA ARG C 509 -15.11 -27.16 14.11
C ARG C 509 -14.34 -27.30 12.81
N SER C 510 -14.80 -28.20 11.93
CA SER C 510 -14.03 -28.55 10.75
C SER C 510 -14.71 -28.15 9.43
N ILE C 511 -15.97 -27.71 9.51
CA ILE C 511 -16.74 -27.34 8.31
C ILE C 511 -15.98 -26.34 7.43
N HIS C 512 -16.07 -26.55 6.11
CA HIS C 512 -15.38 -25.73 5.12
C HIS C 512 -16.20 -25.66 3.83
N SER C 513 -15.73 -24.89 2.86
CA SER C 513 -16.45 -24.67 1.62
C SER C 513 -16.04 -25.64 0.55
N SER C 514 -17.05 -26.21 -0.13
CA SER C 514 -16.83 -27.01 -1.34
C SER C 514 -16.83 -26.11 -2.58
N ASN C 515 -16.83 -24.79 -2.30
CA ASN C 515 -16.57 -23.71 -3.24
C ASN C 515 -17.55 -23.59 -4.39
N ALA C 516 -18.81 -23.42 -4.03
CA ALA C 516 -19.85 -23.32 -5.02
C ALA C 516 -20.85 -22.33 -4.50
N ILE C 517 -20.54 -21.05 -4.69
CA ILE C 517 -21.35 -19.98 -4.12
C ILE C 517 -22.29 -19.38 -5.17
N THR C 518 -23.59 -19.31 -4.86
CA THR C 518 -24.60 -18.80 -5.84
C THR C 518 -25.78 -18.06 -5.21
N GLY C 519 -26.50 -17.29 -6.02
CA GLY C 519 -27.86 -16.83 -5.67
C GLY C 519 -28.07 -15.42 -5.10
N THR C 520 -26.98 -14.66 -5.00
CA THR C 520 -27.01 -13.35 -4.37
C THR C 520 -27.73 -12.25 -5.15
N CYS C 521 -27.87 -12.43 -6.46
CA CYS C 521 -28.76 -11.59 -7.26
C CYS C 521 -29.72 -12.46 -8.06
N LYS C 522 -30.63 -13.13 -7.35
CA LYS C 522 -31.41 -14.22 -7.95
C LYS C 522 -32.40 -13.75 -9.00
N MET C 523 -32.59 -14.57 -10.03
CA MET C 523 -33.60 -14.31 -11.06
C MET C 523 -34.94 -14.82 -10.59
N GLY C 524 -35.93 -13.94 -10.70
CA GLY C 524 -37.31 -14.29 -10.43
C GLY C 524 -38.19 -13.82 -11.56
N ASN C 525 -39.49 -13.96 -11.39
CA ASN C 525 -40.40 -13.53 -12.41
C ASN C 525 -41.43 -12.55 -11.87
N ALA C 526 -42.25 -12.01 -12.78
CA ALA C 526 -43.38 -11.12 -12.48
C ALA C 526 -43.20 -10.32 -11.19
N GLY C 527 -43.86 -10.73 -10.09
CA GLY C 527 -43.84 -9.96 -8.87
C GLY C 527 -42.95 -10.51 -7.78
N ASP C 528 -41.80 -11.07 -8.17
CA ASP C 528 -40.90 -11.69 -7.19
C ASP C 528 -40.22 -10.61 -6.37
N SER C 529 -40.75 -10.43 -5.16
CA SER C 529 -40.33 -9.39 -4.23
C SER C 529 -38.89 -9.59 -3.70
N SER C 530 -38.38 -10.81 -3.74
CA SER C 530 -37.03 -11.11 -3.26
C SER C 530 -35.99 -11.23 -4.38
N SER C 531 -36.46 -11.17 -5.62
CA SER C 531 -35.58 -11.26 -6.79
C SER C 531 -34.87 -9.94 -7.09
N VAL C 532 -33.82 -10.03 -7.91
CA VAL C 532 -32.97 -8.89 -8.27
C VAL C 532 -33.02 -8.68 -9.78
N VAL C 533 -33.02 -9.77 -10.54
CA VAL C 533 -33.27 -9.67 -11.98
C VAL C 533 -34.55 -10.39 -12.40
N ASP C 534 -35.05 -10.03 -13.58
CA ASP C 534 -36.24 -10.64 -14.17
C ASP C 534 -35.88 -11.88 -15.01
N ASN C 535 -36.89 -12.39 -15.70
CA ASN C 535 -36.79 -13.38 -16.76
C ASN C 535 -35.60 -13.26 -17.73
N GLN C 536 -35.29 -12.01 -18.12
CA GLN C 536 -34.32 -11.67 -19.18
C GLN C 536 -32.97 -11.33 -18.56
N LEU C 537 -32.84 -11.60 -17.25
CA LEU C 537 -31.67 -11.28 -16.44
C LEU C 537 -31.42 -9.79 -16.36
N ARG C 538 -32.49 -8.99 -16.30
CA ARG C 538 -32.37 -7.52 -16.36
C ARG C 538 -31.80 -6.95 -15.06
N VAL C 539 -32.61 -6.36 -14.16
CA VAL C 539 -32.11 -5.82 -12.88
C VAL C 539 -33.11 -4.88 -12.21
N HIS C 540 -34.35 -5.00 -12.63
CA HIS C 540 -35.47 -4.31 -12.00
C HIS C 540 -35.30 -2.77 -12.12
N GLY C 541 -34.71 -2.12 -11.12
CA GLY C 541 -34.69 -0.66 -11.04
C GLY C 541 -33.94 0.16 -12.07
N VAL C 542 -33.17 -0.48 -12.95
CA VAL C 542 -32.20 0.21 -13.81
C VAL C 542 -32.22 -0.32 -15.23
N GLU C 543 -32.27 0.59 -16.22
CA GLU C 543 -32.17 0.21 -17.62
C GLU C 543 -30.72 0.16 -18.09
N GLY C 544 -30.45 -0.75 -19.03
CA GLY C 544 -29.12 -0.92 -19.58
C GLY C 544 -28.18 -1.74 -18.72
N LEU C 545 -28.72 -2.38 -17.68
CA LEU C 545 -27.92 -3.11 -16.69
C LEU C 545 -28.44 -4.53 -16.48
N ARG C 546 -27.53 -5.52 -16.58
CA ARG C 546 -27.88 -6.93 -16.34
C ARG C 546 -26.86 -7.66 -15.46
N VAL C 547 -27.21 -8.87 -14.98
CA VAL C 547 -26.20 -9.78 -14.41
C VAL C 547 -26.20 -11.09 -15.18
N VAL C 548 -25.02 -11.53 -15.60
CA VAL C 548 -24.87 -12.82 -16.28
C VAL C 548 -23.72 -13.52 -15.55
N ASP C 549 -24.11 -14.40 -14.63
CA ASP C 549 -23.34 -14.64 -13.42
C ASP C 549 -23.87 -15.77 -12.55
N ALA C 550 -22.99 -16.37 -11.76
CA ALA C 550 -23.37 -17.38 -10.74
C ALA C 550 -24.39 -16.82 -9.75
N SER C 551 -24.38 -15.50 -9.58
CA SER C 551 -25.24 -14.82 -8.60
C SER C 551 -26.74 -14.94 -8.95
N VAL C 552 -27.04 -15.29 -10.20
CA VAL C 552 -28.38 -15.22 -10.70
C VAL C 552 -29.22 -16.48 -10.40
N VAL C 553 -28.56 -17.52 -9.91
CA VAL C 553 -29.12 -18.86 -9.70
C VAL C 553 -30.13 -18.94 -8.55
N PRO C 554 -31.43 -19.11 -8.85
CA PRO C 554 -32.51 -19.12 -7.83
C PRO C 554 -32.37 -20.20 -6.75
N LYS C 555 -32.14 -21.45 -7.14
CA LYS C 555 -31.80 -22.53 -6.21
C LYS C 555 -30.55 -23.26 -6.67
N ILE C 556 -29.53 -23.32 -5.81
CA ILE C 556 -28.28 -24.03 -6.10
C ILE C 556 -28.55 -25.47 -6.58
N PRO C 557 -27.99 -25.87 -7.75
CA PRO C 557 -28.19 -27.23 -8.22
C PRO C 557 -27.29 -28.25 -7.48
N GLY C 558 -27.33 -29.51 -7.94
CA GLY C 558 -26.74 -30.65 -7.26
C GLY C 558 -25.23 -30.66 -7.15
N GLY C 559 -24.53 -30.68 -8.27
CA GLY C 559 -23.08 -30.80 -8.19
C GLY C 559 -22.32 -29.52 -7.87
N GLN C 560 -21.35 -29.21 -8.74
CA GLN C 560 -20.57 -27.97 -8.67
C GLN C 560 -21.11 -27.01 -9.74
N THR C 561 -20.58 -25.77 -9.72
CA THR C 561 -21.30 -24.63 -10.25
C THR C 561 -20.80 -24.14 -11.60
N GLY C 562 -19.56 -24.42 -11.98
CA GLY C 562 -19.00 -23.93 -13.22
C GLY C 562 -19.90 -24.15 -14.43
N ALA C 563 -20.28 -25.42 -14.60
CA ALA C 563 -21.08 -25.85 -15.75
C ALA C 563 -22.38 -25.07 -15.92
N PRO C 564 -23.16 -24.83 -14.83
CA PRO C 564 -24.38 -24.06 -14.97
C PRO C 564 -24.09 -22.58 -15.30
N VAL C 565 -22.99 -22.05 -14.78
CA VAL C 565 -22.57 -20.68 -15.09
C VAL C 565 -22.26 -20.51 -16.58
N VAL C 566 -21.48 -21.44 -17.13
CA VAL C 566 -21.22 -21.48 -18.55
C VAL C 566 -22.39 -22.19 -19.21
N MET C 567 -23.53 -21.50 -19.27
CA MET C 567 -24.80 -22.04 -19.74
C MET C 567 -25.75 -20.87 -19.62
N ILE C 568 -25.83 -20.30 -18.42
CA ILE C 568 -26.46 -19.02 -18.24
C ILE C 568 -25.72 -17.99 -19.11
N ALA C 569 -24.39 -18.10 -19.23
CA ALA C 569 -23.67 -17.15 -20.09
C ALA C 569 -24.00 -17.39 -21.60
N GLU C 570 -24.03 -18.68 -21.96
CA GLU C 570 -24.29 -19.06 -23.33
C GLU C 570 -25.69 -18.64 -23.82
N ARG C 571 -26.65 -18.94 -22.96
CA ARG C 571 -28.03 -18.58 -23.21
C ARG C 571 -28.18 -17.04 -23.25
N ALA C 572 -27.49 -16.36 -22.34
CA ALA C 572 -27.66 -14.94 -22.27
C ALA C 572 -27.07 -14.20 -23.47
N ALA C 573 -25.87 -14.54 -23.80
CA ALA C 573 -25.20 -14.07 -24.99
C ALA C 573 -26.08 -14.36 -26.22
N ALA C 574 -26.71 -15.54 -26.28
CA ALA C 574 -27.58 -15.82 -27.41
C ALA C 574 -28.80 -14.92 -27.36
N LEU C 575 -29.38 -14.70 -26.16
CA LEU C 575 -30.50 -13.79 -26.06
C LEU C 575 -30.10 -12.38 -26.49
N LEU C 576 -28.94 -11.88 -25.99
CA LEU C 576 -28.58 -10.52 -26.32
C LEU C 576 -28.38 -10.30 -27.82
N THR C 577 -27.94 -11.33 -28.58
CA THR C 577 -27.59 -11.05 -29.96
C THR C 577 -28.64 -11.56 -30.94
N GLY C 578 -29.92 -11.30 -30.64
CA GLY C 578 -31.04 -11.88 -31.39
C GLY C 578 -31.08 -13.36 -31.05
N LYS C 579 -30.88 -14.21 -32.06
CA LYS C 579 -30.62 -15.66 -31.94
C LYS C 579 -31.51 -16.58 -31.06
N ALA C 580 -32.15 -16.03 -30.01
CA ALA C 580 -32.85 -16.81 -29.01
C ALA C 580 -33.63 -15.92 -28.08
N THR C 581 -34.80 -16.41 -27.66
CA THR C 581 -35.68 -15.69 -26.74
C THR C 581 -35.77 -16.43 -25.44
N ILE C 582 -36.35 -15.79 -24.43
CA ILE C 582 -36.65 -16.39 -23.14
C ILE C 582 -38.07 -15.98 -22.74
N GLY C 583 -38.94 -16.95 -22.50
CA GLY C 583 -40.38 -16.70 -22.14
C GLY C 583 -41.24 -16.55 -23.41
N ALA C 584 -42.44 -15.99 -23.24
CA ALA C 584 -43.42 -15.87 -24.35
C ALA C 584 -43.49 -14.45 -24.90
N SER C 585 -43.34 -14.30 -26.22
CA SER C 585 -43.43 -12.99 -26.90
C SER C 585 -44.84 -12.38 -26.87
N SER D 1 1.71 -45.32 20.03
CA SER D 1 2.47 -46.07 19.01
C SER D 1 1.56 -47.02 18.21
N ALA D 2 0.52 -46.44 17.60
CA ALA D 2 -0.27 -47.07 16.51
C ALA D 2 0.33 -46.63 15.18
N SER D 3 -0.49 -46.21 14.20
CA SER D 3 0.01 -45.47 13.03
C SER D 3 -0.81 -44.22 12.87
N ALA D 4 -2.09 -44.31 13.21
CA ALA D 4 -2.96 -43.14 13.23
C ALA D 4 -2.74 -42.33 14.49
N VAL D 5 -2.37 -42.96 15.60
CA VAL D 5 -2.07 -42.22 16.86
C VAL D 5 -0.65 -41.61 16.76
N GLU D 6 0.24 -42.36 16.11
CA GLU D 6 1.64 -41.99 15.83
C GLU D 6 1.74 -40.77 14.90
N ASP D 7 0.57 -40.32 14.42
CA ASP D 7 0.46 -39.31 13.41
C ASP D 7 -0.49 -38.22 13.94
N ILE D 8 -1.80 -38.49 13.86
CA ILE D 8 -2.90 -37.61 14.28
C ILE D 8 -2.85 -37.47 15.82
N ARG D 9 -1.84 -36.69 16.24
CA ARG D 9 -1.48 -36.42 17.66
C ARG D 9 0.01 -36.14 17.80
N LYS D 10 0.84 -36.97 17.17
CA LYS D 10 2.28 -36.76 17.31
C LYS D 10 2.72 -35.70 16.32
N VAL D 11 3.23 -36.11 15.15
CA VAL D 11 3.81 -35.18 14.18
C VAL D 11 2.93 -33.96 13.93
N LEU D 12 1.61 -34.19 13.88
CA LEU D 12 0.64 -33.13 13.67
C LEU D 12 0.46 -32.17 14.84
N SER D 13 0.01 -32.68 16.00
CA SER D 13 -0.29 -31.84 17.16
C SER D 13 0.92 -31.17 17.81
N ASP D 14 2.07 -31.86 17.84
CA ASP D 14 3.33 -31.25 18.28
C ASP D 14 3.65 -30.05 17.40
N SER D 15 3.55 -30.25 16.08
CA SER D 15 3.78 -29.21 15.07
C SER D 15 2.70 -28.09 15.03
N SER D 16 1.61 -28.25 15.76
CA SER D 16 0.48 -27.33 15.75
C SER D 16 0.79 -25.94 16.30
N SER D 17 1.40 -25.90 17.49
CA SER D 17 1.85 -24.66 18.11
C SER D 17 3.36 -24.69 18.30
N PRO D 18 4.08 -23.68 17.77
CA PRO D 18 5.53 -23.62 18.04
C PRO D 18 5.86 -23.00 19.40
N VAL D 19 4.84 -22.61 20.17
CA VAL D 19 5.02 -21.90 21.44
C VAL D 19 4.48 -22.66 22.67
N ALA D 20 3.84 -23.81 22.42
CA ALA D 20 3.27 -24.64 23.48
C ALA D 20 4.35 -25.18 24.41
N GLY D 21 4.12 -24.99 25.71
CA GLY D 21 5.01 -25.55 26.73
C GLY D 21 5.97 -24.56 27.35
N GLN D 22 6.29 -23.49 26.61
CA GLN D 22 7.19 -22.41 27.04
C GLN D 22 6.41 -21.08 27.17
N LYS D 23 6.79 -20.06 27.96
CA LYS D 23 7.95 -19.79 28.87
C LYS D 23 9.08 -18.97 28.18
N TYR D 24 8.84 -17.66 28.10
CA TYR D 24 9.78 -16.70 27.50
C TYR D 24 9.92 -15.47 28.40
N ASP D 25 11.15 -14.99 28.56
CA ASP D 25 11.38 -13.74 29.32
C ASP D 25 11.36 -12.46 28.46
N TYR D 26 11.50 -12.62 27.13
CA TYR D 26 11.21 -11.53 26.20
C TYR D 26 10.39 -12.00 24.99
N ILE D 27 9.28 -11.32 24.73
CA ILE D 27 8.48 -11.55 23.52
C ILE D 27 8.41 -10.24 22.72
N LEU D 28 9.01 -10.28 21.52
CA LEU D 28 9.04 -9.11 20.61
C LEU D 28 7.92 -9.21 19.59
N VAL D 29 7.08 -8.19 19.56
CA VAL D 29 5.94 -8.13 18.64
C VAL D 29 6.49 -7.44 17.39
N GLY D 30 6.65 -8.21 16.31
CA GLY D 30 7.24 -7.69 15.08
C GLY D 30 8.69 -8.05 14.97
N GLY D 31 9.13 -8.30 13.74
CA GLY D 31 10.54 -8.62 13.45
C GLY D 31 11.12 -7.57 12.51
N GLY D 32 10.72 -6.33 12.74
CA GLY D 32 11.23 -5.20 11.98
C GLY D 32 12.58 -4.70 12.45
N THR D 33 12.80 -3.40 12.27
CA THR D 33 14.10 -2.77 12.47
C THR D 33 14.67 -2.89 13.91
N ALA D 34 13.95 -2.25 14.84
CA ALA D 34 14.31 -2.27 16.23
C ALA D 34 14.28 -3.68 16.81
N ALA D 35 13.27 -4.47 16.38
CA ALA D 35 13.14 -5.85 16.80
C ALA D 35 14.43 -6.64 16.45
N CYS D 36 14.96 -6.44 15.25
CA CYS D 36 16.14 -7.12 14.87
C CYS D 36 17.33 -6.83 15.80
N VAL D 37 17.44 -5.58 16.20
CA VAL D 37 18.46 -5.14 17.14
C VAL D 37 18.24 -5.85 18.50
N LEU D 38 17.00 -5.76 19.00
CA LEU D 38 16.70 -6.25 20.29
C LEU D 38 16.96 -7.77 20.39
N ALA D 39 16.57 -8.51 19.36
CA ALA D 39 16.80 -9.93 19.35
C ALA D 39 18.28 -10.27 19.48
N ASN D 40 19.14 -9.54 18.77
CA ASN D 40 20.55 -9.71 18.86
C ASN D 40 21.07 -9.47 20.30
N ARG D 41 20.62 -8.36 20.87
CA ARG D 41 21.10 -7.96 22.14
C ARG D 41 20.64 -8.82 23.29
N LEU D 42 19.34 -8.98 23.44
CA LEU D 42 18.74 -9.71 24.58
C LEU D 42 19.00 -11.21 24.57
N SER D 43 19.41 -11.75 23.42
CA SER D 43 19.76 -13.16 23.28
C SER D 43 21.26 -13.46 23.46
N ALA D 44 22.08 -12.41 23.44
CA ALA D 44 23.56 -12.53 23.50
C ALA D 44 24.01 -13.31 24.70
N ASP D 45 23.70 -12.77 25.88
CA ASP D 45 23.79 -13.49 27.14
C ASP D 45 22.88 -14.73 27.02
N GLY D 46 23.44 -15.90 27.32
CA GLY D 46 22.75 -17.17 27.08
C GLY D 46 21.46 -17.42 27.85
N SER D 47 21.23 -16.65 28.92
CA SER D 47 20.21 -16.95 29.92
C SER D 47 18.76 -16.58 29.56
N LYS D 48 18.57 -15.61 28.68
CA LYS D 48 17.24 -15.07 28.45
C LYS D 48 16.62 -15.55 27.15
N ARG D 49 15.59 -16.39 27.25
CA ARG D 49 14.85 -16.88 26.07
C ARG D 49 14.01 -15.78 25.42
N VAL D 50 14.38 -15.45 24.18
CA VAL D 50 13.78 -14.35 23.41
C VAL D 50 12.98 -14.88 22.20
N LEU D 51 11.75 -14.40 22.05
CA LEU D 51 10.87 -14.79 20.93
C LEU D 51 10.44 -13.58 20.11
N VAL D 52 10.60 -13.68 18.79
CA VAL D 52 10.18 -12.61 17.88
C VAL D 52 9.11 -13.12 16.92
N LEU D 53 7.99 -12.37 16.85
CA LEU D 53 6.81 -12.75 16.05
C LEU D 53 6.61 -11.76 14.91
N GLU D 54 7.00 -12.17 13.71
CA GLU D 54 6.96 -11.32 12.54
C GLU D 54 5.89 -11.90 11.62
N ALA D 55 5.04 -11.01 11.10
CA ALA D 55 3.94 -11.39 10.21
C ALA D 55 4.40 -11.71 8.78
N GLY D 56 5.43 -11.01 8.32
CA GLY D 56 5.94 -11.22 6.97
C GLY D 56 6.76 -12.48 6.85
N PRO D 57 7.23 -12.82 5.63
CA PRO D 57 8.22 -13.89 5.44
C PRO D 57 9.58 -13.47 5.99
N ASP D 58 10.58 -14.34 5.90
CA ASP D 58 11.93 -13.87 6.19
C ASP D 58 12.46 -13.31 4.88
N ASN D 59 13.49 -12.44 4.95
CA ASN D 59 14.01 -11.88 3.69
C ASN D 59 15.09 -12.72 3.10
N THR D 60 14.73 -13.28 1.96
CA THR D 60 15.61 -14.09 1.17
C THR D 60 15.67 -13.49 -0.23
N SER D 61 14.64 -12.70 -0.55
CA SER D 61 14.46 -12.08 -1.87
C SER D 61 15.70 -11.33 -2.36
N ARG D 62 15.96 -11.46 -3.65
CA ARG D 62 17.03 -10.73 -4.33
C ARG D 62 16.69 -9.22 -4.37
N ASP D 63 15.39 -8.92 -4.45
CA ASP D 63 14.88 -7.57 -4.48
C ASP D 63 15.18 -6.74 -3.23
N VAL D 64 15.38 -7.41 -2.10
CA VAL D 64 15.84 -6.74 -0.90
C VAL D 64 17.36 -6.46 -0.99
N LYS D 65 18.14 -7.42 -1.48
CA LYS D 65 19.59 -7.26 -1.46
C LYS D 65 20.10 -6.18 -2.40
N ILE D 66 19.59 -6.19 -3.66
CA ILE D 66 20.01 -5.18 -4.64
C ILE D 66 19.17 -3.92 -4.40
N PRO D 67 19.84 -2.77 -4.14
CA PRO D 67 19.09 -1.62 -3.67
C PRO D 67 18.28 -0.92 -4.75
N ALA D 68 18.67 -1.06 -6.00
CA ALA D 68 17.87 -0.49 -7.11
C ALA D 68 16.51 -1.17 -7.24
N ALA D 69 16.42 -2.40 -6.73
CA ALA D 69 15.16 -3.14 -6.73
C ALA D 69 14.12 -2.56 -5.77
N ILE D 70 14.50 -1.58 -4.95
CA ILE D 70 13.54 -0.83 -4.13
C ILE D 70 12.23 -0.56 -4.92
N THR D 71 12.36 -0.22 -6.19
CA THR D 71 11.24 0.05 -7.11
C THR D 71 10.24 -1.12 -7.21
N ARG D 72 10.77 -2.34 -7.29
CA ARG D 72 9.98 -3.57 -7.36
C ARG D 72 9.33 -3.90 -6.04
N LEU D 73 9.94 -3.44 -4.95
CA LEU D 73 9.42 -3.67 -3.59
C LEU D 73 8.14 -2.91 -3.26
N PHE D 74 7.87 -1.82 -3.97
CA PHE D 74 6.89 -0.83 -3.49
C PHE D 74 5.46 -1.29 -3.29
N ARG D 75 4.73 -1.56 -4.36
CA ARG D 75 3.34 -2.01 -4.17
C ARG D 75 3.27 -3.53 -4.31
N SER D 76 4.08 -4.22 -3.50
CA SER D 76 4.38 -5.64 -3.67
C SER D 76 3.89 -6.46 -2.50
N PRO D 77 3.86 -7.80 -2.65
CA PRO D 77 3.63 -8.68 -1.48
C PRO D 77 4.55 -8.46 -0.25
N LEU D 78 5.68 -7.74 -0.43
CA LEU D 78 6.58 -7.45 0.68
C LEU D 78 6.28 -6.16 1.44
N ASP D 79 5.30 -5.40 0.94
CA ASP D 79 4.81 -4.21 1.59
C ASP D 79 3.46 -4.50 2.24
N TRP D 80 3.13 -3.73 3.28
CA TRP D 80 1.83 -3.84 3.93
C TRP D 80 0.69 -3.30 3.11
N ASN D 81 1.02 -2.62 1.99
CA ASN D 81 0.00 -2.04 1.11
C ASN D 81 -1.03 -1.19 1.83
N LEU D 82 -0.54 -0.27 2.65
CA LEU D 82 -1.39 0.61 3.42
C LEU D 82 -1.81 1.81 2.61
N PHE D 83 -3.12 2.09 2.60
CA PHE D 83 -3.65 3.34 2.05
C PHE D 83 -4.39 4.09 3.13
N SER D 84 -4.19 5.41 3.18
CA SER D 84 -4.78 6.27 4.21
C SER D 84 -6.28 6.47 3.98
N GLU D 85 -6.85 7.45 4.66
CA GLU D 85 -8.26 7.81 4.52
C GLU D 85 -8.35 9.04 3.63
N LEU D 86 -9.50 9.23 3.00
CA LEU D 86 -9.75 10.40 2.14
C LEU D 86 -9.41 11.69 2.89
N GLN D 87 -8.35 12.35 2.44
CA GLN D 87 -7.85 13.60 3.01
C GLN D 87 -8.55 14.77 2.33
N GLU D 88 -9.54 15.34 3.02
CA GLU D 88 -10.31 16.47 2.51
C GLU D 88 -9.37 17.63 2.11
N GLN D 89 -8.49 18.02 3.02
CA GLN D 89 -7.43 19.04 2.77
C GLN D 89 -6.28 18.64 1.83
N LEU D 90 -6.53 17.67 0.97
CA LEU D 90 -5.52 17.20 0.00
C LEU D 90 -6.19 16.81 -1.33
N ALA D 91 -7.27 17.53 -1.64
CA ALA D 91 -8.12 17.33 -2.83
C ALA D 91 -8.52 15.87 -3.04
N GLU D 92 -9.56 15.39 -2.33
CA GLU D 92 -9.88 13.93 -2.19
C GLU D 92 -8.61 13.15 -1.80
N ARG D 93 -8.49 11.85 -2.14
CA ARG D 93 -7.26 11.01 -1.89
C ARG D 93 -7.03 10.80 -0.38
N GLN D 94 -6.63 9.64 0.15
CA GLN D 94 -6.07 8.43 -0.47
C GLN D 94 -4.56 8.55 -0.76
N ILE D 95 -3.79 8.44 0.32
CA ILE D 95 -2.33 8.48 0.27
C ILE D 95 -1.72 7.11 0.61
N TYR D 96 -0.83 6.66 -0.27
CA TYR D 96 -0.07 5.42 -0.06
C TYR D 96 1.08 5.64 0.93
N MET D 97 1.15 4.74 1.89
CA MET D 97 2.13 4.81 2.95
C MET D 97 2.86 3.47 2.97
N ALA D 98 3.93 3.41 2.19
CA ALA D 98 4.81 2.23 2.17
C ALA D 98 5.26 1.87 3.58
N ARG D 99 5.27 0.55 3.88
CA ARG D 99 5.79 -0.04 5.14
C ARG D 99 6.23 -1.49 4.85
N GLY D 100 7.37 -1.88 5.39
CA GLY D 100 7.90 -3.23 5.19
C GLY D 100 7.12 -4.30 5.94
N ARG D 101 6.91 -5.45 5.28
CA ARG D 101 6.28 -6.64 5.87
C ARG D 101 7.21 -7.84 5.65
N LEU D 102 8.10 -8.06 6.59
CA LEU D 102 9.31 -8.80 6.34
C LEU D 102 10.13 -8.92 7.61
N LEU D 103 10.97 -9.94 7.69
CA LEU D 103 12.03 -9.90 8.70
C LEU D 103 13.03 -8.80 8.32
N GLY D 104 13.40 -7.98 9.28
CA GLY D 104 14.10 -6.71 9.01
C GLY D 104 13.16 -5.52 8.88
N GLY D 105 11.91 -5.81 8.51
CA GLY D 105 10.86 -4.81 8.45
C GLY D 105 11.11 -3.78 7.37
N SER D 106 10.96 -2.50 7.74
CA SER D 106 11.10 -1.40 6.81
C SER D 106 12.54 -1.14 6.42
N SER D 107 13.49 -1.52 7.27
CA SER D 107 14.91 -1.42 6.93
C SER D 107 15.27 -2.23 5.67
N ALA D 108 14.39 -3.19 5.34
CA ALA D 108 14.48 -3.98 4.12
C ALA D 108 13.73 -3.37 2.93
N THR D 109 12.75 -2.48 3.22
CA THR D 109 12.04 -1.74 2.17
C THR D 109 12.73 -0.39 1.91
N ASN D 110 13.69 -0.06 2.79
CA ASN D 110 14.43 1.22 2.85
C ASN D 110 14.86 1.81 1.53
N ALA D 111 14.94 3.13 1.52
CA ALA D 111 15.76 3.83 0.53
C ALA D 111 17.18 4.03 1.10
N THR D 112 17.59 3.13 2.01
CA THR D 112 18.91 3.15 2.68
C THR D 112 19.21 4.45 3.44
N LEU D 113 20.01 5.39 2.90
CA LEU D 113 20.16 6.76 3.47
C LEU D 113 20.33 6.86 5.01
N TYR D 114 21.52 7.26 5.45
CA TYR D 114 21.85 7.27 6.88
C TYR D 114 21.72 8.67 7.47
N HIS D 115 20.63 8.95 8.19
CA HIS D 115 20.45 10.30 8.77
C HIS D 115 20.08 10.36 10.24
N ARG D 116 20.92 11.04 11.02
CA ARG D 116 20.66 11.24 12.45
C ARG D 116 19.87 12.53 12.69
N GLY D 117 19.97 13.49 11.76
CA GLY D 117 19.40 14.80 11.95
C GLY D 117 20.33 15.70 12.76
N ALA D 118 19.73 16.58 13.54
CA ALA D 118 20.48 17.62 14.25
C ALA D 118 20.42 17.38 15.76
N ALA D 119 21.47 17.85 16.46
CA ALA D 119 21.51 17.77 17.92
C ALA D 119 20.26 18.38 18.57
N GLY D 120 19.77 19.47 17.99
CA GLY D 120 18.62 20.22 18.48
C GLY D 120 17.34 19.40 18.44
N ASP D 121 17.21 18.58 17.40
CA ASP D 121 16.05 17.72 17.21
C ASP D 121 15.78 16.92 18.47
N TYR D 122 16.85 16.42 19.10
CA TYR D 122 16.75 15.55 20.24
C TYR D 122 16.59 16.31 21.54
N ASP D 123 17.17 17.50 21.63
CA ASP D 123 17.01 18.41 22.75
C ASP D 123 15.58 18.93 22.87
N ALA D 124 14.90 19.02 21.69
CA ALA D 124 13.54 19.55 21.65
C ALA D 124 12.52 18.60 22.24
N TRP D 125 12.92 17.38 22.58
CA TRP D 125 12.05 16.39 23.22
C TRP D 125 11.77 16.71 24.69
N GLY D 126 10.82 15.98 25.28
CA GLY D 126 10.68 15.91 26.75
C GLY D 126 11.84 15.10 27.33
N VAL D 127 12.96 15.79 27.53
CA VAL D 127 14.21 15.15 27.86
C VAL D 127 14.35 14.94 29.38
N GLU D 128 14.07 13.72 29.83
CA GLU D 128 14.33 13.39 31.23
C GLU D 128 15.61 12.56 31.33
N GLY D 129 16.00 11.98 30.19
CA GLY D 129 17.25 11.23 30.08
C GLY D 129 17.68 11.07 28.64
N TRP D 130 17.04 11.82 27.75
CA TRP D 130 17.15 11.62 26.31
C TRP D 130 17.53 12.92 25.58
N SER D 131 18.57 13.59 26.05
CA SER D 131 19.07 14.81 25.39
C SER D 131 20.05 14.41 24.30
N SER D 132 20.43 15.38 23.46
CA SER D 132 21.39 15.14 22.39
C SER D 132 22.71 14.57 22.93
N GLU D 133 23.09 15.03 24.12
CA GLU D 133 24.29 14.57 24.82
C GLU D 133 24.18 13.07 25.15
N ASP D 134 23.02 12.67 25.66
CA ASP D 134 22.77 11.26 26.04
C ASP D 134 22.78 10.28 24.87
N VAL D 135 22.24 10.69 23.72
CA VAL D 135 21.92 9.80 22.60
C VAL D 135 23.04 9.67 21.58
N LEU D 136 24.00 10.59 21.62
CA LEU D 136 25.05 10.61 20.63
C LEU D 136 25.88 9.33 20.70
N SER D 137 26.22 8.94 21.92
CA SER D 137 27.08 7.81 22.15
C SER D 137 26.47 6.57 21.50
N TRP D 138 25.16 6.38 21.67
CA TRP D 138 24.49 5.21 21.13
C TRP D 138 24.45 5.17 19.61
N PHE D 139 24.36 6.34 18.99
CA PHE D 139 24.49 6.45 17.55
C PHE D 139 25.81 5.81 17.10
N VAL D 140 26.87 6.17 17.78
CA VAL D 140 28.21 5.69 17.51
C VAL D 140 28.34 4.16 17.73
N GLN D 141 27.86 3.63 18.85
CA GLN D 141 27.76 2.17 19.03
C GLN D 141 26.93 1.61 17.85
N ALA D 142 27.61 0.86 16.98
CA ALA D 142 27.15 0.44 15.64
C ALA D 142 28.02 1.08 14.56
N GLU D 143 27.53 2.17 13.98
CA GLU D 143 28.24 2.91 12.91
C GLU D 143 28.98 1.99 11.91
N THR D 144 30.31 1.90 12.09
CA THR D 144 31.21 1.25 11.10
C THR D 144 31.09 1.91 9.67
N ASN D 145 31.97 2.86 9.37
CA ASN D 145 31.94 3.64 8.13
C ASN D 145 33.13 3.41 7.18
N ALA D 146 33.01 3.88 5.94
CA ALA D 146 34.18 4.34 5.17
C ALA D 146 34.09 5.89 5.00
N ASP D 147 34.22 6.56 6.16
CA ASP D 147 34.20 8.01 6.44
C ASP D 147 34.67 8.05 7.89
N PHE D 148 35.99 8.20 8.05
CA PHE D 148 36.66 8.25 9.37
C PHE D 148 36.33 7.09 10.31
N GLY D 149 37.01 7.06 11.44
CA GLY D 149 37.02 5.93 12.34
C GLY D 149 37.21 6.37 13.76
N PRO D 150 37.99 7.46 13.99
CA PRO D 150 37.86 8.04 15.34
C PRO D 150 36.48 8.64 15.46
N GLY D 151 36.27 9.80 14.82
CA GLY D 151 35.02 10.55 14.89
C GLY D 151 34.56 10.90 16.29
N ALA D 152 33.49 11.68 16.36
CA ALA D 152 32.97 12.05 17.66
C ALA D 152 31.53 11.66 18.07
N TYR D 153 30.49 11.53 17.19
CA TYR D 153 30.33 11.70 15.71
C TYR D 153 31.03 10.68 14.81
N HIS D 154 30.44 9.49 14.63
CA HIS D 154 31.01 8.37 13.83
C HIS D 154 31.90 7.44 14.64
N GLY D 155 31.48 6.19 14.79
CA GLY D 155 32.33 5.13 15.32
C GLY D 155 32.68 4.05 14.32
N SER D 156 33.32 2.99 14.80
CA SER D 156 33.53 1.77 14.03
C SER D 156 33.61 0.60 14.99
N GLY D 157 33.12 -0.55 14.56
CA GLY D 157 33.14 -1.74 15.40
C GLY D 157 31.78 -2.41 15.47
N GLY D 158 30.73 -1.61 15.67
CA GLY D 158 29.37 -2.14 15.77
C GLY D 158 28.81 -2.61 14.42
N PRO D 159 27.65 -3.29 14.44
CA PRO D 159 27.22 -4.12 13.30
C PRO D 159 26.57 -3.39 12.13
N MET D 160 26.16 -2.14 12.32
CA MET D 160 25.59 -1.36 11.23
C MET D 160 26.65 -1.15 10.14
N ARG D 161 26.23 -0.93 8.90
CA ARG D 161 27.21 -0.67 7.82
C ARG D 161 26.82 0.52 6.96
N VAL D 162 27.54 1.62 7.17
CA VAL D 162 27.35 2.90 6.47
C VAL D 162 28.53 3.15 5.55
N GLU D 163 28.25 3.73 4.38
CA GLU D 163 29.26 4.08 3.36
C GLU D 163 28.71 5.14 2.42
N ASN D 164 29.60 5.91 1.80
CA ASN D 164 29.26 6.74 0.65
C ASN D 164 28.74 5.82 -0.47
N PRO D 165 27.75 6.28 -1.27
CA PRO D 165 27.13 5.40 -2.27
C PRO D 165 28.07 5.00 -3.40
N ARG D 166 28.14 3.70 -3.67
CA ARG D 166 29.13 3.12 -4.57
C ARG D 166 28.92 3.57 -6.04
N TYR D 167 27.69 3.90 -6.40
CA TYR D 167 27.39 4.55 -7.68
C TYR D 167 27.49 6.04 -7.52
N THR D 168 28.12 6.67 -8.50
CA THR D 168 28.22 8.13 -8.55
C THR D 168 28.24 8.53 -10.01
N ASN D 169 28.76 7.61 -10.82
CA ASN D 169 29.40 7.85 -12.12
C ASN D 169 28.69 8.86 -13.08
N LYS D 170 28.46 10.07 -12.54
CA LYS D 170 27.71 11.11 -13.19
C LYS D 170 28.44 12.44 -13.35
N GLN D 171 27.98 13.19 -14.34
CA GLN D 171 28.17 14.60 -14.46
C GLN D 171 26.91 15.36 -14.09
N LEU D 172 25.78 14.70 -13.80
CA LEU D 172 24.59 15.33 -13.24
C LEU D 172 24.75 15.52 -11.75
N HIS D 173 25.56 14.68 -11.07
CA HIS D 173 25.83 14.89 -9.63
C HIS D 173 26.66 16.16 -9.42
N THR D 174 27.74 16.30 -10.20
CA THR D 174 28.51 17.52 -10.16
C THR D 174 27.66 18.74 -10.53
N ALA D 175 26.86 18.56 -11.58
CA ALA D 175 25.96 19.59 -12.06
C ALA D 175 25.05 20.10 -10.94
N PHE D 176 24.65 19.21 -10.07
CA PHE D 176 23.75 19.58 -9.00
C PHE D 176 24.47 20.46 -7.95
N PHE D 177 25.65 20.00 -7.54
CA PHE D 177 26.43 20.68 -6.57
C PHE D 177 26.87 22.05 -7.04
N LYS D 178 27.27 22.17 -8.30
CA LYS D 178 27.57 23.49 -8.82
C LYS D 178 26.32 24.38 -8.83
N ALA D 179 25.21 23.80 -9.25
CA ALA D 179 23.97 24.56 -9.26
C ALA D 179 23.60 24.99 -7.87
N ALA D 180 23.86 24.19 -6.85
CA ALA D 180 23.59 24.57 -5.48
C ALA D 180 24.54 25.66 -4.96
N GLU D 181 25.79 25.52 -5.35
CA GLU D 181 26.83 26.51 -5.05
C GLU D 181 26.44 27.89 -5.54
N GLU D 182 25.93 27.99 -6.77
CA GLU D 182 25.33 29.24 -7.28
C GLU D 182 24.06 29.52 -6.45
N VAL D 183 22.98 29.93 -7.10
CA VAL D 183 21.61 29.90 -6.52
C VAL D 183 21.45 30.43 -5.07
N GLY D 184 22.41 31.22 -4.63
CA GLY D 184 22.44 31.68 -3.25
C GLY D 184 23.31 30.81 -2.39
N LEU D 185 23.97 31.48 -1.44
CA LEU D 185 24.85 30.89 -0.43
C LEU D 185 24.26 29.59 0.17
N THR D 186 24.50 28.46 -0.50
CA THR D 186 24.36 27.15 0.12
C THR D 186 25.79 26.58 0.22
N PRO D 187 26.33 26.41 1.46
CA PRO D 187 27.68 25.86 1.61
C PRO D 187 27.66 24.33 1.61
N ASN D 188 28.81 23.69 1.39
CA ASN D 188 28.86 22.24 1.50
C ASN D 188 28.73 21.77 2.97
N SER D 189 28.12 20.60 3.17
CA SER D 189 28.08 19.91 4.49
C SER D 189 28.50 18.45 4.33
N ASP D 190 28.80 17.80 5.46
CA ASP D 190 29.03 16.33 5.57
C ASP D 190 28.29 15.79 6.84
N PHE D 191 26.96 15.67 6.69
CA PHE D 191 25.91 15.51 7.72
C PHE D 191 26.21 14.54 8.86
N ASN D 192 25.23 14.42 9.77
CA ASN D 192 25.39 13.63 11.00
C ASN D 192 26.47 14.17 11.96
N ASP D 193 27.39 15.00 11.44
CA ASP D 193 28.37 15.68 12.24
C ASP D 193 27.73 16.92 12.87
N TRP D 194 27.41 16.81 14.17
CA TRP D 194 26.70 17.88 14.88
C TRP D 194 27.56 19.12 15.18
N SER D 195 28.87 19.07 14.88
CA SER D 195 29.70 20.27 14.81
C SER D 195 29.23 21.18 13.67
N HIS D 196 28.82 20.55 12.56
CA HIS D 196 28.34 21.26 11.38
C HIS D 196 26.95 21.79 11.63
N ASP D 197 26.49 22.67 10.75
CA ASP D 197 25.20 23.33 10.91
C ASP D 197 24.04 22.36 10.75
N HIS D 198 24.09 21.55 9.69
CA HIS D 198 23.00 20.65 9.20
C HIS D 198 22.52 21.15 7.87
N ALA D 199 22.34 22.47 7.73
CA ALA D 199 21.92 23.02 6.45
C ALA D 199 23.07 22.92 5.46
N GLY D 200 22.73 22.64 4.20
CA GLY D 200 23.72 22.64 3.12
C GLY D 200 23.62 21.49 2.13
N TYR D 201 24.22 21.66 0.96
CA TYR D 201 24.28 20.63 -0.08
C TYR D 201 25.37 19.59 0.20
N GLY D 202 25.19 18.40 -0.33
CA GLY D 202 26.17 17.33 -0.18
C GLY D 202 25.63 15.98 -0.59
N THR D 203 26.37 14.93 -0.23
CA THR D 203 26.00 13.52 -0.43
C THR D 203 25.44 12.92 0.86
N PHE D 204 24.38 12.12 0.77
CA PHE D 204 23.91 11.36 1.91
C PHE D 204 24.60 10.01 1.94
N GLN D 205 25.01 9.58 3.13
CA GLN D 205 25.62 8.28 3.27
C GLN D 205 24.58 7.18 3.30
N VAL D 206 24.93 6.03 2.77
CA VAL D 206 23.94 5.02 2.48
C VAL D 206 24.08 3.81 3.41
N MET D 207 22.96 3.21 3.79
CA MET D 207 22.99 2.04 4.70
C MET D 207 23.21 0.76 3.88
N GLN D 208 24.38 0.69 3.27
CA GLN D 208 24.75 -0.40 2.37
C GLN D 208 26.14 -0.92 2.73
N ASP D 209 26.40 -2.17 2.37
CA ASP D 209 27.70 -2.82 2.53
C ASP D 209 28.21 -3.10 1.13
N LYS D 210 29.21 -2.33 0.72
CA LYS D 210 29.78 -2.41 -0.63
C LYS D 210 28.70 -2.64 -1.71
N GLY D 211 27.68 -1.78 -1.69
CA GLY D 211 26.59 -1.83 -2.66
C GLY D 211 25.42 -2.75 -2.38
N THR D 212 25.57 -3.70 -1.44
CA THR D 212 24.46 -4.55 -1.02
C THR D 212 23.74 -3.93 0.15
N ARG D 213 22.40 -4.05 0.18
CA ARG D 213 21.60 -3.48 1.26
C ARG D 213 22.04 -4.08 2.60
N ALA D 214 22.36 -3.19 3.53
CA ALA D 214 22.73 -3.57 4.88
C ALA D 214 21.55 -3.35 5.84
N ASP D 215 20.46 -4.06 5.58
CA ASP D 215 19.28 -3.97 6.47
C ASP D 215 19.56 -4.58 7.85
N MET D 216 18.64 -4.38 8.79
CA MET D 216 18.83 -4.84 10.17
C MET D 216 18.72 -6.34 10.38
N TYR D 217 18.06 -7.03 9.45
CA TYR D 217 18.09 -8.49 9.41
C TYR D 217 19.54 -8.92 9.13
N ARG D 218 20.08 -8.47 8.00
CA ARG D 218 21.44 -8.81 7.59
C ARG D 218 22.51 -8.50 8.66
N GLN D 219 22.35 -7.36 9.35
CA GLN D 219 23.39 -6.84 10.22
C GLN D 219 23.30 -7.25 11.69
N TYR D 220 22.08 -7.56 12.16
CA TYR D 220 21.83 -7.85 13.58
C TYR D 220 21.30 -9.26 13.85
N LEU D 221 20.31 -9.68 13.06
CA LEU D 221 19.58 -10.92 13.31
C LEU D 221 20.18 -12.14 12.58
N LYS D 222 20.42 -12.03 11.27
CA LYS D 222 20.95 -13.15 10.49
C LYS D 222 22.17 -13.86 11.15
N PRO D 223 23.23 -13.11 11.57
CA PRO D 223 24.32 -13.86 12.20
C PRO D 223 23.95 -14.55 13.53
N VAL D 224 22.99 -13.97 14.25
CA VAL D 224 22.66 -14.39 15.60
C VAL D 224 21.55 -15.46 15.62
N LEU D 225 20.90 -15.63 14.47
CA LEU D 225 19.96 -16.72 14.20
C LEU D 225 20.62 -18.07 14.44
N GLY D 226 19.85 -19.05 14.90
CA GLY D 226 20.42 -20.34 15.27
C GLY D 226 21.23 -20.28 16.58
N ARG D 227 20.69 -19.51 17.52
CA ARG D 227 21.07 -19.58 18.92
C ARG D 227 19.94 -20.32 19.60
N ARG D 228 20.27 -21.35 20.37
CA ARG D 228 19.26 -22.11 21.13
C ARG D 228 18.37 -21.17 21.97
N ASN D 229 18.92 -19.99 22.26
CA ASN D 229 18.25 -18.93 23.00
C ASN D 229 17.07 -18.28 22.28
N LEU D 230 17.12 -18.28 20.95
CA LEU D 230 16.35 -17.36 20.13
C LEU D 230 15.42 -18.04 19.12
N GLN D 231 14.12 -17.89 19.37
CA GLN D 231 13.08 -18.41 18.50
C GLN D 231 12.47 -17.28 17.66
N VAL D 232 12.70 -17.38 16.36
CA VAL D 232 12.20 -16.40 15.40
C VAL D 232 11.03 -17.02 14.61
N LEU D 233 9.83 -16.53 14.88
CA LEU D 233 8.63 -17.01 14.21
C LEU D 233 8.25 -16.08 13.09
N THR D 234 8.32 -16.61 11.88
CA THR D 234 8.05 -15.87 10.66
C THR D 234 6.67 -16.27 10.12
N GLY D 235 5.90 -15.29 9.67
CA GLY D 235 4.52 -15.54 9.25
C GLY D 235 3.57 -15.61 10.43
N ALA D 236 3.93 -14.97 11.53
CA ALA D 236 3.12 -14.96 12.74
C ALA D 236 2.57 -13.56 12.99
N ALA D 237 1.24 -13.44 12.85
CA ALA D 237 0.54 -12.16 12.93
C ALA D 237 -0.06 -11.97 14.31
N VAL D 238 0.48 -11.01 15.06
CA VAL D 238 0.04 -10.72 16.45
C VAL D 238 -1.35 -10.09 16.46
N THR D 239 -2.19 -10.55 17.38
CA THR D 239 -3.54 -10.05 17.56
C THR D 239 -3.70 -9.06 18.72
N LYS D 240 -3.09 -9.37 19.86
CA LYS D 240 -3.11 -8.53 21.07
C LYS D 240 -2.07 -8.96 22.09
N VAL D 241 -1.76 -8.04 23.00
CA VAL D 241 -1.03 -8.34 24.23
C VAL D 241 -2.08 -8.84 25.24
N ASN D 242 -1.79 -9.96 25.90
CA ASN D 242 -2.64 -10.50 26.97
C ASN D 242 -2.28 -9.78 28.29
N ILE D 243 -3.28 -9.16 28.94
CA ILE D 243 -3.06 -8.31 30.14
C ILE D 243 -3.80 -8.79 31.43
N ASP D 244 -3.28 -8.40 32.60
CA ASP D 244 -3.51 -8.98 33.97
C ASP D 244 -4.20 -10.35 34.16
N GLY D 248 -6.56 -6.20 39.29
CA GLY D 248 -6.41 -4.77 39.57
C GLY D 248 -5.13 -4.12 39.05
N LYS D 249 -4.00 -4.78 39.31
CA LYS D 249 -2.67 -4.31 38.86
C LYS D 249 -2.29 -4.88 37.47
N ALA D 250 -2.61 -4.14 36.40
CA ALA D 250 -2.46 -4.60 35.01
C ALA D 250 -1.05 -5.12 34.62
N GLN D 251 -1.00 -6.38 34.19
CA GLN D 251 0.23 -7.11 33.96
C GLN D 251 0.20 -7.86 32.62
N ALA D 252 1.17 -7.57 31.76
CA ALA D 252 1.33 -8.29 30.50
C ALA D 252 1.72 -9.74 30.80
N LEU D 253 1.04 -10.67 30.13
CA LEU D 253 1.20 -12.12 30.34
C LEU D 253 1.85 -12.77 29.14
N GLY D 254 1.69 -12.13 27.99
CA GLY D 254 2.17 -12.63 26.72
C GLY D 254 1.40 -12.04 25.56
N VAL D 255 1.36 -12.77 24.46
CA VAL D 255 0.85 -12.26 23.21
C VAL D 255 0.01 -13.29 22.49
N GLU D 256 -1.17 -12.87 22.07
CA GLU D 256 -2.01 -13.64 21.16
C GLU D 256 -1.54 -13.46 19.71
N PHE D 257 -1.37 -14.57 19.01
CA PHE D 257 -1.06 -14.53 17.58
C PHE D 257 -1.72 -15.65 16.75
N SER D 258 -1.49 -15.61 15.44
CA SER D 258 -2.06 -16.54 14.49
C SER D 258 -1.14 -16.77 13.30
N THR D 259 -0.66 -18.01 13.13
CA THR D 259 -0.15 -18.44 11.82
C THR D 259 -1.40 -18.66 10.94
N ASP D 260 -1.25 -18.47 9.62
CA ASP D 260 -2.33 -18.55 8.63
C ASP D 260 -3.61 -17.69 8.92
N GLY D 261 -3.35 -16.53 9.56
CA GLY D 261 -4.31 -15.41 9.61
C GLY D 261 -5.70 -15.64 10.17
N PRO D 262 -6.73 -15.01 9.55
CA PRO D 262 -8.12 -14.95 10.05
C PRO D 262 -8.78 -16.30 10.35
N THR D 263 -8.40 -17.35 9.62
CA THR D 263 -8.74 -18.72 9.99
C THR D 263 -7.79 -19.08 11.13
N GLY D 264 -8.04 -18.41 12.25
CA GLY D 264 -7.07 -18.18 13.33
C GLY D 264 -6.39 -19.39 13.91
N GLU D 265 -7.00 -19.95 14.95
CA GLU D 265 -6.33 -20.83 15.90
C GLU D 265 -5.40 -19.84 16.62
N ARG D 266 -5.96 -19.22 17.67
CA ARG D 266 -5.32 -18.15 18.40
C ARG D 266 -4.39 -18.61 19.50
N LEU D 267 -3.11 -18.65 19.17
CA LEU D 267 -2.07 -19.14 20.07
C LEU D 267 -1.69 -18.05 21.08
N SER D 268 -1.17 -18.46 22.24
CA SER D 268 -0.63 -17.54 23.24
C SER D 268 0.82 -17.84 23.63
N ALA D 269 1.71 -16.89 23.38
CA ALA D 269 3.07 -16.97 23.84
C ALA D 269 3.10 -16.58 25.32
N GLU D 270 3.79 -17.38 26.13
CA GLU D 270 3.75 -17.20 27.59
C GLU D 270 5.03 -16.62 28.17
N LEU D 271 4.86 -15.66 29.08
CA LEU D 271 5.97 -15.01 29.74
C LEU D 271 6.40 -15.75 31.00
N ALA D 272 7.72 -16.02 31.08
CA ALA D 272 8.36 -16.52 32.29
C ALA D 272 8.22 -15.48 33.43
N PRO D 273 8.30 -15.93 34.71
CA PRO D 273 8.14 -15.03 35.88
C PRO D 273 8.90 -13.69 35.84
N GLY D 274 9.87 -13.51 34.93
CA GLY D 274 10.58 -12.24 34.75
C GLY D 274 9.70 -11.12 34.21
N GLY D 275 10.17 -10.48 33.13
CA GLY D 275 9.29 -9.66 32.30
C GLY D 275 8.89 -10.56 31.14
N GLU D 276 8.64 -10.06 29.93
CA GLU D 276 8.36 -8.67 29.55
C GLU D 276 8.07 -8.69 28.04
N VAL D 277 6.89 -8.18 27.66
CA VAL D 277 6.51 -8.03 26.25
C VAL D 277 6.94 -6.64 25.75
N ILE D 278 7.75 -6.61 24.68
CA ILE D 278 8.18 -5.32 24.10
C ILE D 278 7.78 -5.12 22.62
N MET D 279 7.02 -4.05 22.38
CA MET D 279 6.41 -3.76 21.09
C MET D 279 7.42 -3.26 20.06
N CYS D 280 7.36 -3.81 18.85
CA CYS D 280 8.25 -3.39 17.76
C CYS D 280 7.54 -3.41 16.42
N ALA D 281 6.23 -3.18 16.42
CA ALA D 281 5.42 -3.30 15.22
C ALA D 281 5.39 -2.02 14.37
N GLY D 282 6.17 -1.03 14.77
CA GLY D 282 6.25 0.21 14.01
C GLY D 282 5.26 1.27 14.46
N ALA D 283 5.52 2.50 14.01
CA ALA D 283 4.66 3.66 14.28
C ALA D 283 3.25 3.51 13.72
N VAL D 284 3.06 2.56 12.82
CA VAL D 284 1.74 2.28 12.27
C VAL D 284 1.02 1.21 13.09
N HIS D 285 1.68 0.07 13.30
CA HIS D 285 1.02 -1.10 13.79
C HIS D 285 1.14 -1.23 15.28
N THR D 286 2.19 -0.71 15.90
CA THR D 286 2.26 -0.71 17.37
C THR D 286 1.07 0.00 18.05
N PRO D 287 0.70 1.24 17.63
CA PRO D 287 -0.46 1.81 18.28
C PRO D 287 -1.72 1.04 17.96
N PHE D 288 -1.82 0.45 16.76
CA PHE D 288 -2.97 -0.34 16.39
C PHE D 288 -3.11 -1.57 17.29
N LEU D 289 -2.05 -2.33 17.44
CA LEU D 289 -2.10 -3.51 18.26
C LEU D 289 -2.38 -3.15 19.72
N LEU D 290 -1.75 -2.05 20.20
CA LEU D 290 -2.01 -1.65 21.58
C LEU D 290 -3.45 -1.31 21.79
N LYS D 291 -4.09 -0.63 20.80
CA LYS D 291 -5.47 -0.30 20.98
C LYS D 291 -6.36 -1.57 21.11
N HIS D 292 -6.04 -2.61 20.35
CA HIS D 292 -6.71 -3.86 20.42
C HIS D 292 -6.40 -4.60 21.70
N SER D 293 -5.25 -4.30 22.35
CA SER D 293 -4.84 -4.93 23.60
C SER D 293 -5.51 -4.26 24.78
N GLY D 294 -6.18 -3.15 24.49
CA GLY D 294 -7.00 -2.43 25.44
C GLY D 294 -6.33 -1.17 25.96
N VAL D 295 -5.15 -0.84 25.40
CA VAL D 295 -4.34 0.31 25.81
C VAL D 295 -4.53 1.39 24.75
N GLY D 296 -5.27 2.43 25.11
CA GLY D 296 -5.54 3.54 24.20
C GLY D 296 -6.62 4.50 24.66
N PRO D 297 -6.98 5.48 23.81
CA PRO D 297 -8.10 6.38 24.07
C PRO D 297 -9.39 5.63 24.33
N SER D 298 -9.95 5.79 25.53
CA SER D 298 -11.31 5.32 25.82
C SER D 298 -12.29 6.08 24.94
N ALA D 299 -13.38 5.42 24.55
CA ALA D 299 -14.37 5.90 23.56
C ALA D 299 -13.99 5.43 22.17
N GLU D 300 -12.71 5.57 21.82
CA GLU D 300 -12.15 4.94 20.62
C GLU D 300 -12.19 3.42 20.80
N LEU D 301 -11.81 2.96 22.00
CA LEU D 301 -11.82 1.57 22.35
C LEU D 301 -13.24 1.09 22.64
N LYS D 302 -14.02 1.96 23.29
CA LYS D 302 -15.45 1.67 23.52
C LYS D 302 -16.24 1.49 22.22
N GLU D 303 -15.87 2.24 21.18
CA GLU D 303 -16.54 2.21 19.87
C GLU D 303 -16.63 0.82 19.24
N PHE D 304 -15.66 -0.04 19.58
CA PHE D 304 -15.62 -1.39 19.03
C PHE D 304 -15.61 -2.40 20.17
N GLY D 305 -16.09 -1.97 21.32
CA GLY D 305 -16.34 -2.82 22.47
C GLY D 305 -15.14 -3.64 22.92
N ILE D 306 -14.07 -2.97 23.30
CA ILE D 306 -12.97 -3.64 23.97
C ILE D 306 -12.73 -3.06 25.36
N PRO D 307 -12.56 -3.96 26.35
CA PRO D 307 -12.15 -3.57 27.70
C PRO D 307 -10.99 -2.59 27.67
N VAL D 308 -11.18 -1.48 28.38
CA VAL D 308 -10.13 -0.46 28.55
C VAL D 308 -9.17 -0.89 29.67
N VAL D 309 -7.90 -1.11 29.33
CA VAL D 309 -6.81 -1.10 30.34
C VAL D 309 -5.92 0.13 30.11
N SER D 310 -5.34 0.67 31.18
CA SER D 310 -4.62 1.97 31.14
C SER D 310 -5.52 3.18 30.83
N ASN D 311 -6.05 3.26 29.60
CA ASN D 311 -6.62 4.50 29.03
C ASN D 311 -5.55 5.59 28.88
N LEU D 312 -4.95 5.64 27.69
CA LEU D 312 -3.90 6.59 27.36
C LEU D 312 -4.28 7.27 26.05
N ALA D 313 -4.64 8.54 26.11
CA ALA D 313 -5.12 9.27 24.93
C ALA D 313 -4.05 9.43 23.84
N GLY D 314 -2.79 9.28 24.24
CA GLY D 314 -1.66 9.45 23.34
C GLY D 314 -1.53 8.45 22.20
N VAL D 315 -1.98 7.21 22.44
CA VAL D 315 -1.75 6.12 21.47
C VAL D 315 -2.51 6.38 20.17
N GLY D 316 -1.81 6.23 19.05
CA GLY D 316 -2.34 6.55 17.73
C GLY D 316 -2.21 8.02 17.37
N GLN D 317 -2.02 8.86 18.38
CA GLN D 317 -1.89 10.31 18.20
C GLN D 317 -0.46 10.72 18.01
N ASN D 318 -0.26 11.94 17.49
CA ASN D 318 1.07 12.51 17.20
C ASN D 318 1.83 11.74 16.11
N LEU D 319 1.14 11.46 14.99
CA LEU D 319 1.76 10.77 13.86
C LEU D 319 2.46 11.77 12.98
N GLN D 320 3.77 11.64 12.87
CA GLN D 320 4.57 12.59 12.08
C GLN D 320 5.22 11.91 10.87
N ASP D 321 4.91 12.39 9.65
CA ASP D 321 5.42 11.75 8.43
C ASP D 321 6.38 12.49 7.50
N GLN D 322 6.45 13.81 7.57
CA GLN D 322 7.36 14.56 6.64
C GLN D 322 7.09 14.31 5.11
N PRO D 323 6.17 15.09 4.52
CA PRO D 323 5.67 14.85 3.16
C PRO D 323 6.63 15.34 2.09
N ALA D 324 6.36 14.94 0.84
CA ALA D 324 7.20 15.30 -0.30
C ALA D 324 6.42 15.80 -1.51
N CYS D 325 7.09 16.61 -2.33
CA CYS D 325 6.63 16.91 -3.69
C CYS D 325 7.80 16.97 -4.67
N LEU D 326 7.54 17.37 -5.90
CA LEU D 326 8.43 17.01 -7.00
C LEU D 326 8.54 18.05 -8.11
N THR D 327 9.77 18.30 -8.54
CA THR D 327 10.04 18.91 -9.84
C THR D 327 10.97 17.96 -10.57
N ALA D 328 10.70 17.72 -11.84
CA ALA D 328 11.58 16.91 -12.70
C ALA D 328 11.66 17.60 -14.06
N ALA D 329 12.64 17.24 -14.90
CA ALA D 329 12.89 17.87 -16.22
C ALA D 329 13.84 17.00 -17.08
N PRO D 330 13.62 16.95 -18.41
CA PRO D 330 14.52 16.16 -19.27
C PRO D 330 15.78 16.96 -19.61
N VAL D 331 16.78 16.29 -20.18
CA VAL D 331 17.99 16.99 -20.64
C VAL D 331 18.00 17.24 -22.17
N LYS D 332 18.59 18.37 -22.59
CA LYS D 332 18.74 18.70 -24.01
C LYS D 332 19.74 17.74 -24.67
N GLU D 333 19.27 16.99 -25.69
CA GLU D 333 20.09 15.96 -26.40
C GLU D 333 21.42 15.54 -25.76
N LYS D 334 21.30 14.93 -24.58
CA LYS D 334 22.41 14.38 -23.83
C LYS D 334 22.08 12.97 -23.31
N TYR D 335 21.16 12.28 -24.00
CA TYR D 335 20.64 10.99 -23.54
C TYR D 335 21.71 10.09 -22.94
N ASP D 336 21.74 10.08 -21.60
CA ASP D 336 22.66 9.28 -20.78
C ASP D 336 22.64 9.53 -19.25
N GLY D 337 22.05 8.53 -18.56
CA GLY D 337 21.96 8.36 -17.10
C GLY D 337 20.73 8.99 -16.48
N ILE D 338 20.30 8.49 -15.31
CA ILE D 338 20.72 7.22 -14.68
C ILE D 338 19.84 6.11 -15.22
N ALA D 339 18.54 6.39 -15.36
CA ALA D 339 17.58 5.61 -16.12
C ALA D 339 18.33 4.88 -17.24
N ILE D 340 19.14 5.67 -17.95
CA ILE D 340 19.91 5.24 -19.11
C ILE D 340 21.14 4.41 -18.73
N SER D 341 21.80 4.74 -17.61
CA SER D 341 22.98 3.95 -17.12
C SER D 341 22.61 2.52 -16.67
N ASP D 342 21.36 2.09 -16.92
CA ASP D 342 20.85 0.71 -16.61
C ASP D 342 19.48 0.33 -17.23
N HIS D 343 19.08 0.96 -18.34
CA HIS D 343 17.90 0.51 -19.11
C HIS D 343 18.14 0.60 -20.63
N ILE D 344 17.16 0.08 -21.39
CA ILE D 344 17.17 -0.13 -22.88
C ILE D 344 18.14 -1.21 -23.36
N GLY D 349 14.27 -0.62 -24.43
CA GLY D 349 13.72 -0.48 -23.06
C GLY D 349 13.70 -1.80 -22.30
N GLN D 350 14.83 -2.15 -21.68
CA GLN D 350 15.07 -3.45 -21.05
C GLN D 350 16.40 -3.48 -20.29
N ILE D 351 16.37 -4.03 -19.07
CA ILE D 351 17.54 -4.14 -18.15
C ILE D 351 18.89 -4.47 -18.79
N ARG D 352 19.89 -3.63 -18.49
CA ARG D 352 21.30 -3.86 -18.83
C ARG D 352 21.84 -5.02 -17.97
N LYS D 353 22.87 -5.83 -18.32
CA LYS D 353 23.99 -5.63 -19.26
C LYS D 353 24.92 -4.60 -18.63
N ARG D 354 26.20 -4.93 -18.51
CA ARG D 354 27.20 -3.99 -17.96
C ARG D 354 26.95 -3.60 -16.49
N ALA D 355 25.72 -3.16 -16.18
CA ALA D 355 25.26 -2.82 -14.85
C ALA D 355 25.09 -4.04 -13.97
N ILE D 356 24.65 -5.17 -14.54
CA ILE D 356 24.65 -6.48 -13.87
C ILE D 356 26.09 -6.93 -13.62
N ALA D 357 27.02 -6.54 -14.48
CA ALA D 357 28.43 -6.91 -14.32
C ALA D 357 29.12 -5.91 -13.39
N SER D 358 28.70 -4.64 -13.38
CA SER D 358 29.23 -3.62 -12.47
C SER D 358 28.82 -3.91 -11.01
N TYR D 359 27.51 -4.04 -10.76
CA TYR D 359 27.02 -4.65 -9.51
C TYR D 359 27.44 -6.11 -9.56
N LEU D 360 27.80 -6.66 -8.41
CA LEU D 360 28.26 -8.06 -8.27
C LEU D 360 29.53 -8.24 -9.07
N LEU D 361 30.57 -8.75 -8.42
CA LEU D 361 31.92 -8.81 -8.99
C LEU D 361 32.62 -7.45 -8.95
N GLY D 362 32.12 -6.48 -9.72
CA GLY D 362 32.86 -5.27 -10.05
C GLY D 362 33.03 -4.23 -8.95
N GLY D 363 32.90 -4.67 -7.70
CA GLY D 363 32.96 -3.80 -6.53
C GLY D 363 31.71 -2.96 -6.43
N ARG D 364 30.71 -3.28 -7.27
CA ARG D 364 29.41 -2.62 -7.32
C ARG D 364 29.45 -1.26 -8.05
N GLY D 365 28.68 -1.16 -9.13
CA GLY D 365 28.50 0.10 -9.89
C GLY D 365 27.06 0.57 -9.82
N GLY D 366 26.60 1.35 -10.81
CA GLY D 366 25.19 1.78 -10.87
C GLY D 366 24.24 0.62 -10.80
N LEU D 367 23.09 0.81 -10.12
CA LEU D 367 22.23 -0.30 -9.61
C LEU D 367 22.61 -0.63 -8.17
N THR D 368 23.74 -0.06 -7.74
CA THR D 368 24.10 0.07 -6.31
C THR D 368 23.08 0.94 -5.65
N SER D 369 22.72 2.02 -6.35
CA SER D 369 21.56 2.82 -6.05
C SER D 369 21.64 3.48 -4.66
N THR D 370 20.51 3.89 -4.08
CA THR D 370 19.17 3.98 -4.70
C THR D 370 19.19 5.16 -5.73
N GLY D 371 18.07 5.86 -5.92
CA GLY D 371 18.13 7.19 -6.50
C GLY D 371 18.30 8.09 -5.31
N CYS D 372 18.13 9.40 -5.47
CA CYS D 372 18.00 10.31 -4.30
C CYS D 372 19.08 10.18 -3.21
N ASP D 373 20.28 9.76 -3.63
CA ASP D 373 21.45 9.60 -2.78
C ASP D 373 21.96 10.92 -2.24
N ARG D 374 21.71 12.01 -2.96
CA ARG D 374 22.40 13.28 -2.75
C ARG D 374 21.41 14.41 -2.77
N GLY D 375 21.75 15.54 -2.16
CA GLY D 375 20.82 16.65 -2.04
C GLY D 375 21.24 17.70 -1.03
N ALA D 376 20.26 18.23 -0.31
CA ALA D 376 20.50 19.34 0.62
C ALA D 376 19.54 19.42 1.80
N PHE D 377 20.01 20.06 2.87
CA PHE D 377 19.12 20.61 3.88
C PHE D 377 19.12 22.11 3.76
N VAL D 378 17.92 22.70 3.72
CA VAL D 378 17.73 24.12 3.44
C VAL D 378 16.72 24.73 4.42
N ARG D 379 17.04 25.95 4.89
CA ARG D 379 16.11 26.83 5.59
C ARG D 379 15.31 27.75 4.63
N THR D 380 14.01 27.45 4.45
CA THR D 380 13.18 28.22 3.52
C THR D 380 12.77 29.61 4.02
N ALA D 381 12.78 29.81 5.34
CA ALA D 381 12.44 31.11 5.94
C ALA D 381 13.22 31.38 7.23
N GLY D 382 14.53 31.08 7.22
CA GLY D 382 15.39 31.27 8.39
C GLY D 382 14.88 30.70 9.71
N GLN D 383 14.25 29.53 9.63
CA GLN D 383 13.89 28.72 10.80
C GLN D 383 15.14 28.35 11.66
N ALA D 384 14.90 27.92 12.89
CA ALA D 384 15.95 27.45 13.81
C ALA D 384 16.74 26.28 13.20
N LEU D 385 16.03 25.42 12.46
CA LEU D 385 16.61 24.26 11.81
C LEU D 385 16.01 24.08 10.41
N PRO D 386 16.80 23.53 9.45
CA PRO D 386 16.31 23.34 8.08
C PRO D 386 14.96 22.63 8.06
N ASP D 387 13.98 23.29 7.46
CA ASP D 387 12.64 22.75 7.30
C ASP D 387 12.47 21.97 6.02
N LEU D 388 13.43 22.14 5.10
CA LEU D 388 13.37 21.55 3.77
C LEU D 388 14.48 20.54 3.50
N GLN D 389 14.09 19.36 3.01
CA GLN D 389 15.06 18.42 2.47
C GLN D 389 14.90 18.34 0.97
N VAL D 390 16.03 18.41 0.28
CA VAL D 390 16.02 18.24 -1.17
C VAL D 390 16.73 16.91 -1.48
N ARG D 391 16.05 16.07 -2.24
CA ARG D 391 16.61 14.81 -2.71
C ARG D 391 16.79 14.87 -4.21
N PHE D 392 18.04 14.83 -4.66
CA PHE D 392 18.36 14.94 -6.07
C PHE D 392 18.56 13.58 -6.70
N VAL D 393 17.74 13.27 -7.71
CA VAL D 393 17.85 12.03 -8.47
C VAL D 393 18.39 12.33 -9.87
N PRO D 394 19.44 11.60 -10.30
CA PRO D 394 19.90 11.83 -11.67
C PRO D 394 19.05 11.09 -12.75
N GLY D 395 17.76 10.94 -12.49
CA GLY D 395 16.79 10.32 -13.39
C GLY D 395 15.54 11.16 -13.45
N MET D 396 14.79 11.10 -14.56
CA MET D 396 13.58 11.92 -14.69
C MET D 396 12.30 11.22 -14.24
N ALA D 397 11.62 11.82 -13.27
CA ALA D 397 10.36 11.27 -12.74
C ALA D 397 9.27 11.46 -13.77
N LEU D 398 8.42 10.43 -13.94
CA LEU D 398 7.35 10.44 -14.94
C LEU D 398 5.95 10.64 -14.35
N ASP D 399 5.89 10.73 -13.02
CA ASP D 399 4.68 11.06 -12.26
C ASP D 399 5.06 12.08 -11.17
N PRO D 400 4.14 13.00 -10.80
CA PRO D 400 4.49 13.95 -9.74
C PRO D 400 4.47 13.36 -8.31
N ASP D 401 4.07 12.09 -8.20
CA ASP D 401 4.21 11.26 -6.99
C ASP D 401 5.47 10.37 -7.16
N GLY D 402 6.53 10.67 -6.39
CA GLY D 402 7.84 10.04 -6.56
C GLY D 402 7.74 8.54 -6.38
N VAL D 403 6.91 8.11 -5.43
CA VAL D 403 6.76 6.70 -5.11
C VAL D 403 6.19 5.96 -6.34
N SER D 404 5.11 6.48 -6.91
CA SER D 404 4.53 5.81 -8.03
C SER D 404 5.30 5.95 -9.35
N THR D 405 6.27 6.86 -9.36
CA THR D 405 7.29 6.86 -10.45
C THR D 405 8.19 5.64 -10.34
N TYR D 406 8.71 5.37 -9.15
CA TYR D 406 9.46 4.18 -8.90
C TYR D 406 8.68 2.92 -9.26
N VAL D 407 7.41 2.92 -8.94
CA VAL D 407 6.56 1.77 -9.25
C VAL D 407 6.47 1.55 -10.74
N ARG D 408 6.34 2.63 -11.54
CA ARG D 408 6.32 2.49 -12.96
C ARG D 408 7.67 2.15 -13.61
N PHE D 409 8.70 2.55 -12.95
CA PHE D 409 10.08 2.19 -13.33
C PHE D 409 10.32 0.70 -13.19
N ALA D 410 9.77 0.14 -12.08
CA ALA D 410 9.85 -1.34 -11.94
C ALA D 410 9.02 -2.03 -13.02
N LYS D 411 7.82 -1.51 -13.29
CA LYS D 411 6.94 -2.01 -14.35
C LYS D 411 7.41 -1.64 -15.77
N PHE D 412 8.71 -1.44 -15.93
CA PHE D 412 9.31 -0.99 -17.18
C PHE D 412 10.35 -2.04 -17.60
N GLN D 413 9.90 -3.01 -18.38
CA GLN D 413 10.77 -4.04 -18.94
C GLN D 413 10.07 -4.66 -20.13
N SER D 414 10.84 -4.96 -21.18
CA SER D 414 10.33 -5.52 -22.44
C SER D 414 9.20 -4.73 -23.14
N GLN D 415 8.41 -3.97 -22.38
CA GLN D 415 7.45 -3.02 -22.97
C GLN D 415 8.15 -1.73 -23.33
N GLY D 416 9.26 -1.44 -22.65
CA GLY D 416 9.96 -0.15 -22.77
C GLY D 416 10.18 0.40 -24.16
N LEU D 417 9.90 1.69 -24.30
CA LEU D 417 10.46 2.50 -25.37
C LEU D 417 11.82 2.91 -24.84
N LYS D 418 11.87 4.00 -24.08
CA LYS D 418 13.04 4.59 -23.50
C LYS D 418 12.53 5.55 -22.43
N TRP D 419 13.11 5.46 -21.24
CA TRP D 419 12.82 6.41 -20.18
C TRP D 419 13.48 7.77 -20.56
N PRO D 420 12.64 8.83 -20.73
CA PRO D 420 12.98 10.13 -21.33
C PRO D 420 14.34 10.76 -20.98
N SER D 421 14.91 10.42 -19.82
CA SER D 421 16.28 10.81 -19.46
C SER D 421 16.45 12.28 -18.98
N GLY D 422 16.67 12.43 -17.68
CA GLY D 422 16.78 13.75 -17.08
C GLY D 422 17.06 13.75 -15.58
N ILE D 423 16.50 14.75 -14.88
CA ILE D 423 16.75 14.95 -13.45
C ILE D 423 15.46 15.16 -12.68
N THR D 424 15.51 14.87 -11.39
CA THR D 424 14.40 15.09 -10.47
C THR D 424 14.96 15.69 -9.18
N MET D 425 14.20 16.61 -8.60
CA MET D 425 14.46 17.12 -7.27
C MET D 425 13.22 16.92 -6.41
N GLN D 426 13.35 16.06 -5.40
CA GLN D 426 12.27 15.78 -4.46
C GLN D 426 12.38 16.70 -3.26
N LEU D 427 11.24 17.22 -2.82
CA LEU D 427 11.21 18.23 -1.79
C LEU D 427 10.41 17.73 -0.62
N ILE D 428 11.09 17.61 0.53
CA ILE D 428 10.52 17.04 1.75
C ILE D 428 10.48 18.10 2.82
N ALA D 429 9.40 18.13 3.58
CA ALA D 429 9.37 18.94 4.78
C ALA D 429 9.91 18.12 5.96
N CYS D 430 11.22 18.27 6.24
CA CYS D 430 11.96 17.54 7.30
C CYS D 430 11.28 17.53 8.65
N ARG D 431 10.98 18.72 9.14
CA ARG D 431 10.54 18.88 10.50
C ARG D 431 9.16 19.48 10.46
N PRO D 432 8.16 18.69 9.99
CA PRO D 432 6.86 19.28 9.69
C PRO D 432 6.12 19.66 10.95
N GLN D 433 5.11 20.51 10.81
CA GLN D 433 4.35 21.00 11.97
C GLN D 433 3.05 20.24 12.12
N SER D 434 2.43 19.91 10.99
CA SER D 434 1.22 19.09 10.94
C SER D 434 1.48 17.67 11.46
N THR D 435 0.45 17.09 12.09
CA THR D 435 0.50 15.72 12.59
C THR D 435 -0.78 14.96 12.17
N GLY D 436 -0.69 13.62 12.17
CA GLY D 436 -1.83 12.77 11.85
C GLY D 436 -2.18 11.83 12.99
N SER D 437 -2.92 10.77 12.67
CA SER D 437 -3.30 9.76 13.67
C SER D 437 -3.55 8.37 13.07
N VAL D 438 -3.34 7.33 13.90
CA VAL D 438 -3.60 5.94 13.57
C VAL D 438 -4.67 5.40 14.51
N GLY D 439 -5.79 4.96 13.95
CA GLY D 439 -6.94 4.52 14.77
C GLY D 439 -7.43 3.10 14.52
N LEU D 440 -8.68 2.84 14.89
CA LEU D 440 -9.33 1.58 14.58
C LEU D 440 -10.50 1.78 13.62
N LYS D 441 -10.69 0.79 12.77
CA LYS D 441 -11.64 0.87 11.68
C LYS D 441 -12.76 -0.12 11.93
N SER D 442 -12.46 -1.15 12.73
CA SER D 442 -13.41 -2.19 13.12
C SER D 442 -12.84 -2.94 14.32
N ALA D 443 -13.60 -3.93 14.80
CA ALA D 443 -13.12 -4.80 15.86
C ALA D 443 -12.14 -5.86 15.34
N ASP D 444 -12.06 -6.02 14.01
CA ASP D 444 -11.16 -6.99 13.37
C ASP D 444 -9.66 -6.62 13.42
N PRO D 445 -8.84 -7.40 14.18
CA PRO D 445 -7.39 -7.17 14.23
C PRO D 445 -6.67 -7.58 12.95
N PHE D 446 -7.41 -8.09 11.97
CA PHE D 446 -6.88 -8.44 10.66
C PHE D 446 -7.25 -7.41 9.62
N ALA D 447 -8.18 -6.51 9.96
CA ALA D 447 -8.44 -5.31 9.15
C ALA D 447 -7.22 -4.34 9.15
N PRO D 448 -7.10 -3.51 8.09
CA PRO D 448 -6.08 -2.45 8.10
C PRO D 448 -6.40 -1.36 9.14
N PRO D 449 -5.36 -0.69 9.66
CA PRO D 449 -5.50 0.13 10.85
C PRO D 449 -6.02 1.58 10.75
N LYS D 450 -6.63 2.01 9.64
CA LYS D 450 -7.17 3.40 9.53
C LYS D 450 -6.15 4.54 9.78
N LEU D 451 -5.45 4.94 8.72
CA LEU D 451 -4.43 5.97 8.81
C LEU D 451 -4.96 7.27 8.26
N SER D 452 -4.54 8.36 8.89
CA SER D 452 -4.58 9.66 8.24
C SER D 452 -3.27 10.34 8.59
N PRO D 453 -2.46 10.66 7.56
CA PRO D 453 -1.16 11.29 7.79
C PRO D 453 -1.25 12.75 8.27
N GLY D 454 -2.38 13.39 7.97
CA GLY D 454 -2.63 14.78 8.33
C GLY D 454 -1.69 15.79 7.70
N TYR D 455 -1.22 15.51 6.48
CA TYR D 455 -0.32 16.41 5.76
C TYR D 455 -0.93 17.80 5.59
N LEU D 456 -0.08 18.82 5.65
CA LEU D 456 -0.51 20.22 5.47
C LEU D 456 -1.72 20.57 6.33
N THR D 457 -1.65 20.22 7.61
CA THR D 457 -2.79 20.33 8.51
C THR D 457 -2.61 21.40 9.58
N ASP D 458 -1.35 21.73 9.89
CA ASP D 458 -0.99 22.66 10.96
C ASP D 458 -1.74 23.99 10.88
N LYS D 459 -1.91 24.64 12.03
CA LYS D 459 -2.64 25.89 12.12
C LYS D 459 -2.13 26.97 11.16
N ASP D 460 -0.81 27.19 11.17
CA ASP D 460 -0.22 28.32 10.42
C ASP D 460 0.00 28.10 8.92
N GLY D 461 -0.30 26.89 8.44
CA GLY D 461 -0.01 26.53 7.05
C GLY D 461 1.48 26.46 6.74
N ALA D 462 2.27 26.06 7.74
CA ALA D 462 3.73 26.10 7.66
C ALA D 462 4.25 24.99 6.71
N ASP D 463 3.61 23.83 6.77
CA ASP D 463 4.02 22.72 5.94
C ASP D 463 3.83 23.01 4.43
N LEU D 464 2.66 23.58 4.12
CA LEU D 464 2.38 23.97 2.77
C LEU D 464 3.36 25.04 2.30
N ALA D 465 3.69 25.98 3.18
CA ALA D 465 4.68 27.02 2.87
C ALA D 465 6.08 26.47 2.55
N THR D 466 6.66 25.77 3.51
CA THR D 466 7.95 25.14 3.35
C THR D 466 7.98 24.34 2.04
N LEU D 467 6.86 23.73 1.67
CA LEU D 467 6.84 22.92 0.47
C LEU D 467 6.70 23.79 -0.79
N ARG D 468 5.94 24.88 -0.69
CA ARG D 468 5.81 25.80 -1.81
C ARG D 468 7.17 26.52 -2.09
N LYS D 469 7.77 27.06 -1.02
CA LYS D 469 9.08 27.62 -1.14
C LYS D 469 10.04 26.57 -1.70
N GLY D 470 9.88 25.31 -1.35
CA GLY D 470 10.73 24.24 -1.88
C GLY D 470 10.72 24.14 -3.38
N ILE D 471 9.55 24.29 -3.99
CA ILE D 471 9.42 24.33 -5.42
C ILE D 471 10.27 25.45 -6.05
N HIS D 472 10.12 26.63 -5.44
CA HIS D 472 10.79 27.81 -5.87
C HIS D 472 12.30 27.66 -5.95
N TRP D 473 12.85 27.14 -4.88
CA TRP D 473 14.28 26.86 -4.76
C TRP D 473 14.75 25.91 -5.85
N ALA D 474 13.95 24.88 -6.11
CA ALA D 474 14.24 23.92 -7.15
C ALA D 474 14.29 24.58 -8.51
N ARG D 475 13.32 25.45 -8.76
CA ARG D 475 13.29 26.17 -10.02
C ARG D 475 14.53 27.08 -10.18
N ASP D 476 14.88 27.73 -9.09
CA ASP D 476 16.07 28.58 -9.05
C ASP D 476 17.32 27.76 -9.42
N VAL D 477 17.42 26.55 -8.84
CA VAL D 477 18.51 25.66 -9.09
C VAL D 477 18.57 25.19 -10.56
N ALA D 478 17.40 24.90 -11.11
CA ALA D 478 17.26 24.48 -12.48
C ALA D 478 17.65 25.56 -13.47
N ARG D 479 17.40 26.83 -13.06
CA ARG D 479 17.74 27.98 -13.91
C ARG D 479 19.20 28.41 -13.68
N SER D 480 19.92 27.80 -12.72
CA SER D 480 21.36 28.04 -12.53
C SER D 480 22.16 27.86 -13.80
N SER D 481 23.26 28.61 -13.92
CA SER D 481 24.16 28.52 -15.07
C SER D 481 24.57 27.08 -15.36
N ALA D 482 24.92 26.35 -14.29
CA ALA D 482 25.41 24.98 -14.38
C ALA D 482 24.36 23.98 -14.85
N LEU D 483 23.17 24.00 -14.25
CA LEU D 483 22.12 23.04 -14.60
C LEU D 483 21.44 23.32 -15.91
N SER D 484 21.05 24.58 -16.14
CA SER D 484 20.37 25.03 -17.37
C SER D 484 21.12 24.61 -18.63
N GLU D 485 22.45 24.47 -18.52
CA GLU D 485 23.28 23.90 -19.56
C GLU D 485 22.76 22.53 -20.02
N TYR D 486 22.46 21.66 -19.06
CA TYR D 486 21.99 20.29 -19.32
C TYR D 486 20.50 20.21 -19.62
N LEU D 487 19.68 21.00 -18.92
CA LEU D 487 18.23 20.79 -18.87
C LEU D 487 17.46 21.29 -20.11
N ASP D 488 16.55 20.45 -20.59
CA ASP D 488 15.60 20.84 -21.66
C ASP D 488 14.35 21.52 -21.08
N GLY D 489 14.61 22.36 -20.08
CA GLY D 489 13.68 23.27 -19.43
C GLY D 489 12.33 22.73 -19.06
N GLU D 490 11.36 23.64 -19.06
CA GLU D 490 9.87 23.39 -18.97
C GLU D 490 9.38 22.43 -17.86
N LEU D 491 10.33 21.90 -17.12
CA LEU D 491 10.13 20.99 -15.99
C LEU D 491 9.04 19.86 -16.11
N PHE D 492 8.65 19.34 -14.95
CA PHE D 492 7.52 18.48 -14.78
C PHE D 492 6.31 19.27 -14.25
N PRO D 493 6.42 19.97 -13.06
CA PRO D 493 5.22 20.69 -12.50
C PRO D 493 4.50 21.48 -13.59
N GLY D 494 5.27 21.98 -14.53
CA GLY D 494 4.77 22.68 -15.69
C GLY D 494 5.22 24.11 -15.60
N SER D 495 5.53 24.67 -16.77
CA SER D 495 5.61 26.11 -16.91
C SER D 495 4.18 26.69 -16.76
N GLY D 496 3.19 25.80 -16.86
CA GLY D 496 1.78 26.11 -16.59
C GLY D 496 1.44 26.48 -15.13
N VAL D 497 2.20 25.95 -14.17
CA VAL D 497 1.97 26.34 -12.75
C VAL D 497 2.94 27.44 -12.30
N VAL D 498 2.41 28.66 -12.15
CA VAL D 498 3.23 29.85 -11.92
C VAL D 498 2.94 30.62 -10.64
N SER D 499 1.66 30.80 -10.32
CA SER D 499 1.25 31.49 -9.09
C SER D 499 1.49 30.62 -7.85
N ASP D 500 1.47 31.22 -6.66
CA ASP D 500 1.55 30.50 -5.40
C ASP D 500 0.33 29.60 -5.18
N ASP D 501 -0.83 30.09 -5.55
CA ASP D 501 -2.05 29.30 -5.47
C ASP D 501 -1.95 28.07 -6.38
N GLN D 502 -1.39 28.23 -7.59
CA GLN D 502 -1.17 27.17 -8.51
C GLN D 502 -0.07 26.21 -8.08
N ILE D 503 0.90 26.66 -7.35
CA ILE D 503 1.87 25.78 -6.72
C ILE D 503 1.15 24.90 -5.68
N ASP D 504 0.30 25.53 -4.88
CA ASP D 504 -0.41 24.89 -3.80
C ASP D 504 -1.42 23.88 -4.25
N GLU D 505 -1.97 24.09 -5.46
CA GLU D 505 -2.85 23.04 -6.02
C GLU D 505 -2.03 21.86 -6.53
N TYR D 506 -0.90 22.17 -7.16
CA TYR D 506 0.00 21.09 -7.61
C TYR D 506 0.47 20.14 -6.48
N ILE D 507 1.18 20.70 -5.50
CA ILE D 507 1.46 20.00 -4.24
C ILE D 507 0.09 19.97 -3.58
N ARG D 508 -0.33 18.83 -3.05
CA ARG D 508 -1.74 18.63 -2.62
C ARG D 508 -2.47 17.75 -3.62
N ARG D 509 -2.26 17.98 -4.91
CA ARG D 509 -2.62 16.99 -5.92
C ARG D 509 -1.52 15.95 -6.03
N SER D 510 -0.27 16.35 -5.74
CA SER D 510 0.87 15.48 -5.98
C SER D 510 1.60 15.03 -4.73
N ILE D 511 1.23 15.61 -3.58
CA ILE D 511 1.89 15.30 -2.30
C ILE D 511 1.93 13.79 -2.03
N HIS D 512 3.07 13.33 -1.49
CA HIS D 512 3.30 11.91 -1.22
C HIS D 512 4.21 11.77 -0.01
N SER D 513 4.46 10.52 0.42
CA SER D 513 5.24 10.27 1.62
C SER D 513 6.71 10.07 1.31
N SER D 514 7.56 10.72 2.12
CA SER D 514 9.00 10.47 2.07
C SER D 514 9.36 9.34 3.04
N ASN D 515 8.31 8.70 3.54
CA ASN D 515 8.34 7.42 4.27
C ASN D 515 9.15 7.41 5.55
N ALA D 516 8.76 8.27 6.47
CA ALA D 516 9.45 8.39 7.72
C ALA D 516 8.40 8.68 8.76
N ILE D 517 7.75 7.62 9.24
CA ILE D 517 6.61 7.78 10.11
C ILE D 517 6.97 7.53 11.58
N THR D 518 6.65 8.48 12.47
CA THR D 518 7.02 8.37 13.90
C THR D 518 6.03 9.00 14.89
N GLY D 519 6.14 8.62 16.15
CA GLY D 519 5.54 9.39 17.27
C GLY D 519 4.21 9.00 17.88
N THR D 520 3.65 7.90 17.38
CA THR D 520 2.30 7.46 17.77
C THR D 520 2.18 6.89 19.17
N CYS D 521 3.30 6.45 19.76
CA CYS D 521 3.34 6.10 21.18
C CYS D 521 4.50 6.84 21.84
N LYS D 522 4.38 8.17 21.92
CA LYS D 522 5.52 9.03 22.26
C LYS D 522 5.99 8.86 23.69
N MET D 523 7.30 8.97 23.88
CA MET D 523 7.91 8.96 25.21
C MET D 523 7.86 10.35 25.80
N GLY D 524 7.36 10.41 27.03
CA GLY D 524 7.34 11.64 27.82
C GLY D 524 7.91 11.35 29.19
N ASN D 525 7.83 12.33 30.08
CA ASN D 525 8.33 12.15 31.41
C ASN D 525 7.27 12.45 32.45
N ALA D 526 7.60 12.20 33.71
CA ALA D 526 6.78 12.52 34.88
C ALA D 526 5.27 12.55 34.59
N GLY D 527 4.69 13.73 34.45
CA GLY D 527 3.24 13.85 34.31
C GLY D 527 2.77 14.16 32.91
N ASP D 528 3.46 13.62 31.90
CA ASP D 528 3.13 13.92 30.50
C ASP D 528 1.81 13.23 30.12
N SER D 529 0.76 14.06 30.13
CA SER D 529 -0.61 13.65 29.88
C SER D 529 -0.87 13.10 28.46
N SER D 530 -0.04 13.48 27.51
CA SER D 530 -0.20 13.02 26.11
C SER D 530 0.75 11.89 25.73
N SER D 531 1.67 11.55 26.64
CA SER D 531 2.64 10.48 26.42
C SER D 531 2.03 9.08 26.63
N VAL D 532 2.74 8.09 26.12
CA VAL D 532 2.30 6.69 26.16
C VAL D 532 3.30 5.86 26.96
N VAL D 533 4.60 6.14 26.76
CA VAL D 533 5.63 5.52 27.61
C VAL D 533 6.40 6.58 28.40
N ASP D 534 7.05 6.10 29.47
CA ASP D 534 7.87 6.92 30.33
C ASP D 534 9.32 7.03 29.82
N ASN D 535 10.16 7.64 30.65
CA ASN D 535 11.60 7.66 30.53
C ASN D 535 12.30 6.36 30.08
N GLN D 536 11.81 5.23 30.60
CA GLN D 536 12.40 3.90 30.45
C GLN D 536 11.74 3.13 29.33
N LEU D 537 10.91 3.85 28.55
CA LEU D 537 10.09 3.31 27.46
C LEU D 537 9.07 2.28 27.94
N ARG D 538 8.50 2.52 29.13
CA ARG D 538 7.60 1.56 29.76
C ARG D 538 6.25 1.47 29.08
N VAL D 539 5.19 2.08 29.61
CA VAL D 539 3.85 2.07 28.95
C VAL D 539 2.73 2.47 29.91
N HIS D 540 3.11 3.15 30.97
CA HIS D 540 2.18 3.75 31.91
C HIS D 540 1.29 2.70 32.59
N GLY D 541 0.11 2.42 32.04
CA GLY D 541 -0.89 1.59 32.72
C GLY D 541 -0.61 0.12 33.00
N VAL D 542 0.48 -0.42 32.45
CA VAL D 542 0.69 -1.87 32.42
C VAL D 542 2.14 -2.22 32.75
N GLU D 543 2.35 -3.19 33.63
CA GLU D 543 3.70 -3.70 33.91
C GLU D 543 4.06 -4.84 32.97
N GLY D 544 5.36 -4.94 32.65
CA GLY D 544 5.85 -6.00 31.77
C GLY D 544 5.67 -5.73 30.30
N LEU D 545 5.29 -4.50 29.96
CA LEU D 545 5.06 -4.09 28.57
C LEU D 545 5.82 -2.81 28.23
N ARG D 546 6.55 -2.84 27.11
CA ARG D 546 7.29 -1.66 26.62
C ARG D 546 7.11 -1.46 25.09
N VAL D 547 7.53 -0.29 24.59
CA VAL D 547 7.68 -0.10 23.13
C VAL D 547 9.13 0.32 22.82
N VAL D 548 9.75 -0.38 21.89
CA VAL D 548 11.09 -0.07 21.42
C VAL D 548 11.00 -0.04 19.91
N ASP D 549 10.87 1.19 19.39
CA ASP D 549 10.10 1.42 18.18
C ASP D 549 10.18 2.87 17.68
N ALA D 550 9.99 3.05 16.37
CA ALA D 550 9.85 4.38 15.77
C ALA D 550 8.72 5.19 16.38
N SER D 551 7.73 4.49 16.94
CA SER D 551 6.54 5.11 17.51
C SER D 551 6.85 5.97 18.75
N VAL D 552 8.01 5.76 19.33
CA VAL D 552 8.33 6.34 20.62
C VAL D 552 8.89 7.77 20.53
N VAL D 553 9.20 8.21 19.31
CA VAL D 553 9.89 9.47 19.00
C VAL D 553 9.01 10.72 19.24
N PRO D 554 9.31 11.52 20.28
CA PRO D 554 8.49 12.71 20.65
C PRO D 554 8.38 13.76 19.53
N LYS D 555 9.51 14.18 18.95
CA LYS D 555 9.50 15.05 17.76
C LYS D 555 10.38 14.46 16.67
N ILE D 556 9.80 14.26 15.49
CA ILE D 556 10.51 13.75 14.31
C ILE D 556 11.81 14.55 14.05
N PRO D 557 12.96 13.86 13.92
CA PRO D 557 14.20 14.56 13.59
C PRO D 557 14.31 14.96 12.11
N GLY D 558 15.48 15.49 11.74
CA GLY D 558 15.69 16.11 10.44
C GLY D 558 15.66 15.22 9.23
N GLY D 559 16.56 14.24 9.17
CA GLY D 559 16.63 13.41 7.96
C GLY D 559 15.58 12.32 7.82
N GLN D 560 16.07 11.10 7.59
CA GLN D 560 15.24 9.89 7.56
C GLN D 560 15.41 9.14 8.88
N THR D 561 14.60 8.10 9.09
CA THR D 561 14.25 7.65 10.41
C THR D 561 14.95 6.37 10.86
N GLY D 562 15.42 5.53 9.94
CA GLY D 562 16.07 4.29 10.30
C GLY D 562 17.13 4.43 11.39
N ALA D 563 18.07 5.35 11.13
CA ALA D 563 19.21 5.56 12.02
C ALA D 563 18.82 5.86 13.48
N PRO D 564 17.82 6.75 13.71
CA PRO D 564 17.40 7.02 15.09
C PRO D 564 16.70 5.82 15.72
N VAL D 565 15.97 5.05 14.90
CA VAL D 565 15.32 3.83 15.39
C VAL D 565 16.34 2.80 15.87
N VAL D 566 17.37 2.56 15.06
CA VAL D 566 18.48 1.71 15.46
C VAL D 566 19.43 2.56 16.28
N MET D 567 19.01 2.86 17.50
CA MET D 567 19.70 3.75 18.43
C MET D 567 18.83 3.73 19.66
N ILE D 568 17.56 4.04 19.48
CA ILE D 568 16.57 3.74 20.51
C ILE D 568 16.57 2.22 20.79
N ALA D 569 16.74 1.41 19.76
CA ALA D 569 16.79 -0.03 19.97
C ALA D 569 18.05 -0.43 20.73
N GLU D 570 19.19 0.18 20.37
CA GLU D 570 20.43 -0.12 21.02
C GLU D 570 20.43 0.30 22.50
N ARG D 571 20.01 1.52 22.72
CA ARG D 571 19.98 2.09 24.02
C ARG D 571 19.01 1.35 24.96
N ALA D 572 17.88 0.96 24.41
CA ALA D 572 16.89 0.25 25.17
C ALA D 572 17.37 -1.16 25.52
N ALA D 573 17.92 -1.89 24.54
CA ALA D 573 18.50 -3.16 24.84
C ALA D 573 19.60 -3.02 25.89
N ALA D 574 20.39 -1.99 25.86
CA ALA D 574 21.42 -1.79 26.85
C ALA D 574 20.83 -1.55 28.19
N LEU D 575 19.79 -0.71 28.28
CA LEU D 575 19.09 -0.50 29.53
C LEU D 575 18.57 -1.84 30.08
N LEU D 576 17.92 -2.65 29.23
CA LEU D 576 17.32 -3.86 29.69
C LEU D 576 18.32 -4.84 30.23
N THR D 577 19.54 -4.87 29.73
CA THR D 577 20.47 -5.95 30.15
C THR D 577 21.53 -5.44 31.11
N GLY D 578 21.10 -4.64 32.10
CA GLY D 578 22.05 -3.94 33.00
C GLY D 578 22.71 -2.85 32.18
N LYS D 579 24.02 -2.93 31.97
CA LYS D 579 24.78 -2.14 30.98
C LYS D 579 24.66 -0.60 30.88
N ALA D 580 23.52 -0.04 31.28
CA ALA D 580 23.21 1.36 31.07
C ALA D 580 21.93 1.75 31.79
N THR D 581 21.90 2.98 32.29
CA THR D 581 20.69 3.57 32.90
C THR D 581 20.19 4.71 32.02
N ILE D 582 19.00 5.19 32.33
CA ILE D 582 18.42 6.37 31.70
C ILE D 582 17.80 7.23 32.81
N GLY D 583 18.25 8.48 32.90
CA GLY D 583 17.72 9.48 33.83
C GLY D 583 18.28 9.42 35.23
N ALA D 584 17.58 10.03 36.19
CA ALA D 584 18.01 10.12 37.60
C ALA D 584 17.27 9.11 38.49
N SER D 585 18.03 8.29 39.23
CA SER D 585 17.48 7.06 39.86
C SER D 585 16.55 7.34 41.03
N SER E 1 -46.17 37.27 17.70
CA SER E 1 -47.05 37.97 18.67
C SER E 1 -48.13 37.03 19.26
N ALA E 2 -47.67 35.86 19.73
CA ALA E 2 -48.51 34.88 20.41
C ALA E 2 -48.36 35.13 21.93
N SER E 3 -48.31 34.04 22.70
CA SER E 3 -48.16 34.07 24.14
C SER E 3 -46.99 33.21 24.56
N ALA E 4 -46.77 32.13 23.83
CA ALA E 4 -45.59 31.30 24.00
C ALA E 4 -44.38 31.95 23.37
N VAL E 5 -44.54 32.74 22.28
CA VAL E 5 -43.37 33.44 21.68
C VAL E 5 -43.06 34.70 22.51
N GLU E 6 -44.12 35.32 23.03
CA GLU E 6 -44.08 36.51 23.89
C GLU E 6 -43.38 36.21 25.24
N ASP E 7 -43.04 34.95 25.43
CA ASP E 7 -42.52 34.43 26.68
C ASP E 7 -41.21 33.71 26.40
N ILE E 8 -41.32 32.47 25.89
CA ILE E 8 -40.19 31.57 25.55
C ILE E 8 -39.43 32.19 24.36
N ARG E 9 -38.71 33.27 24.67
CA ARG E 9 -37.91 34.12 23.76
C ARG E 9 -37.81 35.55 24.28
N LYS E 10 -38.92 36.12 24.73
CA LYS E 10 -38.86 37.49 25.24
C LYS E 10 -38.37 37.46 26.68
N VAL E 11 -39.29 37.50 27.65
CA VAL E 11 -38.94 37.62 29.07
C VAL E 11 -37.83 36.64 29.47
N LEU E 12 -37.89 35.43 28.94
CA LEU E 12 -36.89 34.39 29.23
C LEU E 12 -35.53 34.62 28.60
N SER E 13 -35.46 34.67 27.26
CA SER E 13 -34.18 34.80 26.56
C SER E 13 -33.44 36.14 26.77
N ASP E 14 -34.20 37.25 26.87
CA ASP E 14 -33.62 38.55 27.25
C ASP E 14 -32.95 38.43 28.61
N SER E 15 -33.67 37.83 29.56
CA SER E 15 -33.17 37.59 30.92
C SER E 15 -32.06 36.52 31.05
N SER E 16 -31.77 35.81 29.96
CA SER E 16 -30.80 34.70 29.95
C SER E 16 -29.36 35.16 30.19
N SER E 17 -28.91 36.16 29.43
CA SER E 17 -27.58 36.73 29.60
C SER E 17 -27.71 38.22 29.90
N PRO E 18 -27.12 38.69 31.02
CA PRO E 18 -27.11 40.14 31.24
C PRO E 18 -25.98 40.86 30.50
N VAL E 19 -25.18 40.13 29.73
CA VAL E 19 -24.02 40.73 29.02
C VAL E 19 -24.08 40.63 27.50
N ALA E 20 -25.14 39.99 26.98
CA ALA E 20 -25.33 39.80 25.54
C ALA E 20 -25.53 41.14 24.84
N GLY E 21 -24.76 41.35 23.76
CA GLY E 21 -24.92 42.52 22.91
C GLY E 21 -23.91 43.63 23.14
N GLN E 22 -23.31 43.64 24.34
CA GLN E 22 -22.29 44.63 24.77
C GLN E 22 -20.95 43.90 25.02
N LYS E 23 -19.74 44.49 24.93
CA LYS E 23 -19.28 45.89 24.66
C LYS E 23 -18.97 46.70 25.94
N TYR E 24 -17.81 46.42 26.54
CA TYR E 24 -17.34 47.08 27.76
C TYR E 24 -15.87 47.48 27.63
N ASP E 25 -15.51 48.67 28.10
CA ASP E 25 -14.08 49.08 28.11
C ASP E 25 -13.34 48.75 29.42
N TYR E 26 -14.08 48.45 30.48
CA TYR E 26 -13.51 47.83 31.69
C TYR E 26 -14.36 46.69 32.21
N ILE E 27 -13.72 45.54 32.42
CA ILE E 27 -14.36 44.40 33.08
C ILE E 27 -13.56 44.04 34.34
N LEU E 28 -14.18 44.22 35.50
CA LEU E 28 -13.56 43.93 36.81
C LEU E 28 -13.97 42.53 37.29
N VAL E 29 -12.97 41.69 37.52
CA VAL E 29 -13.18 40.34 37.98
C VAL E 29 -13.21 40.40 39.51
N GLY E 30 -14.38 40.23 40.10
CA GLY E 30 -14.54 40.34 41.55
C GLY E 30 -15.12 41.69 41.91
N GLY E 31 -15.94 41.72 42.96
CA GLY E 31 -16.53 42.94 43.48
C GLY E 31 -16.11 43.17 44.91
N GLY E 32 -14.85 42.84 45.18
CA GLY E 32 -14.24 43.03 46.49
C GLY E 32 -13.79 44.47 46.73
N THR E 33 -12.74 44.57 47.55
CA THR E 33 -12.27 45.86 48.07
C THR E 33 -11.80 46.86 46.99
N ALA E 34 -10.73 46.47 46.30
CA ALA E 34 -10.15 47.25 45.23
C ALA E 34 -11.15 47.45 44.09
N ALA E 35 -11.90 46.38 43.77
CA ALA E 35 -12.93 46.44 42.75
C ALA E 35 -13.92 47.55 43.05
N CYS E 36 -14.37 47.66 44.29
CA CYS E 36 -15.28 48.70 44.64
C CYS E 36 -14.76 50.11 44.31
N VAL E 37 -13.48 50.30 44.64
CA VAL E 37 -12.81 51.55 44.37
C VAL E 37 -12.75 51.82 42.85
N LEU E 38 -12.33 50.79 42.10
CA LEU E 38 -12.18 50.92 40.71
C LEU E 38 -13.52 51.21 40.02
N ALA E 39 -14.60 50.55 40.52
CA ALA E 39 -15.90 50.80 39.95
C ALA E 39 -16.30 52.28 40.08
N ASN E 40 -16.04 52.85 41.23
CA ASN E 40 -16.29 54.25 41.47
C ASN E 40 -15.51 55.17 40.55
N ARG E 41 -14.22 54.98 40.50
CA ARG E 41 -13.36 55.91 39.73
C ARG E 41 -13.55 55.77 38.22
N LEU E 42 -13.49 54.52 37.67
CA LEU E 42 -13.55 54.36 36.21
C LEU E 42 -14.91 54.66 35.57
N SER E 43 -15.95 54.68 36.42
CA SER E 43 -17.32 55.00 35.97
C SER E 43 -17.67 56.49 36.12
N ALA E 44 -16.87 57.24 36.88
CA ALA E 44 -17.15 58.65 37.22
C ALA E 44 -17.36 59.51 35.99
N ASP E 45 -16.31 59.58 35.17
CA ASP E 45 -16.39 60.10 33.82
C ASP E 45 -17.41 59.24 33.07
N GLY E 46 -18.38 59.90 32.43
CA GLY E 46 -19.51 59.21 31.82
C GLY E 46 -19.21 58.26 30.68
N SER E 47 -18.02 58.37 30.08
CA SER E 47 -17.72 57.73 28.79
C SER E 47 -17.36 56.23 28.82
N LYS E 48 -16.88 55.74 29.96
CA LYS E 48 -16.34 54.40 30.00
C LYS E 48 -17.27 53.40 30.67
N ARG E 49 -17.84 52.48 29.89
CA ARG E 49 -18.73 51.42 30.40
C ARG E 49 -17.94 50.37 31.20
N VAL E 50 -18.25 50.29 32.50
CA VAL E 50 -17.56 49.43 33.46
C VAL E 50 -18.47 48.32 33.99
N LEU E 51 -17.96 47.08 33.97
CA LEU E 51 -18.68 45.90 34.47
C LEU E 51 -17.93 45.19 35.59
N VAL E 52 -18.61 44.92 36.69
CA VAL E 52 -18.02 44.20 37.82
C VAL E 52 -18.77 42.88 38.07
N LEU E 53 -18.01 41.79 38.15
CA LEU E 53 -18.54 40.44 38.29
C LEU E 53 -18.15 39.82 39.63
N GLU E 54 -19.09 39.81 40.55
CA GLU E 54 -18.87 39.35 41.91
C GLU E 54 -19.65 38.06 42.09
N ALA E 55 -18.99 37.07 42.69
CA ALA E 55 -19.57 35.74 42.90
C ALA E 55 -20.55 35.71 44.09
N GLY E 56 -20.28 36.52 45.11
CA GLY E 56 -21.13 36.55 46.29
C GLY E 56 -22.42 37.31 46.05
N PRO E 57 -23.32 37.37 47.06
CA PRO E 57 -24.47 38.28 47.02
C PRO E 57 -24.04 39.73 47.17
N ASP E 58 -24.97 40.67 47.14
CA ASP E 58 -24.59 42.02 47.53
C ASP E 58 -24.75 42.08 49.06
N ASN E 59 -24.08 43.03 49.71
CA ASN E 59 -24.20 43.09 51.18
C ASN E 59 -25.34 43.95 51.62
N THR E 60 -26.31 43.26 52.19
CA THR E 60 -27.50 43.85 52.74
C THR E 60 -27.59 43.41 54.19
N SER E 61 -26.92 42.30 54.52
CA SER E 61 -26.96 41.70 55.86
C SER E 61 -26.64 42.69 56.97
N ARG E 62 -27.38 42.54 58.08
CA ARG E 62 -27.12 43.35 59.26
C ARG E 62 -25.80 42.95 59.91
N ASP E 63 -25.44 41.68 59.77
CA ASP E 63 -24.16 41.13 60.26
C ASP E 63 -22.91 41.79 59.69
N VAL E 64 -23.02 42.35 58.49
CA VAL E 64 -21.93 43.15 57.94
C VAL E 64 -21.90 44.54 58.59
N LYS E 65 -23.08 45.16 58.78
CA LYS E 65 -23.13 46.55 59.24
C LYS E 65 -22.66 46.69 60.69
N ILE E 66 -23.18 45.84 61.58
CA ILE E 66 -22.79 45.87 62.99
C ILE E 66 -21.46 45.12 63.15
N PRO E 67 -20.42 45.81 63.66
CA PRO E 67 -19.09 45.23 63.55
C PRO E 67 -18.83 44.09 64.52
N ALA E 68 -19.55 44.04 65.64
CA ALA E 68 -19.42 42.92 66.57
C ALA E 68 -19.88 41.60 65.96
N ALA E 69 -20.74 41.70 64.94
CA ALA E 69 -21.22 40.51 64.24
C ALA E 69 -20.15 39.82 63.38
N ILE E 70 -18.97 40.44 63.26
CA ILE E 70 -17.81 39.78 62.62
C ILE E 70 -17.74 38.29 63.01
N THR E 71 -18.01 38.00 64.29
CA THR E 71 -18.02 36.65 64.84
C THR E 71 -18.95 35.68 64.10
N ARG E 72 -20.15 36.17 63.77
CA ARG E 72 -21.19 35.42 63.05
C ARG E 72 -20.80 35.22 61.59
N LEU E 73 -20.01 36.16 61.06
CA LEU E 73 -19.56 36.12 59.66
C LEU E 73 -18.57 34.99 59.35
N PHE E 74 -17.88 34.49 60.36
CA PHE E 74 -16.66 33.69 60.12
C PHE E 74 -16.81 32.41 59.33
N ARG E 75 -17.42 31.36 59.87
CA ARG E 75 -17.58 30.13 59.10
C ARG E 75 -19.00 30.07 58.50
N SER E 76 -19.34 31.11 57.74
CA SER E 76 -20.70 31.39 57.32
C SER E 76 -20.85 31.33 55.81
N PRO E 77 -22.11 31.28 55.31
CA PRO E 77 -22.36 31.45 53.88
C PRO E 77 -21.73 32.71 53.21
N LEU E 78 -21.31 33.70 54.01
CA LEU E 78 -20.68 34.92 53.48
C LEU E 78 -19.15 34.85 53.36
N ASP E 79 -18.59 33.74 53.84
CA ASP E 79 -17.16 33.44 53.71
C ASP E 79 -16.95 32.41 52.62
N TRP E 80 -15.78 32.43 52.01
CA TRP E 80 -15.42 31.42 51.01
C TRP E 80 -15.15 30.04 51.60
N ASN E 81 -15.08 29.98 52.93
CA ASN E 81 -14.81 28.74 53.66
C ASN E 81 -13.62 27.94 53.12
N LEU E 82 -12.50 28.64 52.99
CA LEU E 82 -11.29 28.07 52.46
C LEU E 82 -10.51 27.35 53.57
N PHE E 83 -10.11 26.11 53.31
CA PHE E 83 -9.16 25.40 54.19
C PHE E 83 -7.91 25.02 53.42
N SER E 84 -6.75 25.24 54.03
CA SER E 84 -5.45 25.05 53.39
C SER E 84 -5.11 23.57 53.19
N GLU E 85 -3.85 23.30 52.87
CA GLU E 85 -3.33 21.95 52.71
C GLU E 85 -2.61 21.56 53.99
N LEU E 86 -2.49 20.25 54.25
CA LEU E 86 -1.76 19.75 55.41
C LEU E 86 -0.36 20.36 55.46
N GLN E 87 -0.14 21.19 56.48
CA GLN E 87 1.13 21.87 56.73
C GLN E 87 2.01 20.97 57.60
N GLU E 88 2.97 20.31 56.96
CA GLU E 88 3.90 19.41 57.62
C GLU E 88 4.60 20.12 58.79
N GLN E 89 5.21 21.30 58.50
CA GLN E 89 5.84 22.19 59.50
C GLN E 89 4.90 22.89 60.50
N LEU E 90 3.71 22.34 60.70
CA LEU E 90 2.71 22.92 61.61
C LEU E 90 1.92 21.82 62.32
N ALA E 91 2.61 20.69 62.54
CA ALA E 91 2.07 19.46 63.15
C ALA E 91 0.71 19.03 62.55
N GLU E 92 0.75 18.32 61.40
CA GLU E 92 -0.45 18.09 60.54
C GLU E 92 -1.17 19.42 60.28
N ARG E 93 -2.50 19.42 60.02
CA ARG E 93 -3.34 20.65 59.83
C ARG E 93 -2.93 21.40 58.54
N GLN E 94 -3.82 21.94 57.69
CA GLN E 94 -5.26 22.19 57.82
C GLN E 94 -5.58 23.48 58.59
N ILE E 95 -5.35 24.60 57.89
CA ILE E 95 -5.56 25.95 58.43
C ILE E 95 -6.71 26.66 57.73
N TYR E 96 -7.62 27.21 58.51
CA TYR E 96 -8.72 28.04 58.00
C TYR E 96 -8.26 29.44 57.63
N MET E 97 -8.63 29.85 56.42
CA MET E 97 -8.22 31.12 55.87
C MET E 97 -9.49 31.85 55.44
N ALA E 98 -10.04 32.60 56.39
CA ALA E 98 -11.20 33.46 56.15
C ALA E 98 -10.95 34.37 54.95
N ARG E 99 -12.00 34.52 54.11
CA ARG E 99 -12.03 35.46 52.95
C ARG E 99 -13.49 35.81 52.65
N GLY E 100 -13.75 37.09 52.37
CA GLY E 100 -15.11 37.56 52.08
C GLY E 100 -15.62 37.09 50.73
N ARG E 101 -16.90 36.71 50.68
CA ARG E 101 -17.62 36.35 49.45
C ARG E 101 -18.90 37.19 49.35
N LEU E 102 -18.77 38.36 48.72
CA LEU E 102 -19.70 39.44 48.96
C LEU E 102 -19.35 40.64 48.10
N LEU E 103 -20.32 41.49 47.81
CA LEU E 103 -19.97 42.82 47.31
C LEU E 103 -19.30 43.60 48.44
N GLY E 104 -18.18 44.26 48.11
CA GLY E 104 -17.27 44.81 49.12
C GLY E 104 -16.15 43.83 49.50
N GLY E 105 -16.41 42.54 49.30
CA GLY E 105 -15.41 41.50 49.50
C GLY E 105 -15.03 41.33 50.95
N SER E 106 -13.72 41.27 51.19
CA SER E 106 -13.17 41.07 52.53
C SER E 106 -13.30 42.30 53.40
N SER E 107 -13.37 43.49 52.79
CA SER E 107 -13.63 44.72 53.55
C SER E 107 -14.95 44.67 54.33
N ALA E 108 -15.83 43.76 53.91
CA ALA E 108 -17.09 43.46 54.59
C ALA E 108 -16.98 42.34 55.63
N THR E 109 -15.94 41.50 55.51
CA THR E 109 -15.65 40.47 56.53
C THR E 109 -14.66 41.01 57.57
N ASN E 110 -14.10 42.18 57.27
CA ASN E 110 -13.04 42.90 58.03
C ASN E 110 -13.14 42.86 59.54
N ALA E 111 -11.99 42.90 60.18
CA ALA E 111 -11.91 43.34 61.57
C ALA E 111 -11.65 44.87 61.60
N THR E 112 -12.10 45.57 60.56
CA THR E 112 -11.97 47.04 60.39
C THR E 112 -10.51 47.54 60.46
N LEU E 113 -10.04 48.12 61.58
CA LEU E 113 -8.60 48.44 61.78
C LEU E 113 -7.86 49.11 60.60
N TYR E 114 -7.48 50.37 60.78
CA TYR E 114 -6.87 51.15 59.69
C TYR E 114 -5.35 51.20 59.80
N HIS E 115 -4.64 50.41 59.00
CA HIS E 115 -3.15 50.39 59.10
C HIS E 115 -2.39 50.52 57.80
N ARG E 116 -1.55 51.56 57.69
CA ARG E 116 -0.70 51.78 56.53
C ARG E 116 0.65 51.09 56.68
N GLY E 117 1.07 50.88 57.93
CA GLY E 117 2.41 50.36 58.20
C GLY E 117 3.44 51.48 58.21
N ALA E 118 4.65 51.15 57.79
CA ALA E 118 5.78 52.06 57.88
C ALA E 118 6.24 52.52 56.50
N ALA E 119 6.83 53.72 56.44
CA ALA E 119 7.42 54.25 55.21
C ALA E 119 8.41 53.26 54.57
N GLY E 120 9.18 52.59 55.41
CA GLY E 120 10.20 51.64 54.99
C GLY E 120 9.63 50.46 54.24
N ASP E 121 8.45 49.99 54.70
CA ASP E 121 7.76 48.88 54.10
C ASP E 121 7.63 49.06 52.60
N TYR E 122 7.33 50.28 52.19
CA TYR E 122 7.08 50.62 50.81
C TYR E 122 8.33 50.86 50.02
N ASP E 123 9.36 51.40 50.66
CA ASP E 123 10.69 51.58 50.08
C ASP E 123 11.36 50.26 49.80
N ALA E 124 11.02 49.23 50.60
CA ALA E 124 11.63 47.90 50.47
C ALA E 124 11.17 47.17 49.23
N TRP E 125 10.20 47.72 48.50
CA TRP E 125 9.68 47.14 47.24
C TRP E 125 10.66 47.34 46.08
N GLY E 126 10.39 46.70 44.95
CA GLY E 126 11.01 47.03 43.67
C GLY E 126 10.46 48.36 43.17
N VAL E 127 11.03 49.44 43.66
CA VAL E 127 10.45 50.77 43.48
C VAL E 127 10.95 51.42 42.18
N GLU E 128 10.15 51.34 41.13
CA GLU E 128 10.46 52.09 39.90
C GLU E 128 9.57 53.34 39.83
N GLY E 129 8.49 53.32 40.61
CA GLY E 129 7.59 54.47 40.75
C GLY E 129 6.76 54.39 42.01
N TRP E 130 7.12 53.46 42.89
CA TRP E 130 6.29 53.08 44.03
C TRP E 130 7.01 53.17 45.37
N SER E 131 7.69 54.31 45.60
CA SER E 131 8.41 54.52 46.87
C SER E 131 7.44 55.08 47.90
N SER E 132 7.88 55.14 49.16
CA SER E 132 7.08 55.69 50.24
C SER E 132 6.64 57.12 49.93
N GLU E 133 7.52 57.87 49.26
CA GLU E 133 7.26 59.25 48.83
C GLU E 133 6.10 59.29 47.85
N ASP E 134 6.11 58.37 46.87
CA ASP E 134 5.08 58.30 45.83
C ASP E 134 3.68 57.94 46.35
N VAL E 135 3.61 57.04 47.33
CA VAL E 135 2.36 56.38 47.76
C VAL E 135 1.64 57.10 48.89
N LEU E 136 2.35 58.00 49.57
CA LEU E 136 1.79 58.67 50.72
C LEU E 136 0.58 59.50 50.32
N SER E 137 0.71 60.23 49.23
CA SER E 137 -0.30 61.14 48.78
C SER E 137 -1.62 60.39 48.58
N TRP E 138 -1.54 59.21 47.95
CA TRP E 138 -2.72 58.44 47.63
C TRP E 138 -3.41 57.87 48.86
N PHE E 139 -2.65 57.56 49.90
CA PHE E 139 -3.21 57.20 51.19
C PHE E 139 -4.15 58.30 51.67
N VAL E 140 -3.67 59.52 51.60
CA VAL E 140 -4.42 60.70 52.01
C VAL E 140 -5.68 60.92 51.15
N GLN E 141 -5.58 60.86 49.82
CA GLN E 141 -6.78 60.84 48.96
C GLN E 141 -7.68 59.68 49.44
N ALA E 142 -8.83 60.03 50.02
CA ALA E 142 -9.73 59.15 50.81
C ALA E 142 -9.76 59.62 52.27
N GLU E 143 -8.98 58.96 53.11
CA GLU E 143 -8.91 59.24 54.54
C GLU E 143 -10.23 59.66 55.19
N THR E 144 -10.46 60.96 55.40
CA THR E 144 -11.59 61.48 56.18
C THR E 144 -11.65 60.89 57.64
N ASN E 145 -11.07 61.62 58.60
CA ASN E 145 -10.92 61.16 60.00
C ASN E 145 -11.70 61.97 61.03
N ALA E 146 -11.83 61.43 62.24
CA ALA E 146 -11.93 62.26 63.46
C ALA E 146 -10.62 62.10 64.28
N ASP E 147 -9.54 62.62 63.67
CA ASP E 147 -8.12 62.65 64.10
C ASP E 147 -7.51 63.59 63.07
N PHE E 148 -7.46 64.87 63.41
CA PHE E 148 -6.91 65.94 62.53
C PHE E 148 -7.50 65.96 61.11
N GLY E 149 -7.11 66.99 60.38
CA GLY E 149 -7.71 67.30 59.09
C GLY E 149 -6.69 67.93 58.17
N PRO E 150 -5.73 68.72 58.71
CA PRO E 150 -4.62 69.02 57.83
C PRO E 150 -3.83 67.75 57.60
N GLY E 151 -3.07 67.31 58.60
CA GLY E 151 -2.22 66.14 58.52
C GLY E 151 -1.21 66.16 57.38
N ALA E 152 -0.34 65.16 57.35
CA ALA E 152 0.64 65.08 56.29
C ALA E 152 0.67 63.86 55.34
N TYR E 153 0.30 62.61 55.69
CA TYR E 153 -0.19 61.97 56.96
C TYR E 153 -1.59 62.34 57.45
N HIS E 154 -2.62 61.75 56.85
CA HIS E 154 -4.05 62.05 57.15
C HIS E 154 -4.62 63.19 56.29
N GLY E 155 -5.61 62.86 55.47
CA GLY E 155 -6.42 63.87 54.80
C GLY E 155 -7.87 63.89 55.25
N SER E 156 -8.68 64.65 54.52
CA SER E 156 -10.14 64.62 54.65
C SER E 156 -10.75 65.04 53.34
N GLY E 157 -11.90 64.47 53.02
CA GLY E 157 -12.59 64.78 51.77
C GLY E 157 -12.95 63.54 50.99
N GLY E 158 -12.02 62.60 50.89
CA GLY E 158 -12.26 61.35 50.15
C GLY E 158 -13.19 60.39 50.90
N PRO E 159 -13.62 59.31 50.21
CA PRO E 159 -14.80 58.55 50.65
C PRO E 159 -14.58 57.53 51.77
N MET E 160 -13.32 57.19 52.07
CA MET E 160 -13.04 56.28 53.17
C MET E 160 -13.49 56.93 54.49
N ARG E 161 -13.80 56.11 55.51
CA ARG E 161 -14.22 56.67 56.80
C ARG E 161 -13.49 55.99 57.96
N VAL E 162 -12.52 56.72 58.53
CA VAL E 162 -11.67 56.28 59.63
C VAL E 162 -12.04 57.09 60.88
N GLU E 163 -12.00 56.44 62.03
CA GLU E 163 -12.27 57.05 63.33
C GLU E 163 -11.67 56.20 64.45
N ASN E 164 -11.37 56.82 65.56
CA ASN E 164 -11.11 56.14 66.84
C ASN E 164 -12.33 55.31 67.20
N PRO E 165 -12.14 54.09 67.78
CA PRO E 165 -13.29 53.20 68.02
C PRO E 165 -14.27 53.74 69.07
N ARG E 166 -15.54 53.74 68.72
CA ARG E 166 -16.59 54.38 69.52
C ARG E 166 -16.81 53.66 70.87
N TYR E 167 -16.49 52.37 70.93
CA TYR E 167 -16.44 51.63 72.20
C TYR E 167 -15.05 51.77 72.78
N THR E 168 -15.00 52.01 74.08
CA THR E 168 -13.76 52.08 74.83
C THR E 168 -14.05 51.61 76.24
N ASN E 169 -15.30 51.83 76.65
CA ASN E 169 -15.76 52.01 78.03
C ASN E 169 -15.23 50.97 79.05
N LYS E 170 -13.89 50.92 79.13
CA LYS E 170 -13.15 49.97 79.94
C LYS E 170 -12.18 50.60 80.94
N GLN E 171 -11.87 49.81 81.97
CA GLN E 171 -10.72 49.97 82.77
C GLN E 171 -9.65 48.93 82.43
N LEU E 172 -9.91 47.99 81.54
CA LEU E 172 -8.93 47.02 81.03
C LEU E 172 -8.13 47.64 79.93
N HIS E 173 -8.68 48.62 79.20
CA HIS E 173 -7.88 49.33 78.17
C HIS E 173 -6.82 50.21 78.84
N THR E 174 -7.22 50.96 79.85
CA THR E 174 -6.27 51.73 80.63
C THR E 174 -5.24 50.83 81.33
N ALA E 175 -5.70 49.71 81.85
CA ALA E 175 -4.85 48.72 82.48
C ALA E 175 -3.76 48.24 81.51
N PHE E 176 -4.12 48.12 80.25
CA PHE E 176 -3.19 47.60 79.25
C PHE E 176 -2.02 48.56 78.99
N PHE E 177 -2.38 49.80 78.75
CA PHE E 177 -1.40 50.83 78.43
C PHE E 177 -0.41 51.05 79.59
N LYS E 178 -0.89 51.08 80.81
CA LYS E 178 -0.07 51.14 81.97
C LYS E 178 0.85 49.91 82.06
N ALA E 179 0.26 48.74 81.86
CA ALA E 179 1.08 47.54 81.86
C ALA E 179 2.14 47.60 80.78
N ALA E 180 1.84 48.16 79.62
CA ALA E 180 2.81 48.33 78.56
C ALA E 180 3.85 49.39 78.90
N GLU E 181 3.41 50.47 79.53
CA GLU E 181 4.32 51.51 80.00
C GLU E 181 5.39 50.96 80.93
N GLU E 182 5.02 50.09 81.86
CA GLU E 182 5.98 49.32 82.67
C GLU E 182 6.74 48.38 81.74
N VAL E 183 6.95 47.13 82.15
CA VAL E 183 7.35 46.02 81.25
C VAL E 183 8.46 46.31 80.20
N GLY E 184 9.25 47.35 80.47
CA GLY E 184 10.26 47.77 79.52
C GLY E 184 9.75 48.90 78.64
N LEU E 185 10.68 49.78 78.31
CA LEU E 185 10.49 50.95 77.47
C LEU E 185 9.64 50.66 76.22
N THR E 186 8.32 50.71 76.38
CA THR E 186 7.41 50.82 75.23
C THR E 186 6.78 52.22 75.32
N PRO E 187 7.10 53.13 74.36
CA PRO E 187 6.51 54.48 74.39
C PRO E 187 5.15 54.50 73.69
N ASN E 188 4.35 55.54 73.90
CA ASN E 188 3.09 55.65 73.16
C ASN E 188 3.34 55.98 71.68
N SER E 189 2.46 55.48 70.79
CA SER E 189 2.43 55.88 69.37
C SER E 189 1.01 56.26 68.97
N ASP E 190 0.88 56.94 67.82
CA ASP E 190 -0.39 57.24 67.13
C ASP E 190 -0.22 56.99 65.60
N PHE E 191 -0.24 55.69 65.27
CA PHE E 191 0.23 55.05 64.01
C PHE E 191 -0.14 55.74 62.71
N ASN E 192 0.28 55.13 61.61
CA ASN E 192 0.12 55.71 60.25
C ASN E 192 0.91 57.01 60.03
N ASP E 193 1.28 57.68 61.13
CA ASP E 193 2.11 58.86 61.08
C ASP E 193 3.58 58.43 60.95
N TRP E 194 4.11 58.56 59.73
CA TRP E 194 5.47 58.11 59.43
C TRP E 194 6.58 59.00 60.02
N SER E 195 6.21 60.13 60.65
CA SER E 195 7.12 60.89 61.53
C SER E 195 7.47 60.05 62.75
N HIS E 196 6.47 59.30 63.25
CA HIS E 196 6.63 58.43 64.42
C HIS E 196 7.41 57.20 64.03
N ASP E 197 7.85 56.45 65.04
CA ASP E 197 8.67 55.27 64.84
C ASP E 197 7.89 54.14 64.15
N HIS E 198 6.70 53.87 64.67
CA HIS E 198 5.83 52.72 64.32
C HIS E 198 5.74 51.77 65.50
N ALA E 199 6.86 51.52 66.16
CA ALA E 199 6.85 50.67 67.36
C ALA E 199 6.17 51.43 68.49
N GLY E 200 5.40 50.73 69.30
CA GLY E 200 4.79 51.30 70.50
C GLY E 200 3.35 50.90 70.77
N TYR E 201 2.92 51.10 72.02
CA TYR E 201 1.54 50.82 72.45
C TYR E 201 0.61 51.97 72.08
N GLY E 202 -0.67 51.65 71.93
CA GLY E 202 -1.69 52.65 71.59
C GLY E 202 -3.00 52.02 71.12
N THR E 203 -3.87 52.86 70.56
CA THR E 203 -5.15 52.47 69.96
C THR E 203 -5.02 52.39 68.44
N PHE E 204 -5.64 51.38 67.82
CA PHE E 204 -5.73 51.34 66.37
C PHE E 204 -7.00 52.06 65.93
N GLN E 205 -6.90 52.86 64.87
CA GLN E 205 -8.08 53.51 64.32
C GLN E 205 -8.89 52.54 63.46
N VAL E 206 -10.20 52.73 63.47
CA VAL E 206 -11.08 51.69 62.95
C VAL E 206 -11.76 52.16 61.65
N MET E 207 -11.97 51.22 60.72
CA MET E 207 -12.61 51.58 59.45
C MET E 207 -14.13 51.55 59.58
N GLN E 208 -14.62 52.45 60.42
CA GLN E 208 -16.04 52.53 60.77
C GLN E 208 -16.53 53.96 60.64
N ASP E 209 -17.84 54.11 60.43
CA ASP E 209 -18.51 55.40 60.38
C ASP E 209 -19.46 55.44 61.56
N LYS E 210 -19.10 56.24 62.55
CA LYS E 210 -19.85 56.33 63.82
C LYS E 210 -20.39 54.97 64.28
N GLY E 211 -19.48 54.00 64.37
CA GLY E 211 -19.83 52.66 64.84
C GLY E 211 -20.38 51.66 63.82
N THR E 212 -20.78 52.12 62.65
CA THR E 212 -21.21 51.22 61.57
C THR E 212 -20.01 50.90 60.69
N ARG E 213 -19.93 49.66 60.21
CA ARG E 213 -18.85 49.25 59.32
C ARG E 213 -18.82 50.10 58.08
N ALA E 214 -17.67 50.68 57.80
CA ALA E 214 -17.46 51.49 56.62
C ALA E 214 -16.66 50.69 55.58
N ASP E 215 -17.25 49.58 55.13
CA ASP E 215 -16.64 48.77 54.07
C ASP E 215 -16.61 49.51 52.72
N MET E 216 -15.90 48.94 51.76
CA MET E 216 -15.68 49.59 50.46
C MET E 216 -16.92 49.60 49.55
N TYR E 217 -17.88 48.69 49.81
CA TYR E 217 -19.19 48.75 49.17
C TYR E 217 -19.87 50.04 49.63
N ARG E 218 -20.06 50.17 50.94
CA ARG E 218 -20.71 51.34 51.54
C ARG E 218 -20.08 52.68 51.12
N GLN E 219 -18.76 52.73 51.03
CA GLN E 219 -18.02 53.98 50.85
C GLN E 219 -17.71 54.37 49.41
N TYR E 220 -17.63 53.39 48.51
CA TYR E 220 -17.23 53.62 47.11
C TYR E 220 -18.28 53.25 46.06
N LEU E 221 -18.88 52.07 46.23
CA LEU E 221 -19.79 51.52 45.23
C LEU E 221 -21.26 51.89 45.46
N LYS E 222 -21.78 51.68 46.67
CA LYS E 222 -23.19 51.98 46.97
C LYS E 222 -23.66 53.37 46.47
N PRO E 223 -22.95 54.46 46.78
CA PRO E 223 -23.47 55.74 46.23
C PRO E 223 -23.43 55.84 44.70
N VAL E 224 -22.47 55.16 44.08
CA VAL E 224 -22.20 55.29 42.66
C VAL E 224 -22.99 54.28 41.80
N LEU E 225 -23.59 53.31 42.49
CA LEU E 225 -24.56 52.36 41.93
C LEU E 225 -25.74 53.12 41.30
N GLY E 226 -26.30 52.56 40.23
CA GLY E 226 -27.35 53.26 39.49
C GLY E 226 -26.80 54.42 38.67
N ARG E 227 -25.64 54.19 38.07
CA ARG E 227 -25.12 55.01 36.99
C ARG E 227 -25.32 54.18 35.74
N ARG E 228 -25.93 54.77 34.72
CA ARG E 228 -26.14 54.11 33.41
C ARG E 228 -24.81 53.51 32.90
N ASN E 229 -23.70 54.08 33.37
CA ASN E 229 -22.35 53.67 33.05
C ASN E 229 -21.94 52.29 33.60
N LEU E 230 -22.55 51.91 34.72
CA LEU E 230 -22.00 50.88 35.60
C LEU E 230 -22.93 49.70 35.85
N GLN E 231 -22.52 48.55 35.33
CA GLN E 231 -23.23 47.30 35.49
C GLN E 231 -22.55 46.41 36.53
N VAL E 232 -23.25 46.22 37.65
CA VAL E 232 -22.75 45.40 38.75
C VAL E 232 -23.50 44.06 38.77
N LEU E 233 -22.78 43.00 38.42
CA LEU E 233 -23.36 41.66 38.40
C LEU E 233 -22.99 40.90 39.65
N THR E 234 -24.02 40.60 40.43
CA THR E 234 -23.88 39.90 41.70
C THR E 234 -24.29 38.44 41.54
N GLY E 235 -23.53 37.53 42.14
CA GLY E 235 -23.76 36.09 41.96
C GLY E 235 -23.15 35.57 40.66
N ALA E 236 -22.15 36.27 40.15
CA ALA E 236 -21.49 35.91 38.90
C ALA E 236 -20.06 35.43 39.16
N ALA E 237 -19.83 34.13 38.96
CA ALA E 237 -18.57 33.46 39.27
C ALA E 237 -17.74 33.34 38.00
N VAL E 238 -16.62 34.06 37.98
CA VAL E 238 -15.69 34.10 36.83
C VAL E 238 -14.95 32.78 36.68
N THR E 239 -14.85 32.30 35.44
CA THR E 239 -14.14 31.06 35.10
C THR E 239 -12.74 31.27 34.53
N LYS E 240 -12.61 32.23 33.61
CA LYS E 240 -11.32 32.58 32.98
C LYS E 240 -11.39 33.91 32.25
N VAL E 241 -10.21 34.49 32.02
CA VAL E 241 -10.03 35.59 31.08
C VAL E 241 -9.86 34.94 29.69
N ASN E 242 -10.61 35.45 28.71
CA ASN E 242 -10.50 35.00 27.31
C ASN E 242 -9.34 35.76 26.64
N ILE E 243 -8.38 35.02 26.07
CA ILE E 243 -7.12 35.59 25.53
C ILE E 243 -6.89 35.33 24.00
N ASP E 244 -6.08 36.19 23.35
CA ASP E 244 -5.94 36.42 21.88
C ASP E 244 -7.01 35.92 20.88
N GLY E 248 -0.74 35.22 17.83
CA GLY E 248 0.64 35.36 18.31
C GLY E 248 0.82 36.37 19.46
N LYS E 249 0.24 37.56 19.27
CA LYS E 249 0.30 38.65 20.27
C LYS E 249 -0.88 38.59 21.26
N ALA E 250 -0.68 37.94 22.40
CA ALA E 250 -1.74 37.65 23.39
C ALA E 250 -2.56 38.86 23.86
N GLN E 251 -3.87 38.80 23.65
CA GLN E 251 -4.79 39.92 23.86
C GLN E 251 -6.04 39.49 24.64
N ALA E 252 -6.29 40.13 25.77
CA ALA E 252 -7.50 39.86 26.54
C ALA E 252 -8.71 40.35 25.75
N LEU E 253 -9.74 39.52 25.68
CA LEU E 253 -10.95 39.78 24.89
C LEU E 253 -12.15 40.01 25.79
N GLY E 254 -12.07 39.46 26.99
CA GLY E 254 -13.13 39.52 27.98
C GLY E 254 -13.02 38.40 28.99
N VAL E 255 -14.16 38.03 29.57
CA VAL E 255 -14.18 37.12 30.71
C VAL E 255 -15.32 36.13 30.59
N GLU E 256 -14.98 34.85 30.77
CA GLU E 256 -15.96 33.79 30.91
C GLU E 256 -16.50 33.75 32.35
N PHE E 257 -17.82 33.71 32.47
CA PHE E 257 -18.45 33.54 33.79
C PHE E 257 -19.72 32.69 33.76
N SER E 258 -20.29 32.48 34.95
CA SER E 258 -21.48 31.66 35.13
C SER E 258 -22.28 32.15 36.33
N THR E 259 -23.52 32.62 36.08
CA THR E 259 -24.55 32.67 37.11
C THR E 259 -25.00 31.24 37.35
N ASP E 260 -25.43 30.92 38.58
CA ASP E 260 -25.88 29.55 38.97
C ASP E 260 -24.81 28.44 38.77
N GLY E 261 -23.54 28.83 38.86
CA GLY E 261 -22.40 27.93 39.06
C GLY E 261 -22.16 26.80 38.08
N PRO E 262 -21.75 25.60 38.57
CA PRO E 262 -21.33 24.45 37.77
C PRO E 262 -22.31 23.97 36.68
N THR E 263 -23.62 24.14 36.91
CA THR E 263 -24.63 23.99 35.87
C THR E 263 -24.54 25.27 35.05
N GLY E 264 -23.41 25.38 34.34
CA GLY E 264 -22.85 26.62 33.83
C GLY E 264 -23.75 27.50 33.00
N GLU E 265 -23.69 27.27 31.69
CA GLU E 265 -24.11 28.24 30.70
C GLU E 265 -23.04 29.31 30.82
N ARG E 266 -21.97 29.09 30.07
CA ARG E 266 -20.76 29.90 30.14
C ARG E 266 -20.78 31.14 29.29
N LEU E 267 -21.13 32.26 29.93
CA LEU E 267 -21.30 33.53 29.26
C LEU E 267 -19.93 34.20 29.04
N SER E 268 -19.85 35.07 28.03
CA SER E 268 -18.65 35.87 27.79
C SER E 268 -18.92 37.38 27.74
N ALA E 269 -18.32 38.11 28.67
CA ALA E 269 -18.36 39.56 28.66
C ALA E 269 -17.36 40.05 27.62
N GLU E 270 -17.78 40.99 26.79
CA GLU E 270 -16.98 41.44 25.65
C GLU E 270 -16.38 42.83 25.79
N LEU E 271 -15.10 42.93 25.43
CA LEU E 271 -14.36 44.18 25.51
C LEU E 271 -14.50 45.04 24.27
N ALA E 272 -14.88 46.30 24.48
CA ALA E 272 -14.85 47.33 23.44
C ALA E 272 -13.42 47.55 22.92
N PRO E 273 -13.26 48.08 21.68
CA PRO E 273 -11.94 48.37 21.09
C PRO E 273 -10.88 49.00 21.99
N GLY E 274 -11.26 49.57 23.14
CA GLY E 274 -10.29 50.14 24.10
C GLY E 274 -9.41 49.08 24.77
N GLY E 275 -9.38 49.11 26.10
CA GLY E 275 -8.89 47.97 26.88
C GLY E 275 -10.15 47.24 27.30
N GLU E 276 -10.22 46.59 28.47
CA GLU E 276 -9.12 46.16 29.35
C GLU E 276 -9.78 45.39 30.50
N VAL E 277 -9.35 44.15 30.71
CA VAL E 277 -9.80 43.32 31.85
C VAL E 277 -8.83 43.52 33.03
N ILE E 278 -9.37 43.94 34.18
CA ILE E 278 -8.55 44.11 35.39
C ILE E 278 -8.98 43.27 36.60
N MET E 279 -8.04 42.46 37.08
CA MET E 279 -8.30 41.44 38.11
C MET E 279 -8.44 42.05 39.50
N CYS E 280 -9.46 41.62 40.24
CA CYS E 280 -9.69 42.10 41.60
C CYS E 280 -10.22 41.00 42.51
N ALA E 281 -9.84 39.76 42.23
CA ALA E 281 -10.40 38.59 42.93
C ALA E 281 -9.66 38.26 44.22
N GLY E 282 -8.70 39.09 44.60
CA GLY E 282 -7.95 38.87 45.83
C GLY E 282 -6.68 38.08 45.66
N ALA E 283 -5.84 38.13 46.69
CA ALA E 283 -4.57 37.39 46.71
C ALA E 283 -4.76 35.88 46.68
N VAL E 284 -5.98 35.42 46.94
CA VAL E 284 -6.29 33.99 46.85
C VAL E 284 -6.77 33.62 45.46
N HIS E 285 -7.78 34.34 44.97
CA HIS E 285 -8.52 33.91 43.81
C HIS E 285 -7.98 34.53 42.54
N THR E 286 -7.38 35.72 42.59
CA THR E 286 -6.73 36.28 41.40
C THR E 286 -5.66 35.36 40.77
N PRO E 287 -4.69 34.85 41.59
CA PRO E 287 -3.73 33.97 40.95
C PRO E 287 -4.39 32.69 40.48
N PHE E 288 -5.42 32.21 41.17
CA PHE E 288 -6.15 31.02 40.75
C PHE E 288 -6.81 31.20 39.36
N LEU E 289 -7.55 32.26 39.22
CA LEU E 289 -8.24 32.55 37.97
C LEU E 289 -7.25 32.75 36.84
N LEU E 290 -6.17 33.49 37.13
CA LEU E 290 -5.14 33.70 36.12
C LEU E 290 -4.54 32.38 35.66
N LYS E 291 -4.30 31.44 36.60
CA LYS E 291 -3.74 30.20 36.20
C LYS E 291 -4.67 29.43 35.22
N HIS E 292 -5.99 29.50 35.48
CA HIS E 292 -6.97 28.91 34.64
C HIS E 292 -7.10 29.64 33.31
N SER E 293 -6.70 30.94 33.25
CA SER E 293 -6.78 31.74 32.04
C SER E 293 -5.56 31.48 31.17
N GLY E 294 -4.60 30.75 31.74
CA GLY E 294 -3.43 30.30 31.03
C GLY E 294 -2.18 31.08 31.38
N VAL E 295 -2.30 31.98 32.34
CA VAL E 295 -1.22 32.87 32.80
C VAL E 295 -0.69 32.32 34.12
N GLY E 296 0.49 31.71 34.08
CA GLY E 296 1.09 31.12 35.26
C GLY E 296 2.28 30.21 35.00
N PRO E 297 2.82 29.56 36.05
CA PRO E 297 3.88 28.58 35.89
C PRO E 297 3.50 27.45 34.93
N SER E 298 4.23 27.32 33.84
CA SER E 298 4.10 26.16 32.96
C SER E 298 4.54 24.92 33.74
N ALA E 299 3.93 23.78 33.42
CA ALA E 299 4.03 22.50 34.15
C ALA E 299 2.95 22.40 35.22
N GLU E 300 2.76 23.48 35.97
CA GLU E 300 1.60 23.63 36.83
C GLU E 300 0.33 23.70 35.98
N LEU E 301 0.41 24.48 34.91
CA LEU E 301 -0.68 24.62 33.96
C LEU E 301 -0.78 23.40 33.05
N LYS E 302 0.37 22.85 32.67
CA LYS E 302 0.41 21.59 31.91
C LYS E 302 -0.24 20.41 32.66
N GLU E 303 -0.08 20.40 33.99
CA GLU E 303 -0.61 19.34 34.86
C GLU E 303 -2.12 19.10 34.70
N PHE E 304 -2.85 20.15 34.32
CA PHE E 304 -4.30 20.04 34.15
C PHE E 304 -4.69 20.46 32.74
N GLY E 305 -3.71 20.38 31.84
CA GLY E 305 -3.91 20.56 30.41
C GLY E 305 -4.60 21.85 30.03
N ILE E 306 -3.97 22.96 30.38
CA ILE E 306 -4.44 24.25 29.87
C ILE E 306 -3.36 24.97 29.07
N PRO E 307 -3.73 25.49 27.89
CA PRO E 307 -2.83 26.26 27.05
C PRO E 307 -2.08 27.32 27.86
N VAL E 308 -0.75 27.32 27.74
CA VAL E 308 0.09 28.33 28.38
C VAL E 308 0.14 29.62 27.56
N VAL E 309 -0.38 30.72 28.12
CA VAL E 309 -0.09 32.07 27.61
C VAL E 309 0.76 32.81 28.65
N SER E 310 1.63 33.72 28.18
CA SER E 310 2.67 34.33 29.04
C SER E 310 3.73 33.34 29.58
N ASN E 311 3.32 32.43 30.47
CA ASN E 311 4.22 31.66 31.35
C ASN E 311 4.99 32.58 32.31
N LEU E 312 4.43 32.75 33.50
CA LEU E 312 4.99 33.60 34.54
C LEU E 312 5.05 32.80 35.83
N ALA E 313 6.27 32.43 36.25
CA ALA E 313 6.44 31.57 37.42
C ALA E 313 5.97 32.23 38.73
N GLY E 314 5.85 33.55 38.71
CA GLY E 314 5.46 34.32 39.88
C GLY E 314 4.05 34.12 40.39
N VAL E 315 3.11 33.80 39.49
CA VAL E 315 1.68 33.76 39.86
C VAL E 315 1.42 32.59 40.85
N GLY E 316 0.70 32.90 41.92
CA GLY E 316 0.48 31.96 43.02
C GLY E 316 1.61 31.93 44.03
N GLN E 317 2.79 32.41 43.63
CA GLN E 317 3.97 32.43 44.49
C GLN E 317 4.06 33.73 45.26
N ASN E 318 4.90 33.74 46.30
CA ASN E 318 5.07 34.91 47.21
C ASN E 318 3.80 35.25 47.99
N LEU E 319 3.18 34.25 48.59
CA LEU E 319 1.96 34.45 49.39
C LEU E 319 2.35 34.81 50.80
N GLN E 320 1.98 36.02 51.21
CA GLN E 320 2.34 36.53 52.53
C GLN E 320 1.12 36.73 53.43
N ASP E 321 1.11 36.07 54.58
CA ASP E 321 -0.08 36.10 55.47
C ASP E 321 0.06 36.69 56.87
N GLN E 322 1.26 36.78 57.44
CA GLN E 322 1.40 37.24 58.84
C GLN E 322 0.56 36.43 59.88
N PRO E 323 1.16 35.34 60.42
CA PRO E 323 0.46 34.40 61.32
C PRO E 323 0.33 34.92 62.73
N ALA E 324 -0.51 34.25 63.52
CA ALA E 324 -0.86 34.71 64.87
C ALA E 324 -0.88 33.60 65.90
N CYS E 325 -0.64 33.98 67.16
CA CYS E 325 -0.87 33.10 68.30
C CYS E 325 -1.42 33.89 69.48
N LEU E 326 -1.58 33.22 70.62
CA LEU E 326 -2.51 33.69 71.63
C LEU E 326 -2.10 33.42 73.07
N THR E 327 -2.24 34.44 73.91
CA THR E 327 -2.29 34.25 75.37
C THR E 327 -3.59 34.88 75.83
N ALA E 328 -4.31 34.19 76.71
CA ALA E 328 -5.54 34.71 77.30
C ALA E 328 -5.56 34.34 78.77
N ALA E 329 -6.39 34.99 79.59
CA ALA E 329 -6.43 34.77 81.06
C ALA E 329 -7.72 35.30 81.70
N PRO E 330 -8.27 34.61 82.72
CA PRO E 330 -9.48 35.12 83.38
C PRO E 330 -9.12 36.17 84.43
N VAL E 331 -10.11 36.90 84.94
CA VAL E 331 -9.86 37.92 85.96
C VAL E 331 -10.24 37.46 87.38
N LYS E 332 -9.50 37.92 88.39
CA LYS E 332 -9.87 37.68 89.81
C LYS E 332 -11.13 38.49 90.15
N GLU E 333 -12.21 37.79 90.55
CA GLU E 333 -13.52 38.40 90.86
C GLU E 333 -13.74 39.88 90.49
N LYS E 334 -13.73 40.10 89.17
CA LYS E 334 -14.01 41.43 88.58
C LYS E 334 -15.01 41.33 87.43
N TYR E 335 -15.81 40.24 87.42
CA TYR E 335 -16.68 39.91 86.30
C TYR E 335 -17.37 41.14 85.72
N ASP E 336 -16.80 41.60 84.60
CA ASP E 336 -17.29 42.74 83.81
C ASP E 336 -16.39 43.19 82.63
N GLY E 337 -16.90 42.87 81.43
CA GLY E 337 -16.39 43.25 80.11
C GLY E 337 -15.41 42.24 79.51
N ILE E 338 -15.27 42.21 78.17
CA ILE E 338 -16.20 42.86 77.20
C ILE E 338 -17.32 41.90 76.89
N ALA E 339 -16.97 40.61 76.74
CA ALA E 339 -17.90 39.49 76.75
C ALA E 339 -19.12 39.85 77.58
N ILE E 340 -18.83 40.36 78.77
CA ILE E 340 -19.80 40.74 79.79
C ILE E 340 -20.53 42.05 79.46
N SER E 341 -19.82 43.04 78.87
CA SER E 341 -20.44 44.32 78.46
C SER E 341 -21.48 44.16 77.32
N ASP E 342 -21.83 42.91 76.96
CA ASP E 342 -22.86 42.59 75.92
C ASP E 342 -23.30 41.10 75.84
N HIS E 343 -23.19 40.36 76.94
CA HIS E 343 -23.78 39.00 77.03
C HIS E 343 -24.41 38.71 78.39
N ILE E 344 -25.06 37.54 78.49
CA ILE E 344 -25.88 37.02 79.62
C ILE E 344 -27.20 37.76 79.81
N GLY E 349 -26.72 33.82 79.74
CA GLY E 349 -25.94 33.75 78.48
C GLY E 349 -26.80 34.01 77.26
N GLN E 350 -27.00 35.30 76.94
CA GLN E 350 -27.89 35.77 75.87
C GLN E 350 -27.72 37.29 75.65
N ILE E 351 -27.60 37.71 74.39
CA ILE E 351 -27.45 39.12 73.96
C ILE E 351 -28.23 40.19 74.75
N ARG E 352 -27.49 41.19 75.23
CA ARG E 352 -28.05 42.44 75.82
C ARG E 352 -28.72 43.27 74.71
N LYS E 353 -29.72 44.14 74.95
CA LYS E 353 -30.12 44.88 76.17
C LYS E 353 -29.06 45.94 76.41
N ARG E 354 -29.47 47.20 76.54
CA ARG E 354 -28.54 48.32 76.81
C ARG E 354 -27.52 48.53 75.67
N ALA E 355 -26.83 47.48 75.25
CA ALA E 355 -25.87 47.45 74.17
C ALA E 355 -26.55 47.62 72.81
N ILE E 356 -27.74 47.04 72.65
CA ILE E 356 -28.60 47.29 71.48
C ILE E 356 -29.09 48.72 71.48
N ALA E 357 -29.23 49.32 72.65
CA ALA E 357 -29.68 50.73 72.77
C ALA E 357 -28.47 51.65 72.63
N SER E 358 -27.30 51.22 73.10
CA SER E 358 -26.05 52.00 72.96
C SER E 358 -25.61 52.09 71.48
N TYR E 359 -25.43 50.93 70.83
CA TYR E 359 -25.37 50.86 69.37
C TYR E 359 -26.73 51.27 68.85
N LEU E 360 -26.76 51.99 67.73
CA LEU E 360 -28.01 52.49 67.10
C LEU E 360 -28.67 53.46 68.06
N LEU E 361 -28.99 54.65 67.56
CA LEU E 361 -29.50 55.74 68.42
C LEU E 361 -28.36 56.41 69.21
N GLY E 362 -27.79 55.67 70.16
CA GLY E 362 -26.94 56.25 71.21
C GLY E 362 -25.56 56.75 70.80
N GLY E 363 -25.39 57.01 69.51
CA GLY E 363 -24.09 57.42 68.96
C GLY E 363 -23.12 56.26 68.94
N ARG E 364 -23.64 55.05 69.21
CA ARG E 364 -22.90 53.80 69.17
C ARG E 364 -22.02 53.57 70.41
N GLY E 365 -22.31 52.50 71.15
CA GLY E 365 -21.52 52.07 72.31
C GLY E 365 -20.87 50.71 72.05
N GLY E 366 -20.57 49.94 73.11
CA GLY E 366 -20.04 48.57 72.96
C GLY E 366 -20.91 47.73 72.08
N LEU E 367 -20.30 46.84 71.27
CA LEU E 367 -20.91 46.18 70.08
C LEU E 367 -20.60 47.02 68.83
N THR E 368 -20.06 48.22 69.06
CA THR E 368 -19.37 49.01 68.04
C THR E 368 -18.16 48.23 67.61
N SER E 369 -17.47 47.66 68.60
CA SER E 369 -16.46 46.64 68.41
C SER E 369 -15.27 47.15 67.57
N THR E 370 -14.49 46.24 66.94
CA THR E 370 -14.52 44.76 67.12
C THR E 370 -13.93 44.45 68.55
N GLY E 371 -13.26 43.30 68.68
CA GLY E 371 -12.34 43.12 69.82
C GLY E 371 -11.03 43.65 69.28
N CYS E 372 -9.91 43.40 69.95
CA CYS E 372 -8.58 43.63 69.34
C CYS E 372 -8.35 45.02 68.69
N ASP E 373 -9.07 46.02 69.22
CA ASP E 373 -8.99 47.40 68.78
C ASP E 373 -7.64 48.04 69.09
N ARG E 374 -6.98 47.54 70.13
CA ARG E 374 -5.84 48.25 70.75
C ARG E 374 -4.71 47.27 70.99
N GLY E 375 -3.49 47.79 71.06
CA GLY E 375 -2.32 46.93 71.22
C GLY E 375 -1.00 47.64 71.01
N ALA E 376 -0.07 46.95 70.34
CA ALA E 376 1.27 47.48 70.13
C ALA E 376 1.98 46.97 68.87
N PHE E 377 2.95 47.75 68.42
CA PHE E 377 4.00 47.26 67.54
C PHE E 377 5.29 47.21 68.32
N VAL E 378 5.97 46.06 68.23
CA VAL E 378 7.14 45.74 69.05
C VAL E 378 8.25 45.13 68.18
N ARG E 379 9.49 45.57 68.44
CA ARG E 379 10.72 44.93 67.95
C ARG E 379 11.24 43.84 68.91
N THR E 380 11.08 42.56 68.54
CA THR E 380 11.49 41.45 69.41
C THR E 380 13.00 41.21 69.47
N ALA E 381 13.73 41.67 68.46
CA ALA E 381 15.20 41.53 68.43
C ALA E 381 15.88 42.71 67.70
N GLY E 382 15.42 43.92 67.98
CA GLY E 382 15.97 45.13 67.35
C GLY E 382 16.09 45.10 65.84
N GLN E 383 15.10 44.51 65.18
CA GLN E 383 14.92 44.58 63.73
C GLN E 383 14.80 46.03 63.22
N ALA E 384 14.96 46.21 61.91
CA ALA E 384 14.77 47.51 61.25
C ALA E 384 13.38 48.09 61.49
N LEU E 385 12.39 47.19 61.53
CA LEU E 385 11.00 47.54 61.75
C LEU E 385 10.33 46.51 62.66
N PRO E 386 9.32 46.94 63.45
CA PRO E 386 8.63 46.02 64.36
C PRO E 386 8.17 44.74 63.65
N ASP E 387 8.64 43.61 64.14
CA ASP E 387 8.28 42.31 63.61
C ASP E 387 7.06 41.71 64.30
N LEU E 388 6.68 42.32 65.43
CA LEU E 388 5.59 41.82 66.27
C LEU E 388 4.41 42.79 66.40
N GLN E 389 3.21 42.28 66.15
CA GLN E 389 2.01 43.02 66.46
C GLN E 389 1.30 42.36 67.63
N VAL E 390 0.91 43.18 68.59
CA VAL E 390 0.12 42.69 69.72
C VAL E 390 -1.29 43.27 69.60
N ARG E 391 -2.28 42.38 69.62
CA ARG E 391 -3.68 42.77 69.62
C ARG E 391 -4.29 42.42 70.97
N PHE E 392 -4.71 43.46 71.69
CA PHE E 392 -5.26 43.27 73.03
C PHE E 392 -6.78 43.28 72.98
N VAL E 393 -7.38 42.17 73.44
CA VAL E 393 -8.82 42.03 73.53
C VAL E 393 -9.25 42.08 75.00
N PRO E 394 -10.24 42.92 75.33
CA PRO E 394 -10.70 42.88 76.73
C PRO E 394 -11.70 41.74 77.03
N GLY E 395 -11.54 40.61 76.34
CA GLY E 395 -12.40 39.41 76.56
C GLY E 395 -11.46 38.19 76.59
N MET E 396 -11.88 37.12 77.25
CA MET E 396 -11.04 35.93 77.37
C MET E 396 -11.28 34.88 76.29
N ALA E 397 -10.22 34.55 75.55
CA ALA E 397 -10.30 33.54 74.51
C ALA E 397 -10.45 32.15 75.13
N LEU E 398 -11.31 31.33 74.53
CA LEU E 398 -11.60 29.98 75.06
C LEU E 398 -10.97 28.85 74.23
N ASP E 399 -10.29 29.23 73.14
CA ASP E 399 -9.50 28.34 72.30
C ASP E 399 -8.17 29.03 71.95
N PRO E 400 -7.07 28.27 71.78
CA PRO E 400 -5.80 28.93 71.43
C PRO E 400 -5.70 29.40 69.97
N ASP E 401 -6.73 29.10 69.17
CA ASP E 401 -6.94 29.66 67.83
C ASP E 401 -7.98 30.81 67.97
N GLY E 402 -7.54 32.06 67.80
CA GLY E 402 -8.31 33.25 68.03
C GLY E 402 -9.59 33.25 67.17
N VAL E 403 -9.42 32.80 65.93
CA VAL E 403 -10.51 32.80 64.96
C VAL E 403 -11.62 31.86 65.45
N SER E 404 -11.27 30.64 65.85
CA SER E 404 -12.27 29.73 66.30
C SER E 404 -12.84 30.01 67.71
N THR E 405 -12.18 30.89 68.43
CA THR E 405 -12.80 31.50 69.63
C THR E 405 -13.93 32.45 69.26
N TYR E 406 -13.69 33.36 68.28
CA TYR E 406 -14.75 34.19 67.78
C TYR E 406 -15.93 33.36 67.24
N VAL E 407 -15.63 32.26 66.59
CA VAL E 407 -16.66 31.38 66.06
C VAL E 407 -17.54 30.82 67.18
N ARG E 408 -16.89 30.39 68.30
CA ARG E 408 -17.64 29.89 69.41
C ARG E 408 -18.43 30.96 70.21
N PHE E 409 -17.91 32.16 70.14
CA PHE E 409 -18.58 33.34 70.72
C PHE E 409 -19.85 33.63 69.96
N ALA E 410 -19.78 33.50 68.62
CA ALA E 410 -21.04 33.66 67.82
C ALA E 410 -22.04 32.54 68.15
N LYS E 411 -21.53 31.32 68.28
CA LYS E 411 -22.35 30.15 68.67
C LYS E 411 -22.71 30.13 70.16
N PHE E 412 -22.79 31.31 70.77
CA PHE E 412 -23.02 31.47 72.20
C PHE E 412 -24.26 32.35 72.37
N GLN E 413 -25.43 31.72 72.38
CA GLN E 413 -26.70 32.42 72.54
C GLN E 413 -27.74 31.40 72.98
N SER E 414 -28.60 31.80 73.92
CA SER E 414 -29.62 30.91 74.51
C SER E 414 -29.12 29.61 75.17
N GLN E 415 -28.01 29.07 74.67
CA GLN E 415 -27.32 27.95 75.33
C GLN E 415 -26.43 28.44 76.44
N GLY E 416 -26.01 29.69 76.34
CA GLY E 416 -25.01 30.30 77.24
C GLY E 416 -25.17 30.04 78.73
N LEU E 417 -24.07 29.66 79.37
CA LEU E 417 -23.92 29.84 80.81
C LEU E 417 -23.44 31.30 80.94
N LYS E 418 -22.12 31.43 80.88
CA LYS E 418 -21.45 32.71 81.06
C LYS E 418 -20.05 32.56 80.51
N TRP E 419 -19.65 33.53 79.70
CA TRP E 419 -18.28 33.58 79.20
C TRP E 419 -17.33 33.99 80.33
N PRO E 420 -16.38 33.09 80.72
CA PRO E 420 -15.52 33.17 81.92
C PRO E 420 -14.98 34.53 82.33
N SER E 421 -14.83 35.46 81.39
CA SER E 421 -14.48 36.87 81.69
C SER E 421 -13.00 37.13 81.99
N GLY E 422 -12.33 37.80 81.04
CA GLY E 422 -10.90 38.08 81.18
C GLY E 422 -10.30 38.87 80.03
N ILE E 423 -9.03 38.57 79.72
CA ILE E 423 -8.28 39.29 78.69
C ILE E 423 -7.56 38.32 77.75
N THR E 424 -7.26 38.81 76.56
CA THR E 424 -6.50 38.07 75.56
C THR E 424 -5.49 39.02 74.92
N MET E 425 -4.31 38.48 74.63
CA MET E 425 -3.32 39.16 73.83
C MET E 425 -2.93 38.28 72.64
N GLN E 426 -3.26 38.76 71.45
CA GLN E 426 -2.94 38.06 70.21
C GLN E 426 -1.61 38.57 69.67
N LEU E 427 -0.80 37.63 69.19
CA LEU E 427 0.55 37.96 68.78
C LEU E 427 0.71 37.61 67.31
N ILE E 428 0.98 38.65 66.50
CA ILE E 428 1.07 38.54 65.05
C ILE E 428 2.49 38.86 64.61
N ALA E 429 3.00 38.09 63.65
CA ALA E 429 4.23 38.44 63.01
C ALA E 429 3.95 39.36 61.81
N CYS E 430 4.02 40.68 62.05
CA CYS E 430 3.73 41.75 61.06
C CYS E 430 4.39 41.56 59.73
N ARG E 431 5.71 41.42 59.75
CA ARG E 431 6.50 41.47 58.54
C ARG E 431 7.21 40.14 58.45
N PRO E 432 6.45 39.05 58.17
CA PRO E 432 7.02 37.71 58.27
C PRO E 432 8.01 37.45 57.16
N GLN E 433 8.85 36.42 57.36
CA GLN E 433 9.86 36.09 56.37
C GLN E 433 9.46 34.91 55.51
N SER E 434 8.76 33.96 56.13
CA SER E 434 8.19 32.80 55.44
C SER E 434 7.11 33.23 54.43
N THR E 435 7.02 32.48 53.33
CA THR E 435 6.00 32.70 52.31
C THR E 435 5.33 31.37 51.93
N GLY E 436 4.12 31.47 51.37
CA GLY E 436 3.37 30.31 50.91
C GLY E 436 3.07 30.39 49.43
N SER E 437 2.05 29.63 48.99
CA SER E 437 1.60 29.66 47.59
C SER E 437 0.13 29.31 47.42
N VAL E 438 -0.46 29.83 46.33
CA VAL E 438 -1.82 29.46 45.88
C VAL E 438 -1.71 28.79 44.52
N GLY E 439 -2.18 27.55 44.44
CA GLY E 439 -2.02 26.74 43.22
C GLY E 439 -3.29 26.18 42.64
N LEU E 440 -3.17 25.11 41.86
CA LEU E 440 -4.35 24.46 41.28
C LEU E 440 -4.48 23.04 41.79
N LYS E 441 -5.72 22.61 42.00
CA LYS E 441 -5.99 21.35 42.64
C LYS E 441 -6.61 20.39 41.63
N SER E 442 -7.21 20.98 40.60
CA SER E 442 -7.83 20.27 39.48
C SER E 442 -8.03 21.24 38.32
N ALA E 443 -8.57 20.73 37.22
CA ALA E 443 -8.93 21.57 36.08
C ALA E 443 -10.25 22.32 36.33
N ASP E 444 -10.99 21.92 37.37
CA ASP E 444 -12.27 22.58 37.75
C ASP E 444 -12.11 23.99 38.36
N PRO E 445 -12.60 25.04 37.64
CA PRO E 445 -12.57 26.41 38.16
C PRO E 445 -13.60 26.66 39.26
N PHE E 446 -14.37 25.63 39.58
CA PHE E 446 -15.34 25.69 40.67
C PHE E 446 -14.84 24.95 41.91
N ALA E 447 -13.76 24.19 41.74
CA ALA E 447 -13.03 23.63 42.88
C ALA E 447 -12.34 24.75 43.71
N PRO E 448 -12.07 24.48 45.01
CA PRO E 448 -11.26 25.39 45.81
C PRO E 448 -9.79 25.43 45.35
N PRO E 449 -9.11 26.57 45.57
CA PRO E 449 -7.84 26.83 44.87
C PRO E 449 -6.53 26.27 45.46
N LYS E 450 -6.55 25.31 46.40
CA LYS E 450 -5.27 24.74 46.96
C LYS E 450 -4.29 25.76 47.60
N LEU E 451 -4.51 26.05 48.88
CA LEU E 451 -3.74 27.06 49.59
C LEU E 451 -2.75 26.38 50.50
N SER E 452 -1.57 26.96 50.60
CA SER E 452 -0.67 26.66 51.70
C SER E 452 -0.06 27.98 52.13
N PRO E 453 -0.31 28.40 53.38
CA PRO E 453 0.22 29.67 53.88
C PRO E 453 1.74 29.69 54.09
N GLY E 454 2.32 28.50 54.29
CA GLY E 454 3.75 28.34 54.50
C GLY E 454 4.28 29.01 55.77
N TYR E 455 3.45 29.04 56.82
CA TYR E 455 3.84 29.61 58.11
C TYR E 455 5.09 28.96 58.65
N LEU E 456 5.93 29.75 59.33
CA LEU E 456 7.15 29.27 59.98
C LEU E 456 7.99 28.41 59.03
N THR E 457 8.21 28.94 57.82
CA THR E 457 8.86 28.19 56.77
C THR E 457 10.26 28.73 56.42
N ASP E 458 10.48 30.01 56.71
CA ASP E 458 11.73 30.73 56.37
C ASP E 458 13.00 29.99 56.80
N LYS E 459 14.09 30.24 56.10
CA LYS E 459 15.38 29.60 56.37
C LYS E 459 15.82 29.76 57.83
N ASP E 460 15.79 31.00 58.33
CA ASP E 460 16.36 31.30 59.65
C ASP E 460 15.50 30.93 60.87
N GLY E 461 14.27 30.48 60.62
CA GLY E 461 13.29 30.27 61.70
C GLY E 461 12.88 31.56 62.38
N ALA E 462 12.84 32.65 61.61
CA ALA E 462 12.62 34.01 62.14
C ALA E 462 11.15 34.19 62.59
N ASP E 463 10.24 33.60 61.81
CA ASP E 463 8.83 33.72 62.11
C ASP E 463 8.46 33.00 63.43
N LEU E 464 9.00 31.82 63.64
CA LEU E 464 8.82 31.11 64.86
C LEU E 464 9.43 31.87 66.04
N ALA E 465 10.60 32.47 65.82
CA ALA E 465 11.26 33.26 66.84
C ALA E 465 10.47 34.50 67.32
N THR E 466 10.17 35.37 66.37
CA THR E 466 9.36 36.53 66.61
C THR E 466 8.09 36.17 67.41
N LEU E 467 7.54 35.00 67.11
CA LEU E 467 6.31 34.57 67.72
C LEU E 467 6.56 34.00 69.10
N ARG E 468 7.68 33.33 69.30
CA ARG E 468 8.03 32.79 70.62
C ARG E 468 8.34 33.98 71.59
N LYS E 469 9.18 34.90 71.15
CA LYS E 469 9.42 36.09 71.92
C LYS E 469 8.13 36.82 72.24
N GLY E 470 7.15 36.78 71.33
CA GLY E 470 5.87 37.44 71.56
C GLY E 470 5.16 36.90 72.78
N ILE E 471 5.19 35.56 72.92
CA ILE E 471 4.61 34.92 74.08
C ILE E 471 5.25 35.41 75.38
N HIS E 472 6.57 35.48 75.35
CA HIS E 472 7.34 35.96 76.49
C HIS E 472 6.95 37.37 76.86
N TRP E 473 6.84 38.22 75.83
CA TRP E 473 6.45 39.59 76.00
C TRP E 473 5.07 39.70 76.68
N ALA E 474 4.16 38.87 76.19
CA ALA E 474 2.81 38.81 76.72
C ALA E 474 2.80 38.43 78.20
N ARG E 475 3.63 37.43 78.53
CA ARG E 475 3.72 37.00 79.91
C ARG E 475 4.30 38.10 80.81
N ASP E 476 5.29 38.79 80.29
CA ASP E 476 5.88 39.92 80.98
C ASP E 476 4.82 40.97 81.30
N VAL E 477 3.97 41.26 80.30
CA VAL E 477 2.92 42.22 80.43
C VAL E 477 1.86 41.80 81.48
N ALA E 478 1.53 40.51 81.46
CA ALA E 478 0.59 39.94 82.37
C ALA E 478 1.05 39.96 83.80
N ARG E 479 2.41 39.85 83.96
CA ARG E 479 3.01 39.85 85.31
C ARG E 479 3.29 41.31 85.76
N SER E 480 3.06 42.32 84.88
CA SER E 480 3.17 43.74 85.27
C SER E 480 2.36 44.06 86.51
N SER E 481 2.83 45.04 87.28
CA SER E 481 2.15 45.50 88.49
C SER E 481 0.68 45.82 88.22
N ALA E 482 0.43 46.54 87.12
CA ALA E 482 -0.89 47.00 86.73
C ALA E 482 -1.85 45.88 86.35
N LEU E 483 -1.41 44.96 85.48
CA LEU E 483 -2.28 43.88 85.00
C LEU E 483 -2.50 42.78 86.02
N SER E 484 -1.42 42.31 86.65
CA SER E 484 -1.47 41.25 87.67
C SER E 484 -2.50 41.52 88.77
N GLU E 485 -2.74 42.81 89.03
CA GLU E 485 -3.81 43.27 89.90
C GLU E 485 -5.17 42.66 89.50
N TYR E 486 -5.48 42.73 88.21
CA TYR E 486 -6.76 42.24 87.66
C TYR E 486 -6.78 40.73 87.40
N LEU E 487 -5.66 40.19 86.92
CA LEU E 487 -5.64 38.83 86.34
C LEU E 487 -5.62 37.69 87.33
N ASP E 488 -6.45 36.68 87.07
CA ASP E 488 -6.45 35.42 87.83
C ASP E 488 -5.43 34.42 87.25
N GLY E 489 -4.29 34.99 86.83
CA GLY E 489 -3.06 34.29 86.48
C GLY E 489 -3.18 33.12 85.54
N GLU E 490 -2.24 32.18 85.70
CA GLU E 490 -2.13 30.87 85.03
C GLU E 490 -2.39 30.78 83.51
N LEU E 491 -2.68 31.94 82.92
CA LEU E 491 -2.98 32.12 81.50
C LEU E 491 -3.89 31.08 80.77
N PHE E 492 -3.79 31.11 79.45
CA PHE E 492 -4.33 30.09 78.57
C PHE E 492 -3.23 29.11 78.14
N PRO E 493 -2.10 29.59 77.47
CA PRO E 493 -1.06 28.64 76.97
C PRO E 493 -0.71 27.59 78.01
N GLY E 494 -0.79 28.00 79.28
CA GLY E 494 -0.58 27.13 80.41
C GLY E 494 0.67 27.57 81.12
N SER E 495 0.63 27.48 82.44
CA SER E 495 1.87 27.49 83.23
C SER E 495 2.63 26.18 82.94
N GLY E 496 1.94 25.22 82.32
CA GLY E 496 2.53 23.98 81.80
C GLY E 496 3.52 24.13 80.66
N VAL E 497 3.37 25.17 79.83
CA VAL E 497 4.35 25.42 78.75
C VAL E 497 5.40 26.46 79.15
N VAL E 498 6.63 25.99 79.40
CA VAL E 498 7.68 26.82 80.00
C VAL E 498 8.96 26.94 79.18
N SER E 499 9.43 25.83 78.62
CA SER E 499 10.65 25.84 77.79
C SER E 499 10.39 26.49 76.43
N ASP E 500 11.46 26.82 75.69
CA ASP E 500 11.34 27.33 74.33
C ASP E 500 10.78 26.29 73.37
N ASP E 501 11.21 25.04 73.54
CA ASP E 501 10.67 23.97 72.74
C ASP E 501 9.17 23.80 72.99
N GLN E 502 8.73 23.92 74.24
CA GLN E 502 7.35 23.84 74.60
C GLN E 502 6.55 25.05 74.17
N ILE E 503 7.14 26.22 74.06
CA ILE E 503 6.49 27.35 73.43
C ILE E 503 6.24 27.03 71.96
N ASP E 504 7.26 26.49 71.30
CA ASP E 504 7.25 26.22 69.89
C ASP E 504 6.30 25.14 69.49
N GLU E 505 6.03 24.19 70.42
CA GLU E 505 4.95 23.21 70.16
C GLU E 505 3.57 23.83 70.29
N TYR E 506 3.41 24.68 71.31
CA TYR E 506 2.16 25.40 71.48
C TYR E 506 1.73 26.23 70.25
N ILE E 507 2.56 27.22 69.91
CA ILE E 507 2.45 27.92 68.62
C ILE E 507 2.90 26.85 67.63
N ARG E 508 2.17 26.66 66.54
CA ARG E 508 2.37 25.50 65.65
C ARG E 508 1.25 24.49 65.86
N ARG E 509 0.86 24.24 67.11
CA ARG E 509 -0.40 23.58 67.39
C ARG E 509 -1.53 24.60 67.35
N SER E 510 -1.22 25.85 67.65
CA SER E 510 -2.27 26.86 67.87
C SER E 510 -2.22 27.99 66.84
N ILE E 511 -1.16 28.03 66.03
CA ILE E 511 -0.97 29.09 65.02
C ILE E 511 -2.21 29.24 64.12
N HIS E 512 -2.55 30.50 63.85
CA HIS E 512 -3.74 30.88 63.07
C HIS E 512 -3.45 32.16 62.29
N SER E 513 -4.38 32.53 61.43
CA SER E 513 -4.21 33.66 60.52
C SER E 513 -4.76 34.95 61.14
N SER E 514 -3.98 36.02 61.00
CA SER E 514 -4.44 37.37 61.33
C SER E 514 -5.09 38.02 60.09
N ASN E 515 -5.28 37.17 59.07
CA ASN E 515 -6.10 37.41 57.88
C ASN E 515 -5.70 38.60 57.02
N ALA E 516 -4.47 38.54 56.53
CA ALA E 516 -3.94 39.63 55.74
C ALA E 516 -3.06 39.01 54.69
N ILE E 517 -3.70 38.56 53.62
CA ILE E 517 -3.01 37.79 52.59
C ILE E 517 -2.64 38.65 51.39
N THR E 518 -1.36 38.63 50.98
CA THR E 518 -0.86 39.47 49.85
C THR E 518 0.25 38.85 49.03
N GLY E 519 0.46 39.38 47.82
CA GLY E 519 1.72 39.18 47.08
C GLY E 519 1.82 38.13 45.98
N THR E 520 0.70 37.46 45.71
CA THR E 520 0.65 36.34 44.77
C THR E 520 0.80 36.71 43.30
N CYS E 521 0.51 37.97 42.95
CA CYS E 521 0.85 38.50 41.63
C CYS E 521 1.64 39.79 41.78
N LYS E 522 2.86 39.67 42.31
CA LYS E 522 3.62 40.84 42.78
C LYS E 522 4.05 41.77 41.66
N MET E 523 4.04 43.07 41.95
CA MET E 523 4.55 44.07 41.02
C MET E 523 6.05 44.21 41.16
N GLY E 524 6.73 44.13 40.04
CA GLY E 524 8.17 44.35 39.96
C GLY E 524 8.47 45.34 38.85
N ASN E 525 9.75 45.54 38.61
CA ASN E 525 10.17 46.47 37.58
C ASN E 525 11.10 45.81 36.60
N ALA E 526 11.45 46.55 35.55
CA ALA E 526 12.39 46.14 34.50
C ALA E 526 12.47 44.61 34.30
N GLY E 527 13.51 43.98 34.81
CA GLY E 527 13.74 42.56 34.55
C GLY E 527 13.42 41.65 35.72
N ASP E 528 12.37 41.99 36.48
CA ASP E 528 12.01 41.20 37.66
C ASP E 528 11.43 39.85 37.24
N SER E 529 12.30 38.86 37.32
CA SER E 529 12.03 37.49 36.91
C SER E 529 10.93 36.78 37.73
N SER E 530 10.70 37.23 38.96
CA SER E 530 9.68 36.63 39.83
C SER E 530 8.37 37.43 39.87
N SER E 531 8.37 38.59 39.22
CA SER E 531 7.18 39.45 39.18
C SER E 531 6.15 38.98 38.17
N VAL E 532 4.93 39.50 38.32
CA VAL E 532 3.79 39.13 37.48
C VAL E 532 3.28 40.36 36.73
N VAL E 533 3.25 41.50 37.42
CA VAL E 533 2.96 42.76 36.73
C VAL E 533 4.13 43.73 36.79
N ASP E 534 4.12 44.71 35.89
CA ASP E 534 5.13 45.76 35.80
C ASP E 534 4.78 46.94 36.70
N ASN E 535 5.58 47.99 36.55
CA ASN E 535 5.35 49.33 37.09
C ASN E 535 3.91 49.87 37.03
N GLN E 536 3.22 49.59 35.91
CA GLN E 536 1.90 50.13 35.56
C GLN E 536 0.81 49.15 35.94
N LEU E 537 1.19 48.11 36.69
CA LEU E 537 0.32 46.99 37.09
C LEU E 537 -0.20 46.20 35.89
N ARG E 538 0.62 46.03 34.86
CA ARG E 538 0.20 45.39 33.62
C ARG E 538 -0.03 43.89 33.76
N VAL E 539 0.89 43.04 33.31
CA VAL E 539 0.77 41.57 33.46
C VAL E 539 1.72 40.80 32.54
N HIS E 540 2.75 41.52 32.07
CA HIS E 540 3.83 40.93 31.31
C HIS E 540 3.33 40.31 29.99
N GLY E 541 3.01 39.01 29.98
CA GLY E 541 2.72 38.28 28.74
C GLY E 541 1.50 38.64 27.91
N VAL E 542 0.62 39.51 28.42
CA VAL E 542 -0.70 39.72 27.82
C VAL E 542 -1.04 41.21 27.79
N GLU E 543 -1.52 41.69 26.64
CA GLU E 543 -2.03 43.08 26.54
C GLU E 543 -3.52 43.12 26.87
N GLY E 544 -3.94 44.25 27.44
CA GLY E 544 -5.33 44.47 27.82
C GLY E 544 -5.72 43.80 29.14
N LEU E 545 -4.72 43.34 29.89
CA LEU E 545 -4.96 42.68 31.18
C LEU E 545 -4.10 43.29 32.30
N ARG E 546 -4.74 43.65 33.41
CA ARG E 546 -4.05 44.18 34.59
C ARG E 546 -4.55 43.55 35.91
N VAL E 547 -3.83 43.75 37.01
CA VAL E 547 -4.31 43.36 38.34
C VAL E 547 -4.27 44.58 39.27
N VAL E 548 -5.38 44.85 39.94
CA VAL E 548 -5.48 45.97 40.87
C VAL E 548 -6.14 45.37 42.10
N ASP E 549 -5.28 45.03 43.08
CA ASP E 549 -5.54 43.95 43.99
C ASP E 549 -4.51 43.84 45.11
N ALA E 550 -4.91 43.23 46.23
CA ALA E 550 -4.00 42.84 47.32
C ALA E 550 -2.84 41.96 46.83
N SER E 551 -3.07 41.23 45.74
CA SER E 551 -2.10 40.29 45.19
C SER E 551 -0.84 40.98 44.66
N VAL E 552 -0.93 42.26 44.43
CA VAL E 552 0.11 42.99 43.72
C VAL E 552 1.25 43.47 44.64
N VAL E 553 1.04 43.35 45.95
CA VAL E 553 1.93 43.87 47.00
C VAL E 553 3.27 43.09 47.11
N PRO E 554 4.40 43.72 46.72
CA PRO E 554 5.73 43.08 46.72
C PRO E 554 6.19 42.56 48.09
N LYS E 555 6.13 43.42 49.11
CA LYS E 555 6.40 43.01 50.49
C LYS E 555 5.26 43.48 51.39
N ILE E 556 4.65 42.53 52.11
CA ILE E 556 3.56 42.80 53.06
C ILE E 556 3.98 43.91 54.05
N PRO E 557 3.14 44.97 54.19
CA PRO E 557 3.45 46.02 55.15
C PRO E 557 3.14 45.63 56.61
N GLY E 558 3.28 46.58 57.52
CA GLY E 558 3.25 46.34 58.96
C GLY E 558 1.94 45.90 59.55
N GLY E 559 0.91 46.73 59.44
CA GLY E 559 -0.36 46.39 60.10
C GLY E 559 -1.22 45.40 59.33
N GLN E 560 -2.47 45.80 59.11
CA GLN E 560 -3.44 45.04 58.32
C GLN E 560 -3.57 45.67 56.93
N THR E 561 -4.30 45.01 56.02
CA THR E 561 -4.06 45.14 54.61
C THR E 561 -5.08 45.99 53.86
N GLY E 562 -6.28 46.16 54.39
CA GLY E 562 -7.32 46.91 53.71
C GLY E 562 -6.86 48.26 53.18
N ALA E 563 -6.30 49.05 54.09
CA ALA E 563 -5.88 50.41 53.80
C ALA E 563 -4.91 50.52 52.60
N PRO E 564 -3.88 49.64 52.53
CA PRO E 564 -2.96 49.69 51.39
C PRO E 564 -3.65 49.26 50.10
N VAL E 565 -4.59 48.32 50.20
CA VAL E 565 -5.36 47.89 49.02
C VAL E 565 -6.20 49.05 48.45
N VAL E 566 -6.91 49.75 49.32
CA VAL E 566 -7.63 50.95 48.92
C VAL E 566 -6.63 52.10 48.91
N MET E 567 -5.77 52.09 47.91
CA MET E 567 -4.65 53.04 47.77
C MET E 567 -3.99 52.61 46.48
N ILE E 568 -3.63 51.34 46.39
CA ILE E 568 -3.30 50.75 45.11
C ILE E 568 -4.50 50.88 44.15
N ALA E 569 -5.71 50.73 44.68
CA ALA E 569 -6.90 50.89 43.83
C ALA E 569 -7.06 52.35 43.39
N GLU E 570 -6.81 53.29 44.30
CA GLU E 570 -6.91 54.69 43.97
C GLU E 570 -5.87 55.12 42.92
N ARG E 571 -4.64 54.79 43.23
CA ARG E 571 -3.51 55.17 42.42
C ARG E 571 -3.58 54.57 41.00
N ALA E 572 -4.03 53.31 40.95
CA ALA E 572 -4.29 52.66 39.67
C ALA E 572 -5.44 53.37 38.89
N ALA E 573 -6.55 53.64 39.57
CA ALA E 573 -7.63 54.30 38.94
C ALA E 573 -7.25 55.64 38.34
N ALA E 574 -6.44 56.37 39.09
CA ALA E 574 -5.94 57.67 38.65
C ALA E 574 -5.05 57.50 37.43
N LEU E 575 -4.13 56.53 37.47
CA LEU E 575 -3.26 56.25 36.36
C LEU E 575 -4.10 55.97 35.08
N LEU E 576 -5.13 55.11 35.22
CA LEU E 576 -5.89 54.68 34.11
C LEU E 576 -6.64 55.83 33.44
N THR E 577 -7.08 56.82 34.21
CA THR E 577 -7.96 57.84 33.65
C THR E 577 -7.22 59.15 33.40
N GLY E 578 -6.02 59.07 32.81
CA GLY E 578 -5.12 60.24 32.71
C GLY E 578 -4.62 60.56 34.10
N LYS E 579 -4.97 61.74 34.61
CA LYS E 579 -4.83 62.09 36.06
C LYS E 579 -3.50 61.93 36.82
N ALA E 580 -2.67 60.97 36.42
CA ALA E 580 -1.48 60.59 37.16
C ALA E 580 -0.63 59.62 36.37
N THR E 581 0.68 59.74 36.52
CA THR E 581 1.63 58.81 35.91
C THR E 581 2.32 58.02 37.02
N ILE E 582 3.04 56.98 36.62
CA ILE E 582 3.87 56.20 37.51
C ILE E 582 5.21 55.93 36.78
N GLY E 583 6.31 56.36 37.39
CA GLY E 583 7.67 56.11 36.94
C GLY E 583 8.20 57.05 35.89
N ALA E 584 9.30 56.64 35.23
CA ALA E 584 9.83 57.31 34.03
C ALA E 584 9.41 56.55 32.75
N SER E 585 8.78 57.26 31.80
CA SER E 585 8.06 56.59 30.69
C SER E 585 8.98 55.94 29.65
N SER F 1 -7.77 22.24 91.85
CA SER F 1 -8.95 23.04 92.28
C SER F 1 -8.65 24.55 92.31
N ALA F 2 -8.14 25.05 91.18
CA ALA F 2 -7.93 26.49 90.96
C ALA F 2 -9.16 27.03 90.21
N SER F 3 -8.93 27.90 89.22
CA SER F 3 -9.96 28.43 88.37
C SER F 3 -9.57 28.23 86.92
N ALA F 4 -8.27 28.28 86.65
CA ALA F 4 -7.76 27.95 85.33
C ALA F 4 -7.70 26.44 85.13
N VAL F 5 -7.49 25.65 86.21
CA VAL F 5 -7.48 24.17 86.07
C VAL F 5 -8.95 23.66 86.03
N GLU F 6 -9.80 24.35 86.79
CA GLU F 6 -11.25 24.11 86.88
C GLU F 6 -11.96 24.37 85.55
N ASP F 7 -11.20 24.86 84.58
CA ASP F 7 -11.70 25.32 83.31
C ASP F 7 -10.91 24.61 82.20
N ILE F 8 -9.69 25.11 81.93
CA ILE F 8 -8.76 24.60 80.90
C ILE F 8 -8.30 23.20 81.32
N ARG F 9 -9.24 22.26 81.17
CA ARG F 9 -9.13 20.82 81.51
C ARG F 9 -10.50 20.23 81.88
N LYS F 10 -11.28 20.94 82.68
CA LYS F 10 -12.58 20.41 83.06
C LYS F 10 -13.58 20.72 81.94
N VAL F 11 -14.34 21.80 82.08
CA VAL F 11 -15.43 22.13 81.15
C VAL F 11 -14.99 22.01 79.69
N LEU F 12 -13.76 22.45 79.41
CA LEU F 12 -13.19 22.39 78.07
C LEU F 12 -12.86 20.98 77.57
N SER F 13 -11.93 20.29 78.24
CA SER F 13 -11.45 18.97 77.81
C SER F 13 -12.50 17.85 77.87
N ASP F 14 -13.36 17.88 78.90
CA ASP F 14 -14.52 16.96 78.96
C ASP F 14 -15.38 17.14 77.71
N SER F 15 -15.69 18.40 77.40
CA SER F 15 -16.49 18.77 76.23
C SER F 15 -15.79 18.57 74.86
N SER F 16 -14.50 18.24 74.87
CA SER F 16 -13.68 18.10 73.66
C SER F 16 -14.11 16.94 72.76
N SER F 17 -14.23 15.75 73.35
CA SER F 17 -14.70 14.56 72.63
C SER F 17 -15.95 14.02 73.30
N PRO F 18 -17.06 13.87 72.54
CA PRO F 18 -18.23 13.21 73.11
C PRO F 18 -18.15 11.69 73.10
N VAL F 19 -17.04 11.14 72.60
CA VAL F 19 -16.89 9.67 72.42
C VAL F 19 -15.72 9.07 73.22
N ALA F 20 -14.97 9.93 73.93
CA ALA F 20 -13.83 9.48 74.73
C ALA F 20 -14.27 8.59 75.88
N GLY F 21 -13.62 7.44 76.01
CA GLY F 21 -13.84 6.53 77.12
C GLY F 21 -14.77 5.35 76.85
N GLN F 22 -15.57 5.47 75.79
CA GLN F 22 -16.52 4.43 75.34
C GLN F 22 -16.11 3.96 73.92
N LYS F 23 -16.40 2.74 73.41
CA LYS F 23 -17.19 1.56 73.90
C LYS F 23 -18.63 1.51 73.40
N TYR F 24 -18.80 1.09 72.14
CA TYR F 24 -20.11 0.99 71.47
C TYR F 24 -20.22 -0.34 70.71
N ASP F 25 -21.37 -1.00 70.77
CA ASP F 25 -21.59 -2.23 69.98
C ASP F 25 -22.22 -1.99 68.59
N TYR F 26 -22.80 -0.82 68.38
CA TYR F 26 -23.15 -0.36 67.04
C TYR F 26 -22.75 1.09 66.78
N ILE F 27 -22.03 1.32 65.69
CA ILE F 27 -21.70 2.67 65.22
C ILE F 27 -22.29 2.85 63.81
N LEU F 28 -23.27 3.75 63.69
CA LEU F 28 -23.93 4.06 62.41
C LEU F 28 -23.29 5.29 61.76
N VAL F 29 -22.79 5.11 60.55
CA VAL F 29 -22.14 6.17 59.79
C VAL F 29 -23.24 6.85 59.01
N GLY F 30 -23.61 8.06 59.41
CA GLY F 30 -24.70 8.80 58.77
C GLY F 30 -25.96 8.69 59.61
N GLY F 31 -26.75 9.76 59.62
CA GLY F 31 -28.04 9.79 60.32
C GLY F 31 -29.17 10.05 59.34
N GLY F 32 -29.04 9.44 58.16
CA GLY F 32 -30.05 9.53 57.12
C GLY F 32 -31.20 8.59 57.32
N THR F 33 -31.79 8.17 56.20
CA THR F 33 -33.05 7.41 56.20
C THR F 33 -32.98 6.04 56.92
N ALA F 34 -32.16 5.16 56.38
CA ALA F 34 -31.97 3.83 56.95
C ALA F 34 -31.37 3.92 58.35
N ALA F 35 -30.43 4.86 58.55
CA ALA F 35 -29.83 5.08 59.84
C ALA F 35 -30.90 5.36 60.90
N CYS F 36 -31.86 6.22 60.57
CA CYS F 36 -32.91 6.52 61.48
C CYS F 36 -33.68 5.30 61.94
N VAL F 37 -33.96 4.41 61.00
CA VAL F 37 -34.60 3.15 61.30
C VAL F 37 -33.75 2.29 62.25
N LEU F 38 -32.49 2.13 61.90
CA LEU F 38 -31.61 1.23 62.64
C LEU F 38 -31.42 1.74 64.05
N ALA F 39 -31.28 3.05 64.24
CA ALA F 39 -31.12 3.60 65.58
C ALA F 39 -32.31 3.24 66.45
N ASN F 40 -33.53 3.35 65.90
CA ASN F 40 -34.72 2.96 66.61
C ASN F 40 -34.70 1.48 67.02
N ARG F 41 -34.38 0.64 66.05
CA ARG F 41 -34.42 -0.76 66.27
C ARG F 41 -33.36 -1.31 67.22
N LEU F 42 -32.10 -1.03 66.93
CA LEU F 42 -30.96 -1.59 67.70
C LEU F 42 -30.83 -1.02 69.11
N SER F 43 -31.49 0.11 69.37
CA SER F 43 -31.52 0.71 70.71
C SER F 43 -32.72 0.30 71.56
N ALA F 44 -33.72 -0.33 70.94
CA ALA F 44 -35.00 -0.69 71.60
C ALA F 44 -34.76 -1.55 72.83
N ASP F 45 -34.17 -2.72 72.61
CA ASP F 45 -33.61 -3.54 73.66
C ASP F 45 -32.54 -2.70 74.38
N GLY F 46 -32.64 -2.61 75.70
CA GLY F 46 -31.79 -1.75 76.48
C GLY F 46 -30.29 -1.99 76.46
N SER F 47 -29.88 -3.18 76.04
CA SER F 47 -28.50 -3.68 76.24
C SER F 47 -27.44 -3.17 75.26
N LYS F 48 -27.84 -2.74 74.06
CA LYS F 48 -26.85 -2.43 73.04
C LYS F 48 -26.67 -0.94 72.84
N ARG F 49 -25.49 -0.42 73.23
CA ARG F 49 -25.15 1.00 73.04
C ARG F 49 -24.91 1.34 71.57
N VAL F 50 -25.78 2.21 71.03
CA VAL F 50 -25.79 2.58 69.61
C VAL F 50 -25.40 4.05 69.42
N LEU F 51 -24.47 4.31 68.49
CA LEU F 51 -24.02 5.66 68.16
C LEU F 51 -24.24 5.99 66.69
N VAL F 52 -24.84 7.14 66.43
CA VAL F 52 -25.10 7.61 65.05
C VAL F 52 -24.36 8.94 64.81
N LEU F 53 -23.59 8.97 63.73
CA LEU F 53 -22.74 10.11 63.37
C LEU F 53 -23.22 10.78 62.08
N GLU F 54 -23.91 11.89 62.23
CA GLU F 54 -24.50 12.60 61.12
C GLU F 54 -23.75 13.91 60.94
N ALA F 55 -23.41 14.22 59.70
CA ALA F 55 -22.64 15.43 59.36
C ALA F 55 -23.49 16.70 59.38
N GLY F 56 -24.77 16.56 58.99
CA GLY F 56 -25.67 17.72 58.94
C GLY F 56 -26.13 18.14 60.34
N PRO F 57 -26.92 19.23 60.43
CA PRO F 57 -27.63 19.57 61.67
C PRO F 57 -28.75 18.58 61.97
N ASP F 58 -29.47 18.77 63.08
CA ASP F 58 -30.69 17.98 63.22
C ASP F 58 -31.78 18.79 62.52
N ASN F 59 -32.89 18.14 62.13
CA ASN F 59 -33.95 18.88 61.44
C ASN F 59 -34.94 19.47 62.39
N THR F 60 -34.90 20.79 62.40
CA THR F 60 -35.79 21.61 63.20
C THR F 60 -36.49 22.57 62.25
N SER F 61 -35.88 22.80 61.09
CA SER F 61 -36.36 23.74 60.08
C SER F 61 -37.83 23.56 59.72
N ARG F 62 -38.52 24.68 59.53
CA ARG F 62 -39.89 24.69 59.06
C ARG F 62 -39.97 24.22 57.61
N ASP F 63 -38.92 24.49 56.85
CA ASP F 63 -38.80 24.07 55.46
C ASP F 63 -38.82 22.56 55.23
N VAL F 64 -38.40 21.80 56.24
CA VAL F 64 -38.54 20.36 56.19
C VAL F 64 -39.99 19.94 56.47
N LYS F 65 -40.64 20.57 57.45
CA LYS F 65 -41.97 20.11 57.85
C LYS F 65 -43.04 20.38 56.79
N ILE F 66 -43.05 21.59 56.25
CA ILE F 66 -44.03 21.96 55.22
C ILE F 66 -43.51 21.44 53.87
N PRO F 67 -44.30 20.58 53.19
CA PRO F 67 -43.75 19.89 52.04
C PRO F 67 -43.57 20.75 50.80
N ALA F 68 -44.35 21.82 50.68
CA ALA F 68 -44.17 22.75 49.55
C ALA F 68 -42.82 23.45 49.60
N ALA F 69 -42.24 23.54 50.80
CA ALA F 69 -40.93 24.16 50.98
C ALA F 69 -39.79 23.33 50.39
N ILE F 70 -40.07 22.10 49.93
CA ILE F 70 -39.09 21.32 49.18
C ILE F 70 -38.27 22.21 48.21
N THR F 71 -38.95 23.16 47.57
CA THR F 71 -38.35 24.11 46.64
C THR F 71 -37.20 24.94 47.26
N ARG F 72 -37.41 25.39 48.50
CA ARG F 72 -36.42 26.17 49.26
C ARG F 72 -35.26 25.30 49.70
N LEU F 73 -35.53 24.00 49.89
CA LEU F 73 -34.50 23.03 50.33
C LEU F 73 -33.41 22.75 49.30
N PHE F 74 -33.71 22.98 48.01
CA PHE F 74 -32.89 22.43 46.95
C PHE F 74 -31.43 22.79 46.87
N ARG F 75 -31.10 24.02 46.51
CA ARG F 75 -29.67 24.39 46.48
C ARG F 75 -29.28 25.16 47.73
N SER F 76 -29.54 24.53 48.88
CA SER F 76 -29.54 25.17 50.19
C SER F 76 -28.45 24.60 51.08
N PRO F 77 -28.14 25.29 52.20
CA PRO F 77 -27.28 24.67 53.24
C PRO F 77 -27.73 23.29 53.77
N LEU F 78 -28.97 22.88 53.50
CA LEU F 78 -29.47 21.56 53.92
C LEU F 78 -29.24 20.43 52.89
N ASP F 79 -28.73 20.81 51.73
CA ASP F 79 -28.34 19.86 50.68
C ASP F 79 -26.83 19.74 50.64
N TRP F 80 -26.34 18.59 50.18
CA TRP F 80 -24.90 18.37 50.01
C TRP F 80 -24.30 19.18 48.87
N ASN F 81 -25.16 19.79 48.05
CA ASN F 81 -24.75 20.57 46.88
C ASN F 81 -23.76 19.84 45.98
N LEU F 82 -24.14 18.61 45.62
CA LEU F 82 -23.32 17.78 44.79
C LEU F 82 -23.53 18.10 43.31
N PHE F 83 -22.43 18.30 42.59
CA PHE F 83 -22.46 18.40 41.13
C PHE F 83 -21.58 17.31 40.56
N SER F 84 -22.07 16.66 39.50
CA SER F 84 -21.36 15.58 38.82
C SER F 84 -20.15 16.09 38.05
N GLU F 85 -19.61 15.22 37.19
CA GLU F 85 -18.48 15.55 36.32
C GLU F 85 -19.03 15.87 34.94
N LEU F 86 -18.26 16.64 34.18
CA LEU F 86 -18.62 16.98 32.79
C LEU F 86 -18.95 15.70 32.00
N GLN F 87 -20.22 15.57 31.64
CA GLN F 87 -20.76 14.45 30.89
C GLN F 87 -20.63 14.75 29.40
N GLU F 88 -19.63 14.13 28.78
CA GLU F 88 -19.37 14.30 27.35
C GLU F 88 -20.63 13.97 26.53
N GLN F 89 -21.21 12.80 26.77
CA GLN F 89 -22.48 12.32 26.19
C GLN F 89 -23.77 13.08 26.60
N LEU F 90 -23.62 14.31 27.09
CA LEU F 90 -24.75 15.10 27.57
C LEU F 90 -24.52 16.58 27.27
N ALA F 91 -23.81 16.84 26.16
CA ALA F 91 -23.39 18.17 25.70
C ALA F 91 -22.81 19.05 26.80
N GLU F 92 -21.51 18.87 27.10
CA GLU F 92 -20.85 19.42 28.33
C GLU F 92 -21.69 19.06 29.57
N ARG F 93 -21.63 19.84 30.67
CA ARG F 93 -22.48 19.65 31.91
C ARG F 93 -22.08 18.34 32.63
N GLN F 94 -21.97 18.24 33.96
CA GLN F 94 -22.39 19.15 35.04
C GLN F 94 -23.87 19.01 35.40
N ILE F 95 -24.16 17.90 36.10
CA ILE F 95 -25.51 17.58 36.56
C ILE F 95 -25.61 17.67 38.08
N TYR F 96 -26.63 18.41 38.54
CA TYR F 96 -26.94 18.53 39.95
C TYR F 96 -27.67 17.30 40.49
N MET F 97 -27.16 16.80 41.60
CA MET F 97 -27.68 15.60 42.23
C MET F 97 -28.00 15.95 43.67
N ALA F 98 -29.22 16.41 43.89
CA ALA F 98 -29.73 16.71 45.22
C ALA F 98 -29.54 15.51 46.16
N ARG F 99 -29.12 15.77 47.40
CA ARG F 99 -28.95 14.80 48.50
C ARG F 99 -29.09 15.53 49.84
N GLY F 100 -29.82 14.95 50.77
CA GLY F 100 -30.04 15.55 52.10
C GLY F 100 -28.80 15.51 52.97
N ARG F 101 -28.57 16.62 53.70
CA ARG F 101 -27.49 16.75 54.69
C ARG F 101 -28.10 17.19 56.03
N LEU F 102 -28.49 16.22 56.84
CA LEU F 102 -29.51 16.45 57.85
C LEU F 102 -29.75 15.18 58.64
N LEU F 103 -30.22 15.30 59.87
CA LEU F 103 -30.80 14.15 60.53
C LEU F 103 -32.12 13.79 59.82
N GLY F 104 -32.29 12.50 59.53
CA GLY F 104 -33.34 12.05 58.60
C GLY F 104 -32.83 11.92 57.16
N GLY F 105 -31.78 12.67 56.84
CA GLY F 105 -31.11 12.56 55.56
C GLY F 105 -31.97 13.05 54.42
N SER F 106 -32.01 12.25 53.36
CA SER F 106 -32.75 12.57 52.15
C SER F 106 -34.25 12.46 52.33
N SER F 107 -34.69 11.63 53.27
CA SER F 107 -36.12 11.53 53.60
C SER F 107 -36.70 12.88 54.06
N ALA F 108 -35.80 13.78 54.49
CA ALA F 108 -36.14 15.16 54.83
C ALA F 108 -36.05 16.13 53.66
N THR F 109 -35.29 15.77 52.62
CA THR F 109 -35.23 16.56 51.38
C THR F 109 -36.27 16.06 50.37
N ASN F 110 -36.88 14.91 50.69
CA ASN F 110 -37.85 14.14 49.87
C ASN F 110 -38.86 14.93 49.10
N ALA F 111 -39.24 14.38 47.95
CA ALA F 111 -40.51 14.74 47.32
C ALA F 111 -41.62 13.77 47.83
N THR F 112 -41.44 13.26 49.05
CA THR F 112 -42.38 12.34 49.73
C THR F 112 -42.70 11.05 48.93
N LEU F 113 -43.85 10.94 48.24
CA LEU F 113 -44.12 9.83 47.28
C LEU F 113 -43.74 8.41 47.74
N TYR F 114 -44.74 7.56 47.95
CA TYR F 114 -44.52 6.21 48.49
C TYR F 114 -44.53 5.14 47.40
N HIS F 115 -43.36 4.67 46.97
CA HIS F 115 -43.27 3.62 45.95
C HIS F 115 -42.43 2.40 46.25
N ARG F 116 -43.05 1.24 46.17
CA ARG F 116 -42.36 -0.05 46.31
C ARG F 116 -41.87 -0.57 44.96
N GLY F 117 -42.53 -0.16 43.88
CA GLY F 117 -42.29 -0.74 42.57
C GLY F 117 -43.02 -2.05 42.37
N ALA F 118 -42.41 -2.95 41.61
CA ALA F 118 -43.06 -4.20 41.19
C ALA F 118 -42.41 -5.40 41.85
N ALA F 119 -43.19 -6.46 42.04
CA ALA F 119 -42.68 -7.74 42.57
C ALA F 119 -41.47 -8.25 41.78
N GLY F 120 -41.51 -8.06 40.45
CA GLY F 120 -40.48 -8.52 39.54
C GLY F 120 -39.15 -7.83 39.79
N ASP F 121 -39.21 -6.54 40.12
CA ASP F 121 -38.04 -5.74 40.41
C ASP F 121 -37.14 -6.44 41.41
N TYR F 122 -37.75 -7.04 42.42
CA TYR F 122 -37.05 -7.68 43.51
C TYR F 122 -36.58 -9.07 43.19
N ASP F 123 -37.35 -9.79 42.39
CA ASP F 123 -37.01 -11.10 41.87
C ASP F 123 -35.81 -11.05 40.94
N ALA F 124 -35.66 -9.90 40.25
CA ALA F 124 -34.57 -9.73 39.27
C ALA F 124 -33.22 -9.59 39.93
N TRP F 125 -33.17 -9.50 41.26
CA TRP F 125 -31.92 -9.42 42.02
C TRP F 125 -31.19 -10.77 42.09
N GLY F 126 -29.95 -10.75 42.60
CA GLY F 126 -29.27 -11.97 43.06
C GLY F 126 -29.90 -12.45 44.34
N VAL F 127 -31.00 -13.21 44.18
CA VAL F 127 -31.85 -13.56 45.31
C VAL F 127 -31.37 -14.85 45.98
N GLU F 128 -30.63 -14.72 47.08
CA GLU F 128 -30.27 -15.88 47.89
C GLU F 128 -31.17 -15.92 49.13
N GLY F 129 -31.80 -14.79 49.43
CA GLY F 129 -32.79 -14.70 50.49
C GLY F 129 -33.68 -13.48 50.35
N TRP F 130 -33.60 -12.84 49.17
CA TRP F 130 -34.18 -11.52 48.96
C TRP F 130 -35.13 -11.47 47.75
N SER F 131 -36.05 -12.43 47.69
CA SER F 131 -37.04 -12.47 46.61
C SER F 131 -38.22 -11.58 46.97
N SER F 132 -39.12 -11.35 46.00
CA SER F 132 -40.31 -10.55 46.22
C SER F 132 -41.15 -11.12 47.37
N GLU F 133 -41.16 -12.45 47.47
CA GLU F 133 -41.87 -13.17 48.53
C GLU F 133 -41.29 -12.82 49.90
N ASP F 134 -39.97 -12.82 50.00
CA ASP F 134 -39.26 -12.51 51.26
C ASP F 134 -39.47 -11.08 51.77
N VAL F 135 -39.50 -10.11 50.86
CA VAL F 135 -39.41 -8.68 51.18
C VAL F 135 -40.77 -8.01 51.40
N LEU F 136 -41.82 -8.67 50.95
CA LEU F 136 -43.15 -8.07 51.01
C LEU F 136 -43.55 -7.80 52.46
N SER F 137 -43.32 -8.79 53.31
CA SER F 137 -43.72 -8.73 54.68
C SER F 137 -43.12 -7.49 55.35
N TRP F 138 -41.84 -7.24 55.08
CA TRP F 138 -41.14 -6.13 55.71
C TRP F 138 -41.65 -4.78 55.24
N PHE F 139 -42.08 -4.69 53.99
CA PHE F 139 -42.77 -3.50 53.48
C PHE F 139 -43.95 -3.17 54.38
N VAL F 140 -44.74 -4.18 54.67
CA VAL F 140 -45.92 -4.06 55.50
C VAL F 140 -45.58 -3.64 56.95
N GLN F 141 -44.61 -4.28 57.60
CA GLN F 141 -44.09 -3.81 58.90
C GLN F 141 -43.65 -2.34 58.71
N ALA F 142 -44.39 -1.42 59.34
CA ALA F 142 -44.36 0.05 59.12
C ALA F 142 -45.71 0.51 58.54
N GLU F 143 -45.75 0.67 57.21
CA GLU F 143 -46.94 1.15 56.51
C GLU F 143 -47.78 2.20 57.26
N THR F 144 -48.86 1.79 57.90
CA THR F 144 -49.87 2.70 58.48
C THR F 144 -50.45 3.72 57.44
N ASN F 145 -51.61 3.37 56.85
CA ASN F 145 -52.22 4.14 55.75
C ASN F 145 -53.58 4.78 56.10
N ALA F 146 -54.05 5.71 55.26
CA ALA F 146 -55.49 5.92 55.05
C ALA F 146 -55.86 5.44 53.62
N ASP F 147 -55.73 4.11 53.46
CA ASP F 147 -55.96 3.28 52.26
C ASP F 147 -55.87 1.87 52.84
N PHE F 148 -57.01 1.33 53.23
CA PHE F 148 -57.14 0.00 53.86
C PHE F 148 -56.20 -0.28 55.03
N GLY F 149 -56.39 -1.44 55.65
CA GLY F 149 -55.77 -1.75 56.92
C GLY F 149 -55.52 -3.23 57.04
N PRO F 150 -56.40 -4.08 56.46
CA PRO F 150 -55.94 -5.46 56.34
C PRO F 150 -54.80 -5.49 55.33
N GLY F 151 -55.14 -5.37 54.04
CA GLY F 151 -54.18 -5.42 52.95
C GLY F 151 -53.33 -6.68 52.90
N ALA F 152 -52.54 -6.81 51.85
CA ALA F 152 -51.68 -7.96 51.73
C ALA F 152 -50.14 -7.79 51.67
N TYR F 153 -49.51 -6.72 51.13
CA TYR F 153 -49.97 -5.46 50.46
C TYR F 153 -50.68 -4.41 51.33
N HIS F 154 -49.91 -3.63 52.09
CA HIS F 154 -50.44 -2.61 53.04
C HIS F 154 -50.71 -3.16 54.44
N GLY F 155 -49.97 -2.67 55.43
CA GLY F 155 -50.28 -2.91 56.84
C GLY F 155 -50.70 -1.66 57.60
N SER F 156 -50.81 -1.80 58.91
CA SER F 156 -50.98 -0.66 59.80
C SER F 156 -50.43 -1.03 61.17
N GLY F 157 -49.87 -0.06 61.87
CA GLY F 157 -49.28 -0.29 63.17
C GLY F 157 -47.86 0.24 63.28
N GLY F 158 -47.05 -0.01 62.26
CA GLY F 158 -45.66 0.46 62.24
C GLY F 158 -45.54 1.96 62.02
N PRO F 159 -44.31 2.51 62.18
CA PRO F 159 -44.14 3.96 62.39
C PRO F 159 -44.16 4.84 61.14
N MET F 160 -44.04 4.24 59.96
CA MET F 160 -44.13 5.02 58.71
C MET F 160 -45.54 5.62 58.61
N ARG F 161 -45.70 6.73 57.89
CA ARG F 161 -47.01 7.34 57.70
C ARG F 161 -47.28 7.72 56.25
N VAL F 162 -48.14 6.91 55.62
CA VAL F 162 -48.52 7.05 54.21
C VAL F 162 -49.99 7.47 54.14
N GLU F 163 -50.31 8.32 53.17
CA GLU F 163 -51.66 8.83 52.93
C GLU F 163 -51.76 9.35 51.50
N ASN F 164 -52.98 9.34 50.97
CA ASN F 164 -53.32 10.09 49.75
C ASN F 164 -53.03 11.57 50.00
N PRO F 165 -52.55 12.31 48.96
CA PRO F 165 -52.13 13.71 49.17
C PRO F 165 -53.30 14.64 49.50
N ARG F 166 -53.14 15.42 50.58
CA ARG F 166 -54.20 16.23 51.15
C ARG F 166 -54.65 17.37 50.21
N TYR F 167 -53.75 17.83 49.34
CA TYR F 167 -54.11 18.75 48.26
C TYR F 167 -54.53 17.96 47.06
N THR F 168 -55.61 18.42 46.43
CA THR F 168 -56.09 17.84 45.18
C THR F 168 -56.72 18.96 44.39
N ASN F 169 -57.24 19.95 45.12
CA ASN F 169 -58.42 20.76 44.71
C ASN F 169 -58.38 21.36 43.29
N LYS F 170 -58.24 20.45 42.31
CA LYS F 170 -58.07 20.78 40.91
C LYS F 170 -59.10 20.17 39.97
N GLN F 171 -59.24 20.83 38.82
CA GLN F 171 -59.81 20.27 37.64
C GLN F 171 -58.74 19.91 36.63
N LEU F 172 -57.45 20.21 36.87
CA LEU F 172 -56.32 19.76 36.05
C LEU F 172 -55.97 18.34 36.43
N HIS F 173 -56.22 17.91 37.67
CA HIS F 173 -55.96 16.50 38.04
C HIS F 173 -56.95 15.56 37.33
N THR F 174 -58.22 15.92 37.36
CA THR F 174 -59.21 15.17 36.63
C THR F 174 -58.93 15.20 35.11
N ALA F 175 -58.55 16.37 34.62
CA ALA F 175 -58.19 16.55 33.24
C ALA F 175 -57.08 15.62 32.82
N PHE F 176 -56.16 15.33 33.73
CA PHE F 176 -55.04 14.45 33.43
C PHE F 176 -55.52 12.99 33.23
N PHE F 177 -56.32 12.55 34.18
CA PHE F 177 -56.82 11.21 34.17
C PHE F 177 -57.67 10.90 32.94
N LYS F 178 -58.54 11.81 32.57
CA LYS F 178 -59.29 11.71 31.34
C LYS F 178 -58.36 11.69 30.13
N ALA F 179 -57.39 12.60 30.12
CA ALA F 179 -56.45 12.62 29.00
C ALA F 179 -55.69 11.32 28.89
N ALA F 180 -55.36 10.69 30.02
CA ALA F 180 -54.69 9.41 30.02
C ALA F 180 -55.63 8.29 29.58
N GLU F 181 -56.89 8.35 30.01
CA GLU F 181 -57.89 7.38 29.62
C GLU F 181 -58.05 7.33 28.10
N GLU F 182 -58.08 8.50 27.44
CA GLU F 182 -58.00 8.59 25.97
C GLU F 182 -56.61 8.08 25.54
N VAL F 183 -55.97 8.76 24.59
CA VAL F 183 -54.52 8.60 24.31
C VAL F 183 -53.95 7.16 24.25
N GLY F 184 -54.83 6.20 24.03
CA GLY F 184 -54.44 4.80 24.06
C GLY F 184 -54.71 4.19 25.42
N LEU F 185 -55.10 2.92 25.37
CA LEU F 185 -55.44 2.07 26.50
C LEU F 185 -54.44 2.21 27.66
N THR F 186 -54.65 3.21 28.51
CA THR F 186 -54.00 3.24 29.83
C THR F 186 -55.12 3.04 30.86
N PRO F 187 -55.12 1.90 31.59
CA PRO F 187 -56.15 1.65 32.61
C PRO F 187 -55.77 2.28 33.95
N ASN F 188 -56.72 2.44 34.87
CA ASN F 188 -56.38 2.92 36.19
C ASN F 188 -55.59 1.87 37.00
N SER F 189 -54.70 2.32 37.88
CA SER F 189 -53.99 1.47 38.86
C SER F 189 -54.09 2.11 40.26
N ASP F 190 -53.78 1.31 41.29
CA ASP F 190 -53.61 1.77 42.69
C ASP F 190 -52.35 1.09 43.30
N PHE F 191 -51.19 1.63 42.90
CA PHE F 191 -49.82 1.07 43.00
C PHE F 191 -49.44 0.38 44.32
N ASN F 192 -48.21 -0.11 44.36
CA ASN F 192 -47.70 -0.92 45.49
C ASN F 192 -48.44 -2.26 45.69
N ASP F 193 -49.65 -2.36 45.12
CA ASP F 193 -50.41 -3.59 45.12
C ASP F 193 -49.91 -4.48 43.98
N TRP F 194 -49.11 -5.49 44.33
CA TRP F 194 -48.48 -6.38 43.36
C TRP F 194 -49.44 -7.36 42.69
N SER F 195 -50.71 -7.40 43.13
CA SER F 195 -51.80 -8.05 42.36
C SER F 195 -52.00 -7.30 41.05
N HIS F 196 -51.89 -5.97 41.10
CA HIS F 196 -52.06 -5.11 39.93
C HIS F 196 -50.83 -5.21 39.05
N ASP F 197 -50.94 -4.69 37.83
CA ASP F 197 -49.87 -4.78 36.85
C ASP F 197 -48.66 -3.93 37.26
N HIS F 198 -48.91 -2.68 37.65
CA HIS F 198 -47.93 -1.61 37.89
C HIS F 198 -48.06 -0.53 36.85
N ALA F 199 -48.25 -0.93 35.59
CA ALA F 199 -48.47 0.06 34.53
C ALA F 199 -49.86 0.67 34.71
N GLY F 200 -49.99 1.96 34.44
CA GLY F 200 -51.28 2.65 34.50
C GLY F 200 -51.27 4.01 35.17
N TYR F 201 -52.29 4.81 34.86
CA TYR F 201 -52.49 6.14 35.47
C TYR F 201 -53.12 6.04 36.85
N GLY F 202 -52.86 7.05 37.68
CA GLY F 202 -53.42 7.12 39.03
C GLY F 202 -52.76 8.19 39.89
N THR F 203 -53.04 8.13 41.19
CA THR F 203 -52.44 8.97 42.22
C THR F 203 -51.32 8.24 42.95
N PHE F 204 -50.22 8.92 43.24
CA PHE F 204 -49.17 8.36 44.10
C PHE F 204 -49.48 8.72 45.55
N GLN F 205 -49.31 7.77 46.45
CA GLN F 205 -49.49 8.04 47.88
C GLN F 205 -48.26 8.72 48.45
N VAL F 206 -48.48 9.59 49.42
CA VAL F 206 -47.44 10.51 49.84
C VAL F 206 -46.92 10.15 51.25
N MET F 207 -45.64 10.35 51.50
CA MET F 207 -45.05 10.04 52.80
C MET F 207 -45.22 11.20 53.76
N GLN F 208 -46.49 11.49 54.06
CA GLN F 208 -46.87 12.63 54.87
C GLN F 208 -47.86 12.19 55.95
N ASP F 209 -47.91 12.97 57.03
CA ASP F 209 -48.87 12.78 58.12
C ASP F 209 -49.76 13.99 58.13
N LYS F 210 -51.01 13.80 57.70
CA LYS F 210 -51.98 14.87 57.55
C LYS F 210 -51.35 16.17 57.04
N GLY F 211 -50.64 16.06 55.92
CA GLY F 211 -50.02 17.21 55.27
C GLY F 211 -48.63 17.63 55.76
N THR F 212 -48.19 17.15 56.91
CA THR F 212 -46.83 17.41 57.39
C THR F 212 -45.91 16.30 56.91
N ARG F 213 -44.67 16.67 56.55
CA ARG F 213 -43.69 15.67 56.11
C ARG F 213 -43.46 14.63 57.19
N ALA F 214 -43.61 13.38 56.80
CA ALA F 214 -43.35 12.25 57.70
C ALA F 214 -42.00 11.61 57.36
N ASP F 215 -40.94 12.40 57.53
CA ASP F 215 -39.57 11.88 57.30
C ASP F 215 -39.17 10.84 58.36
N MET F 216 -38.05 10.17 58.13
CA MET F 216 -37.61 9.08 59.00
C MET F 216 -37.05 9.54 60.37
N TYR F 217 -36.64 10.82 60.46
CA TYR F 217 -36.33 11.42 61.75
C TYR F 217 -37.62 11.48 62.57
N ARG F 218 -38.64 12.16 62.02
CA ARG F 218 -39.93 12.31 62.69
C ARG F 218 -40.56 10.99 63.11
N GLN F 219 -40.45 9.96 62.27
CA GLN F 219 -41.19 8.71 62.46
C GLN F 219 -40.46 7.61 63.21
N TYR F 220 -39.12 7.62 63.21
CA TYR F 220 -38.30 6.55 63.81
C TYR F 220 -37.37 7.02 64.94
N LEU F 221 -36.69 8.14 64.70
CA LEU F 221 -35.64 8.60 65.61
C LEU F 221 -36.15 9.58 66.67
N LYS F 222 -36.87 10.63 66.27
CA LYS F 222 -37.37 11.62 67.23
C LYS F 222 -38.06 11.03 68.48
N PRO F 223 -39.03 10.09 68.32
CA PRO F 223 -39.59 9.55 69.58
C PRO F 223 -38.59 8.76 70.45
N VAL F 224 -37.61 8.14 69.81
CA VAL F 224 -36.70 7.21 70.48
C VAL F 224 -35.44 7.91 71.02
N LEU F 225 -35.26 9.16 70.59
CA LEU F 225 -34.27 10.08 71.14
C LEU F 225 -34.46 10.25 72.64
N GLY F 226 -33.36 10.45 73.36
CA GLY F 226 -33.41 10.50 74.82
C GLY F 226 -33.61 9.13 75.44
N ARG F 227 -32.96 8.13 74.85
CA ARG F 227 -32.76 6.83 75.48
C ARG F 227 -31.32 6.81 75.92
N ARG F 228 -31.09 6.47 77.19
CA ARG F 228 -29.72 6.37 77.73
C ARG F 228 -28.85 5.48 76.84
N ASN F 229 -29.50 4.61 76.08
CA ASN F 229 -28.87 3.69 75.13
C ASN F 229 -28.21 4.37 73.93
N LEU F 230 -28.76 5.51 73.52
CA LEU F 230 -28.58 6.04 72.17
C LEU F 230 -27.98 7.44 72.13
N GLN F 231 -26.76 7.49 71.58
CA GLN F 231 -26.01 8.73 71.41
C GLN F 231 -26.07 9.15 69.93
N VAL F 232 -26.76 10.27 69.69
CA VAL F 232 -26.90 10.83 68.37
C VAL F 232 -26.02 12.07 68.24
N LEU F 233 -24.96 11.94 67.44
CA LEU F 233 -24.00 13.02 67.24
C LEU F 233 -24.29 13.73 65.93
N THR F 234 -24.68 14.99 66.06
CA THR F 234 -25.06 15.83 64.94
C THR F 234 -23.94 16.81 64.63
N GLY F 235 -23.65 17.00 63.35
CA GLY F 235 -22.50 17.80 62.94
C GLY F 235 -21.19 17.04 63.00
N ALA F 236 -21.27 15.71 62.91
CA ALA F 236 -20.10 14.84 62.97
C ALA F 236 -19.85 14.19 61.61
N ALA F 237 -18.76 14.60 60.96
CA ALA F 237 -18.42 14.18 59.60
C ALA F 237 -17.40 13.05 59.63
N VAL F 238 -17.83 11.86 59.21
CA VAL F 238 -16.99 10.64 59.22
C VAL F 238 -15.90 10.72 58.17
N THR F 239 -14.70 10.31 58.54
CA THR F 239 -13.53 10.30 57.66
C THR F 239 -13.19 8.92 57.10
N LYS F 240 -13.24 7.89 57.95
CA LYS F 240 -12.99 6.49 57.56
C LYS F 240 -13.44 5.51 58.64
N VAL F 241 -13.60 4.25 58.21
CA VAL F 241 -13.72 3.12 59.14
C VAL F 241 -12.27 2.70 59.48
N ASN F 242 -12.00 2.52 60.78
CA ASN F 242 -10.71 2.01 61.26
C ASN F 242 -10.73 0.48 61.18
N ILE F 243 -9.74 -0.10 60.46
CA ILE F 243 -9.69 -1.55 60.16
C ILE F 243 -8.43 -2.30 60.72
N ASP F 244 -8.55 -3.62 60.91
CA ASP F 244 -7.70 -4.55 61.71
C ASP F 244 -6.71 -4.01 62.75
N GLY F 248 -3.62 -9.51 59.75
CA GLY F 248 -4.04 -10.25 58.57
C GLY F 248 -5.54 -10.39 58.35
N LYS F 249 -6.27 -10.69 59.43
CA LYS F 249 -7.73 -10.89 59.41
C LYS F 249 -8.51 -9.58 59.63
N ALA F 250 -8.90 -8.94 58.54
CA ALA F 250 -9.41 -7.52 58.57
C ALA F 250 -10.64 -7.30 59.46
N GLN F 251 -10.51 -6.41 60.44
CA GLN F 251 -11.52 -6.22 61.48
C GLN F 251 -11.81 -4.74 61.72
N ALA F 252 -13.07 -4.34 61.56
CA ALA F 252 -13.49 -2.98 61.88
C ALA F 252 -13.38 -2.75 63.37
N LEU F 253 -12.78 -1.62 63.74
CA LEU F 253 -12.49 -1.25 65.14
C LEU F 253 -13.36 -0.09 65.59
N GLY F 254 -13.79 0.70 64.61
CA GLY F 254 -14.58 1.89 64.83
C GLY F 254 -14.46 2.86 63.67
N VAL F 255 -14.67 4.14 63.97
CA VAL F 255 -14.82 5.15 62.95
C VAL F 255 -14.08 6.42 63.33
N GLU F 256 -13.28 6.91 62.39
CA GLU F 256 -12.68 8.25 62.49
C GLU F 256 -13.69 9.31 62.06
N PHE F 257 -13.82 10.34 62.89
CA PHE F 257 -14.66 11.49 62.52
C PHE F 257 -14.11 12.83 63.02
N SER F 258 -14.82 13.91 62.66
CA SER F 258 -14.44 15.27 62.98
C SER F 258 -15.66 16.16 63.14
N THR F 259 -15.88 16.68 64.36
CA THR F 259 -16.69 17.87 64.56
C THR F 259 -15.83 19.06 64.07
N ASP F 260 -16.47 20.11 63.57
CA ASP F 260 -15.76 21.32 63.02
C ASP F 260 -14.81 21.02 61.84
N GLY F 261 -15.09 19.95 61.10
CA GLY F 261 -14.53 19.68 59.76
C GLY F 261 -13.02 19.62 59.60
N PRO F 262 -12.49 20.17 58.48
CA PRO F 262 -11.09 20.07 58.06
C PRO F 262 -10.06 20.52 59.08
N THR F 263 -10.40 21.49 59.94
CA THR F 263 -9.61 21.81 61.13
C THR F 263 -9.94 20.73 62.13
N GLY F 264 -9.46 19.52 61.79
CA GLY F 264 -9.96 18.24 62.28
C GLY F 264 -10.07 18.06 63.77
N GLU F 265 -9.01 17.53 64.36
CA GLU F 265 -9.06 16.88 65.67
C GLU F 265 -9.85 15.61 65.34
N ARG F 266 -9.10 14.59 64.91
CA ARG F 266 -9.65 13.34 64.42
C ARG F 266 -9.96 12.34 65.51
N LEU F 267 -11.24 12.31 65.90
CA LEU F 267 -11.70 11.44 66.97
C LEU F 267 -11.94 10.04 66.48
N SER F 268 -11.83 9.05 67.38
CA SER F 268 -12.17 7.65 67.05
C SER F 268 -13.24 7.07 67.98
N ALA F 269 -14.36 6.68 67.38
CA ALA F 269 -15.41 5.96 68.10
C ALA F 269 -14.97 4.51 68.19
N GLU F 270 -15.08 3.95 69.41
CA GLU F 270 -14.55 2.61 69.68
C GLU F 270 -15.64 1.54 69.83
N LEU F 271 -15.37 0.40 69.21
CA LEU F 271 -16.30 -0.73 69.25
C LEU F 271 -16.04 -1.64 70.45
N ALA F 272 -17.12 -1.92 71.18
CA ALA F 272 -17.13 -2.96 72.23
C ALA F 272 -16.82 -4.35 71.62
N PRO F 273 -16.32 -5.30 72.44
CA PRO F 273 -15.92 -6.63 71.95
C PRO F 273 -16.86 -7.35 70.97
N GLY F 274 -18.13 -6.91 70.86
CA GLY F 274 -19.09 -7.49 69.91
C GLY F 274 -18.75 -7.19 68.46
N GLY F 275 -19.73 -6.66 67.73
CA GLY F 275 -19.46 -5.99 66.47
C GLY F 275 -19.45 -4.51 66.83
N GLU F 276 -19.82 -3.59 65.93
CA GLU F 276 -20.06 -3.74 64.49
C GLU F 276 -20.35 -2.35 63.94
N VAL F 277 -19.57 -1.92 62.95
CA VAL F 277 -19.80 -0.65 62.23
C VAL F 277 -20.71 -0.89 61.03
N ILE F 278 -21.84 -0.19 60.97
CA ILE F 278 -22.77 -0.32 59.82
C ILE F 278 -23.03 0.98 59.05
N MET F 279 -22.70 0.95 57.76
CA MET F 279 -22.69 2.13 56.89
C MET F 279 -24.11 2.56 56.51
N CYS F 280 -24.37 3.86 56.59
CA CYS F 280 -25.68 4.42 56.21
C CYS F 280 -25.55 5.78 55.56
N ALA F 281 -24.43 6.01 54.88
CA ALA F 281 -24.12 7.33 54.31
C ALA F 281 -24.72 7.55 52.92
N GLY F 282 -25.51 6.59 52.46
CA GLY F 282 -26.17 6.73 51.16
C GLY F 282 -25.37 6.14 50.01
N ALA F 283 -26.05 5.97 48.89
CA ALA F 283 -25.46 5.47 47.64
C ALA F 283 -24.37 6.37 47.09
N VAL F 284 -24.30 7.61 47.58
CA VAL F 284 -23.26 8.55 47.17
C VAL F 284 -22.05 8.45 48.11
N HIS F 285 -22.30 8.56 49.41
CA HIS F 285 -21.24 8.79 50.36
C HIS F 285 -20.76 7.51 50.97
N THR F 286 -21.60 6.47 51.09
CA THR F 286 -21.12 5.17 51.57
C THR F 286 -19.96 4.59 50.73
N PRO F 287 -20.08 4.54 49.37
CA PRO F 287 -18.93 4.01 48.66
C PRO F 287 -17.73 4.94 48.77
N PHE F 288 -17.95 6.25 48.88
CA PHE F 288 -16.89 7.21 49.03
C PHE F 288 -16.06 6.97 50.32
N LEU F 289 -16.79 6.85 51.41
CA LEU F 289 -16.18 6.60 52.68
C LEU F 289 -15.47 5.24 52.68
N LEU F 290 -16.13 4.23 52.08
CA LEU F 290 -15.48 2.92 52.08
C LEU F 290 -14.19 2.93 51.31
N LYS F 291 -14.15 3.66 50.19
CA LYS F 291 -12.92 3.75 49.45
C LYS F 291 -11.79 4.37 50.26
N HIS F 292 -12.10 5.40 51.07
CA HIS F 292 -11.16 6.02 51.94
C HIS F 292 -10.78 5.10 53.09
N SER F 293 -11.64 4.12 53.46
CA SER F 293 -11.38 3.19 54.54
C SER F 293 -10.53 2.05 54.06
N GLY F 294 -10.31 2.01 52.74
CA GLY F 294 -9.41 1.08 52.10
C GLY F 294 -10.11 -0.04 51.39
N VAL F 295 -11.45 0.02 51.36
CA VAL F 295 -12.31 -1.02 50.77
C VAL F 295 -12.81 -0.49 49.43
N GLY F 296 -12.26 -1.04 48.35
CA GLY F 296 -12.62 -0.61 47.00
C GLY F 296 -11.72 -1.11 45.90
N PRO F 297 -11.96 -0.67 44.64
CA PRO F 297 -11.09 -1.00 43.52
C PRO F 297 -9.64 -0.57 43.77
N SER F 298 -8.74 -1.55 43.78
CA SER F 298 -7.31 -1.26 43.77
C SER F 298 -6.95 -0.55 42.47
N ALA F 299 -5.96 0.32 42.52
CA ALA F 299 -5.57 1.27 41.44
C ALA F 299 -6.31 2.58 41.58
N GLU F 300 -7.62 2.50 41.83
CA GLU F 300 -8.39 3.66 42.25
C GLU F 300 -7.92 4.13 43.61
N LEU F 301 -7.71 3.15 44.51
CA LEU F 301 -7.21 3.42 45.85
C LEU F 301 -5.71 3.71 45.83
N LYS F 302 -4.99 3.00 44.96
CA LYS F 302 -3.55 3.27 44.73
C LYS F 302 -3.29 4.69 44.22
N GLU F 303 -4.20 5.21 43.39
CA GLU F 303 -4.08 6.54 42.78
C GLU F 303 -3.89 7.68 43.80
N PHE F 304 -4.42 7.48 45.00
CA PHE F 304 -4.31 8.48 46.05
C PHE F 304 -3.64 7.91 47.28
N GLY F 305 -2.89 6.82 47.05
CA GLY F 305 -2.03 6.21 48.05
C GLY F 305 -2.72 5.87 49.35
N ILE F 306 -3.72 5.01 49.28
CA ILE F 306 -4.33 4.47 50.48
C ILE F 306 -4.25 2.95 50.55
N PRO F 307 -3.82 2.42 51.71
CA PRO F 307 -3.72 0.99 51.93
C PRO F 307 -4.99 0.26 51.48
N VAL F 308 -4.80 -0.75 50.64
CA VAL F 308 -5.91 -1.60 50.18
C VAL F 308 -6.25 -2.68 51.22
N VAL F 309 -7.45 -2.62 51.78
CA VAL F 309 -8.05 -3.79 52.46
C VAL F 309 -9.24 -4.31 51.64
N SER F 310 -9.49 -5.62 51.70
CA SER F 310 -10.46 -6.29 50.80
C SER F 310 -10.06 -6.28 49.30
N ASN F 311 -10.06 -5.09 48.68
CA ASN F 311 -10.06 -4.95 47.21
C ASN F 311 -11.34 -5.54 46.59
N LEU F 312 -12.34 -4.68 46.41
CA LEU F 312 -13.63 -5.05 45.83
C LEU F 312 -13.95 -4.07 44.71
N ALA F 313 -13.89 -4.52 43.47
CA ALA F 313 -14.08 -3.64 42.32
C ALA F 313 -15.48 -3.04 42.23
N GLY F 314 -16.43 -3.67 42.92
CA GLY F 314 -17.83 -3.26 42.91
C GLY F 314 -18.13 -1.90 43.54
N VAL F 315 -17.34 -1.48 44.54
CA VAL F 315 -17.68 -0.28 45.31
C VAL F 315 -17.55 0.98 44.43
N GLY F 316 -18.58 1.84 44.51
CA GLY F 316 -18.68 3.01 43.63
C GLY F 316 -19.30 2.70 42.29
N GLN F 317 -19.28 1.43 41.90
CA GLN F 317 -19.76 1.00 40.58
C GLN F 317 -21.24 0.60 40.69
N ASN F 318 -21.92 0.52 39.54
CA ASN F 318 -23.34 0.18 39.44
C ASN F 318 -24.25 1.24 40.12
N LEU F 319 -24.02 2.51 39.78
CA LEU F 319 -24.84 3.61 40.26
C LEU F 319 -26.08 3.75 39.39
N GLN F 320 -27.24 3.56 39.99
CA GLN F 320 -28.51 3.65 39.24
C GLN F 320 -29.36 4.83 39.74
N ASP F 321 -29.68 5.76 38.83
CA ASP F 321 -30.38 7.00 39.21
C ASP F 321 -31.78 7.27 38.62
N GLN F 322 -32.16 6.64 37.52
CA GLN F 322 -33.45 6.96 36.87
C GLN F 322 -33.65 8.47 36.50
N PRO F 323 -33.18 8.88 35.29
CA PRO F 323 -33.11 10.29 34.89
C PRO F 323 -34.45 10.81 34.44
N ALA F 324 -34.54 12.15 34.30
CA ALA F 324 -35.80 12.81 34.00
C ALA F 324 -35.71 13.85 32.89
N CYS F 325 -36.84 14.04 32.21
CA CYS F 325 -37.03 15.17 31.31
C CYS F 325 -38.45 15.73 31.43
N LEU F 326 -38.75 16.72 30.60
CA LEU F 326 -39.86 17.61 30.88
C LEU F 326 -40.59 18.12 29.65
N THR F 327 -41.92 18.08 29.71
CA THR F 327 -42.78 18.86 28.82
C THR F 327 -43.68 19.70 29.72
N ALA F 328 -43.84 20.98 29.37
CA ALA F 328 -44.74 21.86 30.12
C ALA F 328 -45.52 22.70 29.13
N ALA F 329 -46.66 23.27 29.55
CA ALA F 329 -47.52 24.10 28.68
C ALA F 329 -48.45 25.02 29.46
N PRO F 330 -48.66 26.27 28.98
CA PRO F 330 -49.57 27.17 29.69
C PRO F 330 -51.03 26.88 29.32
N VAL F 331 -51.97 27.46 30.06
CA VAL F 331 -53.40 27.30 29.76
C VAL F 331 -53.99 28.54 29.06
N LYS F 332 -54.96 28.34 28.17
CA LYS F 332 -55.66 29.43 27.49
C LYS F 332 -56.56 30.17 28.52
N GLU F 333 -56.32 31.47 28.71
CA GLU F 333 -57.06 32.30 29.69
C GLU F 333 -57.93 31.59 30.75
N LYS F 334 -57.22 30.81 31.58
CA LYS F 334 -57.82 30.11 32.72
C LYS F 334 -57.00 30.29 33.99
N TYR F 335 -56.21 31.39 34.03
CA TYR F 335 -55.27 31.65 35.12
C TYR F 335 -55.81 31.23 36.48
N ASP F 336 -55.36 30.04 36.91
CA ASP F 336 -55.69 29.43 38.21
C ASP F 336 -55.17 28.00 38.46
N GLY F 337 -54.15 27.96 39.35
CA GLY F 337 -53.51 26.76 39.94
C GLY F 337 -52.31 26.25 39.13
N ILE F 338 -51.38 25.54 39.78
CA ILE F 338 -51.24 25.44 41.24
C ILE F 338 -50.36 26.60 41.73
N ALA F 339 -49.32 26.89 40.96
CA ALA F 339 -48.55 28.13 41.05
C ALA F 339 -49.45 29.25 41.59
N ILE F 340 -50.62 29.33 40.98
CA ILE F 340 -51.63 30.33 41.25
C ILE F 340 -52.41 30.06 42.55
N SER F 341 -52.68 28.79 42.87
CA SER F 341 -53.35 28.42 44.15
C SER F 341 -52.51 28.73 45.41
N ASP F 342 -51.37 29.44 45.23
CA ASP F 342 -50.47 29.88 46.34
C ASP F 342 -49.37 30.92 45.97
N HIS F 343 -49.58 31.71 44.92
CA HIS F 343 -48.72 32.86 44.61
C HIS F 343 -49.50 34.10 44.13
N ILE F 344 -48.78 35.21 43.93
CA ILE F 344 -49.27 36.61 43.68
C ILE F 344 -49.92 37.25 44.90
N GLY F 349 -45.79 37.04 41.64
CA GLY F 349 -46.20 38.21 42.47
C GLY F 349 -45.60 38.16 43.86
N GLN F 350 -46.31 37.47 44.76
CA GLN F 350 -45.96 37.39 46.21
C GLN F 350 -46.81 36.34 46.91
N ILE F 351 -46.15 35.50 47.72
CA ILE F 351 -46.80 34.41 48.53
C ILE F 351 -48.19 34.73 49.13
N ARG F 352 -49.15 33.85 48.85
CA ARG F 352 -50.47 33.84 49.51
C ARG F 352 -50.29 33.41 50.99
N LYS F 353 -51.11 33.80 52.01
CA LYS F 353 -52.49 34.33 51.97
C LYS F 353 -53.39 33.16 51.67
N ARG F 354 -54.42 32.93 52.48
CA ARG F 354 -55.35 31.80 52.30
C ARG F 354 -54.67 30.42 52.35
N ALA F 355 -53.61 30.21 51.57
CA ALA F 355 -52.83 29.00 51.50
C ALA F 355 -52.00 28.79 52.76
N ILE F 356 -51.47 29.88 53.34
CA ILE F 356 -50.82 29.85 54.66
C ILE F 356 -51.85 29.54 55.72
N ALA F 357 -53.10 29.93 55.52
CA ALA F 357 -54.19 29.67 56.48
C ALA F 357 -54.75 28.27 56.23
N SER F 358 -54.78 27.80 54.98
CA SER F 358 -55.23 26.44 54.64
C SER F 358 -54.26 25.37 55.20
N TYR F 359 -52.98 25.46 54.81
CA TYR F 359 -51.92 24.76 55.53
C TYR F 359 -51.85 25.36 56.92
N LEU F 360 -51.59 24.52 57.93
CA LEU F 360 -51.47 24.92 59.35
C LEU F 360 -52.84 25.44 59.78
N LEU F 361 -53.35 24.89 60.88
CA LEU F 361 -54.71 25.18 61.33
C LEU F 361 -55.78 24.43 60.52
N GLY F 362 -55.91 24.77 59.23
CA GLY F 362 -57.06 24.35 58.42
C GLY F 362 -57.13 22.90 58.00
N GLY F 363 -56.40 22.03 58.72
CA GLY F 363 -56.32 20.61 58.39
C GLY F 363 -55.50 20.39 57.14
N ARG F 364 -54.82 21.45 56.69
CA ARG F 364 -53.89 21.46 55.56
C ARG F 364 -54.58 21.48 54.20
N GLY F 365 -54.33 22.54 53.42
CA GLY F 365 -54.84 22.68 52.05
C GLY F 365 -53.70 22.65 51.03
N GLY F 366 -53.90 23.24 49.85
CA GLY F 366 -52.80 23.42 48.87
C GLY F 366 -51.60 24.10 49.49
N LEU F 367 -50.39 23.70 49.09
CA LEU F 367 -49.11 23.96 49.83
C LEU F 367 -48.83 22.78 50.77
N THR F 368 -49.81 21.89 50.88
CA THR F 368 -49.62 20.54 51.41
C THR F 368 -48.70 19.80 50.48
N SER F 369 -48.91 20.01 49.17
CA SER F 369 -47.96 19.66 48.14
C SER F 369 -47.66 18.16 48.07
N THR F 370 -46.52 17.73 47.50
CA THR F 370 -45.57 18.56 46.72
C THR F 370 -46.22 18.91 45.35
N GLY F 371 -45.44 19.05 44.29
CA GLY F 371 -45.99 19.00 42.94
C GLY F 371 -45.87 17.54 42.61
N CYS F 372 -46.09 17.15 41.34
CA CYS F 372 -45.77 15.78 40.89
C CYS F 372 -46.33 14.62 41.76
N ASP F 373 -47.47 14.89 42.41
CA ASP F 373 -48.17 13.93 43.25
C ASP F 373 -48.72 12.77 42.46
N ARG F 374 -49.04 13.00 41.19
CA ARG F 374 -49.87 12.09 40.40
C ARG F 374 -49.25 11.87 39.04
N GLY F 375 -49.57 10.74 38.43
CA GLY F 375 -49.02 10.42 37.11
C GLY F 375 -49.29 9.00 36.67
N ALA F 376 -48.28 8.39 36.02
CA ALA F 376 -48.44 7.07 35.43
C ALA F 376 -47.16 6.23 35.36
N PHE F 377 -47.37 4.92 35.29
CA PHE F 377 -46.33 4.00 34.83
C PHE F 377 -46.74 3.48 33.46
N VAL F 378 -45.81 3.54 32.51
CA VAL F 378 -46.07 3.26 31.11
C VAL F 378 -44.97 2.38 30.51
N ARG F 379 -45.37 1.39 29.71
CA ARG F 379 -44.48 0.64 28.81
C ARG F 379 -44.33 1.30 27.43
N THR F 380 -43.16 1.91 27.17
CA THR F 380 -42.91 2.61 25.88
C THR F 380 -42.70 1.69 24.67
N ALA F 381 -42.28 0.46 24.93
CA ALA F 381 -41.97 -0.52 23.87
C ALA F 381 -42.20 -1.97 24.34
N GLY F 382 -43.32 -2.18 25.06
CA GLY F 382 -43.70 -3.52 25.52
C GLY F 382 -42.63 -4.28 26.29
N GLN F 383 -41.84 -3.56 27.10
CA GLN F 383 -40.91 -4.17 28.06
C GLN F 383 -41.67 -5.10 29.07
N ALA F 384 -40.90 -5.92 29.77
CA ALA F 384 -41.42 -6.79 30.84
C ALA F 384 -42.13 -5.98 31.94
N LEU F 385 -41.58 -4.79 32.21
CA LEU F 385 -42.10 -3.88 33.23
C LEU F 385 -42.00 -2.43 32.73
N PRO F 386 -42.93 -1.56 33.17
CA PRO F 386 -42.93 -0.16 32.75
C PRO F 386 -41.56 0.48 32.88
N ASP F 387 -41.05 0.98 31.75
CA ASP F 387 -39.77 1.66 31.70
C ASP F 387 -39.90 3.16 31.91
N LEU F 388 -41.14 3.66 31.84
CA LEU F 388 -41.43 5.10 31.91
C LEU F 388 -42.29 5.49 33.10
N GLN F 389 -41.83 6.49 33.84
CA GLN F 389 -42.66 7.12 34.85
C GLN F 389 -43.03 8.51 34.40
N VAL F 390 -44.31 8.83 34.53
CA VAL F 390 -44.79 10.16 34.23
C VAL F 390 -45.21 10.82 35.54
N ARG F 391 -44.66 12.01 35.80
CA ARG F 391 -45.03 12.81 36.95
C ARG F 391 -45.75 14.07 36.48
N PHE F 392 -47.04 14.16 36.83
CA PHE F 392 -47.86 15.29 36.39
C PHE F 392 -47.93 16.36 37.45
N VAL F 393 -47.48 17.57 37.10
CA VAL F 393 -47.56 18.73 37.99
C VAL F 393 -48.62 19.70 37.47
N PRO F 394 -49.56 20.12 38.35
CA PRO F 394 -50.53 21.12 37.87
C PRO F 394 -50.00 22.57 37.85
N GLY F 395 -48.69 22.72 37.62
CA GLY F 395 -48.01 24.03 37.53
C GLY F 395 -47.09 24.01 36.32
N MET F 396 -46.80 25.19 35.77
CA MET F 396 -45.95 25.26 34.57
C MET F 396 -44.46 25.49 34.88
N ALA F 397 -43.64 24.55 34.43
CA ALA F 397 -42.19 24.64 34.61
C ALA F 397 -41.63 25.74 33.72
N LEU F 398 -40.69 26.52 34.25
CA LEU F 398 -40.09 27.64 33.51
C LEU F 398 -38.65 27.38 33.03
N ASP F 399 -38.15 26.19 33.36
CA ASP F 399 -36.87 25.67 32.87
C ASP F 399 -37.05 24.19 32.49
N PRO F 400 -36.30 23.70 31.47
CA PRO F 400 -36.49 22.28 31.10
C PRO F 400 -35.81 21.29 32.07
N ASP F 401 -35.10 21.82 33.08
CA ASP F 401 -34.60 21.06 34.24
C ASP F 401 -35.59 21.29 35.42
N GLY F 402 -36.34 20.25 35.78
CA GLY F 402 -37.43 20.36 36.76
C GLY F 402 -36.92 20.85 38.09
N VAL F 403 -35.73 20.41 38.47
CA VAL F 403 -35.15 20.77 39.76
C VAL F 403 -34.89 22.28 39.79
N SER F 404 -34.24 22.82 38.75
CA SER F 404 -33.93 24.22 38.76
C SER F 404 -35.14 25.14 38.48
N THR F 405 -36.25 24.52 38.06
CA THR F 405 -37.53 25.28 38.05
C THR F 405 -38.02 25.53 39.49
N TYR F 406 -37.99 24.47 40.31
CA TYR F 406 -38.30 24.57 41.70
C TYR F 406 -37.42 25.62 42.40
N VAL F 407 -36.15 25.65 42.03
CA VAL F 407 -35.23 26.60 42.64
C VAL F 407 -35.64 28.05 42.36
N ARG F 408 -36.04 28.33 41.11
CA ARG F 408 -36.51 29.62 40.73
C ARG F 408 -37.89 30.00 41.29
N PHE F 409 -38.69 28.99 41.52
CA PHE F 409 -39.98 29.14 42.19
C PHE F 409 -39.79 29.60 43.62
N ALA F 410 -38.78 29.00 44.29
CA ALA F 410 -38.46 29.48 45.66
C ALA F 410 -37.95 30.93 45.63
N LYS F 411 -37.09 31.23 44.65
CA LYS F 411 -36.56 32.58 44.41
C LYS F 411 -37.59 33.55 43.79
N PHE F 412 -38.88 33.29 44.04
CA PHE F 412 -39.97 34.03 43.41
C PHE F 412 -40.83 34.60 44.55
N GLN F 413 -40.49 35.82 44.97
CA GLN F 413 -41.30 36.61 45.85
C GLN F 413 -40.86 38.07 45.74
N SER F 414 -41.81 38.99 45.93
CA SER F 414 -41.55 40.44 45.82
C SER F 414 -40.99 40.94 44.47
N GLN F 415 -40.22 40.10 43.79
CA GLN F 415 -39.80 40.38 42.42
C GLN F 415 -40.89 40.03 41.41
N GLY F 416 -41.75 39.10 41.82
CA GLY F 416 -42.74 38.48 40.94
C GLY F 416 -43.54 39.39 40.02
N LEU F 417 -43.63 38.99 38.76
CA LEU F 417 -44.72 39.42 37.89
C LEU F 417 -45.89 38.48 38.26
N LYS F 418 -45.90 37.34 37.59
CA LYS F 418 -46.86 36.29 37.75
C LYS F 418 -46.26 35.05 37.10
N TRP F 419 -46.32 33.91 37.81
CA TRP F 419 -45.93 32.63 37.23
C TRP F 419 -46.99 32.20 36.18
N PRO F 420 -46.56 32.09 34.88
CA PRO F 420 -47.41 31.99 33.68
C PRO F 420 -48.65 31.09 33.77
N SER F 421 -48.65 30.09 34.65
CA SER F 421 -49.83 29.27 34.92
C SER F 421 -50.15 28.18 33.87
N GLY F 422 -49.91 26.92 34.24
CA GLY F 422 -50.11 25.81 33.32
C GLY F 422 -49.83 24.44 33.90
N ILE F 423 -49.31 23.54 33.06
CA ILE F 423 -49.07 22.13 33.44
C ILE F 423 -47.67 21.69 33.03
N THR F 424 -47.17 20.67 33.73
CA THR F 424 -45.90 20.05 33.43
C THR F 424 -46.06 18.54 33.53
N MET F 425 -45.39 17.84 32.63
CA MET F 425 -45.24 16.40 32.69
C MET F 425 -43.78 16.03 32.70
N GLN F 426 -43.35 15.44 33.81
CA GLN F 426 -41.98 14.98 33.97
C GLN F 426 -41.88 13.52 33.57
N LEU F 427 -40.82 13.19 32.84
CA LEU F 427 -40.69 11.86 32.26
C LEU F 427 -39.42 11.23 32.80
N ILE F 428 -39.60 10.13 33.52
CA ILE F 428 -38.51 9.42 34.21
C ILE F 428 -38.34 8.05 33.59
N ALA F 429 -37.10 7.63 33.41
CA ALA F 429 -36.82 6.24 33.08
C ALA F 429 -36.70 5.42 34.37
N CYS F 430 -37.81 4.80 34.79
CA CYS F 430 -37.93 3.99 36.03
C CYS F 430 -36.83 2.97 36.22
N ARG F 431 -36.67 2.12 35.22
CA ARG F 431 -35.82 0.96 35.33
C ARG F 431 -34.75 1.10 34.27
N PRO F 432 -33.83 2.08 34.46
CA PRO F 432 -32.92 2.42 33.37
C PRO F 432 -31.88 1.33 33.15
N GLN F 433 -31.22 1.37 32.01
CA GLN F 433 -30.21 0.36 31.67
C GLN F 433 -28.81 0.86 31.91
N SER F 434 -28.60 2.15 31.62
CA SER F 434 -27.34 2.83 31.89
C SER F 434 -27.04 2.90 33.40
N THR F 435 -25.75 2.86 33.71
CA THR F 435 -25.27 2.99 35.09
C THR F 435 -24.11 4.00 35.17
N GLY F 436 -23.89 4.55 36.36
CA GLY F 436 -22.78 5.47 36.61
C GLY F 436 -21.84 4.97 37.66
N SER F 437 -21.02 5.88 38.19
CA SER F 437 -20.04 5.54 39.24
C SER F 437 -19.72 6.68 40.19
N VAL F 438 -19.38 6.32 41.43
CA VAL F 438 -18.92 7.26 42.47
C VAL F 438 -17.49 6.91 42.83
N GLY F 439 -16.58 7.87 42.64
CA GLY F 439 -15.13 7.63 42.80
C GLY F 439 -14.43 8.55 43.77
N LEU F 440 -13.12 8.67 43.62
CA LEU F 440 -12.34 9.59 44.47
C LEU F 440 -11.69 10.66 43.62
N LYS F 441 -11.65 11.86 44.18
CA LYS F 441 -11.19 13.02 43.43
C LYS F 441 -9.85 13.48 44.00
N SER F 442 -9.62 13.14 45.27
CA SER F 442 -8.35 13.39 45.96
C SER F 442 -8.28 12.49 47.19
N ALA F 443 -7.17 12.59 47.91
CA ALA F 443 -7.00 11.89 49.17
C ALA F 443 -7.75 12.58 50.30
N ASP F 444 -8.22 13.82 50.08
CA ASP F 444 -9.04 14.58 51.06
C ASP F 444 -10.48 14.03 51.27
N PRO F 445 -10.76 13.49 52.49
CA PRO F 445 -12.12 13.00 52.82
C PRO F 445 -13.12 14.14 53.03
N PHE F 446 -12.66 15.38 52.91
CA PHE F 446 -13.51 16.55 53.01
C PHE F 446 -13.79 17.14 51.63
N ALA F 447 -13.06 16.68 50.61
CA ALA F 447 -13.41 16.95 49.22
C ALA F 447 -14.74 16.25 48.82
N PRO F 448 -15.44 16.79 47.79
CA PRO F 448 -16.60 16.08 47.23
C PRO F 448 -16.20 14.79 46.52
N PRO F 449 -17.12 13.80 46.49
CA PRO F 449 -16.77 12.45 46.07
C PRO F 449 -16.71 12.10 44.57
N LYS F 450 -16.70 13.06 43.63
CA LYS F 450 -16.60 12.72 42.17
C LYS F 450 -17.71 11.78 41.62
N LEU F 451 -18.83 12.37 41.22
CA LEU F 451 -19.96 11.64 40.67
C LEU F 451 -20.02 11.71 39.19
N SER F 452 -20.39 10.61 38.55
CA SER F 452 -20.88 10.65 37.19
C SER F 452 -22.08 9.73 37.14
N PRO F 453 -23.28 10.28 36.83
CA PRO F 453 -24.51 9.47 36.84
C PRO F 453 -24.61 8.46 35.69
N GLY F 454 -23.86 8.73 34.62
CA GLY F 454 -23.81 7.89 33.43
C GLY F 454 -25.13 7.78 32.71
N TYR F 455 -25.93 8.85 32.71
CA TYR F 455 -27.22 8.86 32.02
C TYR F 455 -27.05 8.57 30.54
N LEU F 456 -28.04 7.88 29.96
CA LEU F 456 -28.05 7.57 28.53
C LEU F 456 -26.72 6.97 28.06
N THR F 457 -26.23 5.98 28.81
CA THR F 457 -24.90 5.43 28.58
C THR F 457 -24.92 4.00 28.05
N ASP F 458 -26.02 3.29 28.32
CA ASP F 458 -26.19 1.87 27.96
C ASP F 458 -25.86 1.58 26.50
N LYS F 459 -25.46 0.33 26.26
CA LYS F 459 -25.08 -0.14 24.91
C LYS F 459 -26.17 0.15 23.87
N ASP F 460 -27.40 -0.25 24.16
CA ASP F 460 -28.49 -0.21 23.17
C ASP F 460 -29.13 1.16 22.92
N GLY F 461 -28.73 2.18 23.71
CA GLY F 461 -29.41 3.48 23.69
C GLY F 461 -30.85 3.41 24.19
N ALA F 462 -31.10 2.51 25.15
CA ALA F 462 -32.45 2.20 25.62
C ALA F 462 -33.01 3.34 26.48
N ASP F 463 -32.14 3.93 27.29
CA ASP F 463 -32.54 5.03 28.15
C ASP F 463 -32.95 6.28 27.36
N LEU F 464 -32.16 6.60 26.35
CA LEU F 464 -32.50 7.68 25.48
C LEU F 464 -33.80 7.42 24.74
N ALA F 465 -34.02 6.18 24.30
CA ALA F 465 -35.27 5.80 23.67
C ALA F 465 -36.51 5.96 24.57
N THR F 466 -36.52 5.26 25.68
CA THR F 466 -37.59 5.32 26.64
C THR F 466 -37.94 6.81 26.95
N LEU F 467 -36.92 7.66 26.97
CA LEU F 467 -37.12 9.05 27.31
C LEU F 467 -37.65 9.82 26.11
N ARG F 468 -37.24 9.47 24.90
CA ARG F 468 -37.74 10.13 23.71
C ARG F 468 -39.24 9.75 23.49
N LYS F 469 -39.54 8.47 23.56
CA LYS F 469 -40.91 8.03 23.52
C LYS F 469 -41.74 8.72 24.59
N GLY F 470 -41.15 9.01 25.74
CA GLY F 470 -41.87 9.70 26.81
C GLY F 470 -42.36 11.08 26.37
N ILE F 471 -41.51 11.80 25.66
CA ILE F 471 -41.86 13.08 25.11
C ILE F 471 -43.03 12.97 24.12
N HIS F 472 -42.94 11.97 23.24
CA HIS F 472 -44.00 11.68 22.31
C HIS F 472 -45.31 11.37 23.03
N TRP F 473 -45.22 10.55 24.08
CA TRP F 473 -46.36 10.21 24.89
C TRP F 473 -47.03 11.47 25.50
N ALA F 474 -46.16 12.34 26.01
CA ALA F 474 -46.56 13.58 26.62
C ALA F 474 -47.32 14.48 25.62
N ARG F 475 -46.76 14.57 24.43
CA ARG F 475 -47.36 15.34 23.36
C ARG F 475 -48.73 14.74 22.95
N ASP F 476 -48.81 13.43 22.90
CA ASP F 476 -50.06 12.75 22.63
C ASP F 476 -51.13 13.12 23.67
N VAL F 477 -50.71 13.13 24.93
CA VAL F 477 -51.56 13.47 26.04
C VAL F 477 -52.08 14.93 25.94
N ALA F 478 -51.16 15.81 25.56
CA ALA F 478 -51.44 17.21 25.41
C ALA F 478 -52.40 17.48 24.30
N ARG F 479 -52.33 16.62 23.24
CA ARG F 479 -53.23 16.78 22.07
C ARG F 479 -54.58 16.06 22.32
N SER F 480 -54.72 15.34 23.44
CA SER F 480 -56.00 14.72 23.85
C SER F 480 -57.13 15.72 23.86
N SER F 481 -58.35 15.23 23.58
CA SER F 481 -59.55 16.05 23.61
C SER F 481 -59.69 16.83 24.90
N ALA F 482 -59.44 16.15 26.02
CA ALA F 482 -59.58 16.72 27.37
C ALA F 482 -58.57 17.82 27.67
N LEU F 483 -57.28 17.57 27.42
CA LEU F 483 -56.23 18.53 27.75
C LEU F 483 -56.16 19.72 26.80
N SER F 484 -56.20 19.45 25.50
CA SER F 484 -56.16 20.47 24.44
C SER F 484 -57.19 21.59 24.66
N GLU F 485 -58.30 21.23 25.30
CA GLU F 485 -59.31 22.17 25.77
C GLU F 485 -58.68 23.30 26.61
N TYR F 486 -57.84 22.92 27.57
CA TYR F 486 -57.19 23.86 28.50
C TYR F 486 -55.94 24.52 27.93
N LEU F 487 -55.14 23.76 27.17
CA LEU F 487 -53.79 24.18 26.81
C LEU F 487 -53.67 25.23 25.71
N ASP F 488 -52.82 26.23 25.95
CA ASP F 488 -52.44 27.24 24.96
C ASP F 488 -51.25 26.74 24.12
N GLY F 489 -51.35 25.46 23.75
CA GLY F 489 -50.45 24.76 22.83
C GLY F 489 -48.96 24.92 23.06
N GLU F 490 -48.22 24.85 21.93
CA GLU F 490 -46.80 25.30 21.79
C GLU F 490 -45.79 24.75 22.79
N LEU F 491 -46.28 24.05 23.82
CA LEU F 491 -45.50 23.48 24.92
C LEU F 491 -44.32 24.30 25.52
N PHE F 492 -43.42 23.58 26.21
CA PHE F 492 -42.12 24.06 26.61
C PHE F 492 -41.04 23.59 25.63
N PRO F 493 -40.86 22.23 25.43
CA PRO F 493 -39.74 21.74 24.57
C PRO F 493 -39.65 22.55 23.27
N GLY F 494 -40.81 22.98 22.80
CA GLY F 494 -40.91 23.84 21.64
C GLY F 494 -41.61 23.07 20.55
N SER F 495 -42.43 23.79 19.80
CA SER F 495 -42.88 23.32 18.49
C SER F 495 -41.65 23.32 17.54
N GLY F 496 -40.58 24.00 17.96
CA GLY F 496 -39.28 23.99 17.30
C GLY F 496 -38.54 22.65 17.30
N VAL F 497 -38.76 21.81 18.33
CA VAL F 497 -38.15 20.48 18.35
C VAL F 497 -39.12 19.39 17.85
N VAL F 498 -38.84 18.89 16.65
CA VAL F 498 -39.79 18.03 15.93
C VAL F 498 -39.24 16.65 15.55
N SER F 499 -38.01 16.60 15.05
CA SER F 499 -37.36 15.34 14.69
C SER F 499 -36.94 14.55 15.93
N ASP F 500 -36.65 13.26 15.75
CA ASP F 500 -36.12 12.42 16.84
C ASP F 500 -34.73 12.88 17.27
N ASP F 501 -33.91 13.28 16.32
CA ASP F 501 -32.60 13.81 16.62
C ASP F 501 -32.73 15.09 17.47
N GLN F 502 -33.70 15.95 17.15
CA GLN F 502 -33.97 17.15 17.88
C GLN F 502 -34.63 16.90 19.24
N ILE F 503 -35.37 15.84 19.40
CA ILE F 503 -35.81 15.40 20.71
C ILE F 503 -34.60 15.01 21.58
N ASP F 504 -33.68 14.27 20.96
CA ASP F 504 -32.51 13.75 21.62
C ASP F 504 -31.52 14.78 22.02
N GLU F 505 -31.49 15.90 21.27
CA GLU F 505 -30.65 17.04 21.70
C GLU F 505 -31.30 17.77 22.87
N TYR F 506 -32.62 17.93 22.81
CA TYR F 506 -33.34 18.55 23.92
C TYR F 506 -33.15 17.83 25.27
N ILE F 507 -33.57 16.57 25.34
CA ILE F 507 -33.21 15.68 26.45
C ILE F 507 -31.73 15.44 26.21
N ARG F 508 -30.90 15.54 27.24
CA ARG F 508 -29.43 15.58 27.06
C ARG F 508 -28.92 17.00 27.26
N ARG F 509 -29.63 18.00 26.73
CA ARG F 509 -29.42 19.38 27.16
C ARG F 509 -30.22 19.63 28.43
N SER F 510 -31.33 18.91 28.60
CA SER F 510 -32.27 19.20 29.68
C SER F 510 -32.36 18.11 30.73
N ILE F 511 -31.76 16.95 30.47
CA ILE F 511 -31.83 15.78 31.38
C ILE F 511 -31.40 16.18 32.80
N HIS F 512 -32.12 15.64 33.79
CA HIS F 512 -31.90 15.92 35.20
C HIS F 512 -32.27 14.70 36.05
N SER F 513 -32.03 14.78 37.35
CA SER F 513 -32.24 13.65 38.25
C SER F 513 -33.61 13.69 38.87
N SER F 514 -34.27 12.52 38.87
CA SER F 514 -35.52 12.33 39.61
C SER F 514 -35.22 11.84 41.02
N ASN F 515 -33.92 11.89 41.35
CA ASN F 515 -33.37 11.71 42.68
C ASN F 515 -33.67 10.40 43.39
N ALA F 516 -33.22 9.33 42.75
CA ALA F 516 -33.38 8.02 43.32
C ALA F 516 -32.14 7.24 42.96
N ILE F 517 -31.10 7.42 43.77
CA ILE F 517 -29.79 6.88 43.48
C ILE F 517 -29.52 5.59 44.27
N THR F 518 -29.13 4.51 43.59
CA THR F 518 -28.90 3.19 44.25
C THR F 518 -27.80 2.34 43.64
N GLY F 519 -27.31 1.36 44.41
CA GLY F 519 -26.55 0.22 43.85
C GLY F 519 -25.02 0.22 43.90
N THR F 520 -24.44 1.25 44.50
CA THR F 520 -23.00 1.44 44.52
C THR F 520 -22.21 0.47 45.39
N CYS F 521 -22.87 -0.13 46.37
CA CYS F 521 -22.29 -1.26 47.12
C CYS F 521 -23.27 -2.43 47.09
N LYS F 522 -23.46 -3.02 45.91
CA LYS F 522 -24.56 -3.95 45.69
C LYS F 522 -24.41 -5.26 46.43
N MET F 523 -25.53 -5.81 46.88
CA MET F 523 -25.56 -7.13 47.50
C MET F 523 -25.64 -8.19 46.43
N GLY F 524 -24.76 -9.16 46.58
CA GLY F 524 -24.75 -10.34 45.72
C GLY F 524 -24.66 -11.58 46.58
N ASN F 525 -24.55 -12.73 45.93
CA ASN F 525 -24.47 -13.98 46.64
C ASN F 525 -23.23 -14.75 46.24
N ALA F 526 -23.01 -15.88 46.94
CA ALA F 526 -21.94 -16.84 46.66
C ALA F 526 -20.71 -16.21 45.99
N GLY F 527 -20.54 -16.40 44.69
CA GLY F 527 -19.32 -15.95 44.01
C GLY F 527 -19.49 -14.68 43.19
N ASP F 528 -20.33 -13.75 43.66
CA ASP F 528 -20.60 -12.53 42.90
C ASP F 528 -19.38 -11.61 42.91
N SER F 529 -18.66 -11.67 41.80
CA SER F 529 -17.41 -10.96 41.61
C SER F 529 -17.54 -9.43 41.58
N SER F 530 -18.73 -8.93 41.25
CA SER F 530 -18.98 -7.48 41.19
C SER F 530 -19.70 -6.94 42.43
N SER F 531 -20.10 -7.84 43.34
CA SER F 531 -20.78 -7.45 44.56
C SER F 531 -19.82 -6.92 45.63
N VAL F 532 -20.39 -6.25 46.63
CA VAL F 532 -19.63 -5.60 47.71
C VAL F 532 -20.03 -6.22 49.04
N VAL F 533 -21.32 -6.49 49.22
CA VAL F 533 -21.77 -7.24 50.40
C VAL F 533 -22.42 -8.56 50.00
N ASP F 534 -22.49 -9.47 50.97
CA ASP F 534 -23.11 -10.79 50.80
C ASP F 534 -24.61 -10.75 51.09
N ASN F 535 -25.19 -11.93 51.12
CA ASN F 535 -26.54 -12.22 51.61
C ASN F 535 -27.00 -11.46 52.88
N GLN F 536 -26.08 -11.34 53.84
CA GLN F 536 -26.33 -10.81 55.20
C GLN F 536 -25.97 -9.34 55.28
N LEU F 537 -25.71 -8.74 54.11
CA LEU F 537 -25.26 -7.35 53.95
C LEU F 537 -23.92 -7.11 54.63
N ARG F 538 -23.01 -8.09 54.55
CA ARG F 538 -21.74 -8.02 55.25
C ARG F 538 -20.77 -7.03 54.63
N VAL F 539 -19.77 -7.47 53.85
CA VAL F 539 -18.83 -6.55 53.17
C VAL F 539 -17.56 -7.26 52.68
N HIS F 540 -17.68 -8.58 52.56
CA HIS F 540 -16.63 -9.40 51.95
C HIS F 540 -15.33 -9.34 52.76
N GLY F 541 -14.41 -8.44 52.40
CA GLY F 541 -13.06 -8.44 52.96
C GLY F 541 -12.84 -8.16 54.46
N VAL F 542 -13.89 -7.74 55.17
CA VAL F 542 -13.77 -7.20 56.52
C VAL F 542 -14.84 -7.74 57.44
N GLU F 543 -14.46 -8.18 58.64
CA GLU F 543 -15.44 -8.58 59.67
C GLU F 543 -15.84 -7.40 60.53
N GLY F 544 -17.08 -7.42 61.00
CA GLY F 544 -17.62 -6.36 61.86
C GLY F 544 -18.04 -5.10 61.12
N LEU F 545 -18.13 -5.20 59.79
CA LEU F 545 -18.51 -4.08 58.93
C LEU F 545 -19.64 -4.45 57.96
N ARG F 546 -20.70 -3.64 57.93
CA ARG F 546 -21.83 -3.86 57.02
C ARG F 546 -22.31 -2.58 56.33
N VAL F 547 -23.17 -2.71 55.30
CA VAL F 547 -23.92 -1.55 54.78
C VAL F 547 -25.42 -1.84 54.86
N VAL F 548 -26.18 -0.90 55.40
CA VAL F 548 -27.64 -0.99 55.46
C VAL F 548 -28.14 0.35 54.93
N ASP F 549 -28.49 0.35 53.64
CA ASP F 549 -28.34 1.52 52.81
C ASP F 549 -28.95 1.37 51.42
N ALA F 550 -29.31 2.48 50.80
CA ALA F 550 -29.74 2.52 49.38
C ALA F 550 -28.68 1.94 48.44
N SER F 551 -27.42 2.00 48.88
CA SER F 551 -26.28 1.54 48.06
C SER F 551 -26.32 0.03 47.79
N VAL F 552 -27.08 -0.70 48.59
CA VAL F 552 -27.03 -2.14 48.60
C VAL F 552 -27.91 -2.79 47.52
N VAL F 553 -28.77 -1.98 46.88
CA VAL F 553 -29.82 -2.41 45.96
C VAL F 553 -29.26 -2.91 44.60
N PRO F 554 -29.35 -4.24 44.33
CA PRO F 554 -28.77 -4.84 43.10
C PRO F 554 -29.36 -4.29 41.79
N LYS F 555 -30.69 -4.24 41.69
CA LYS F 555 -31.37 -3.58 40.57
C LYS F 555 -32.41 -2.59 41.08
N ILE F 556 -32.27 -1.34 40.66
CA ILE F 556 -33.21 -0.25 41.01
C ILE F 556 -34.66 -0.67 40.71
N PRO F 557 -35.57 -0.55 41.70
CA PRO F 557 -36.97 -0.86 41.44
C PRO F 557 -37.71 0.27 40.68
N GLY F 558 -39.03 0.10 40.52
CA GLY F 558 -39.85 0.91 39.64
C GLY F 558 -40.02 2.36 40.01
N GLY F 559 -40.62 2.62 41.16
CA GLY F 559 -40.90 4.00 41.55
C GLY F 559 -39.71 4.75 42.14
N GLN F 560 -39.95 5.34 43.31
CA GLN F 560 -38.93 6.06 44.07
C GLN F 560 -38.45 5.17 45.22
N THR F 561 -37.37 5.61 45.89
CA THR F 561 -36.48 4.68 46.55
C THR F 561 -36.61 4.65 48.07
N GLY F 562 -37.14 5.69 48.70
CA GLY F 562 -37.28 5.75 50.13
C GLY F 562 -37.86 4.49 50.76
N ALA F 563 -39.04 4.12 50.24
CA ALA F 563 -39.80 2.99 50.76
C ALA F 563 -39.02 1.66 50.80
N PRO F 564 -38.27 1.33 49.71
CA PRO F 564 -37.48 0.11 49.73
C PRO F 564 -36.30 0.20 50.71
N VAL F 565 -35.74 1.40 50.87
CA VAL F 565 -34.66 1.63 51.83
C VAL F 565 -35.14 1.38 53.26
N VAL F 566 -36.28 1.96 53.62
CA VAL F 566 -36.92 1.68 54.90
C VAL F 566 -37.69 0.37 54.76
N MET F 567 -36.94 -0.72 54.71
CA MET F 567 -37.46 -2.06 54.45
C MET F 567 -36.25 -2.94 54.50
N ILE F 568 -35.24 -2.60 53.69
CA ILE F 568 -33.91 -3.16 53.87
C ILE F 568 -33.42 -2.83 55.28
N ALA F 569 -33.72 -1.63 55.79
CA ALA F 569 -33.29 -1.28 57.14
C ALA F 569 -34.04 -2.13 58.19
N GLU F 570 -35.36 -2.27 57.97
CA GLU F 570 -36.19 -3.00 58.88
C GLU F 570 -35.82 -4.47 58.95
N ARG F 571 -35.66 -5.05 57.77
CA ARG F 571 -35.25 -6.43 57.66
C ARG F 571 -33.83 -6.63 58.22
N ALA F 572 -32.95 -5.68 57.97
CA ALA F 572 -31.61 -5.78 58.51
C ALA F 572 -31.57 -5.65 60.04
N ALA F 573 -32.31 -4.65 60.54
CA ALA F 573 -32.47 -4.50 61.95
C ALA F 573 -33.03 -5.79 62.59
N ALA F 574 -33.95 -6.46 61.92
CA ALA F 574 -34.47 -7.70 62.44
C ALA F 574 -33.40 -8.79 62.46
N LEU F 575 -32.65 -8.89 61.38
CA LEU F 575 -31.62 -9.89 61.24
C LEU F 575 -30.57 -9.74 62.37
N LEU F 576 -30.11 -8.50 62.57
CA LEU F 576 -29.08 -8.23 63.53
C LEU F 576 -29.53 -8.56 64.95
N THR F 577 -30.82 -8.41 65.28
CA THR F 577 -31.20 -8.56 66.67
C THR F 577 -31.88 -9.91 66.94
N GLY F 578 -31.32 -10.99 66.38
CA GLY F 578 -31.99 -12.31 66.39
C GLY F 578 -33.17 -12.23 65.44
N LYS F 579 -34.38 -12.36 65.96
CA LYS F 579 -35.66 -12.01 65.27
C LYS F 579 -35.98 -12.54 63.86
N ALA F 580 -34.96 -12.79 63.04
CA ALA F 580 -35.15 -13.12 61.63
C ALA F 580 -33.85 -13.53 60.99
N THR F 581 -33.95 -14.47 60.05
CA THR F 581 -32.79 -14.94 59.27
C THR F 581 -32.96 -14.52 57.83
N ILE F 582 -31.89 -14.67 57.06
CA ILE F 582 -31.88 -14.45 55.62
C ILE F 582 -31.10 -15.62 55.00
N GLY F 583 -31.75 -16.34 54.09
CA GLY F 583 -31.16 -17.43 53.32
C GLY F 583 -31.04 -18.77 54.01
N ALA F 584 -30.08 -19.59 53.56
CA ALA F 584 -29.73 -20.87 54.18
C ALA F 584 -28.47 -20.75 55.06
N SER F 585 -28.58 -21.22 56.32
CA SER F 585 -27.56 -21.01 57.36
C SER F 585 -26.25 -21.75 57.11
PA FAD G . 28.40 0.42 -45.46
O1A FAD G . 28.37 -0.35 -44.19
O2A FAD G . 29.30 -0.07 -46.59
O5B FAD G . 26.87 0.71 -45.91
C5B FAD G . 26.23 -0.12 -46.88
C4B FAD G . 24.92 -0.68 -46.35
O4B FAD G . 24.00 -0.58 -47.42
C3B FAD G . 24.99 -2.16 -45.99
O3B FAD G . 24.36 -2.43 -44.74
C2B FAD G . 24.20 -2.87 -47.05
O2B FAD G . 23.48 -3.95 -46.48
C1B FAD G . 23.25 -1.80 -47.52
N9A FAD G . 22.82 -1.98 -48.91
C8A FAD G . 23.60 -2.30 -49.97
N7A FAD G . 22.91 -2.40 -51.13
C5A FAD G . 21.64 -2.12 -50.79
C6A FAD G . 20.37 -2.04 -51.54
N6A FAD G . 20.43 -2.31 -52.85
N1A FAD G . 19.24 -1.73 -50.84
C2A FAD G . 19.24 -1.48 -49.51
N3A FAD G . 20.37 -1.52 -48.75
C4A FAD G . 21.56 -1.85 -49.33
N1 FAD G . 37.39 1.02 -41.02
C2 FAD G . 38.13 1.48 -39.98
O2 FAD G . 38.20 2.73 -39.76
N3 FAD G . 38.82 0.59 -39.21
C4 FAD G . 38.80 -0.73 -39.41
O4 FAD G . 39.44 -1.48 -38.65
C4X FAD G . 38.02 -1.29 -40.50
N5 FAD G . 37.95 -2.63 -40.75
C5X FAD G . 37.20 -3.08 -41.78
C6 FAD G . 37.14 -4.45 -41.99
C7 FAD G . 36.39 -4.97 -43.03
C7M FAD G . 36.42 -6.47 -43.16
C8 FAD G . 35.61 -4.06 -43.93
C8M FAD G . 34.76 -4.57 -45.08
C9 FAD G . 35.67 -2.67 -43.72
C9A FAD G . 36.44 -2.14 -42.67
N10 FAD G . 36.51 -0.75 -42.41
C10 FAD G . 37.29 -0.30 -41.33
C1' FAD G . 35.84 0.25 -43.23
C2' FAD G . 34.53 0.80 -42.70
O2' FAD G . 33.80 -0.25 -42.04
C3' FAD G . 33.82 1.27 -43.97
O3' FAD G . 34.76 1.98 -44.81
C4' FAD G . 32.60 2.12 -43.67
O4' FAD G . 31.67 1.39 -42.89
C5' FAD G . 31.88 2.41 -44.94
O5' FAD G . 30.70 3.05 -44.50
P FAD G . 29.47 3.09 -45.51
O1P FAD G . 28.59 4.27 -45.18
O2P FAD G . 29.94 2.85 -46.95
O3P FAD G . 28.66 1.88 -44.84
C1 PLM H . 40.82 -7.21 -41.92
O1 PLM H . 40.55 -7.31 -40.70
O2 PLM H . 40.18 -6.42 -42.65
C2 PLM H . 41.97 -8.03 -42.51
C3 PLM H . 42.48 -9.08 -41.52
C4 PLM H . 43.82 -9.67 -41.94
C5 PLM H . 44.75 -9.79 -40.74
C6 PLM H . 46.13 -10.36 -41.09
C7 PLM H . 46.66 -11.05 -39.85
C8 PLM H . 46.94 -12.52 -40.04
C9 PLM H . 46.00 -13.45 -39.27
CA PLM H . 46.25 -13.53 -37.76
CB PLM H . 46.49 -14.94 -37.16
CC PLM H . 45.20 -15.59 -36.65
CD PLM H . 45.16 -15.72 -35.12
CE PLM H . 44.55 -14.49 -34.38
CF PLM H . 43.01 -14.25 -34.45
CG PLM H . 42.54 -13.08 -33.59
PA FAD I . 18.87 -33.26 -56.68
O1A FAD I . 18.41 -33.80 -55.35
O2A FAD I . 18.05 -32.36 -57.58
O5B FAD I . 20.15 -32.35 -56.40
C5B FAD I . 21.36 -32.58 -57.09
C4B FAD I . 22.54 -32.34 -56.16
O4B FAD I . 23.54 -31.66 -56.91
C3B FAD I . 22.25 -31.42 -54.97
O3B FAD I . 22.73 -32.09 -53.80
C2B FAD I . 22.97 -30.09 -55.31
O2B FAD I . 23.48 -29.34 -54.21
C1B FAD I . 24.13 -30.61 -56.10
N9A FAD I . 24.76 -29.65 -57.00
C8A FAD I . 24.12 -28.80 -57.84
N7A FAD I . 25.03 -28.06 -58.51
C5A FAD I . 26.26 -28.47 -58.14
C6A FAD I . 27.65 -28.12 -58.47
N6A FAD I . 27.82 -27.14 -59.40
N1A FAD I . 28.68 -28.75 -57.84
C2A FAD I . 28.47 -29.72 -56.92
N3A FAD I . 27.22 -30.09 -56.57
C4A FAD I . 26.10 -29.53 -57.13
N1 FAD I . 9.78 -35.45 -55.21
C2 FAD I . 8.84 -36.33 -54.80
O2 FAD I . 8.83 -37.47 -55.34
N3 FAD I . 7.89 -36.02 -53.86
C4 FAD I . 7.79 -34.83 -53.26
O4 FAD I . 6.94 -34.59 -52.39
C4X FAD I . 8.78 -33.83 -53.66
N5 FAD I . 8.75 -32.62 -53.08
C5X FAD I . 9.67 -31.69 -53.42
C6 FAD I . 9.65 -30.43 -52.81
C7 FAD I . 10.57 -29.46 -53.16
C7M FAD I . 10.50 -28.11 -52.48
C8 FAD I . 11.61 -29.78 -54.20
C8M FAD I . 12.66 -28.82 -54.67
C9 FAD I . 11.63 -31.02 -54.81
C9A FAD I . 10.70 -31.99 -54.45
N10 FAD I . 10.75 -33.25 -55.07
C10 FAD I . 9.79 -34.21 -54.69
C1' FAD I . 11.74 -33.44 -56.09
C2' FAD I . 12.71 -34.52 -55.94
O2' FAD I . 13.36 -34.40 -54.68
C3' FAD I . 13.74 -34.28 -57.05
O3' FAD I . 13.25 -34.21 -58.44
C4' FAD I . 14.74 -35.39 -56.84
O4' FAD I . 15.22 -35.39 -55.47
C5' FAD I . 15.80 -35.18 -57.92
O5' FAD I . 17.05 -35.65 -57.45
P FAD I . 18.29 -35.42 -58.38
O1P FAD I . 18.90 -36.80 -58.38
O2P FAD I . 17.82 -34.66 -59.64
O3P FAD I . 19.33 -34.58 -57.46
C1 PLM J . 5.82 -28.07 -52.41
O1 PLM J . 5.93 -28.51 -51.22
O2 PLM J . 6.61 -28.45 -53.33
C2 PLM J . 4.71 -27.06 -52.67
C3 PLM J . 4.16 -26.53 -51.34
C4 PLM J . 2.83 -25.80 -51.47
C5 PLM J . 1.79 -26.27 -50.45
C6 PLM J . 0.46 -25.62 -50.78
C7 PLM J . -0.30 -25.43 -49.47
C8 PLM J . -0.64 -23.99 -49.13
C9 PLM J . -0.26 -23.61 -47.70
CA PLM J . -1.07 -24.26 -46.57
CB PLM J . -1.16 -23.41 -45.26
CC PLM J . 0.05 -23.53 -44.29
CD PLM J . -0.18 -24.32 -42.99
CE PLM J . 0.33 -25.77 -42.98
CF PLM J . 1.85 -25.94 -42.73
CG PLM J . 2.33 -27.40 -42.66
PA FAD K . -15.97 -15.96 -11.16
O1A FAD K . -15.22 -16.97 -11.98
O2A FAD K . -16.39 -16.14 -9.71
O5B FAD K . -15.07 -14.65 -11.31
C5B FAD K . -15.67 -13.36 -11.26
C4B FAD K . -14.59 -12.39 -11.67
O4B FAD K . -15.07 -11.12 -11.26
C3B FAD K . -13.22 -12.66 -11.03
O3B FAD K . -12.23 -12.67 -12.07
C2B FAD K . -12.92 -11.45 -10.19
O2B FAD K . -11.57 -11.00 -10.39
C1B FAD K . -13.87 -10.44 -10.82
N9A FAD K . -14.09 -9.26 -9.95
C8A FAD K . -14.55 -9.28 -8.71
N7A FAD K . -14.59 -8.04 -8.21
C5A FAD K . -14.16 -7.22 -9.18
C6A FAD K . -13.98 -5.77 -9.32
N6A FAD K . -14.28 -4.98 -8.26
N1A FAD K . -13.49 -5.28 -10.52
C2A FAD K . -13.19 -6.09 -11.57
N3A FAD K . -13.36 -7.43 -11.49
C4A FAD K . -13.82 -8.03 -10.33
N1 FAD K . -17.35 -25.48 -10.14
C2 FAD K . -17.52 -26.69 -10.72
O2 FAD K . -18.51 -26.89 -11.48
N3 FAD K . -16.65 -27.71 -10.49
C4 FAD K . -15.60 -27.57 -9.68
O4 FAD K . -14.85 -28.56 -9.51
C4X FAD K . -15.33 -26.25 -9.03
N5 FAD K . -14.28 -26.00 -8.21
C5X FAD K . -14.05 -24.78 -7.65
C6 FAD K . -12.93 -24.54 -6.83
C7 FAD K . -12.71 -23.29 -6.24
C7M FAD K . -11.51 -23.08 -5.35
C8 FAD K . -13.68 -22.18 -6.49
C8M FAD K . -13.53 -20.79 -5.93
C9 FAD K . -14.77 -22.43 -7.33
C9A FAD K . -15.00 -23.67 -7.91
N10 FAD K . -16.12 -23.90 -8.74
C10 FAD K . -16.31 -25.18 -9.32
C1' FAD K . -17.05 -22.81 -8.99
C2' FAD K . -16.99 -22.28 -10.41
O2' FAD K . -15.65 -22.08 -10.92
C3' FAD K . -17.70 -20.95 -10.35
O3' FAD K . -19.00 -21.16 -9.80
C4' FAD K . -17.73 -20.34 -11.74
O4' FAD K . -16.38 -20.04 -12.13
C5' FAD K . -18.58 -19.11 -11.67
O5' FAD K . -17.96 -18.07 -12.36
P FAD K . -18.55 -16.60 -12.11
O1P FAD K . -19.30 -16.21 -13.38
O2P FAD K . -19.29 -16.57 -10.77
O3P FAD K . -17.23 -15.67 -12.11
C1 PLM L . -12.31 -27.85 -3.39
O1 PLM L . -13.28 -27.14 -3.77
O2 PLM L . -11.52 -28.42 -4.18
C2 PLM L . -12.07 -28.07 -1.90
C3 PLM L . -10.83 -28.97 -1.77
C4 PLM L . -10.96 -30.09 -0.75
C5 PLM L . -10.94 -31.50 -1.33
C6 PLM L . -10.92 -32.51 -0.18
C7 PLM L . -9.63 -33.31 -0.27
C8 PLM L . -9.00 -33.54 1.10
C9 PLM L . -7.47 -33.58 0.97
CA PLM L . -6.87 -34.81 0.27
CB PLM L . -5.42 -35.12 0.66
CC PLM L . -4.32 -34.26 -0.01
CD PLM L . -3.58 -35.00 -1.12
CE PLM L . -4.24 -34.80 -2.48
CF PLM L . -3.58 -33.76 -3.39
CG PLM L . -4.02 -33.86 -4.85
PA FAD M . 9.43 -1.47 11.05
O1A FAD M . 10.27 -1.97 9.92
O2A FAD M . 8.34 -0.44 10.77
O5B FAD M . 8.96 -2.80 11.83
C5B FAD M . 7.62 -3.24 11.85
C4B FAD M . 7.59 -4.74 11.69
O4B FAD M . 6.62 -5.34 12.57
C3B FAD M . 7.17 -5.08 10.27
O3B FAD M . 8.07 -6.09 9.75
C2B FAD M . 5.79 -5.66 10.45
O2B FAD M . 5.37 -6.65 9.49
C1B FAD M . 5.78 -6.23 11.86
N9A FAD M . 4.38 -6.24 12.32
C8A FAD M . 3.51 -5.23 12.13
N7A FAD M . 2.28 -5.51 12.61
C5A FAD M . 2.35 -6.73 13.14
C6A FAD M . 1.39 -7.58 13.83
N6A FAD M . 0.14 -7.08 14.00
N1A FAD M . 1.79 -8.81 14.24
C2A FAD M . 3.07 -9.23 14.03
N3A FAD M . 4.00 -8.48 13.42
C4A FAD M . 3.72 -7.23 12.95
N1 FAD M . 15.08 5.51 6.84
C2 FAD M . 16.34 5.96 6.58
O2 FAD M . 17.10 6.29 7.54
N3 FAD M . 16.82 6.10 5.33
C4 FAD M . 16.11 5.79 4.24
O4 FAD M . 16.59 5.93 3.08
C4X FAD M . 14.72 5.29 4.48
N5 FAD M . 13.94 4.96 3.45
C5X FAD M . 12.70 4.46 3.66
C6 FAD M . 11.95 4.13 2.54
C7 FAD M . 10.67 3.64 2.64
C7M FAD M . 9.96 3.31 1.36
C8 FAD M . 10.08 3.48 3.99
C8M FAD M . 8.67 2.93 4.16
C9 FAD M . 10.83 3.83 5.12
C9A FAD M . 12.13 4.31 4.99
N10 FAD M . 12.91 4.66 6.10
C10 FAD M . 14.22 5.17 5.86
C1' FAD M . 12.35 4.55 7.46
C2' FAD M . 12.68 3.32 8.28
O2' FAD M . 12.60 2.16 7.47
C3' FAD M . 11.66 3.06 9.38
O3' FAD M . 11.10 4.24 9.99
C4' FAD M . 12.38 2.20 10.42
O4' FAD M . 12.81 0.92 9.89
C5' FAD M . 11.46 2.11 11.63
O5' FAD M . 11.77 0.98 12.41
P FAD M . 10.56 0.24 13.10
O1P FAD M . 10.94 -0.36 14.43
O2P FAD M . 9.30 1.10 13.01
O3P FAD M . 10.60 -0.99 12.07
C1 PLM N . 11.28 7.11 -0.95
O1 PLM N . 11.15 7.26 0.29
O2 PLM N . 11.85 6.10 -1.42
C2 PLM N . 10.72 8.16 -1.90
C3 PLM N . 10.88 7.71 -3.36
C4 PLM N . 10.55 8.79 -4.40
C5 PLM N . 11.66 9.11 -5.41
C6 PLM N . 11.54 10.55 -5.94
C7 PLM N . 12.51 10.76 -7.08
C8 PLM N . 11.84 10.81 -8.45
C9 PLM N . 11.83 9.51 -9.26
CA PLM N . 13.15 9.10 -9.91
CB PLM N . 12.99 8.68 -11.39
CC PLM N . 13.15 7.16 -11.58
CD PLM N . 14.52 6.71 -12.10
CE PLM N . 15.45 6.23 -10.98
CF PLM N . 15.45 4.70 -10.73
CG PLM N . 16.34 4.23 -9.57
PA FAD O . -11.12 40.83 48.87
O1A FAD O . -11.78 41.98 49.58
O2A FAD O . -10.05 39.95 49.46
O5B FAD O . -12.32 39.86 48.44
C5B FAD O . -12.15 38.94 47.35
C4B FAD O . -13.31 39.14 46.37
O4B FAD O . -13.10 38.47 45.12
C3B FAD O . -14.59 38.58 46.97
O3B FAD O . -15.64 39.55 46.86
C2B FAD O . -14.86 37.35 46.12
O2B FAD O . -16.23 36.96 46.06
C1B FAD O . -14.31 37.79 44.77
N9A FAD O . -14.16 36.62 43.86
C8A FAD O . -13.29 35.61 44.00
N7A FAD O . -13.41 34.71 42.99
C5A FAD O . -14.38 35.15 42.18
C6A FAD O . -15.02 34.67 40.92
N6A FAD O . -14.62 33.53 40.33
N1A FAD O . -16.01 35.43 40.39
C2A FAD O . -16.42 36.57 40.96
N3A FAD O . -15.89 37.05 42.10
C4A FAD O . -14.89 36.40 42.76
N1 FAD O . -7.50 44.50 56.55
C2 FAD O . -7.31 45.60 57.35
O2 FAD O . -6.71 46.59 56.88
N3 FAD O . -7.73 45.67 58.62
C4 FAD O . -8.37 44.66 59.22
O4 FAD O . -8.76 44.74 60.41
C4X FAD O . -8.64 43.42 58.47
N5 FAD O . -9.31 42.37 59.03
C5X FAD O . -9.55 41.25 58.32
C6 FAD O . -10.23 40.21 58.93
C7 FAD O . -10.51 39.04 58.22
C7M FAD O . -11.24 37.91 58.89
C8 FAD O . -10.05 38.93 56.81
C8M FAD O . -10.30 37.71 55.96
C9 FAD O . -9.38 39.98 56.20
C9A FAD O . -9.10 41.15 56.90
N10 FAD O . -8.41 42.22 56.28
C10 FAD O . -8.15 43.39 57.05
C1' FAD O . -7.94 42.10 54.89
C2' FAD O . -8.71 42.91 53.87
O2' FAD O . -10.10 42.85 54.19
C3' FAD O . -8.39 42.40 52.47
O3' FAD O . -6.99 42.20 52.34
C4' FAD O . -8.87 43.38 51.40
O4' FAD O . -10.29 43.19 51.30
C5' FAD O . -8.24 43.20 50.02
O5' FAD O . -9.23 43.17 48.99
P FAD O . -9.06 42.23 47.70
O1P FAD O . -8.87 43.10 46.47
O2P FAD O . -8.01 41.22 48.07
O3P FAD O . -10.47 41.49 47.56
PA FAD P . -29.77 8.88 53.28
O1A FAD P . -30.97 9.77 53.50
O2A FAD P . -29.02 8.97 51.94
O5B FAD P . -28.76 9.09 54.51
C5B FAD P . -27.47 9.66 54.28
C4B FAD P . -27.03 10.46 55.49
O4B FAD P . -25.64 10.22 55.66
C3B FAD P . -27.25 11.95 55.28
O3B FAD P . -27.92 12.51 56.41
C2B FAD P . -25.86 12.55 55.22
O2B FAD P . -25.77 13.83 55.88
C1B FAD P . -25.04 11.48 55.92
N9A FAD P . -23.64 11.50 55.44
C8A FAD P . -23.24 11.70 54.18
N7A FAD P . -21.88 11.68 54.14
C5A FAD P . -21.44 11.46 55.38
C6A FAD P . -20.12 11.31 56.03
N6A FAD P . -19.01 11.41 55.27
N1A FAD P . -20.08 11.07 57.36
C2A FAD P . -21.20 10.98 58.12
N3A FAD P . -22.43 11.11 57.61
C4A FAD P . -22.60 11.34 56.26
N1 FAD P . -37.78 8.83 47.66
C2 FAD P . -39.11 8.53 47.51
O2 FAD P . -39.58 7.40 47.73
N3 FAD P . -40.01 9.45 47.12
C4 FAD P . -39.66 10.71 46.85
O4 FAD P . -40.53 11.51 46.49
C4X FAD P . -38.25 11.13 47.01
N5 FAD P . -37.87 12.40 46.76
C5X FAD P . -36.59 12.79 46.90
C6 FAD P . -36.27 14.12 46.64
C7 FAD P . -34.95 14.57 46.77
C7M FAD P . -34.68 16.02 46.45
C8 FAD P . -33.88 13.60 47.20
C8M FAD P . -32.44 14.01 47.37
C9 FAD P . -34.23 12.28 47.47
C9A FAD P . -35.55 11.81 47.33
N10 FAD P . -35.92 10.46 47.61
C10 FAD P . -37.29 10.08 47.44
C1' FAD P . -34.85 9.52 48.02
C2' FAD P . -35.10 8.47 49.11
O2' FAD P . -35.72 9.07 50.26
C3' FAD P . -33.74 7.81 49.37
O3' FAD P . -33.56 6.64 48.54
C4' FAD P . -33.49 7.35 50.79
O4' FAD P . -33.29 8.48 51.64
C5' FAD P . -32.24 6.51 50.77
O5' FAD P . -31.94 6.32 52.14
P FAD P . -30.45 6.17 52.59
O1P FAD P . -30.38 4.87 53.35
O2P FAD P . -29.49 6.36 51.43
O3P FAD P . -30.30 7.39 53.64
#